data_1RXC
#
_entry.id   1RXC
#
_cell.length_a   90.188
_cell.length_b   191.701
_cell.length_c   91.909
_cell.angle_alpha   90.00
_cell.angle_beta   118.50
_cell.angle_gamma   90.00
#
_symmetry.space_group_name_H-M   'P 1 21 1'
#
loop_
_entity.id
_entity.type
_entity.pdbx_description
1 polymer 'Uridine phosphorylase'
2 non-polymer 'POTASSIUM ION'
3 non-polymer 1-O-phosphono-alpha-D-ribofuranose
4 non-polymer 5-FLUOROURACIL
5 non-polymer 'PHOSPHATE ION'
6 non-polymer 5-FLUOROURIDINE
7 water water
#
_entity_poly.entity_id   1
_entity_poly.type   'polypeptide(L)'
_entity_poly.pdbx_seq_one_letter_code
;MSKSDVFHLGLTKNDLQGATLAIVPGDPDRVEKIAALMDKPVKLASHREFTTWRAELDGKPVIVCSTGIGGPSTSIAVEE
LAQLGIRTFLRIGTTGAIQPHINVGDVLVTTASVRLDGASLHFAPLEFPAVADFECTTALVEAAKSIGATTHVGVTASSD
TFYPGQERYDTYSGRVVRHFKGSMEEWQAMGVMNYEMESATLLTMCASQGLRAGMVAGVIVNRTQQEIPNAETMKQTESH
AVKIVVEAARRLL
;
_entity_poly.pdbx_strand_id   A,B,C,D,E,F,G,H,I,J,K,L
#
loop_
_chem_comp.id
_chem_comp.type
_chem_comp.name
_chem_comp.formula
5UD non-polymer 5-FLUOROURIDINE 'C9 H11 F N2 O6'
K non-polymer 'POTASSIUM ION' 'K 1'
PO4 non-polymer 'PHOSPHATE ION' 'O4 P -3'
R1P D-saccharide, alpha linking 1-O-phosphono-alpha-D-ribofuranose 'C5 H11 O8 P'
URF non-polymer 5-FLUOROURACIL 'C4 H3 F N2 O2'
#
# COMPACT_ATOMS: atom_id res chain seq x y z
N SER A 4 22.10 -26.54 15.28
CA SER A 4 20.70 -26.65 14.72
C SER A 4 20.18 -25.33 14.11
N ASP A 5 19.97 -25.36 12.79
CA ASP A 5 19.48 -24.21 12.02
C ASP A 5 17.97 -23.97 12.17
N VAL A 6 17.21 -25.04 12.45
CA VAL A 6 15.75 -24.95 12.57
C VAL A 6 15.26 -25.42 13.94
N PHE A 7 14.13 -24.88 14.37
CA PHE A 7 13.69 -25.03 15.76
C PHE A 7 13.20 -26.42 16.13
N HIS A 8 12.41 -27.06 15.28
CA HIS A 8 11.76 -28.35 15.61
C HIS A 8 12.52 -29.61 15.14
N LEU A 9 13.04 -29.60 13.91
CA LEU A 9 13.57 -30.82 13.29
C LEU A 9 14.96 -31.22 13.78
N GLY A 10 15.69 -30.26 14.34
CA GLY A 10 17.04 -30.52 14.82
C GLY A 10 18.03 -30.84 13.72
N LEU A 11 18.06 -30.01 12.68
CA LEU A 11 18.88 -30.25 11.48
C LEU A 11 19.70 -29.03 11.06
N THR A 12 20.86 -29.28 10.48
CA THR A 12 21.63 -28.22 9.86
C THR A 12 21.48 -28.34 8.34
N LYS A 13 21.87 -27.28 7.64
CA LYS A 13 21.89 -27.30 6.19
C LYS A 13 22.92 -28.34 5.74
N ASN A 14 24.01 -28.44 6.49
CA ASN A 14 25.07 -29.39 6.17
C ASN A 14 24.62 -30.86 6.29
N ASP A 15 23.69 -31.14 7.20
CA ASP A 15 23.19 -32.50 7.37
C ASP A 15 22.61 -33.02 6.06
N LEU A 16 21.99 -32.13 5.29
CA LEU A 16 21.32 -32.47 4.03
C LEU A 16 22.26 -32.79 2.85
N GLN A 17 23.48 -32.24 2.88
CA GLN A 17 24.47 -32.44 1.81
C GLN A 17 23.94 -32.05 0.43
N GLY A 18 23.22 -30.94 0.37
CA GLY A 18 22.68 -30.44 -0.88
C GLY A 18 21.37 -31.04 -1.36
N ALA A 19 20.71 -31.84 -0.53
CA ALA A 19 19.42 -32.45 -0.87
C ALA A 19 18.37 -31.39 -1.21
N THR A 20 17.59 -31.64 -2.26
CA THR A 20 16.45 -30.79 -2.60
C THR A 20 15.12 -31.56 -2.67
N LEU A 21 15.13 -32.86 -2.42
CA LEU A 21 13.91 -33.64 -2.50
C LEU A 21 13.71 -34.39 -1.20
N ALA A 22 12.51 -34.31 -0.63
CA ALA A 22 12.15 -35.03 0.58
C ALA A 22 10.96 -35.92 0.33
N ILE A 23 11.05 -37.17 0.77
CA ILE A 23 9.92 -38.07 0.85
C ILE A 23 9.37 -37.97 2.27
N VAL A 24 8.10 -37.67 2.42
CA VAL A 24 7.53 -37.35 3.72
C VAL A 24 6.38 -38.29 4.07
N PRO A 25 6.67 -39.38 4.79
CA PRO A 25 5.60 -40.21 5.39
C PRO A 25 5.07 -39.53 6.65
N GLY A 26 4.03 -40.08 7.24
CA GLY A 26 3.48 -39.53 8.46
C GLY A 26 4.08 -40.14 9.71
N ASP A 27 4.27 -41.45 9.67
CA ASP A 27 4.73 -42.23 10.82
C ASP A 27 6.25 -42.15 10.93
N PRO A 28 6.79 -41.57 12.00
CA PRO A 28 8.23 -41.57 12.23
C PRO A 28 8.88 -42.96 12.21
N ASP A 29 8.16 -44.00 12.64
CA ASP A 29 8.67 -45.38 12.61
C ASP A 29 8.80 -45.98 11.19
N ARG A 30 8.22 -45.35 10.17
CA ARG A 30 8.41 -45.77 8.77
C ARG A 30 9.58 -45.08 8.05
N VAL A 31 10.14 -44.03 8.65
CA VAL A 31 11.22 -43.27 7.99
C VAL A 31 12.43 -44.14 7.67
N GLU A 32 12.84 -44.99 8.61
CA GLU A 32 14.04 -45.82 8.46
C GLU A 32 13.86 -46.86 7.39
N LYS A 33 12.63 -47.37 7.25
CA LYS A 33 12.31 -48.42 6.29
C LYS A 33 12.41 -47.91 4.86
N ILE A 34 11.89 -46.71 4.62
CA ILE A 34 11.90 -46.09 3.29
C ILE A 34 13.32 -45.67 2.93
N ALA A 35 14.05 -45.17 3.92
CA ALA A 35 15.46 -44.82 3.77
C ALA A 35 16.30 -46.03 3.32
N ALA A 36 16.04 -47.19 3.93
CA ALA A 36 16.78 -48.44 3.66
C ALA A 36 16.63 -48.97 2.24
N LEU A 37 15.54 -48.59 1.58
CA LEU A 37 15.31 -48.94 0.17
C LEU A 37 16.27 -48.23 -0.78
N MET A 38 17.07 -47.30 -0.26
CA MET A 38 18.00 -46.52 -1.04
C MET A 38 19.42 -46.71 -0.52
N ASP A 39 20.38 -46.09 -1.19
CA ASP A 39 21.79 -46.25 -0.83
C ASP A 39 22.21 -45.36 0.33
N LYS A 40 23.22 -45.82 1.08
CA LYS A 40 23.84 -45.04 2.15
C LYS A 40 22.85 -44.35 3.08
N PRO A 41 21.93 -45.12 3.68
CA PRO A 41 20.98 -44.55 4.63
C PRO A 41 21.66 -44.18 5.95
N VAL A 42 21.36 -43.00 6.47
CA VAL A 42 21.97 -42.47 7.68
C VAL A 42 20.91 -41.68 8.45
N LYS A 43 20.79 -41.93 9.74
CA LYS A 43 19.89 -41.15 10.60
C LYS A 43 20.50 -39.78 10.88
N LEU A 44 19.69 -38.73 10.81
CA LEU A 44 20.14 -37.36 11.10
C LEU A 44 19.63 -36.86 12.46
N ALA A 45 18.34 -37.04 12.73
CA ALA A 45 17.78 -36.63 14.02
C ALA A 45 16.44 -37.29 14.30
N SER A 46 15.97 -37.10 15.53
CA SER A 46 14.64 -37.49 15.94
C SER A 46 14.19 -36.62 17.10
N HIS A 47 13.10 -35.89 16.91
CA HIS A 47 12.53 -34.99 17.89
C HIS A 47 11.02 -34.95 17.69
N ARG A 48 10.28 -35.16 18.76
CA ARG A 48 8.83 -35.25 18.69
C ARG A 48 8.45 -36.27 17.61
N GLU A 49 7.60 -35.89 16.67
CA GLU A 49 7.17 -36.81 15.60
C GLU A 49 8.00 -36.66 14.32
N PHE A 50 9.05 -35.86 14.36
CA PHE A 50 9.90 -35.62 13.19
C PHE A 50 11.21 -36.40 13.27
N THR A 51 11.21 -37.54 12.58
CA THR A 51 12.38 -38.38 12.39
C THR A 51 12.89 -38.14 10.97
N THR A 52 14.17 -37.80 10.85
CA THR A 52 14.78 -37.52 9.57
C THR A 52 15.95 -38.45 9.32
N TRP A 53 15.93 -39.14 8.19
CA TRP A 53 17.09 -39.85 7.68
C TRP A 53 17.49 -39.21 6.34
N ARG A 54 18.78 -39.29 6.00
CA ARG A 54 19.28 -38.96 4.67
C ARG A 54 19.63 -40.25 3.96
N ALA A 55 19.41 -40.29 2.66
CA ALA A 55 19.80 -41.43 1.83
C ALA A 55 20.31 -40.94 0.49
N GLU A 56 20.56 -41.87 -0.42
CA GLU A 56 21.20 -41.60 -1.68
C GLU A 56 20.47 -42.36 -2.79
N LEU A 57 20.14 -41.67 -3.86
CA LEU A 57 19.34 -42.22 -4.94
C LEU A 57 19.97 -41.84 -6.27
N ASP A 58 20.46 -42.83 -7.02
CA ASP A 58 21.26 -42.61 -8.24
C ASP A 58 22.40 -41.62 -8.00
N GLY A 59 23.10 -41.76 -6.88
CA GLY A 59 24.24 -40.92 -6.52
C GLY A 59 23.93 -39.59 -5.85
N LYS A 60 22.65 -39.25 -5.69
CA LYS A 60 22.22 -37.91 -5.24
C LYS A 60 21.56 -38.00 -3.88
N PRO A 61 21.83 -37.02 -3.01
CA PRO A 61 21.27 -37.03 -1.66
C PRO A 61 19.77 -36.68 -1.60
N VAL A 62 19.05 -37.47 -0.82
CA VAL A 62 17.60 -37.42 -0.73
C VAL A 62 17.24 -37.44 0.75
N ILE A 63 16.18 -36.73 1.15
CA ILE A 63 15.74 -36.73 2.55
C ILE A 63 14.49 -37.59 2.73
N VAL A 64 14.40 -38.28 3.87
CA VAL A 64 13.16 -38.93 4.33
C VAL A 64 12.86 -38.36 5.72
N CYS A 65 11.66 -37.80 5.89
CA CYS A 65 11.29 -37.04 7.09
C CYS A 65 9.79 -37.17 7.38
N SER A 66 9.44 -37.62 8.58
CA SER A 66 8.03 -37.78 8.96
C SER A 66 7.39 -36.46 9.41
N THR A 67 6.15 -36.27 9.01
CA THR A 67 5.36 -35.08 9.31
C THR A 67 4.60 -35.18 10.62
N GLY A 68 4.25 -36.42 10.97
CA GLY A 68 3.24 -36.68 11.97
C GLY A 68 1.86 -36.67 11.36
N ILE A 69 0.85 -36.88 12.20
CA ILE A 69 -0.54 -36.79 11.80
C ILE A 69 -0.99 -35.35 11.87
N GLY A 70 -1.61 -34.86 10.81
CA GLY A 70 -2.24 -33.56 10.78
C GLY A 70 -1.44 -32.48 10.08
N GLY A 71 -2.16 -31.46 9.62
CA GLY A 71 -1.60 -30.34 8.88
C GLY A 71 -0.64 -29.51 9.70
N PRO A 72 -0.95 -29.26 10.97
CA PRO A 72 -0.05 -28.46 11.82
C PRO A 72 1.40 -28.95 11.87
N SER A 73 1.61 -30.21 12.23
CA SER A 73 2.96 -30.72 12.31
C SER A 73 3.56 -30.88 10.92
N THR A 74 2.71 -31.15 9.94
CA THR A 74 3.16 -31.24 8.55
C THR A 74 3.76 -29.91 8.10
N SER A 75 3.09 -28.81 8.47
CA SER A 75 3.48 -27.46 8.09
C SER A 75 4.78 -26.99 8.72
N ILE A 76 5.12 -27.56 9.86
CA ILE A 76 6.38 -27.30 10.53
C ILE A 76 7.47 -28.06 9.78
N ALA A 77 7.26 -29.36 9.54
CA ALA A 77 8.27 -30.14 8.84
C ALA A 77 8.61 -29.52 7.49
N VAL A 78 7.57 -29.18 6.71
CA VAL A 78 7.75 -28.68 5.34
C VAL A 78 8.47 -27.34 5.32
N GLU A 79 8.06 -26.44 6.21
CA GLU A 79 8.66 -25.11 6.33
C GLU A 79 10.13 -25.19 6.68
N GLU A 80 10.47 -25.99 7.67
CA GLU A 80 11.83 -26.07 8.15
C GLU A 80 12.75 -26.83 7.18
N LEU A 81 12.20 -27.83 6.49
CA LEU A 81 12.92 -28.51 5.41
C LEU A 81 13.19 -27.53 4.25
N ALA A 82 12.22 -26.67 3.95
CA ALA A 82 12.35 -25.66 2.92
C ALA A 82 13.46 -24.65 3.27
N GLN A 83 13.52 -24.22 4.53
CA GLN A 83 14.61 -23.34 4.95
C GLN A 83 15.97 -24.01 4.67
N LEU A 84 16.03 -25.32 4.85
CA LEU A 84 17.26 -26.09 4.69
C LEU A 84 17.53 -26.48 3.24
N GLY A 85 16.64 -26.13 2.32
CA GLY A 85 16.91 -26.23 0.89
C GLY A 85 16.09 -27.22 0.08
N ILE A 86 15.05 -27.80 0.68
CA ILE A 86 14.20 -28.78 0.02
C ILE A 86 13.16 -28.05 -0.81
N ARG A 87 13.01 -28.46 -2.06
CA ARG A 87 12.09 -27.84 -3.01
C ARG A 87 11.04 -28.80 -3.59
N THR A 88 11.20 -30.10 -3.36
CA THR A 88 10.23 -31.08 -3.80
C THR A 88 9.87 -31.98 -2.65
N PHE A 89 8.58 -32.11 -2.37
CA PHE A 89 8.11 -32.99 -1.33
C PHE A 89 7.21 -34.03 -1.96
N LEU A 90 7.50 -35.31 -1.74
CA LEU A 90 6.60 -36.38 -2.16
C LEU A 90 5.98 -37.07 -0.95
N ARG A 91 4.68 -36.89 -0.76
CA ARG A 91 3.93 -37.54 0.32
C ARG A 91 3.65 -39.00 -0.01
N ILE A 92 3.94 -39.87 0.94
CA ILE A 92 3.67 -41.30 0.83
C ILE A 92 2.88 -41.74 2.06
N GLY A 93 1.83 -42.52 1.83
CA GLY A 93 1.02 -43.06 2.91
C GLY A 93 0.20 -44.27 2.54
N THR A 94 -0.54 -44.76 3.53
CA THR A 94 -1.61 -45.71 3.29
C THR A 94 -2.90 -45.01 3.68
N THR A 95 -4.01 -45.53 3.20
CA THR A 95 -5.29 -44.85 3.30
C THR A 95 -6.49 -45.81 3.13
N GLY A 96 -7.67 -45.25 3.28
CA GLY A 96 -8.91 -45.95 3.09
C GLY A 96 -9.83 -45.21 2.14
N ALA A 97 -10.15 -45.89 1.04
CA ALA A 97 -11.00 -45.34 0.00
C ALA A 97 -12.47 -45.24 0.44
N ILE A 98 -13.22 -44.39 -0.27
CA ILE A 98 -14.67 -44.26 -0.09
C ILE A 98 -15.47 -44.51 -1.38
N GLN A 99 -14.84 -45.11 -2.39
CA GLN A 99 -15.55 -45.52 -3.62
C GLN A 99 -15.59 -47.05 -3.72
N PRO A 100 -16.73 -47.61 -4.10
CA PRO A 100 -16.86 -49.07 -4.27
C PRO A 100 -15.93 -49.71 -5.30
N HIS A 101 -15.56 -48.97 -6.35
CA HIS A 101 -14.74 -49.52 -7.44
C HIS A 101 -13.23 -49.52 -7.12
N ILE A 102 -12.82 -48.80 -6.09
CA ILE A 102 -11.42 -48.78 -5.65
C ILE A 102 -11.18 -49.98 -4.71
N ASN A 103 -10.29 -50.89 -5.09
CA ASN A 103 -9.99 -52.07 -4.26
C ASN A 103 -8.74 -51.92 -3.39
N VAL A 104 -8.68 -52.72 -2.34
CA VAL A 104 -7.48 -52.84 -1.52
C VAL A 104 -6.35 -53.37 -2.40
N GLY A 105 -5.15 -52.79 -2.25
CA GLY A 105 -4.00 -53.11 -3.09
C GLY A 105 -3.74 -52.07 -4.18
N ASP A 106 -4.75 -51.23 -4.42
CA ASP A 106 -4.68 -50.18 -5.44
C ASP A 106 -3.92 -48.97 -4.91
N VAL A 107 -3.48 -48.13 -5.83
CA VAL A 107 -2.67 -46.96 -5.50
C VAL A 107 -3.45 -45.72 -5.92
N LEU A 108 -3.52 -44.72 -5.03
CA LEU A 108 -4.19 -43.46 -5.31
C LEU A 108 -3.16 -42.36 -5.47
N VAL A 109 -3.12 -41.73 -6.65
CA VAL A 109 -2.34 -40.52 -6.86
C VAL A 109 -3.29 -39.33 -6.83
N THR A 110 -2.97 -38.33 -6.02
CA THR A 110 -3.86 -37.20 -5.77
C THR A 110 -3.54 -35.98 -6.65
N THR A 111 -4.45 -35.59 -7.52
CA THR A 111 -4.32 -34.36 -8.30
C THR A 111 -4.56 -33.12 -7.46
N ALA A 112 -5.50 -33.22 -6.52
CA ALA A 112 -5.84 -32.12 -5.62
C ALA A 112 -6.74 -32.58 -4.48
N SER A 113 -6.85 -31.75 -3.45
CA SER A 113 -7.58 -32.11 -2.24
C SER A 113 -8.68 -31.12 -1.84
N VAL A 114 -9.78 -31.68 -1.30
CA VAL A 114 -10.80 -30.92 -0.62
C VAL A 114 -10.20 -30.49 0.73
N ARG A 115 -10.25 -29.20 1.00
CA ARG A 115 -9.55 -28.63 2.17
C ARG A 115 -10.44 -28.60 3.39
N LEU A 116 -10.47 -29.71 4.12
CA LEU A 116 -11.26 -29.85 5.35
C LEU A 116 -10.37 -29.68 6.58
N ASP A 117 -9.40 -28.79 6.44
CA ASP A 117 -8.35 -28.61 7.43
C ASP A 117 -8.29 -27.16 7.87
N GLY A 118 -7.41 -26.86 8.81
CA GLY A 118 -7.21 -25.49 9.27
C GLY A 118 -5.92 -24.87 8.75
N ALA A 119 -4.88 -25.66 8.58
CA ALA A 119 -3.55 -25.11 8.31
C ALA A 119 -3.44 -24.50 6.92
N SER A 120 -4.09 -25.12 5.94
CA SER A 120 -4.03 -24.63 4.58
C SER A 120 -4.40 -23.14 4.55
N LEU A 121 -5.42 -22.77 5.30
CA LEU A 121 -5.92 -21.39 5.38
C LEU A 121 -4.88 -20.35 5.87
N HIS A 122 -3.88 -20.84 6.59
CA HIS A 122 -2.78 -20.03 7.06
C HIS A 122 -1.78 -19.67 5.95
N PHE A 123 -1.89 -20.34 4.80
CA PHE A 123 -1.08 -20.05 3.60
C PHE A 123 -1.89 -19.44 2.44
N ALA A 124 -3.19 -19.73 2.35
CA ALA A 124 -3.98 -19.19 1.27
C ALA A 124 -5.46 -19.27 1.61
N PRO A 125 -6.27 -18.32 1.13
CA PRO A 125 -7.69 -18.36 1.42
C PRO A 125 -8.30 -19.59 0.76
N LEU A 126 -9.47 -19.99 1.22
CA LEU A 126 -10.07 -21.28 0.88
C LEU A 126 -10.29 -21.50 -0.61
N GLU A 127 -10.58 -20.41 -1.33
CA GLU A 127 -10.79 -20.43 -2.78
C GLU A 127 -9.55 -20.91 -3.57
N PHE A 128 -8.37 -20.78 -2.98
CA PHE A 128 -7.13 -21.29 -3.59
C PHE A 128 -7.14 -22.82 -3.60
N PRO A 129 -6.85 -23.43 -4.76
CA PRO A 129 -6.93 -24.87 -4.87
C PRO A 129 -5.74 -25.57 -4.23
N ALA A 130 -6.00 -26.61 -3.42
CA ALA A 130 -4.97 -27.47 -2.89
C ALA A 130 -4.54 -28.46 -3.99
N VAL A 131 -3.88 -27.93 -5.01
CA VAL A 131 -3.52 -28.72 -6.17
C VAL A 131 -2.08 -29.22 -6.04
N ALA A 132 -1.84 -30.43 -6.55
CA ALA A 132 -0.49 -31.00 -6.65
C ALA A 132 0.21 -30.48 -7.90
N ASP A 133 1.54 -30.47 -7.83
CA ASP A 133 2.41 -30.08 -8.92
C ASP A 133 2.32 -31.07 -10.06
N PHE A 134 2.24 -30.57 -11.29
CA PHE A 134 1.98 -31.41 -12.45
C PHE A 134 3.14 -32.38 -12.71
N GLU A 135 4.37 -31.90 -12.55
CA GLU A 135 5.55 -32.76 -12.74
C GLU A 135 5.58 -33.90 -11.74
N CYS A 136 5.32 -33.60 -10.46
CA CYS A 136 5.35 -34.62 -9.42
C CYS A 136 4.25 -35.64 -9.64
N THR A 137 3.05 -35.17 -9.94
CA THR A 137 1.91 -36.03 -10.19
C THR A 137 2.15 -36.94 -11.38
N THR A 138 2.79 -36.42 -12.42
CA THR A 138 3.12 -37.19 -13.62
C THR A 138 4.12 -38.28 -13.28
N ALA A 139 5.19 -37.91 -12.56
CA ALA A 139 6.20 -38.87 -12.12
C ALA A 139 5.57 -40.01 -11.29
N LEU A 140 4.65 -39.68 -10.39
CA LEU A 140 3.97 -40.69 -9.58
C LEU A 140 3.12 -41.65 -10.42
N VAL A 141 2.35 -41.10 -11.36
CA VAL A 141 1.50 -41.89 -12.24
C VAL A 141 2.34 -42.82 -13.13
N GLU A 142 3.37 -42.26 -13.75
CA GLU A 142 4.33 -43.03 -14.55
C GLU A 142 5.09 -44.07 -13.73
N ALA A 143 5.37 -43.75 -12.47
CA ALA A 143 6.08 -44.69 -11.60
C ALA A 143 5.19 -45.88 -11.31
N ALA A 144 3.93 -45.62 -10.99
CA ALA A 144 2.96 -46.67 -10.68
C ALA A 144 2.70 -47.57 -11.89
N LYS A 145 2.61 -46.97 -13.06
CA LYS A 145 2.43 -47.72 -14.30
C LYS A 145 3.62 -48.64 -14.57
N SER A 146 4.83 -48.17 -14.27
CA SER A 146 6.05 -48.90 -14.63
C SER A 146 6.31 -50.10 -13.73
N ILE A 147 5.74 -50.12 -12.53
CA ILE A 147 5.76 -51.33 -11.70
C ILE A 147 4.45 -52.14 -11.83
N GLY A 148 3.46 -51.58 -12.51
CA GLY A 148 2.26 -52.31 -12.88
C GLY A 148 1.09 -52.26 -11.90
N ALA A 149 1.12 -51.30 -10.99
CA ALA A 149 0.04 -51.09 -10.02
C ALA A 149 -1.29 -50.78 -10.69
N THR A 150 -2.40 -51.15 -10.03
CA THR A 150 -3.72 -50.68 -10.47
C THR A 150 -4.01 -49.36 -9.75
N THR A 151 -4.21 -48.31 -10.54
CA THR A 151 -4.11 -46.94 -10.04
C THR A 151 -5.36 -46.11 -10.29
N HIS A 152 -5.61 -45.19 -9.38
CA HIS A 152 -6.62 -44.16 -9.58
C HIS A 152 -5.97 -42.79 -9.40
N VAL A 153 -6.40 -41.85 -10.22
CA VAL A 153 -5.93 -40.48 -10.20
C VAL A 153 -7.14 -39.56 -9.98
N GLY A 154 -7.15 -38.82 -8.88
CA GLY A 154 -8.25 -37.92 -8.61
C GLY A 154 -8.16 -37.09 -7.34
N VAL A 155 -9.33 -36.67 -6.88
CA VAL A 155 -9.44 -35.78 -5.73
C VAL A 155 -9.47 -36.58 -4.44
N THR A 156 -8.85 -36.02 -3.40
CA THR A 156 -8.79 -36.61 -2.07
C THR A 156 -9.35 -35.58 -1.09
N ALA A 157 -10.18 -36.01 -0.15
CA ALA A 157 -10.65 -35.15 0.94
C ALA A 157 -9.69 -35.22 2.11
N SER A 158 -9.24 -34.06 2.58
CA SER A 158 -8.19 -34.00 3.59
C SER A 158 -8.73 -33.36 4.87
N SER A 159 -8.90 -34.17 5.90
CA SER A 159 -9.62 -33.77 7.12
C SER A 159 -8.68 -33.56 8.29
N ASP A 160 -9.00 -32.59 9.13
CA ASP A 160 -8.26 -32.31 10.35
C ASP A 160 -8.63 -33.30 11.48
N THR A 161 -9.61 -34.16 11.24
CA THR A 161 -9.90 -35.25 12.17
C THR A 161 -9.99 -36.57 11.46
N PHE A 162 -9.72 -37.62 12.24
CA PHE A 162 -9.88 -38.98 11.78
C PHE A 162 -11.33 -39.39 11.90
N TYR A 163 -12.01 -38.87 12.94
CA TYR A 163 -13.35 -39.33 13.27
C TYR A 163 -14.50 -38.47 12.67
N PRO A 164 -14.89 -37.34 13.25
CA PRO A 164 -16.07 -36.63 12.74
C PRO A 164 -15.94 -36.13 11.29
N GLY A 165 -14.74 -35.70 10.91
CA GLY A 165 -14.49 -35.15 9.58
C GLY A 165 -14.55 -36.16 8.46
N GLN A 166 -14.44 -37.44 8.80
CA GLN A 166 -14.60 -38.54 7.87
C GLN A 166 -15.93 -39.25 8.17
N GLU A 167 -16.85 -38.51 8.77
CA GLU A 167 -18.16 -39.00 9.17
C GLU A 167 -18.14 -40.42 9.75
N ARG A 168 -17.31 -40.62 10.75
CA ARG A 168 -17.32 -41.84 11.55
C ARG A 168 -18.25 -41.64 12.73
N TYR A 169 -19.12 -42.62 12.96
CA TYR A 169 -20.12 -42.55 14.01
C TYR A 169 -19.88 -43.57 15.11
N ASP A 170 -18.98 -44.52 14.86
CA ASP A 170 -18.59 -45.51 15.86
C ASP A 170 -17.63 -44.92 16.92
N THR A 171 -18.08 -43.87 17.60
CA THR A 171 -17.24 -43.02 18.46
C THR A 171 -17.84 -42.90 19.88
N TYR A 172 -17.10 -42.21 20.76
CA TYR A 172 -17.55 -41.91 22.12
C TYR A 172 -18.91 -41.22 22.17
N SER A 173 -19.07 -40.16 21.39
CA SER A 173 -20.31 -39.38 21.37
C SER A 173 -21.34 -40.04 20.50
N GLY A 174 -20.87 -40.65 19.40
CA GLY A 174 -21.74 -41.28 18.43
C GLY A 174 -22.48 -40.30 17.52
N ARG A 175 -22.05 -39.04 17.52
CA ARG A 175 -22.69 -38.03 16.68
C ARG A 175 -21.68 -37.21 15.91
N VAL A 176 -22.15 -36.55 14.85
CA VAL A 176 -21.29 -35.72 14.02
C VAL A 176 -21.94 -34.35 13.91
N VAL A 177 -21.12 -33.31 14.01
CA VAL A 177 -21.59 -31.94 14.00
C VAL A 177 -22.33 -31.66 12.67
N ARG A 178 -23.32 -30.78 12.71
CA ARG A 178 -24.15 -30.46 11.54
C ARG A 178 -23.40 -30.33 10.22
N HIS A 179 -22.39 -29.47 10.23
CA HIS A 179 -21.61 -29.14 9.03
C HIS A 179 -21.08 -30.38 8.29
N PHE A 180 -20.72 -31.44 9.02
CA PHE A 180 -20.14 -32.66 8.43
C PHE A 180 -21.14 -33.80 8.22
N LYS A 181 -22.34 -33.63 8.76
CA LYS A 181 -23.43 -34.58 8.55
C LYS A 181 -23.85 -34.62 7.09
N GLY A 182 -23.87 -35.81 6.49
CA GLY A 182 -24.11 -35.98 5.06
C GLY A 182 -22.92 -35.71 4.14
N SER A 183 -21.76 -35.37 4.71
CA SER A 183 -20.60 -34.93 3.92
C SER A 183 -19.98 -36.04 3.09
N MET A 184 -19.80 -37.22 3.69
CA MET A 184 -19.22 -38.36 3.00
C MET A 184 -20.02 -38.72 1.76
N GLU A 185 -21.34 -38.79 1.87
CA GLU A 185 -22.19 -39.07 0.71
C GLU A 185 -21.96 -38.03 -0.39
N GLU A 186 -21.88 -36.74 -0.03
CA GLU A 186 -21.57 -35.70 -1.00
C GLU A 186 -20.20 -35.91 -1.68
N TRP A 187 -19.16 -36.21 -0.91
CA TRP A 187 -17.83 -36.41 -1.47
C TRP A 187 -17.81 -37.61 -2.40
N GLN A 188 -18.57 -38.65 -2.08
CA GLN A 188 -18.64 -39.86 -2.89
C GLN A 188 -19.29 -39.58 -4.23
N ALA A 189 -20.37 -38.80 -4.18
CA ALA A 189 -21.11 -38.40 -5.38
C ALA A 189 -20.28 -37.45 -6.24
N MET A 190 -19.33 -36.76 -5.61
CA MET A 190 -18.43 -35.83 -6.30
C MET A 190 -17.16 -36.51 -6.79
N GLY A 191 -17.04 -37.83 -6.60
CA GLY A 191 -15.94 -38.59 -7.17
C GLY A 191 -14.68 -38.64 -6.31
N VAL A 192 -14.74 -38.08 -5.11
CA VAL A 192 -13.62 -38.10 -4.19
C VAL A 192 -13.28 -39.56 -3.85
N MET A 193 -11.99 -39.87 -3.92
CA MET A 193 -11.51 -41.25 -3.84
C MET A 193 -11.36 -41.71 -2.41
N ASN A 194 -10.94 -40.80 -1.54
CA ASN A 194 -10.54 -41.18 -0.19
C ASN A 194 -10.44 -40.03 0.78
N TYR A 195 -10.30 -40.38 2.06
CA TYR A 195 -9.94 -39.46 3.11
C TYR A 195 -8.48 -39.67 3.54
N GLU A 196 -7.81 -38.58 3.93
CA GLU A 196 -6.57 -38.65 4.73
C GLU A 196 -6.45 -37.31 5.43
N MET A 197 -5.33 -37.02 6.10
CA MET A 197 -5.29 -35.90 7.04
C MET A 197 -4.20 -34.83 6.86
N GLU A 198 -3.36 -34.92 5.82
CA GLU A 198 -2.23 -33.98 5.65
C GLU A 198 -2.11 -33.24 4.31
N SER A 199 -2.75 -33.74 3.27
CA SER A 199 -2.50 -33.28 1.91
C SER A 199 -3.06 -31.90 1.58
N ALA A 200 -4.14 -31.50 2.22
CA ALA A 200 -4.65 -30.14 1.99
C ALA A 200 -3.59 -29.12 2.42
N THR A 201 -3.00 -29.33 3.60
CA THR A 201 -1.96 -28.45 4.10
C THR A 201 -0.69 -28.53 3.26
N LEU A 202 -0.24 -29.74 2.92
CA LEU A 202 0.98 -29.91 2.13
C LEU A 202 0.86 -29.32 0.74
N LEU A 203 -0.26 -29.56 0.05
CA LEU A 203 -0.40 -29.12 -1.33
C LEU A 203 -0.63 -27.62 -1.38
N THR A 204 -1.46 -27.10 -0.48
CA THR A 204 -1.69 -25.65 -0.42
C THR A 204 -0.42 -24.87 -0.11
N MET A 205 0.27 -25.26 0.96
CA MET A 205 1.46 -24.51 1.36
C MET A 205 2.57 -24.57 0.31
N CYS A 206 2.69 -25.69 -0.40
CA CYS A 206 3.71 -25.82 -1.45
C CYS A 206 3.34 -25.04 -2.70
N ALA A 207 2.14 -25.26 -3.22
CA ALA A 207 1.67 -24.56 -4.43
C ALA A 207 1.58 -23.01 -4.27
N SER A 208 1.48 -22.52 -3.04
CA SER A 208 1.38 -21.08 -2.82
C SER A 208 2.74 -20.44 -2.51
N GLN A 209 3.80 -21.26 -2.54
CA GLN A 209 5.15 -20.83 -2.21
C GLN A 209 6.21 -21.30 -3.20
N GLY A 210 5.81 -21.71 -4.40
CA GLY A 210 6.75 -22.13 -5.42
C GLY A 210 7.50 -23.42 -5.09
N LEU A 211 6.94 -24.26 -4.23
CA LEU A 211 7.51 -25.58 -3.96
C LEU A 211 6.65 -26.66 -4.63
N ARG A 212 7.30 -27.74 -5.08
CA ARG A 212 6.61 -28.83 -5.77
C ARG A 212 6.21 -29.94 -4.79
N ALA A 213 4.95 -30.36 -4.83
CA ALA A 213 4.52 -31.49 -4.00
C ALA A 213 3.64 -32.46 -4.77
N GLY A 214 3.70 -33.72 -4.38
CA GLY A 214 2.80 -34.72 -4.90
C GLY A 214 2.43 -35.71 -3.83
N MET A 215 1.44 -36.55 -4.10
CA MET A 215 1.05 -37.56 -3.14
C MET A 215 0.59 -38.83 -3.80
N VAL A 216 0.93 -39.93 -3.15
CA VAL A 216 0.59 -41.27 -3.58
C VAL A 216 0.32 -42.10 -2.33
N ALA A 217 -0.63 -43.03 -2.42
CA ALA A 217 -0.99 -43.85 -1.28
C ALA A 217 -1.53 -45.22 -1.68
N GLY A 218 -1.19 -46.22 -0.86
CA GLY A 218 -1.76 -47.56 -0.99
C GLY A 218 -3.08 -47.66 -0.25
N VAL A 219 -4.04 -48.37 -0.82
CA VAL A 219 -5.33 -48.59 -0.17
C VAL A 219 -5.26 -49.87 0.65
N ILE A 220 -5.34 -49.75 1.96
CA ILE A 220 -5.38 -50.89 2.87
C ILE A 220 -6.81 -51.26 3.29
N VAL A 221 -7.70 -50.26 3.33
CA VAL A 221 -9.07 -50.47 3.76
C VAL A 221 -10.09 -49.75 2.86
N ASN A 222 -11.34 -50.19 2.88
CA ASN A 222 -12.42 -49.53 2.15
C ASN A 222 -13.71 -49.46 3.00
N ARG A 223 -14.22 -48.24 3.21
CA ARG A 223 -15.40 -48.00 4.04
C ARG A 223 -16.67 -48.67 3.50
N THR A 224 -16.87 -48.55 2.19
CA THR A 224 -18.05 -49.09 1.51
C THR A 224 -18.05 -50.62 1.40
N GLN A 225 -16.86 -51.23 1.43
CA GLN A 225 -16.71 -52.66 1.12
C GLN A 225 -16.87 -53.58 2.33
N GLN A 226 -17.23 -54.82 2.04
CA GLN A 226 -17.39 -55.88 3.03
C GLN A 226 -17.33 -57.21 2.27
N GLU A 227 -16.58 -58.22 2.73
CA GLU A 227 -15.89 -58.27 4.02
C GLU A 227 -14.46 -57.70 3.96
N ILE A 228 -13.85 -57.51 5.14
CA ILE A 228 -12.59 -56.77 5.27
C ILE A 228 -11.31 -57.61 5.09
N PRO A 229 -10.39 -57.14 4.24
CA PRO A 229 -8.96 -57.40 4.39
C PRO A 229 -8.25 -56.23 5.12
N ASN A 230 -7.25 -56.48 5.97
CA ASN A 230 -6.69 -57.82 6.25
C ASN A 230 -6.35 -57.98 7.74
N LYS A 235 0.83 -55.02 4.61
CA LYS A 235 2.27 -54.86 4.43
C LYS A 235 2.65 -54.84 2.96
N GLN A 236 2.02 -55.70 2.16
CA GLN A 236 2.29 -55.76 0.73
C GLN A 236 1.97 -54.44 0.04
N THR A 237 0.87 -53.81 0.45
CA THR A 237 0.39 -52.57 -0.15
C THR A 237 1.20 -51.35 0.29
N GLU A 238 1.68 -51.39 1.54
CA GLU A 238 2.59 -50.37 2.08
C GLU A 238 3.87 -50.28 1.25
N SER A 239 4.49 -51.43 1.02
CA SER A 239 5.76 -51.54 0.27
C SER A 239 5.59 -51.32 -1.24
N HIS A 240 4.36 -51.46 -1.73
CA HIS A 240 4.02 -51.23 -3.14
C HIS A 240 4.02 -49.72 -3.44
N ALA A 241 3.37 -48.95 -2.57
CA ALA A 241 3.29 -47.51 -2.71
C ALA A 241 4.64 -46.85 -2.44
N VAL A 242 5.42 -47.43 -1.54
CA VAL A 242 6.77 -46.94 -1.25
C VAL A 242 7.70 -47.12 -2.45
N LYS A 243 7.57 -48.23 -3.15
CA LYS A 243 8.38 -48.48 -4.34
C LYS A 243 8.05 -47.43 -5.40
N ILE A 244 6.78 -47.03 -5.44
CA ILE A 244 6.31 -46.05 -6.39
C ILE A 244 6.82 -44.63 -6.08
N VAL A 245 6.80 -44.22 -4.82
CA VAL A 245 7.27 -42.87 -4.48
C VAL A 245 8.79 -42.75 -4.73
N VAL A 246 9.52 -43.81 -4.41
CA VAL A 246 10.98 -43.87 -4.56
C VAL A 246 11.37 -43.82 -6.04
N GLU A 247 10.62 -44.55 -6.87
CA GLU A 247 10.82 -44.56 -8.32
C GLU A 247 10.43 -43.19 -8.92
N ALA A 248 9.44 -42.53 -8.34
CA ALA A 248 9.05 -41.19 -8.79
C ALA A 248 10.08 -40.13 -8.41
N ALA A 249 10.62 -40.23 -7.20
CA ALA A 249 11.70 -39.35 -6.75
C ALA A 249 12.86 -39.46 -7.73
N ARG A 250 13.14 -40.67 -8.17
CA ARG A 250 14.14 -40.97 -9.19
C ARG A 250 14.00 -40.08 -10.45
N ARG A 251 12.77 -39.96 -10.95
CA ARG A 251 12.48 -39.17 -12.14
C ARG A 251 12.51 -37.66 -11.92
N LEU A 252 12.43 -37.22 -10.66
CA LEU A 252 12.33 -35.80 -10.31
C LEU A 252 13.63 -35.20 -9.79
N LEU A 253 14.71 -35.98 -9.78
CA LEU A 253 15.99 -35.51 -9.27
C LEU A 253 16.70 -34.62 -10.29
N SER B 4 -5.07 -54.10 21.21
CA SER B 4 -5.57 -52.67 21.28
C SER B 4 -7.08 -52.54 21.05
N ASP B 5 -7.73 -51.78 21.94
CA ASP B 5 -9.15 -51.45 21.83
C ASP B 5 -9.41 -50.25 20.90
N VAL B 6 -8.36 -49.49 20.58
CA VAL B 6 -8.49 -48.31 19.74
C VAL B 6 -7.53 -48.37 18.56
N PHE B 7 -7.77 -47.53 17.57
CA PHE B 7 -7.09 -47.63 16.28
C PHE B 7 -5.65 -47.13 16.31
N HIS B 8 -5.33 -46.15 17.15
CA HIS B 8 -4.02 -45.47 17.12
C HIS B 8 -3.14 -45.66 18.35
N LEU B 9 -3.72 -45.54 19.53
CA LEU B 9 -2.94 -45.43 20.77
C LEU B 9 -2.34 -46.76 21.25
N GLY B 10 -2.86 -47.88 20.75
CA GLY B 10 -2.39 -49.20 21.15
C GLY B 10 -2.64 -49.50 22.62
N LEU B 11 -3.88 -49.26 23.05
CA LEU B 11 -4.26 -49.38 24.46
C LEU B 11 -5.57 -50.14 24.60
N THR B 12 -5.71 -50.86 25.72
CA THR B 12 -6.94 -51.56 26.07
C THR B 12 -7.50 -50.91 27.32
N LYS B 13 -8.79 -51.12 27.59
CA LYS B 13 -9.38 -50.54 28.78
C LYS B 13 -8.66 -51.03 30.04
N ASN B 14 -8.22 -52.30 30.01
CA ASN B 14 -7.43 -52.92 31.11
C ASN B 14 -6.15 -52.16 31.45
N ASP B 15 -5.45 -51.65 30.43
CA ASP B 15 -4.20 -50.92 30.62
C ASP B 15 -4.39 -49.70 31.50
N LEU B 16 -5.55 -49.05 31.39
CA LEU B 16 -5.86 -47.85 32.18
C LEU B 16 -6.14 -48.14 33.65
N GLN B 17 -6.59 -49.36 33.94
CA GLN B 17 -6.84 -49.82 35.30
C GLN B 17 -7.85 -48.95 36.06
N GLY B 18 -8.85 -48.44 35.35
CA GLY B 18 -9.89 -47.61 35.94
C GLY B 18 -9.60 -46.13 35.96
N ALA B 19 -8.55 -45.70 35.25
CA ALA B 19 -8.18 -44.27 35.23
C ALA B 19 -9.25 -43.45 34.52
N THR B 20 -9.55 -42.28 35.06
CA THR B 20 -10.46 -41.36 34.39
C THR B 20 -9.82 -39.98 34.14
N LEU B 21 -8.54 -39.83 34.44
CA LEU B 21 -7.85 -38.56 34.21
C LEU B 21 -6.55 -38.79 33.47
N ALA B 22 -6.34 -37.99 32.42
CA ALA B 22 -5.13 -38.04 31.62
C ALA B 22 -4.46 -36.67 31.52
N ILE B 23 -3.18 -36.61 31.83
CA ILE B 23 -2.34 -35.45 31.50
C ILE B 23 -1.85 -35.62 30.06
N VAL B 24 -2.02 -34.59 29.23
CA VAL B 24 -1.77 -34.71 27.80
C VAL B 24 -0.81 -33.63 27.29
N PRO B 25 0.50 -33.89 27.37
CA PRO B 25 1.49 -32.98 26.81
C PRO B 25 1.61 -33.17 25.31
N GLY B 26 2.21 -32.19 24.63
CA GLY B 26 2.38 -32.26 23.19
C GLY B 26 3.54 -33.16 22.81
N ASP B 27 4.61 -33.10 23.59
CA ASP B 27 5.86 -33.79 23.24
C ASP B 27 5.88 -35.19 23.83
N PRO B 28 6.04 -36.23 22.99
CA PRO B 28 6.22 -37.62 23.46
C PRO B 28 7.32 -37.85 24.50
N ASP B 29 8.40 -37.07 24.45
CA ASP B 29 9.53 -37.20 25.38
C ASP B 29 9.22 -36.66 26.75
N ARG B 30 8.20 -35.82 26.84
CA ARG B 30 7.76 -35.22 28.11
C ARG B 30 6.91 -36.20 28.94
N VAL B 31 6.32 -37.20 28.29
CA VAL B 31 5.40 -38.12 28.96
C VAL B 31 6.08 -38.82 30.14
N GLU B 32 7.31 -39.30 29.93
CA GLU B 32 8.05 -40.02 30.98
C GLU B 32 8.43 -39.10 32.15
N LYS B 33 8.78 -37.85 31.84
CA LYS B 33 9.12 -36.85 32.86
C LYS B 33 7.94 -36.57 33.80
N ILE B 34 6.74 -36.56 33.24
CA ILE B 34 5.54 -36.25 33.99
C ILE B 34 5.18 -37.45 34.85
N ALA B 35 5.24 -38.64 34.25
CA ALA B 35 4.98 -39.87 35.00
C ALA B 35 5.96 -40.07 36.16
N ALA B 36 7.18 -39.55 36.00
CA ALA B 36 8.26 -39.70 36.99
C ALA B 36 7.99 -38.99 38.32
N LEU B 37 7.21 -37.91 38.30
CA LEU B 37 6.84 -37.20 39.53
C LEU B 37 5.78 -37.95 40.34
N MET B 38 5.18 -38.97 39.74
CA MET B 38 4.14 -39.76 40.39
C MET B 38 4.70 -41.13 40.80
N ASP B 39 3.83 -41.98 41.35
CA ASP B 39 4.21 -43.32 41.82
C ASP B 39 3.92 -44.41 40.79
N LYS B 40 4.71 -45.48 40.87
CA LYS B 40 4.56 -46.65 40.01
C LYS B 40 4.45 -46.29 38.52
N PRO B 41 5.31 -45.40 38.03
CA PRO B 41 5.31 -45.04 36.61
C PRO B 41 5.68 -46.23 35.73
N VAL B 42 4.87 -46.46 34.70
CA VAL B 42 4.98 -47.63 33.84
C VAL B 42 4.63 -47.22 32.41
N LYS B 43 5.47 -47.60 31.45
CA LYS B 43 5.20 -47.32 30.05
C LYS B 43 4.18 -48.33 29.53
N LEU B 44 3.10 -47.83 28.95
CA LEU B 44 2.05 -48.68 28.37
C LEU B 44 2.24 -48.95 26.88
N ALA B 45 2.59 -47.92 26.10
CA ALA B 45 2.67 -48.06 24.66
C ALA B 45 3.31 -46.85 24.00
N SER B 46 3.71 -47.02 22.75
CA SER B 46 4.20 -45.91 21.93
C SER B 46 4.03 -46.21 20.44
N HIS B 47 3.12 -45.48 19.81
CA HIS B 47 2.90 -45.57 18.36
C HIS B 47 2.83 -44.16 17.83
N ARG B 48 3.54 -43.90 16.74
CA ARG B 48 3.61 -42.59 16.17
C ARG B 48 3.91 -41.56 17.28
N GLU B 49 3.25 -40.40 17.25
CA GLU B 49 3.44 -39.35 18.25
C GLU B 49 2.71 -39.61 19.58
N PHE B 50 2.04 -40.76 19.69
CA PHE B 50 1.29 -41.12 20.90
C PHE B 50 2.10 -42.07 21.78
N THR B 51 2.62 -41.54 22.87
CA THR B 51 3.33 -42.30 23.88
C THR B 51 2.50 -42.24 25.14
N THR B 52 2.21 -43.40 25.73
CA THR B 52 1.39 -43.47 26.93
C THR B 52 2.12 -44.14 28.10
N TRP B 53 2.08 -43.49 29.26
CA TRP B 53 2.47 -44.12 30.53
C TRP B 53 1.27 -44.11 31.47
N ARG B 54 1.32 -44.97 32.48
CA ARG B 54 0.41 -44.90 33.60
C ARG B 54 1.23 -44.71 34.87
N ALA B 55 0.71 -43.89 35.78
CA ALA B 55 1.30 -43.72 37.09
C ALA B 55 0.17 -43.73 38.13
N GLU B 56 0.49 -43.31 39.36
CA GLU B 56 -0.44 -43.38 40.47
C GLU B 56 -0.31 -42.14 41.34
N LEU B 57 -1.43 -41.50 41.62
CA LEU B 57 -1.45 -40.24 42.31
C LEU B 57 -2.41 -40.33 43.49
N ASP B 58 -1.87 -40.20 44.71
CA ASP B 58 -2.64 -40.46 45.93
C ASP B 58 -3.38 -41.80 45.79
N GLY B 59 -2.65 -42.81 45.34
CA GLY B 59 -3.20 -44.15 45.18
C GLY B 59 -4.19 -44.39 44.05
N LYS B 60 -4.43 -43.39 43.20
CA LYS B 60 -5.38 -43.52 42.10
C LYS B 60 -4.67 -43.49 40.73
N PRO B 61 -5.06 -44.39 39.83
CA PRO B 61 -4.42 -44.50 38.52
C PRO B 61 -4.63 -43.26 37.64
N VAL B 62 -3.55 -42.82 36.99
CA VAL B 62 -3.57 -41.63 36.15
C VAL B 62 -2.79 -41.90 34.86
N ILE B 63 -3.28 -41.34 33.75
CA ILE B 63 -2.65 -41.53 32.45
C ILE B 63 -1.92 -40.28 31.99
N VAL B 64 -0.71 -40.48 31.48
CA VAL B 64 -0.02 -39.45 30.72
C VAL B 64 0.09 -39.95 29.28
N CYS B 65 -0.34 -39.14 28.33
CA CYS B 65 -0.38 -39.55 26.93
C CYS B 65 -0.13 -38.36 26.02
N SER B 66 0.87 -38.47 25.15
CA SER B 66 1.21 -37.38 24.25
C SER B 66 0.26 -37.26 23.07
N THR B 67 0.05 -36.02 22.64
CA THR B 67 -0.84 -35.70 21.53
C THR B 67 -0.08 -35.52 20.23
N GLY B 68 1.20 -35.21 20.33
CA GLY B 68 1.94 -34.60 19.23
C GLY B 68 1.51 -33.15 19.00
N ILE B 69 2.12 -32.51 18.02
CA ILE B 69 1.75 -31.14 17.65
C ILE B 69 0.47 -31.10 16.81
N GLY B 70 -0.46 -30.23 17.19
CA GLY B 70 -1.63 -29.95 16.39
C GLY B 70 -2.91 -30.57 16.89
N GLY B 71 -4.02 -29.98 16.44
CA GLY B 71 -5.35 -30.44 16.78
C GLY B 71 -5.72 -31.80 16.22
N PRO B 72 -5.35 -32.11 14.99
CA PRO B 72 -5.70 -33.41 14.42
C PRO B 72 -5.26 -34.61 15.28
N SER B 73 -3.97 -34.69 15.61
CA SER B 73 -3.50 -35.77 16.47
C SER B 73 -4.01 -35.60 17.88
N THR B 74 -4.19 -34.36 18.32
CA THR B 74 -4.85 -34.14 19.61
C THR B 74 -6.24 -34.73 19.60
N SER B 75 -6.99 -34.51 18.53
CA SER B 75 -8.36 -34.99 18.43
C SER B 75 -8.43 -36.52 18.42
N ILE B 76 -7.38 -37.17 17.89
CA ILE B 76 -7.33 -38.62 17.91
C ILE B 76 -7.08 -39.09 19.34
N ALA B 77 -6.06 -38.54 20.00
CA ALA B 77 -5.70 -38.96 21.36
C ALA B 77 -6.86 -38.79 22.36
N VAL B 78 -7.56 -37.66 22.28
CA VAL B 78 -8.63 -37.38 23.22
C VAL B 78 -9.81 -38.32 22.98
N GLU B 79 -10.18 -38.51 21.72
CA GLU B 79 -11.29 -39.41 21.39
C GLU B 79 -11.06 -40.84 21.87
N GLU B 80 -9.86 -41.34 21.68
CA GLU B 80 -9.57 -42.73 21.99
C GLU B 80 -9.40 -42.91 23.50
N LEU B 81 -8.79 -41.94 24.16
CA LEU B 81 -8.71 -41.96 25.63
C LEU B 81 -10.12 -41.97 26.23
N ALA B 82 -11.02 -41.18 25.64
CA ALA B 82 -12.41 -41.08 26.08
C ALA B 82 -13.15 -42.39 25.87
N GLN B 83 -12.82 -43.12 24.80
CA GLN B 83 -13.39 -44.44 24.56
C GLN B 83 -12.98 -45.41 25.68
N LEU B 84 -11.77 -45.21 26.21
CA LEU B 84 -11.19 -46.04 27.25
C LEU B 84 -11.56 -45.60 28.67
N GLY B 85 -12.25 -44.46 28.81
CA GLY B 85 -12.78 -44.05 30.10
C GLY B 85 -12.27 -42.74 30.70
N ILE B 86 -11.34 -42.08 30.04
CA ILE B 86 -10.85 -40.80 30.53
C ILE B 86 -11.98 -39.78 30.39
N ARG B 87 -12.21 -39.02 31.45
CA ARG B 87 -13.22 -37.96 31.48
C ARG B 87 -12.66 -36.57 31.81
N THR B 88 -11.42 -36.52 32.31
CA THR B 88 -10.75 -35.26 32.60
C THR B 88 -9.43 -35.22 31.85
N PHE B 89 -9.15 -34.08 31.20
CA PHE B 89 -7.98 -33.92 30.36
C PHE B 89 -7.24 -32.64 30.75
N LEU B 90 -5.94 -32.74 31.07
CA LEU B 90 -5.11 -31.55 31.38
C LEU B 90 -3.93 -31.43 30.42
N ARG B 91 -4.01 -30.47 29.52
CA ARG B 91 -2.87 -30.20 28.66
C ARG B 91 -1.81 -29.40 29.41
N ILE B 92 -0.57 -29.86 29.27
CA ILE B 92 0.60 -29.14 29.72
C ILE B 92 1.46 -28.91 28.48
N GLY B 93 1.76 -27.64 28.19
CA GLY B 93 2.39 -27.27 26.94
C GLY B 93 3.51 -26.26 27.10
N THR B 94 4.05 -25.83 25.95
CA THR B 94 4.98 -24.70 25.87
C THR B 94 4.33 -23.64 25.01
N THR B 95 4.69 -22.38 25.23
CA THR B 95 3.98 -21.30 24.58
C THR B 95 4.84 -20.06 24.40
N GLY B 96 4.48 -19.22 23.43
CA GLY B 96 5.08 -17.91 23.26
C GLY B 96 4.10 -16.84 23.73
N ALA B 97 4.51 -16.03 24.70
CA ALA B 97 3.73 -14.89 25.15
C ALA B 97 3.80 -13.73 24.14
N ILE B 98 2.71 -12.99 24.01
CA ILE B 98 2.67 -11.83 23.12
C ILE B 98 2.48 -10.53 23.90
N GLN B 99 2.41 -10.62 25.23
CA GLN B 99 2.22 -9.45 26.07
C GLN B 99 3.57 -9.10 26.71
N PRO B 100 3.89 -7.80 26.77
CA PRO B 100 5.20 -7.35 27.28
C PRO B 100 5.50 -7.66 28.75
N HIS B 101 4.48 -7.78 29.58
CA HIS B 101 4.65 -8.06 31.01
C HIS B 101 4.76 -9.56 31.35
N ILE B 102 4.57 -10.44 30.37
CA ILE B 102 4.65 -11.88 30.60
C ILE B 102 6.06 -12.35 30.25
N ASN B 103 6.79 -12.85 31.24
CA ASN B 103 8.18 -13.26 31.07
C ASN B 103 8.35 -14.74 30.71
N VAL B 104 9.50 -15.04 30.12
CA VAL B 104 9.93 -16.42 29.94
C VAL B 104 10.03 -17.04 31.35
N GLY B 105 9.56 -18.27 31.51
CA GLY B 105 9.49 -18.94 32.81
C GLY B 105 8.13 -18.83 33.50
N ASP B 106 7.33 -17.85 33.08
CA ASP B 106 5.99 -17.68 33.63
C ASP B 106 5.09 -18.83 33.21
N VAL B 107 4.04 -19.05 34.01
CA VAL B 107 3.06 -20.11 33.76
C VAL B 107 1.72 -19.48 33.43
N LEU B 108 1.12 -19.91 32.34
CA LEU B 108 -0.14 -19.37 31.84
C LEU B 108 -1.22 -20.43 31.93
N VAL B 109 -2.37 -20.07 32.50
CA VAL B 109 -3.54 -20.93 32.58
C VAL B 109 -4.62 -20.36 31.67
N THR B 110 -5.08 -21.18 30.72
CA THR B 110 -6.01 -20.73 29.70
C THR B 110 -7.46 -20.97 30.12
N THR B 111 -8.20 -19.87 30.30
CA THR B 111 -9.62 -19.91 30.56
C THR B 111 -10.40 -20.32 29.32
N ALA B 112 -9.99 -19.78 28.17
CA ALA B 112 -10.63 -20.07 26.88
C ALA B 112 -9.68 -19.67 25.75
N SER B 113 -9.92 -20.19 24.54
CA SER B 113 -8.98 -20.07 23.42
C SER B 113 -9.62 -19.39 22.22
N VAL B 114 -8.84 -18.53 21.55
CA VAL B 114 -9.20 -18.05 20.23
C VAL B 114 -8.96 -19.21 19.27
N ARG B 115 -10.00 -19.64 18.56
CA ARG B 115 -9.96 -20.82 17.69
C ARG B 115 -9.37 -20.49 16.31
N LEU B 116 -8.05 -20.60 16.20
CA LEU B 116 -7.37 -20.44 14.91
C LEU B 116 -6.97 -21.81 14.36
N ASP B 117 -7.84 -22.79 14.57
CA ASP B 117 -7.62 -24.16 14.12
C ASP B 117 -8.76 -24.64 13.20
N GLY B 118 -8.59 -25.82 12.61
CA GLY B 118 -9.65 -26.47 11.86
C GLY B 118 -10.37 -27.60 12.61
N ALA B 119 -9.69 -28.24 13.54
CA ALA B 119 -10.23 -29.46 14.14
C ALA B 119 -11.43 -29.15 15.04
N SER B 120 -11.39 -28.04 15.77
CA SER B 120 -12.50 -27.65 16.63
C SER B 120 -13.82 -27.54 15.85
N LEU B 121 -13.74 -27.12 14.60
CA LEU B 121 -14.91 -27.01 13.72
C LEU B 121 -15.52 -28.37 13.36
N HIS B 122 -14.78 -29.44 13.57
CA HIS B 122 -15.29 -30.77 13.33
C HIS B 122 -16.13 -31.26 14.51
N PHE B 123 -16.13 -30.49 15.61
CA PHE B 123 -16.94 -30.79 16.79
C PHE B 123 -18.01 -29.75 17.10
N ALA B 124 -17.72 -28.49 16.82
CA ALA B 124 -18.69 -27.43 17.08
C ALA B 124 -18.40 -26.26 16.16
N PRO B 125 -19.45 -25.58 15.73
CA PRO B 125 -19.29 -24.43 14.84
C PRO B 125 -18.56 -23.31 15.57
N LEU B 126 -17.98 -22.36 14.84
CA LEU B 126 -17.06 -21.34 15.37
C LEU B 126 -17.59 -20.52 16.53
N GLU B 127 -18.91 -20.32 16.56
CA GLU B 127 -19.58 -19.56 17.60
C GLU B 127 -19.49 -20.21 18.98
N PHE B 128 -19.28 -21.52 19.03
CA PHE B 128 -19.12 -22.24 20.29
C PHE B 128 -17.81 -21.86 20.93
N PRO B 129 -17.80 -21.53 22.23
CA PRO B 129 -16.58 -21.07 22.89
C PRO B 129 -15.64 -22.22 23.21
N ALA B 130 -14.37 -22.09 22.83
CA ALA B 130 -13.36 -23.04 23.27
C ALA B 130 -13.04 -22.74 24.72
N VAL B 131 -13.97 -23.09 25.63
CA VAL B 131 -13.84 -22.74 27.05
C VAL B 131 -13.36 -23.92 27.90
N ALA B 132 -12.45 -23.64 28.82
CA ALA B 132 -11.98 -24.67 29.75
C ALA B 132 -13.01 -24.91 30.86
N ASP B 133 -13.03 -26.13 31.35
CA ASP B 133 -13.82 -26.54 32.50
C ASP B 133 -13.40 -25.76 33.76
N PHE B 134 -14.38 -25.28 34.52
CA PHE B 134 -14.13 -24.40 35.65
C PHE B 134 -13.33 -25.07 36.76
N GLU B 135 -13.62 -26.34 37.03
CA GLU B 135 -12.92 -27.06 38.09
C GLU B 135 -11.47 -27.33 37.69
N CYS B 136 -11.23 -27.70 36.43
CA CYS B 136 -9.87 -27.91 35.94
C CYS B 136 -9.05 -26.63 35.99
N THR B 137 -9.65 -25.53 35.54
CA THR B 137 -9.01 -24.22 35.54
C THR B 137 -8.73 -23.78 36.98
N THR B 138 -9.70 -23.98 37.87
CA THR B 138 -9.53 -23.68 39.29
C THR B 138 -8.38 -24.48 39.88
N ALA B 139 -8.28 -25.76 39.49
CA ALA B 139 -7.24 -26.68 39.97
C ALA B 139 -5.85 -26.23 39.51
N LEU B 140 -5.74 -25.71 38.29
CA LEU B 140 -4.45 -25.27 37.74
C LEU B 140 -3.98 -23.98 38.40
N VAL B 141 -4.89 -23.04 38.63
CA VAL B 141 -4.59 -21.76 39.26
C VAL B 141 -4.16 -21.94 40.72
N GLU B 142 -4.89 -22.79 41.45
CA GLU B 142 -4.56 -23.07 42.84
C GLU B 142 -3.24 -23.86 42.92
N ALA B 143 -3.04 -24.75 41.95
CA ALA B 143 -1.81 -25.54 41.90
C ALA B 143 -0.61 -24.62 41.72
N ALA B 144 -0.71 -23.72 40.74
CA ALA B 144 0.35 -22.76 40.45
C ALA B 144 0.68 -21.90 41.67
N LYS B 145 -0.35 -21.43 42.38
CA LYS B 145 -0.16 -20.61 43.57
C LYS B 145 0.61 -21.36 44.66
N SER B 146 0.33 -22.65 44.81
CA SER B 146 0.86 -23.44 45.92
C SER B 146 2.31 -23.88 45.71
N ILE B 147 2.76 -23.93 44.46
CA ILE B 147 4.17 -24.25 44.20
C ILE B 147 5.03 -23.00 43.93
N GLY B 148 4.40 -21.83 43.83
CA GLY B 148 5.12 -20.57 43.81
C GLY B 148 5.07 -19.73 42.55
N ALA B 149 4.91 -20.38 41.39
CA ALA B 149 5.02 -19.73 40.06
C ALA B 149 4.41 -18.34 39.91
N THR B 150 5.00 -17.51 39.07
CA THR B 150 4.35 -16.26 38.65
C THR B 150 3.46 -16.59 37.44
N THR B 151 2.15 -16.41 37.63
CA THR B 151 1.12 -17.01 36.82
C THR B 151 0.23 -15.94 36.21
N HIS B 152 -0.27 -16.19 35.01
CA HIS B 152 -1.22 -15.28 34.36
C HIS B 152 -2.37 -16.11 33.86
N VAL B 153 -3.58 -15.58 33.99
CA VAL B 153 -4.82 -16.31 33.71
C VAL B 153 -5.61 -15.55 32.65
N GLY B 154 -5.91 -16.20 31.53
CA GLY B 154 -6.59 -15.51 30.44
C GLY B 154 -6.78 -16.28 29.14
N VAL B 155 -7.10 -15.53 28.10
CA VAL B 155 -7.37 -16.06 26.78
C VAL B 155 -6.05 -16.36 26.06
N THR B 156 -6.07 -17.40 25.23
CA THR B 156 -4.91 -17.86 24.47
C THR B 156 -5.31 -18.01 23.00
N ALA B 157 -4.47 -17.60 22.06
CA ALA B 157 -4.72 -17.85 20.64
C ALA B 157 -4.10 -19.18 20.22
N SER B 158 -4.92 -20.04 19.63
CA SER B 158 -4.53 -21.43 19.37
C SER B 158 -4.57 -21.66 17.87
N SER B 159 -3.39 -21.90 17.29
CA SER B 159 -3.14 -21.79 15.86
C SER B 159 -2.73 -23.12 15.24
N ASP B 160 -3.27 -23.42 14.06
CA ASP B 160 -2.90 -24.64 13.34
C ASP B 160 -1.50 -24.57 12.74
N THR B 161 -0.88 -23.38 12.72
CA THR B 161 0.54 -23.28 12.34
C THR B 161 1.40 -22.70 13.45
N PHE B 162 2.69 -22.97 13.32
CA PHE B 162 3.71 -22.35 14.16
C PHE B 162 4.17 -21.05 13.53
N TYR B 163 4.22 -21.00 12.20
CA TYR B 163 4.83 -19.85 11.55
C TYR B 163 3.81 -18.76 11.16
N PRO B 164 3.05 -18.87 10.07
CA PRO B 164 2.23 -17.73 9.63
C PRO B 164 1.04 -17.38 10.53
N GLY B 165 0.45 -18.36 11.21
CA GLY B 165 -0.70 -18.13 12.08
C GLY B 165 -0.30 -17.48 13.41
N GLN B 166 1.00 -17.50 13.70
CA GLN B 166 1.55 -16.81 14.84
C GLN B 166 2.36 -15.60 14.38
N GLU B 167 2.09 -15.19 13.14
CA GLU B 167 2.77 -14.06 12.50
C GLU B 167 4.28 -14.03 12.69
N ARG B 168 4.93 -15.13 12.30
CA ARG B 168 6.38 -15.19 12.19
C ARG B 168 6.70 -14.92 10.74
N TYR B 169 7.70 -14.05 10.53
CA TYR B 169 8.14 -13.56 9.23
C TYR B 169 9.52 -14.05 8.87
N ASP B 170 10.24 -14.63 9.83
CA ASP B 170 11.59 -15.17 9.57
C ASP B 170 11.45 -16.62 9.12
N THR B 171 11.09 -16.77 7.86
CA THR B 171 10.63 -18.04 7.30
C THR B 171 11.09 -18.17 5.85
N TYR B 172 10.95 -19.37 5.29
CA TYR B 172 11.28 -19.58 3.90
C TYR B 172 10.79 -18.44 3.00
N SER B 173 9.53 -18.04 3.14
CA SER B 173 8.94 -17.07 2.22
C SER B 173 8.99 -15.61 2.70
N GLY B 174 9.06 -15.39 4.01
CA GLY B 174 9.11 -14.05 4.56
C GLY B 174 7.77 -13.32 4.61
N ARG B 175 6.68 -13.98 4.23
CA ARG B 175 5.37 -13.33 4.13
C ARG B 175 4.31 -14.08 4.90
N VAL B 176 3.24 -13.36 5.21
CA VAL B 176 2.09 -13.92 5.91
C VAL B 176 0.84 -13.55 5.11
N VAL B 177 -0.05 -14.53 4.98
CA VAL B 177 -1.25 -14.40 4.22
C VAL B 177 -2.09 -13.24 4.83
N ARG B 178 -2.90 -12.58 4.02
CA ARG B 178 -3.64 -11.39 4.47
C ARG B 178 -4.41 -11.58 5.78
N HIS B 179 -5.19 -12.65 5.83
CA HIS B 179 -5.98 -12.97 7.03
C HIS B 179 -5.19 -12.79 8.33
N PHE B 180 -3.92 -13.22 8.34
CA PHE B 180 -3.08 -13.15 9.56
C PHE B 180 -2.10 -11.98 9.65
N LYS B 181 -1.97 -11.18 8.61
CA LYS B 181 -1.17 -9.95 8.65
C LYS B 181 -1.79 -8.99 9.65
N GLY B 182 -0.99 -8.48 10.60
CA GLY B 182 -1.47 -7.59 11.63
C GLY B 182 -2.26 -8.30 12.72
N SER B 183 -2.37 -9.62 12.67
CA SER B 183 -3.23 -10.36 13.61
C SER B 183 -2.68 -10.38 15.02
N MET B 184 -1.37 -10.56 15.18
CA MET B 184 -0.77 -10.61 16.51
C MET B 184 -1.05 -9.33 17.30
N GLU B 185 -0.89 -8.18 16.65
CA GLU B 185 -1.15 -6.89 17.27
C GLU B 185 -2.59 -6.80 17.77
N GLU B 186 -3.54 -7.31 16.97
CA GLU B 186 -4.95 -7.26 17.35
C GLU B 186 -5.26 -8.16 18.56
N TRP B 187 -4.75 -9.40 18.57
CA TRP B 187 -4.91 -10.27 19.74
C TRP B 187 -4.28 -9.58 20.97
N GLN B 188 -3.17 -8.87 20.74
CA GLN B 188 -2.47 -8.17 21.81
C GLN B 188 -3.35 -7.10 22.44
N ALA B 189 -3.98 -6.29 21.60
CA ALA B 189 -4.88 -5.23 22.06
C ALA B 189 -6.09 -5.81 22.79
N MET B 190 -6.45 -7.04 22.43
CA MET B 190 -7.60 -7.75 23.00
C MET B 190 -7.25 -8.53 24.27
N GLY B 191 -6.06 -8.31 24.81
CA GLY B 191 -5.62 -8.92 26.04
C GLY B 191 -5.18 -10.37 25.94
N VAL B 192 -5.02 -10.90 24.72
CA VAL B 192 -4.65 -12.31 24.56
C VAL B 192 -3.22 -12.46 25.04
N MET B 193 -2.96 -13.56 25.76
CA MET B 193 -1.72 -13.76 26.51
C MET B 193 -0.61 -14.33 25.66
N ASN B 194 -0.95 -15.26 24.78
CA ASN B 194 0.04 -16.17 24.21
C ASN B 194 -0.47 -16.93 22.99
N TYR B 195 0.45 -17.60 22.30
CA TYR B 195 0.12 -18.52 21.23
C TYR B 195 0.54 -19.93 21.63
N GLU B 196 -0.32 -20.88 21.33
CA GLU B 196 0.10 -22.28 21.22
C GLU B 196 -0.78 -22.95 20.14
N MET B 197 -0.84 -24.28 20.08
CA MET B 197 -1.37 -24.96 18.90
C MET B 197 -2.47 -26.03 19.14
N GLU B 198 -2.66 -26.50 20.36
CA GLU B 198 -3.60 -27.60 20.62
C GLU B 198 -4.85 -27.25 21.42
N SER B 199 -4.82 -26.18 22.20
CA SER B 199 -5.88 -25.90 23.16
C SER B 199 -7.25 -25.63 22.54
N ALA B 200 -7.30 -24.97 21.38
CA ALA B 200 -8.61 -24.74 20.76
C ALA B 200 -9.34 -26.06 20.48
N THR B 201 -8.61 -27.05 19.98
CA THR B 201 -9.20 -28.34 19.67
C THR B 201 -9.59 -29.07 20.93
N LEU B 202 -8.64 -29.21 21.83
CA LEU B 202 -8.88 -29.88 23.10
C LEU B 202 -10.10 -29.33 23.83
N LEU B 203 -10.09 -28.02 24.07
CA LEU B 203 -11.11 -27.37 24.88
C LEU B 203 -12.48 -27.41 24.23
N THR B 204 -12.53 -27.21 22.91
CA THR B 204 -13.82 -27.24 22.19
C THR B 204 -14.42 -28.64 22.14
N MET B 205 -13.58 -29.65 21.93
CA MET B 205 -14.07 -31.01 21.78
C MET B 205 -14.48 -31.62 23.12
N CYS B 206 -13.91 -31.13 24.21
CA CYS B 206 -14.26 -31.60 25.53
C CYS B 206 -15.52 -30.89 26.04
N ALA B 207 -15.57 -29.58 25.82
CA ALA B 207 -16.66 -28.76 26.33
C ALA B 207 -17.98 -29.04 25.62
N SER B 208 -17.90 -29.60 24.42
CA SER B 208 -19.07 -29.92 23.59
C SER B 208 -19.46 -31.40 23.66
N GLN B 209 -18.70 -32.21 24.40
CA GLN B 209 -19.02 -33.63 24.58
C GLN B 209 -19.11 -34.07 26.05
N GLY B 210 -19.20 -33.10 26.97
CA GLY B 210 -19.33 -33.40 28.39
C GLY B 210 -18.05 -33.86 29.09
N LEU B 211 -16.89 -33.62 28.47
CA LEU B 211 -15.61 -33.93 29.11
C LEU B 211 -14.97 -32.69 29.74
N ARG B 212 -14.31 -32.87 30.87
CA ARG B 212 -13.64 -31.77 31.58
C ARG B 212 -12.22 -31.60 31.03
N ALA B 213 -11.84 -30.36 30.78
CA ALA B 213 -10.51 -30.09 30.24
C ALA B 213 -9.91 -28.82 30.80
N GLY B 214 -8.60 -28.83 30.97
CA GLY B 214 -7.86 -27.67 31.44
C GLY B 214 -6.60 -27.52 30.63
N MET B 215 -5.97 -26.36 30.74
CA MET B 215 -4.82 -26.01 29.92
C MET B 215 -3.87 -25.07 30.65
N VAL B 216 -2.61 -25.49 30.76
CA VAL B 216 -1.55 -24.70 31.32
C VAL B 216 -0.30 -24.86 30.43
N ALA B 217 0.46 -23.78 30.24
CA ALA B 217 1.68 -23.82 29.44
C ALA B 217 2.79 -22.97 30.06
N GLY B 218 4.03 -23.33 29.77
CA GLY B 218 5.19 -22.60 30.23
C GLY B 218 5.71 -21.72 29.11
N VAL B 219 6.07 -20.49 29.44
CA VAL B 219 6.45 -19.49 28.46
C VAL B 219 7.93 -19.71 28.15
N ILE B 220 8.21 -20.03 26.89
CA ILE B 220 9.59 -20.24 26.47
C ILE B 220 10.08 -19.11 25.57
N VAL B 221 9.18 -18.21 25.19
CA VAL B 221 9.58 -17.05 24.40
C VAL B 221 8.54 -15.95 24.52
N ASN B 222 9.02 -14.70 24.41
CA ASN B 222 8.17 -13.52 24.35
C ASN B 222 8.32 -12.88 22.97
N ARG B 223 7.21 -12.80 22.24
CA ARG B 223 7.18 -12.36 20.85
C ARG B 223 7.41 -10.85 20.63
N THR B 224 7.45 -10.06 21.71
CA THR B 224 7.87 -8.66 21.65
C THR B 224 9.37 -8.53 21.75
N GLN B 225 10.07 -9.66 21.83
CA GLN B 225 11.52 -9.69 21.81
C GLN B 225 12.06 -10.48 20.61
N GLN B 226 11.56 -11.70 20.41
CA GLN B 226 12.10 -12.64 19.42
C GLN B 226 11.01 -13.50 18.79
N GLU B 227 11.28 -14.02 17.60
CA GLU B 227 10.43 -15.05 17.00
C GLU B 227 10.69 -16.45 17.57
N ILE B 228 11.96 -16.83 17.70
CA ILE B 228 12.35 -18.20 17.99
C ILE B 228 12.90 -18.32 19.42
N PRO B 229 12.40 -19.28 20.20
CA PRO B 229 12.86 -19.44 21.59
C PRO B 229 14.35 -19.75 21.74
N ASN B 230 14.96 -19.23 22.80
CA ASN B 230 16.33 -19.59 23.20
C ASN B 230 16.32 -20.99 23.81
N ALA B 231 17.39 -21.75 23.59
CA ALA B 231 17.45 -23.11 24.15
C ALA B 231 17.75 -23.12 25.66
N GLU B 232 18.52 -22.13 26.15
CA GLU B 232 19.15 -22.19 27.49
C GLU B 232 18.21 -22.25 28.73
N THR B 233 16.96 -21.88 28.54
CA THR B 233 16.03 -21.82 29.66
C THR B 233 14.74 -22.65 29.43
N MET B 234 14.64 -23.29 28.27
CA MET B 234 13.48 -24.11 27.90
C MET B 234 13.21 -25.26 28.88
N LYS B 235 14.26 -25.99 29.24
CA LYS B 235 14.16 -27.17 30.13
C LYS B 235 13.66 -26.85 31.54
N GLN B 236 14.17 -25.74 32.10
CA GLN B 236 13.75 -25.24 33.42
C GLN B 236 12.25 -24.90 33.45
N THR B 237 11.78 -24.23 32.40
CA THR B 237 10.38 -23.81 32.30
C THR B 237 9.45 -25.03 32.19
N GLU B 238 9.89 -26.02 31.42
CA GLU B 238 9.15 -27.27 31.20
C GLU B 238 8.83 -28.05 32.49
N SER B 239 9.84 -28.21 33.35
CA SER B 239 9.68 -28.91 34.64
C SER B 239 8.80 -28.13 35.61
N HIS B 240 8.80 -26.80 35.48
CA HIS B 240 8.00 -25.91 36.31
C HIS B 240 6.50 -26.12 36.04
N ALA B 241 6.13 -26.11 34.76
CA ALA B 241 4.75 -26.36 34.36
C ALA B 241 4.30 -27.79 34.68
N VAL B 242 5.20 -28.74 34.47
CA VAL B 242 4.91 -30.15 34.71
C VAL B 242 4.58 -30.40 36.19
N LYS B 243 5.33 -29.75 37.08
CA LYS B 243 5.06 -29.83 38.53
C LYS B 243 3.65 -29.36 38.84
N ILE B 244 3.24 -28.27 38.17
CA ILE B 244 1.93 -27.65 38.39
C ILE B 244 0.78 -28.48 37.86
N VAL B 245 0.95 -29.09 36.69
CA VAL B 245 -0.11 -29.92 36.12
C VAL B 245 -0.34 -31.18 36.97
N VAL B 246 0.75 -31.74 37.51
CA VAL B 246 0.67 -32.95 38.33
C VAL B 246 -0.07 -32.66 39.64
N GLU B 247 0.28 -31.53 40.27
CA GLU B 247 -0.41 -31.04 41.47
C GLU B 247 -1.90 -30.72 41.22
N ALA B 248 -2.21 -30.22 40.03
CA ALA B 248 -3.59 -29.89 39.67
C ALA B 248 -4.41 -31.16 39.50
N ALA B 249 -3.82 -32.17 38.87
CA ALA B 249 -4.43 -33.48 38.72
C ALA B 249 -4.84 -34.08 40.07
N ARG B 250 -4.02 -33.79 41.07
CA ARG B 250 -4.20 -34.26 42.43
C ARG B 250 -5.49 -33.72 43.07
N ARG B 251 -5.82 -32.47 42.79
CA ARG B 251 -7.06 -31.88 43.31
C ARG B 251 -8.28 -32.20 42.45
N LEU B 252 -8.11 -32.99 41.41
CA LEU B 252 -9.19 -33.33 40.48
C LEU B 252 -9.59 -34.80 40.51
N LEU B 253 -8.98 -35.59 41.40
CA LEU B 253 -9.26 -37.02 41.45
C LEU B 253 -10.63 -37.28 42.05
N SER C 4 -24.00 16.07 31.27
CA SER C 4 -23.82 14.59 31.08
C SER C 4 -22.55 14.26 30.23
N ASP C 5 -21.71 13.35 30.74
CA ASP C 5 -20.47 12.95 30.06
C ASP C 5 -20.61 11.80 29.07
N VAL C 6 -21.83 11.29 28.87
CA VAL C 6 -22.09 10.18 27.94
C VAL C 6 -23.40 10.41 27.18
N PHE C 7 -23.52 9.83 25.99
CA PHE C 7 -24.63 10.20 25.12
C PHE C 7 -26.00 9.60 25.52
N HIS C 8 -26.02 8.37 26.04
CA HIS C 8 -27.28 7.66 26.30
C HIS C 8 -27.68 7.54 27.77
N LEU C 9 -26.73 7.28 28.66
CA LEU C 9 -27.07 6.90 30.04
C LEU C 9 -27.54 8.05 30.91
N GLY C 10 -27.06 9.26 30.58
CA GLY C 10 -27.42 10.47 31.30
C GLY C 10 -26.74 10.59 32.63
N LEU C 11 -25.45 10.25 32.65
CA LEU C 11 -24.65 10.21 33.87
C LEU C 11 -23.35 10.99 33.69
N THR C 12 -22.74 11.40 34.81
CA THR C 12 -21.37 11.94 34.83
C THR C 12 -20.44 11.05 35.65
N LYS C 13 -19.14 11.24 35.45
CA LYS C 13 -18.11 10.57 36.26
C LYS C 13 -18.38 10.79 37.75
N ASN C 14 -18.70 12.04 38.09
CA ASN C 14 -19.09 12.47 39.43
C ASN C 14 -20.17 11.63 40.10
N ASP C 15 -21.23 11.32 39.33
CA ASP C 15 -22.35 10.55 39.82
C ASP C 15 -21.95 9.17 40.32
N LEU C 16 -20.90 8.61 39.76
CA LEU C 16 -20.46 7.29 40.18
C LEU C 16 -19.78 7.32 41.56
N GLN C 17 -19.30 8.49 41.97
CA GLN C 17 -18.59 8.65 43.25
C GLN C 17 -17.47 7.62 43.41
N GLY C 18 -16.75 7.37 42.33
CA GLY C 18 -15.63 6.42 42.32
C GLY C 18 -16.02 4.94 42.16
N ALA C 19 -17.29 4.65 41.90
CA ALA C 19 -17.71 3.28 41.62
C ALA C 19 -16.87 2.68 40.50
N THR C 20 -16.43 1.44 40.69
CA THR C 20 -15.77 0.68 39.61
C THR C 20 -16.47 -0.61 39.22
N LEU C 21 -17.55 -0.98 39.92
CA LEU C 21 -18.30 -2.19 39.62
C LEU C 21 -19.78 -1.87 39.40
N ALA C 22 -20.36 -2.47 38.37
CA ALA C 22 -21.77 -2.28 38.05
C ALA C 22 -22.47 -3.62 37.92
N ILE C 23 -23.65 -3.74 38.51
CA ILE C 23 -24.51 -4.89 38.32
C ILE C 23 -25.49 -4.49 37.24
N VAL C 24 -25.60 -5.30 36.19
CA VAL C 24 -26.36 -4.91 35.01
C VAL C 24 -27.49 -5.90 34.70
N PRO C 25 -28.68 -5.65 35.23
CA PRO C 25 -29.86 -6.43 34.82
C PRO C 25 -30.38 -5.95 33.46
N GLY C 26 -31.24 -6.73 32.82
CA GLY C 26 -31.81 -6.35 31.54
C GLY C 26 -33.02 -5.42 31.67
N ASP C 27 -33.82 -5.65 32.71
CA ASP C 27 -35.06 -4.91 32.92
C ASP C 27 -34.79 -3.64 33.73
N PRO C 28 -35.09 -2.46 33.20
CA PRO C 28 -34.96 -1.23 33.97
C PRO C 28 -35.78 -1.21 35.26
N ASP C 29 -36.91 -1.91 35.30
CA ASP C 29 -37.76 -2.01 36.49
C ASP C 29 -37.15 -2.85 37.61
N ARG C 30 -36.13 -3.64 37.31
CA ARG C 30 -35.47 -4.51 38.28
C ARG C 30 -34.33 -3.77 39.02
N VAL C 31 -33.97 -2.58 38.54
CA VAL C 31 -32.79 -1.90 39.04
C VAL C 31 -33.01 -1.39 40.45
N GLU C 32 -34.18 -0.82 40.74
CA GLU C 32 -34.49 -0.37 42.10
C GLU C 32 -34.48 -1.51 43.11
N LYS C 33 -34.97 -2.68 42.69
CA LYS C 33 -35.06 -3.85 43.55
C LYS C 33 -33.69 -4.36 43.96
N ILE C 34 -32.75 -4.33 43.03
CA ILE C 34 -31.41 -4.80 43.29
C ILE C 34 -30.67 -3.82 44.18
N ALA C 35 -30.82 -2.53 43.90
CA ALA C 35 -30.14 -1.50 44.66
C ALA C 35 -30.64 -1.44 46.11
N ALA C 36 -31.89 -1.85 46.32
CA ALA C 36 -32.53 -1.77 47.64
C ALA C 36 -31.97 -2.81 48.61
N LEU C 37 -31.33 -3.86 48.08
CA LEU C 37 -30.55 -4.79 48.91
C LEU C 37 -29.26 -4.20 49.45
N MET C 38 -28.77 -3.11 48.86
CA MET C 38 -27.52 -2.46 49.29
C MET C 38 -27.76 -1.21 50.16
N ASP C 39 -26.69 -0.59 50.66
CA ASP C 39 -26.79 0.60 51.53
C ASP C 39 -26.91 1.91 50.76
N LYS C 40 -27.73 2.83 51.28
CA LYS C 40 -27.88 4.19 50.74
C LYS C 40 -28.22 4.23 49.25
N PRO C 41 -29.26 3.48 48.85
CA PRO C 41 -29.68 3.45 47.44
C PRO C 41 -30.22 4.80 46.96
N VAL C 42 -29.94 5.13 45.71
CA VAL C 42 -30.23 6.44 45.14
C VAL C 42 -30.40 6.33 43.62
N LYS C 43 -31.55 6.73 43.08
CA LYS C 43 -31.77 6.80 41.63
C LYS C 43 -30.92 7.93 41.01
N LEU C 44 -30.12 7.58 40.01
CA LEU C 44 -29.31 8.57 39.29
C LEU C 44 -29.99 9.07 38.03
N ALA C 45 -30.47 8.16 37.20
CA ALA C 45 -31.08 8.53 35.93
C ALA C 45 -31.85 7.40 35.26
N SER C 46 -32.72 7.78 34.33
CA SER C 46 -33.33 6.83 33.42
C SER C 46 -33.68 7.54 32.11
N HIS C 47 -33.07 7.06 31.03
CA HIS C 47 -33.40 7.48 29.67
C HIS C 47 -33.48 6.23 28.82
N ARG C 48 -34.55 6.13 28.04
CA ARG C 48 -34.82 4.93 27.26
C ARG C 48 -34.83 3.71 28.20
N GLU C 49 -34.13 2.64 27.83
CA GLU C 49 -34.12 1.40 28.60
C GLU C 49 -33.07 1.37 29.71
N PHE C 50 -32.32 2.45 29.86
CA PHE C 50 -31.20 2.52 30.80
C PHE C 50 -31.61 3.25 32.06
N THR C 51 -31.95 2.50 33.11
CA THR C 51 -32.21 3.08 34.41
C THR C 51 -31.00 2.74 35.28
N THR C 52 -30.41 3.77 35.89
CA THR C 52 -29.21 3.62 36.73
C THR C 52 -29.50 4.05 38.16
N TRP C 53 -29.03 3.25 39.12
CA TRP C 53 -29.04 3.62 40.53
C TRP C 53 -27.62 3.47 41.08
N ARG C 54 -27.30 4.25 42.11
CA ARG C 54 -26.09 4.07 42.90
C ARG C 54 -26.48 3.54 44.28
N ALA C 55 -25.68 2.63 44.80
CA ALA C 55 -25.79 2.19 46.19
C ALA C 55 -24.39 2.04 46.76
N GLU C 56 -24.31 1.39 47.91
CA GLU C 56 -23.05 1.15 48.57
C GLU C 56 -23.07 -0.26 49.15
N LEU C 57 -21.98 -0.98 48.96
CA LEU C 57 -21.86 -2.35 49.41
C LEU C 57 -20.52 -2.42 50.16
N ASP C 58 -20.60 -2.68 51.45
CA ASP C 58 -19.44 -2.61 52.36
C ASP C 58 -18.76 -1.24 52.31
N GLY C 59 -19.55 -0.18 52.24
CA GLY C 59 -19.02 1.18 52.21
C GLY C 59 -18.30 1.61 50.94
N LYS C 60 -18.42 0.84 49.86
CA LYS C 60 -17.86 1.22 48.56
C LYS C 60 -19.02 1.47 47.59
N PRO C 61 -18.95 2.54 46.81
CA PRO C 61 -20.03 2.86 45.86
C PRO C 61 -20.07 1.83 44.76
N VAL C 62 -21.28 1.48 44.34
CA VAL C 62 -21.54 0.45 43.33
C VAL C 62 -22.71 0.91 42.46
N ILE C 63 -22.63 0.59 41.17
CA ILE C 63 -23.66 0.98 40.20
C ILE C 63 -24.54 -0.22 39.87
N VAL C 64 -25.84 0.04 39.72
CA VAL C 64 -26.77 -0.89 39.11
C VAL C 64 -27.39 -0.15 37.92
N CYS C 65 -27.31 -0.74 36.73
CA CYS C 65 -27.75 -0.06 35.52
C CYS C 65 -28.30 -1.06 34.53
N SER C 66 -29.53 -0.83 34.05
CA SER C 66 -30.15 -1.74 33.09
C SER C 66 -29.61 -1.61 31.67
N THR C 67 -29.63 -2.72 30.95
CA THR C 67 -29.09 -2.81 29.59
C THR C 67 -30.19 -2.84 28.53
N GLY C 68 -31.45 -3.02 28.93
CA GLY C 68 -32.49 -3.38 28.00
C GLY C 68 -32.26 -4.78 27.43
N ILE C 69 -33.14 -5.24 26.56
CA ILE C 69 -32.95 -6.53 25.88
C ILE C 69 -32.04 -6.41 24.66
N GLY C 70 -31.00 -7.23 24.61
CA GLY C 70 -30.19 -7.41 23.43
C GLY C 70 -28.79 -6.85 23.51
N GLY C 71 -27.91 -7.41 22.68
CA GLY C 71 -26.52 -7.01 22.58
C GLY C 71 -26.30 -5.53 22.28
N PRO C 72 -27.04 -4.98 21.32
CA PRO C 72 -26.90 -3.56 21.00
C PRO C 72 -27.09 -2.60 22.17
N SER C 73 -28.19 -2.65 22.89
CA SER C 73 -28.36 -1.69 23.98
C SER C 73 -27.37 -2.02 25.09
N THR C 74 -27.12 -3.31 25.29
CA THR C 74 -26.11 -3.76 26.23
C THR C 74 -24.77 -3.11 25.90
N SER C 75 -24.40 -3.12 24.62
CA SER C 75 -23.09 -2.60 24.20
C SER C 75 -22.95 -1.10 24.44
N ILE C 76 -24.06 -0.38 24.39
CA ILE C 76 -24.07 1.05 24.70
C ILE C 76 -23.84 1.27 26.20
N ALA C 77 -24.51 0.47 27.03
CA ALA C 77 -24.48 0.66 28.46
C ALA C 77 -23.09 0.32 29.01
N VAL C 78 -22.51 -0.76 28.50
CA VAL C 78 -21.20 -1.22 28.96
C VAL C 78 -20.14 -0.19 28.58
N GLU C 79 -20.10 0.21 27.31
CA GLU C 79 -19.16 1.22 26.82
C GLU C 79 -19.24 2.52 27.61
N GLU C 80 -20.44 3.00 27.89
CA GLU C 80 -20.59 4.32 28.48
C GLU C 80 -20.30 4.29 29.99
N LEU C 81 -20.65 3.18 30.64
CA LEU C 81 -20.23 2.93 32.01
C LEU C 81 -18.71 2.80 32.11
N ALA C 82 -18.09 2.21 31.11
CA ALA C 82 -16.64 2.05 31.09
C ALA C 82 -15.93 3.42 30.94
N GLN C 83 -16.47 4.28 30.08
CA GLN C 83 -15.98 5.66 30.00
C GLN C 83 -16.07 6.36 31.36
N LEU C 84 -17.05 5.98 32.17
CA LEU C 84 -17.22 6.57 33.52
C LEU C 84 -16.39 5.94 34.64
N GLY C 85 -15.69 4.83 34.37
CA GLY C 85 -14.79 4.21 35.33
C GLY C 85 -15.14 2.80 35.77
N ILE C 86 -16.22 2.24 35.23
CA ILE C 86 -16.64 0.88 35.58
C ILE C 86 -15.73 -0.11 34.86
N ARG C 87 -15.20 -1.07 35.61
CA ARG C 87 -14.26 -2.06 35.09
C ARG C 87 -14.77 -3.49 35.30
N THR C 88 -15.81 -3.65 36.10
CA THR C 88 -16.36 -4.95 36.44
C THR C 88 -17.86 -4.91 36.21
N PHE C 89 -18.39 -5.83 35.42
CA PHE C 89 -19.81 -5.90 35.10
C PHE C 89 -20.36 -7.29 35.42
N LEU C 90 -21.35 -7.36 36.29
CA LEU C 90 -21.95 -8.62 36.68
C LEU C 90 -23.38 -8.60 36.16
N ARG C 91 -23.67 -9.46 35.20
CA ARG C 91 -25.01 -9.54 34.68
C ARG C 91 -25.86 -10.47 35.55
N ILE C 92 -27.05 -10.01 35.88
CA ILE C 92 -28.09 -10.82 36.55
C ILE C 92 -29.24 -10.89 35.56
N GLY C 93 -29.69 -12.11 35.28
CA GLY C 93 -30.74 -12.31 34.29
C GLY C 93 -31.77 -13.34 34.67
N THR C 94 -32.77 -13.48 33.79
CA THR C 94 -33.72 -14.59 33.78
C THR C 94 -33.38 -15.43 32.57
N THR C 95 -33.78 -16.70 32.58
CA THR C 95 -33.38 -17.59 31.49
C THR C 95 -34.22 -18.84 31.40
N GLY C 96 -34.20 -19.44 30.22
CA GLY C 96 -34.86 -20.72 30.00
C GLY C 96 -33.84 -21.80 29.69
N ALA C 97 -33.78 -22.80 30.58
CA ALA C 97 -32.90 -23.96 30.44
C ALA C 97 -33.34 -24.90 29.33
N ILE C 98 -32.37 -25.52 28.66
CA ILE C 98 -32.64 -26.51 27.61
C ILE C 98 -32.18 -27.94 28.00
N GLN C 99 -31.71 -28.13 29.22
CA GLN C 99 -31.29 -29.44 29.69
C GLN C 99 -32.34 -29.98 30.66
N PRO C 100 -32.75 -31.24 30.51
CA PRO C 100 -33.85 -31.78 31.33
C PRO C 100 -33.56 -31.94 32.83
N HIS C 101 -32.28 -31.97 33.23
CA HIS C 101 -31.89 -32.13 34.64
C HIS C 101 -31.89 -30.82 35.41
N ILE C 102 -32.07 -29.71 34.68
CA ILE C 102 -32.04 -28.36 35.24
C ILE C 102 -33.47 -27.87 35.54
N ASN C 103 -33.78 -27.72 36.82
CA ASN C 103 -35.14 -27.41 37.24
C ASN C 103 -35.38 -25.93 37.36
N VAL C 104 -36.66 -25.56 37.29
CA VAL C 104 -37.07 -24.19 37.55
C VAL C 104 -36.70 -23.94 39.00
N GLY C 105 -36.17 -22.75 39.29
CA GLY C 105 -35.59 -22.46 40.58
C GLY C 105 -34.08 -22.31 40.50
N ASP C 106 -33.44 -23.20 39.74
CA ASP C 106 -31.98 -23.31 39.67
C ASP C 106 -31.28 -22.05 39.20
N VAL C 107 -29.99 -21.98 39.48
CA VAL C 107 -29.16 -20.85 39.10
C VAL C 107 -28.09 -21.35 38.15
N LEU C 108 -27.80 -20.53 37.14
CA LEU C 108 -26.82 -20.85 36.11
C LEU C 108 -25.74 -19.78 36.10
N VAL C 109 -24.52 -20.17 36.41
CA VAL C 109 -23.36 -19.30 36.24
C VAL C 109 -22.76 -19.68 34.92
N THR C 110 -22.60 -18.71 34.03
CA THR C 110 -22.11 -18.92 32.67
C THR C 110 -20.58 -18.75 32.59
N THR C 111 -19.88 -19.78 32.11
CA THR C 111 -18.44 -19.71 31.92
C THR C 111 -18.08 -19.07 30.58
N ALA C 112 -18.90 -19.33 29.56
CA ALA C 112 -18.70 -18.76 28.23
C ALA C 112 -19.96 -18.95 27.39
N SER C 113 -20.08 -18.22 26.28
CA SER C 113 -21.31 -18.23 25.51
C SER C 113 -21.11 -18.62 24.04
N VAL C 114 -22.11 -19.33 23.52
CA VAL C 114 -22.25 -19.53 22.09
C VAL C 114 -22.71 -18.20 21.53
N ARG C 115 -21.93 -17.65 20.60
CA ARG C 115 -22.19 -16.35 20.05
C ARG C 115 -23.18 -16.43 18.88
N LEU C 116 -24.47 -16.44 19.21
CA LEU C 116 -25.54 -16.33 18.22
C LEU C 116 -26.03 -14.88 18.12
N ASP C 117 -25.10 -13.93 18.15
CA ASP C 117 -25.42 -12.52 18.14
C ASP C 117 -24.55 -11.76 17.14
N GLY C 118 -24.91 -10.49 16.92
CA GLY C 118 -24.18 -9.64 15.99
C GLY C 118 -23.18 -8.71 16.67
N ALA C 119 -23.52 -8.20 17.86
CA ALA C 119 -22.73 -7.12 18.45
C ALA C 119 -21.33 -7.58 18.87
N SER C 120 -21.23 -8.83 19.31
CA SER C 120 -19.95 -9.40 19.71
C SER C 120 -18.89 -9.25 18.61
N LEU C 121 -19.30 -9.43 17.35
CA LEU C 121 -18.42 -9.36 16.17
C LEU C 121 -17.85 -7.95 15.88
N HIS C 122 -18.49 -6.96 16.49
CA HIS C 122 -18.05 -5.57 16.41
C HIS C 122 -16.90 -5.30 17.40
N PHE C 123 -16.56 -6.29 18.22
CA PHE C 123 -15.42 -6.20 19.15
C PHE C 123 -14.32 -7.21 18.86
N ALA C 124 -14.71 -8.39 18.37
CA ALA C 124 -13.73 -9.45 18.09
C ALA C 124 -14.32 -10.46 17.11
N PRO C 125 -13.52 -11.03 16.23
CA PRO C 125 -14.04 -11.95 15.23
C PRO C 125 -14.59 -13.19 15.93
N LEU C 126 -15.39 -13.98 15.22
CA LEU C 126 -16.17 -15.08 15.82
C LEU C 126 -15.31 -16.07 16.60
N GLU C 127 -14.10 -16.30 16.13
CA GLU C 127 -13.16 -17.22 16.75
C GLU C 127 -12.82 -16.86 18.21
N PHE C 128 -12.85 -15.57 18.56
CA PHE C 128 -12.62 -15.13 19.95
C PHE C 128 -13.71 -15.71 20.87
N PRO C 129 -13.33 -16.25 22.02
CA PRO C 129 -14.30 -16.85 22.94
C PRO C 129 -15.02 -15.80 23.77
N ALA C 130 -16.34 -15.93 23.86
CA ALA C 130 -17.14 -15.08 24.72
C ALA C 130 -17.04 -15.63 26.13
N VAL C 131 -15.87 -15.45 26.73
CA VAL C 131 -15.56 -16.09 27.99
C VAL C 131 -15.66 -15.08 29.13
N ALA C 132 -16.22 -15.53 30.25
CA ALA C 132 -16.33 -14.73 31.44
C ALA C 132 -15.01 -14.69 32.16
N ASP C 133 -14.80 -13.59 32.87
CA ASP C 133 -13.66 -13.39 33.74
C ASP C 133 -13.66 -14.47 34.82
N PHE C 134 -12.48 -14.95 35.17
CA PHE C 134 -12.34 -16.09 36.05
C PHE C 134 -12.64 -15.73 37.51
N GLU C 135 -12.18 -14.56 37.95
CA GLU C 135 -12.46 -14.09 39.31
C GLU C 135 -13.96 -13.81 39.48
N CYS C 136 -14.59 -13.32 38.42
CA CYS C 136 -16.02 -12.99 38.44
C CYS C 136 -16.83 -14.28 38.57
N THR C 137 -16.49 -15.27 37.76
CA THR C 137 -17.15 -16.57 37.74
C THR C 137 -16.95 -17.34 39.05
N THR C 138 -15.72 -17.29 39.55
CA THR C 138 -15.38 -17.84 40.86
C THR C 138 -16.25 -17.25 41.94
N ALA C 139 -16.40 -15.93 41.91
CA ALA C 139 -17.14 -15.20 42.93
C ALA C 139 -18.65 -15.44 42.83
N LEU C 140 -19.15 -15.72 41.63
CA LEU C 140 -20.55 -16.07 41.44
C LEU C 140 -20.83 -17.50 41.92
N VAL C 141 -19.90 -18.41 41.67
CA VAL C 141 -20.04 -19.79 42.10
C VAL C 141 -20.00 -19.86 43.63
N GLU C 142 -19.07 -19.10 44.23
CA GLU C 142 -18.89 -19.13 45.67
C GLU C 142 -20.05 -18.45 46.40
N ALA C 143 -20.64 -17.44 45.77
CA ALA C 143 -21.82 -16.76 46.32
C ALA C 143 -23.06 -17.65 46.25
N ALA C 144 -23.17 -18.44 45.19
CA ALA C 144 -24.26 -19.39 45.02
C ALA C 144 -24.17 -20.54 46.04
N LYS C 145 -22.94 -20.92 46.38
CA LYS C 145 -22.71 -21.96 47.38
C LYS C 145 -22.99 -21.41 48.77
N SER C 146 -22.85 -20.09 48.93
CA SER C 146 -23.05 -19.43 50.22
C SER C 146 -24.52 -19.37 50.62
N ILE C 147 -25.42 -19.19 49.65
CA ILE C 147 -26.86 -19.18 49.93
C ILE C 147 -27.52 -20.53 49.60
N GLY C 148 -26.74 -21.51 49.17
CA GLY C 148 -27.23 -22.87 48.99
C GLY C 148 -28.24 -23.12 47.87
N ALA C 149 -28.14 -22.34 46.79
CA ALA C 149 -28.90 -22.64 45.56
C ALA C 149 -28.26 -23.83 44.85
N THR C 150 -29.07 -24.61 44.12
CA THR C 150 -28.50 -25.68 43.30
C THR C 150 -28.08 -25.03 42.00
N THR C 151 -26.81 -25.24 41.64
CA THR C 151 -26.12 -24.42 40.67
C THR C 151 -25.55 -25.29 39.56
N HIS C 152 -25.70 -24.82 38.32
CA HIS C 152 -25.02 -25.44 37.18
C HIS C 152 -24.04 -24.43 36.58
N VAL C 153 -22.85 -24.91 36.26
CA VAL C 153 -21.77 -24.09 35.77
C VAL C 153 -21.41 -24.57 34.36
N GLY C 154 -21.51 -23.69 33.38
CA GLY C 154 -21.24 -24.08 32.01
C GLY C 154 -21.58 -23.07 30.93
N VAL C 155 -21.85 -23.59 29.75
CA VAL C 155 -21.97 -22.79 28.55
C VAL C 155 -23.43 -22.39 28.32
N THR C 156 -23.61 -21.16 27.87
CA THR C 156 -24.91 -20.57 27.57
C THR C 156 -24.99 -20.21 26.09
N ALA C 157 -26.15 -20.45 25.46
CA ALA C 157 -26.39 -20.02 24.09
C ALA C 157 -27.04 -18.63 24.12
N SER C 158 -26.40 -17.65 23.47
CA SER C 158 -26.81 -16.24 23.57
C SER C 158 -27.28 -15.76 22.22
N SER C 159 -28.57 -15.48 22.11
CA SER C 159 -29.23 -15.32 20.83
C SER C 159 -29.77 -13.91 20.68
N ASP C 160 -29.64 -13.36 19.49
CA ASP C 160 -30.17 -12.03 19.17
C ASP C 160 -31.69 -12.00 18.98
N THR C 161 -32.33 -13.16 18.91
CA THR C 161 -33.77 -13.21 18.96
C THR C 161 -34.28 -14.10 20.10
N PHE C 162 -35.46 -13.74 20.60
CA PHE C 162 -36.19 -14.56 21.54
C PHE C 162 -36.83 -15.76 20.84
N TYR C 163 -37.16 -15.62 19.57
CA TYR C 163 -38.01 -16.60 18.92
C TYR C 163 -37.26 -17.56 17.98
N PRO C 164 -36.96 -17.20 16.73
CA PRO C 164 -36.27 -18.15 15.83
C PRO C 164 -34.87 -18.61 16.27
N GLY C 165 -34.10 -17.73 16.90
CA GLY C 165 -32.77 -18.07 17.37
C GLY C 165 -32.76 -19.06 18.53
N GLN C 166 -33.90 -19.16 19.22
CA GLN C 166 -34.08 -20.12 20.30
C GLN C 166 -34.99 -21.25 19.84
N GLU C 167 -35.06 -21.47 18.54
CA GLU C 167 -35.97 -22.41 17.92
C GLU C 167 -37.37 -22.53 18.55
N ARG C 168 -38.08 -21.41 18.67
CA ARG C 168 -39.50 -21.38 19.00
C ARG C 168 -40.35 -21.37 17.72
N TYR C 169 -41.31 -22.29 17.62
CA TYR C 169 -42.16 -22.42 16.41
C TYR C 169 -43.56 -21.84 16.57
N ASP C 170 -43.94 -21.45 17.78
CA ASP C 170 -45.28 -20.98 18.08
C ASP C 170 -45.31 -19.47 17.86
N THR C 171 -45.24 -19.08 16.60
CA THR C 171 -45.06 -17.69 16.20
C THR C 171 -46.00 -17.30 15.04
N TYR C 172 -45.93 -16.03 14.65
CA TYR C 172 -46.72 -15.54 13.53
C TYR C 172 -46.51 -16.40 12.29
N SER C 173 -45.24 -16.60 11.90
CA SER C 173 -44.91 -17.33 10.68
C SER C 173 -44.91 -18.84 10.88
N GLY C 174 -44.54 -19.25 12.10
CA GLY C 174 -44.49 -20.65 12.48
C GLY C 174 -43.29 -21.40 11.94
N ARG C 175 -42.34 -20.70 11.31
CA ARG C 175 -41.17 -21.34 10.75
C ARG C 175 -39.85 -20.75 11.28
N VAL C 176 -38.80 -21.56 11.19
CA VAL C 176 -37.47 -21.17 11.58
C VAL C 176 -36.54 -21.39 10.39
N VAL C 177 -35.86 -20.32 10.02
CA VAL C 177 -34.82 -20.30 8.99
C VAL C 177 -33.86 -21.49 9.13
N ARG C 178 -33.35 -21.98 7.98
CA ARG C 178 -32.57 -23.21 7.91
C ARG C 178 -31.42 -23.27 8.92
N HIS C 179 -30.71 -22.16 9.08
CA HIS C 179 -29.54 -22.09 9.96
C HIS C 179 -29.86 -22.51 11.39
N PHE C 180 -31.03 -22.14 11.90
CA PHE C 180 -31.44 -22.44 13.28
C PHE C 180 -32.39 -23.63 13.39
N LYS C 181 -32.66 -24.28 12.26
CA LYS C 181 -33.49 -25.49 12.24
C LYS C 181 -32.70 -26.65 12.85
N GLY C 182 -33.28 -27.29 13.86
CA GLY C 182 -32.60 -28.33 14.62
C GLY C 182 -31.54 -27.84 15.60
N SER C 183 -31.41 -26.53 15.79
CA SER C 183 -30.28 -25.96 16.52
C SER C 183 -30.36 -26.23 18.03
N MET C 184 -31.55 -26.11 18.62
CA MET C 184 -31.72 -26.43 20.04
C MET C 184 -31.16 -27.83 20.36
N GLU C 185 -31.52 -28.83 19.55
CA GLU C 185 -31.05 -30.22 19.71
C GLU C 185 -29.52 -30.35 19.74
N GLU C 186 -28.87 -29.67 18.79
CA GLU C 186 -27.40 -29.62 18.72
C GLU C 186 -26.77 -29.01 19.99
N TRP C 187 -27.29 -27.87 20.43
CA TRP C 187 -26.77 -27.25 21.65
C TRP C 187 -27.06 -28.12 22.86
N GLN C 188 -28.19 -28.82 22.84
CA GLN C 188 -28.57 -29.73 23.92
C GLN C 188 -27.54 -30.84 24.09
N ALA C 189 -27.12 -31.41 22.96
CA ALA C 189 -26.18 -32.52 22.92
C ALA C 189 -24.76 -32.04 23.20
N MET C 190 -24.46 -30.79 22.88
CA MET C 190 -23.18 -30.19 23.23
C MET C 190 -23.12 -29.73 24.68
N GLY C 191 -24.17 -30.00 25.47
CA GLY C 191 -24.14 -29.73 26.90
C GLY C 191 -24.43 -28.30 27.27
N VAL C 192 -24.92 -27.51 26.32
CA VAL C 192 -25.33 -26.13 26.60
C VAL C 192 -26.53 -26.11 27.55
N MET C 193 -26.50 -25.21 28.52
CA MET C 193 -27.46 -25.20 29.61
C MET C 193 -28.73 -24.47 29.26
N ASN C 194 -28.61 -23.37 28.54
CA ASN C 194 -29.70 -22.40 28.46
C ASN C 194 -29.60 -21.41 27.33
N TYR C 195 -30.72 -20.76 27.04
CA TYR C 195 -30.78 -19.61 26.14
C TYR C 195 -30.99 -18.32 26.93
N GLU C 196 -30.17 -17.30 26.65
CA GLU C 196 -30.52 -15.92 26.98
C GLU C 196 -30.05 -15.04 25.82
N MET C 197 -29.95 -13.72 26.00
CA MET C 197 -29.83 -12.79 24.86
C MET C 197 -28.78 -11.66 24.93
N GLU C 198 -27.99 -11.54 26.01
CA GLU C 198 -26.99 -10.45 26.12
C GLU C 198 -25.56 -10.88 26.44
N SER C 199 -25.35 -12.11 26.88
CA SER C 199 -24.05 -12.50 27.41
C SER C 199 -22.95 -12.65 26.37
N ALA C 200 -23.30 -12.99 25.15
CA ALA C 200 -22.29 -13.14 24.10
C ALA C 200 -21.67 -11.78 23.79
N THR C 201 -22.50 -10.74 23.87
CA THR C 201 -22.05 -9.37 23.65
C THR C 201 -21.24 -8.90 24.84
N LEU C 202 -21.83 -9.01 26.03
CA LEU C 202 -21.18 -8.54 27.26
C LEU C 202 -19.82 -9.19 27.43
N LEU C 203 -19.81 -10.52 27.48
CA LEU C 203 -18.59 -11.25 27.76
C LEU C 203 -17.51 -11.00 26.71
N THR C 204 -17.89 -10.98 25.43
CA THR C 204 -16.92 -10.73 24.36
C THR C 204 -16.31 -9.33 24.39
N MET C 205 -17.16 -8.32 24.54
CA MET C 205 -16.69 -6.95 24.54
C MET C 205 -15.81 -6.66 25.76
N CYS C 206 -16.10 -7.31 26.89
CA CYS C 206 -15.32 -7.12 28.11
C CYS C 206 -14.01 -7.92 28.03
N ALA C 207 -14.07 -9.19 27.67
CA ALA C 207 -12.85 -10.03 27.54
C ALA C 207 -11.85 -9.48 26.52
N SER C 208 -12.32 -8.66 25.58
CA SER C 208 -11.49 -8.13 24.50
C SER C 208 -11.05 -6.69 24.74
N GLN C 209 -11.41 -6.11 25.89
CA GLN C 209 -11.04 -4.73 26.23
C GLN C 209 -10.54 -4.54 27.67
N GLY C 210 -10.19 -5.63 28.34
CA GLY C 210 -9.58 -5.58 29.66
C GLY C 210 -10.57 -5.31 30.78
N LEU C 211 -11.83 -5.62 30.53
CA LEU C 211 -12.88 -5.47 31.53
C LEU C 211 -13.31 -6.84 32.03
N ARG C 212 -13.57 -6.93 33.33
CA ARG C 212 -14.00 -8.19 33.93
C ARG C 212 -15.52 -8.29 33.83
N ALA C 213 -16.03 -9.43 33.37
CA ALA C 213 -17.47 -9.68 33.35
C ALA C 213 -17.84 -11.10 33.80
N GLY C 214 -19.02 -11.22 34.39
CA GLY C 214 -19.56 -12.48 34.83
C GLY C 214 -21.06 -12.48 34.67
N MET C 215 -21.64 -13.66 34.58
CA MET C 215 -23.06 -13.83 34.30
C MET C 215 -23.66 -14.89 35.20
N VAL C 216 -24.78 -14.55 35.82
CA VAL C 216 -25.57 -15.48 36.62
C VAL C 216 -27.03 -15.20 36.33
N ALA C 217 -27.83 -16.25 36.23
CA ALA C 217 -29.25 -16.11 35.91
C ALA C 217 -30.08 -17.14 36.68
N GLY C 218 -31.33 -16.80 36.97
CA GLY C 218 -32.28 -17.72 37.58
C GLY C 218 -33.18 -18.34 36.51
N VAL C 219 -33.49 -19.62 36.65
CA VAL C 219 -34.29 -20.35 35.65
C VAL C 219 -35.78 -20.16 35.90
N ILE C 220 -36.50 -19.58 34.92
CA ILE C 220 -37.94 -19.37 34.99
C ILE C 220 -38.74 -20.38 34.15
N VAL C 221 -38.09 -21.04 33.19
CA VAL C 221 -38.73 -22.13 32.46
C VAL C 221 -37.76 -23.16 31.89
N ASN C 222 -38.20 -24.42 31.82
CA ASN C 222 -37.47 -25.44 31.09
C ASN C 222 -38.12 -25.72 29.73
N ARG C 223 -37.35 -25.51 28.67
CA ARG C 223 -37.82 -25.66 27.28
C ARG C 223 -38.17 -27.09 26.86
N THR C 224 -37.79 -28.10 27.63
CA THR C 224 -38.16 -29.47 27.31
C THR C 224 -39.63 -29.74 27.66
N GLN C 225 -40.28 -28.78 28.33
CA GLN C 225 -41.74 -28.82 28.57
C GLN C 225 -42.46 -27.81 27.67
N GLN C 226 -42.18 -26.53 27.93
CA GLN C 226 -42.94 -25.40 27.38
C GLN C 226 -42.12 -24.65 26.33
N GLU C 227 -42.70 -23.56 25.80
CA GLU C 227 -41.94 -22.58 25.01
C GLU C 227 -41.94 -21.23 25.73
N ILE C 228 -43.10 -20.79 26.20
CA ILE C 228 -43.22 -19.51 26.92
C ILE C 228 -43.23 -19.74 28.44
N PRO C 229 -42.41 -19.00 29.19
CA PRO C 229 -42.52 -18.95 30.66
C PRO C 229 -43.90 -18.49 31.16
N MET C 234 -43.20 -19.17 43.44
CA MET C 234 -42.07 -19.76 42.73
C MET C 234 -41.11 -18.70 42.16
N LYS C 235 -41.44 -17.41 42.37
CA LYS C 235 -40.54 -16.28 42.02
C LYS C 235 -39.57 -15.94 43.16
N GLN C 236 -39.41 -16.88 44.11
CA GLN C 236 -38.36 -16.82 45.12
C GLN C 236 -36.99 -17.15 44.50
N THR C 237 -36.94 -17.18 43.18
CA THR C 237 -35.80 -17.64 42.40
C THR C 237 -35.07 -16.47 41.74
N GLU C 238 -35.82 -15.54 41.16
CA GLU C 238 -35.28 -14.24 40.76
C GLU C 238 -34.70 -13.56 42.00
N SER C 239 -35.35 -13.77 43.14
CA SER C 239 -34.85 -13.31 44.43
C SER C 239 -33.50 -13.94 44.76
N HIS C 240 -33.39 -15.26 44.58
CA HIS C 240 -32.16 -16.00 44.87
C HIS C 240 -30.98 -15.53 44.01
N ALA C 241 -31.24 -15.26 42.74
CA ALA C 241 -30.18 -14.88 41.81
C ALA C 241 -29.68 -13.45 42.10
N VAL C 242 -30.60 -12.57 42.47
CA VAL C 242 -30.25 -11.20 42.86
C VAL C 242 -29.40 -11.20 44.13
N LYS C 243 -29.74 -12.07 45.07
CA LYS C 243 -29.00 -12.22 46.32
C LYS C 243 -27.56 -12.67 46.03
N ILE C 244 -27.41 -13.51 45.02
CA ILE C 244 -26.13 -14.08 44.63
C ILE C 244 -25.26 -13.04 43.95
N VAL C 245 -25.81 -12.31 42.98
CA VAL C 245 -25.00 -11.36 42.23
C VAL C 245 -24.49 -10.25 43.16
N VAL C 246 -25.29 -9.91 44.17
CA VAL C 246 -24.90 -8.92 45.17
C VAL C 246 -23.77 -9.45 46.05
N GLU C 247 -23.92 -10.67 46.54
CA GLU C 247 -22.89 -11.33 47.33
C GLU C 247 -21.58 -11.54 46.54
N ALA C 248 -21.69 -11.79 45.24
CA ALA C 248 -20.54 -11.95 44.38
C ALA C 248 -19.83 -10.61 44.20
N ALA C 249 -20.61 -9.56 44.03
CA ALA C 249 -20.09 -8.20 43.90
C ALA C 249 -19.27 -7.80 45.13
N ARG C 250 -19.71 -8.27 46.29
CA ARG C 250 -19.05 -7.98 47.57
C ARG C 250 -17.63 -8.57 47.57
N ARG C 251 -17.50 -9.80 47.08
CA ARG C 251 -16.21 -10.49 47.01
C ARG C 251 -15.26 -9.94 45.93
N LEU C 252 -15.79 -9.12 45.02
CA LEU C 252 -15.01 -8.61 43.90
C LEU C 252 -14.59 -7.15 44.06
N LEU C 253 -14.94 -6.53 45.18
CA LEU C 253 -14.72 -5.08 45.36
C LEU C 253 -13.35 -4.75 45.94
N SER D 4 -53.03 -11.08 29.09
CA SER D 4 -51.97 -10.76 28.09
C SER D 4 -51.73 -11.92 27.11
N ASP D 5 -51.91 -11.65 25.82
CA ASP D 5 -51.77 -12.66 24.76
C ASP D 5 -50.33 -12.88 24.25
N VAL D 6 -49.40 -12.03 24.67
CA VAL D 6 -47.99 -12.15 24.29
C VAL D 6 -47.05 -11.98 25.50
N PHE D 7 -45.80 -12.40 25.38
CA PHE D 7 -44.94 -12.51 26.56
C PHE D 7 -44.26 -11.24 27.04
N HIS D 8 -43.99 -10.28 26.16
CA HIS D 8 -43.24 -9.10 26.57
C HIS D 8 -44.04 -7.80 26.59
N LEU D 9 -44.93 -7.60 25.62
CA LEU D 9 -45.56 -6.31 25.40
C LEU D 9 -46.69 -6.00 26.39
N GLY D 10 -47.30 -7.05 26.94
CA GLY D 10 -48.38 -6.92 27.90
C GLY D 10 -49.69 -6.49 27.25
N LEU D 11 -49.96 -7.04 26.08
CA LEU D 11 -51.10 -6.62 25.25
C LEU D 11 -52.00 -7.80 24.89
N THR D 12 -53.27 -7.50 24.62
CA THR D 12 -54.22 -8.48 24.09
C THR D 12 -54.68 -8.05 22.71
N LYS D 13 -55.21 -8.99 21.94
CA LYS D 13 -55.82 -8.69 20.64
C LYS D 13 -56.89 -7.60 20.77
N ASN D 14 -57.68 -7.69 21.85
CA ASN D 14 -58.75 -6.74 22.14
C ASN D 14 -58.24 -5.30 22.33
N ASP D 15 -57.13 -5.16 23.05
CA ASP D 15 -56.50 -3.84 23.23
C ASP D 15 -56.29 -3.10 21.91
N LEU D 16 -55.95 -3.83 20.85
CA LEU D 16 -55.64 -3.23 19.56
C LEU D 16 -56.87 -2.70 18.81
N GLN D 17 -58.04 -3.29 19.07
CA GLN D 17 -59.31 -2.90 18.45
C GLN D 17 -59.27 -3.05 16.94
N GLY D 18 -58.57 -4.06 16.46
CA GLY D 18 -58.51 -4.34 15.04
C GLY D 18 -57.44 -3.56 14.27
N ALA D 19 -56.52 -2.92 14.98
CA ALA D 19 -55.38 -2.21 14.35
C ALA D 19 -54.51 -3.15 13.49
N THR D 20 -54.06 -2.68 12.33
CA THR D 20 -53.16 -3.44 11.47
C THR D 20 -51.89 -2.68 11.10
N LEU D 21 -51.77 -1.45 11.58
CA LEU D 21 -50.61 -0.61 11.29
C LEU D 21 -50.05 -0.13 12.61
N ALA D 22 -48.73 -0.20 12.76
CA ALA D 22 -48.07 0.32 13.94
C ALA D 22 -46.90 1.19 13.50
N ILE D 23 -46.76 2.35 14.13
CA ILE D 23 -45.56 3.16 14.01
C ILE D 23 -44.63 2.75 15.15
N VAL D 24 -43.38 2.48 14.81
CA VAL D 24 -42.46 1.91 15.79
C VAL D 24 -41.20 2.77 15.96
N PRO D 25 -41.25 3.71 16.92
CA PRO D 25 -40.05 4.47 17.28
C PRO D 25 -39.17 3.64 18.18
N GLY D 26 -37.92 4.05 18.38
CA GLY D 26 -37.02 3.36 19.28
C GLY D 26 -37.18 3.74 20.74
N ASP D 27 -37.37 5.04 21.00
CA ASP D 27 -37.38 5.59 22.36
C ASP D 27 -38.78 5.49 22.95
N PRO D 28 -38.94 4.83 24.10
CA PRO D 28 -40.24 4.75 24.80
C PRO D 28 -40.87 6.11 25.12
N ASP D 29 -40.05 7.13 25.35
CA ASP D 29 -40.51 8.49 25.66
C ASP D 29 -40.96 9.28 24.42
N ARG D 30 -40.85 8.68 23.23
CA ARG D 30 -41.36 9.30 22.01
C ARG D 30 -42.79 8.83 21.69
N VAL D 31 -43.22 7.75 22.32
CA VAL D 31 -44.47 7.07 21.95
C VAL D 31 -45.68 7.97 22.19
N GLU D 32 -45.71 8.61 23.36
CA GLU D 32 -46.76 9.54 23.72
C GLU D 32 -46.82 10.71 22.77
N LYS D 33 -45.64 11.19 22.36
CA LYS D 33 -45.55 12.36 21.47
C LYS D 33 -46.16 12.08 20.10
N ILE D 34 -45.90 10.89 19.54
CA ILE D 34 -46.43 10.52 18.23
C ILE D 34 -47.94 10.27 18.27
N ALA D 35 -48.41 9.66 19.35
CA ALA D 35 -49.84 9.40 19.51
C ALA D 35 -50.67 10.67 19.64
N ALA D 36 -50.02 11.78 19.97
CA ALA D 36 -50.70 13.06 20.14
C ALA D 36 -51.01 13.81 18.83
N LEU D 37 -50.42 13.39 17.71
CA LEU D 37 -50.77 13.95 16.41
C LEU D 37 -52.01 13.27 15.86
N MET D 38 -52.53 12.31 16.63
CA MET D 38 -53.64 11.48 16.20
C MET D 38 -54.82 11.65 17.17
N ASP D 39 -55.91 10.96 16.87
CA ASP D 39 -57.14 11.10 17.63
C ASP D 39 -57.29 10.05 18.72
N LYS D 40 -57.85 10.44 19.86
CA LYS D 40 -58.11 9.55 20.99
C LYS D 40 -56.89 8.70 21.40
N PRO D 41 -55.75 9.33 21.65
CA PRO D 41 -54.57 8.62 22.15
C PRO D 41 -54.77 8.10 23.57
N VAL D 42 -54.56 6.80 23.76
CA VAL D 42 -54.63 6.15 25.07
C VAL D 42 -53.43 5.21 25.27
N LYS D 43 -52.86 5.22 26.47
CA LYS D 43 -51.81 4.27 26.86
C LYS D 43 -52.45 2.90 27.13
N LEU D 44 -51.88 1.85 26.51
CA LEU D 44 -52.32 0.47 26.73
C LEU D 44 -51.43 -0.24 27.74
N ALA D 45 -50.12 -0.20 27.51
CA ALA D 45 -49.16 -0.91 28.37
C ALA D 45 -47.76 -0.33 28.35
N SER D 46 -46.98 -0.68 29.36
CA SER D 46 -45.59 -0.29 29.45
C SER D 46 -44.79 -1.33 30.24
N HIS D 47 -44.02 -2.15 29.52
CA HIS D 47 -43.14 -3.16 30.13
C HIS D 47 -41.75 -3.12 29.50
N ARG D 48 -40.72 -3.15 30.33
CA ARG D 48 -39.36 -2.96 29.88
C ARG D 48 -39.33 -1.74 28.95
N GLU D 49 -38.71 -1.88 27.77
CA GLU D 49 -38.54 -0.79 26.83
C GLU D 49 -39.67 -0.71 25.80
N PHE D 50 -40.78 -1.41 26.10
CA PHE D 50 -41.93 -1.47 25.20
C PHE D 50 -43.09 -0.67 25.78
N THR D 51 -43.19 0.58 25.37
CA THR D 51 -44.35 1.41 25.65
C THR D 51 -45.26 1.39 24.43
N THR D 52 -46.52 1.03 24.63
CA THR D 52 -47.51 0.96 23.56
C THR D 52 -48.68 1.90 23.85
N TRP D 53 -48.98 2.78 22.90
CA TRP D 53 -50.20 3.59 22.91
C TRP D 53 -51.04 3.20 21.71
N ARG D 54 -52.32 3.57 21.75
CA ARG D 54 -53.23 3.40 20.62
C ARG D 54 -53.95 4.71 20.35
N ALA D 55 -54.02 5.09 19.08
CA ALA D 55 -54.73 6.29 18.66
C ALA D 55 -55.61 6.00 17.43
N GLU D 56 -56.13 7.04 16.81
CA GLU D 56 -57.02 6.89 15.65
C GLU D 56 -56.56 7.79 14.52
N LEU D 57 -56.63 7.29 13.30
CA LEU D 57 -56.22 8.05 12.13
C LEU D 57 -57.25 7.82 11.04
N ASP D 58 -58.00 8.88 10.69
CA ASP D 58 -59.10 8.78 9.74
C ASP D 58 -60.11 7.73 10.18
N GLY D 59 -60.31 7.62 11.49
CA GLY D 59 -61.32 6.72 12.07
C GLY D 59 -60.92 5.28 12.32
N LYS D 60 -59.67 4.93 12.04
CA LYS D 60 -59.21 3.55 12.17
C LYS D 60 -58.14 3.44 13.26
N PRO D 61 -58.16 2.37 14.05
CA PRO D 61 -57.19 2.24 15.15
C PRO D 61 -55.77 2.05 14.62
N VAL D 62 -54.80 2.57 15.38
CA VAL D 62 -53.39 2.54 15.02
C VAL D 62 -52.55 2.37 16.30
N ILE D 63 -51.50 1.55 16.22
CA ILE D 63 -50.60 1.35 17.33
C ILE D 63 -49.35 2.21 17.18
N VAL D 64 -48.86 2.74 18.30
CA VAL D 64 -47.53 3.33 18.37
C VAL D 64 -46.82 2.56 19.46
N CYS D 65 -45.70 1.93 19.13
CA CYS D 65 -45.05 0.99 20.04
C CYS D 65 -43.54 1.06 19.95
N SER D 66 -42.87 1.35 21.06
CA SER D 66 -41.41 1.45 21.09
C SER D 66 -40.71 0.10 21.01
N THR D 67 -39.59 0.07 20.29
CA THR D 67 -38.80 -1.15 20.05
C THR D 67 -37.60 -1.24 20.97
N GLY D 68 -37.18 -0.10 21.51
CA GLY D 68 -35.89 0.00 22.16
C GLY D 68 -34.77 0.11 21.14
N ILE D 69 -33.54 0.16 21.63
CA ILE D 69 -32.36 0.15 20.77
C ILE D 69 -31.98 -1.29 20.41
N GLY D 70 -31.84 -1.57 19.13
CA GLY D 70 -31.30 -2.84 18.68
C GLY D 70 -32.31 -3.72 17.98
N GLY D 71 -31.80 -4.55 17.09
CA GLY D 71 -32.60 -5.57 16.44
C GLY D 71 -33.24 -6.60 17.36
N PRO D 72 -32.55 -7.02 18.43
CA PRO D 72 -33.13 -7.99 19.36
C PRO D 72 -34.43 -7.56 20.02
N SER D 73 -34.46 -6.41 20.67
CA SER D 73 -35.74 -5.95 21.22
C SER D 73 -36.71 -5.55 20.13
N THR D 74 -36.20 -5.07 19.00
CA THR D 74 -37.06 -4.80 17.84
C THR D 74 -37.72 -6.08 17.32
N SER D 75 -37.00 -7.20 17.29
CA SER D 75 -37.55 -8.47 16.82
C SER D 75 -38.66 -8.99 17.74
N ILE D 76 -38.57 -8.67 19.03
CA ILE D 76 -39.60 -9.10 19.96
C ILE D 76 -40.87 -8.30 19.73
N ALA D 77 -40.73 -6.98 19.58
CA ALA D 77 -41.88 -6.08 19.38
C ALA D 77 -42.62 -6.38 18.08
N VAL D 78 -41.89 -6.54 16.98
CA VAL D 78 -42.51 -6.79 15.67
C VAL D 78 -43.22 -8.13 15.64
N GLU D 79 -42.62 -9.16 16.22
CA GLU D 79 -43.22 -10.49 16.22
C GLU D 79 -44.51 -10.53 17.02
N GLU D 80 -44.49 -9.92 18.19
CA GLU D 80 -45.58 -10.01 19.11
C GLU D 80 -46.72 -9.11 18.65
N LEU D 81 -46.39 -7.96 18.09
CA LEU D 81 -47.39 -7.12 17.45
C LEU D 81 -48.01 -7.87 16.27
N ALA D 82 -47.19 -8.57 15.49
CA ALA D 82 -47.67 -9.39 14.38
C ALA D 82 -48.59 -10.53 14.82
N GLN D 83 -48.35 -11.11 16.00
CA GLN D 83 -49.23 -12.14 16.56
C GLN D 83 -50.61 -11.54 16.87
N LEU D 84 -50.64 -10.25 17.17
CA LEU D 84 -51.86 -9.53 17.52
C LEU D 84 -52.59 -8.90 16.33
N GLY D 85 -52.00 -8.98 15.14
CA GLY D 85 -52.68 -8.55 13.93
C GLY D 85 -52.03 -7.43 13.15
N ILE D 86 -50.89 -6.93 13.61
CA ILE D 86 -50.21 -5.84 12.89
C ILE D 86 -49.55 -6.40 11.63
N ARG D 87 -49.88 -5.81 10.48
CA ARG D 87 -49.32 -6.20 9.19
C ARG D 87 -48.41 -5.14 8.56
N THR D 88 -48.45 -3.92 9.07
CA THR D 88 -47.66 -2.83 8.52
C THR D 88 -46.92 -2.14 9.64
N PHE D 89 -45.63 -1.89 9.41
CA PHE D 89 -44.73 -1.36 10.43
C PHE D 89 -43.94 -0.19 9.85
N LEU D 90 -44.06 0.99 10.47
CA LEU D 90 -43.36 2.17 10.01
C LEU D 90 -42.40 2.63 11.09
N ARG D 91 -41.11 2.42 10.89
CA ARG D 91 -40.13 2.93 11.83
C ARG D 91 -39.84 4.41 11.61
N ILE D 92 -39.82 5.14 12.72
CA ILE D 92 -39.42 6.54 12.77
C ILE D 92 -38.21 6.60 13.71
N GLY D 93 -37.09 7.14 13.23
CA GLY D 93 -35.88 7.16 14.04
C GLY D 93 -35.09 8.47 14.00
N THR D 94 -33.97 8.46 14.72
CA THR D 94 -32.92 9.47 14.60
C THR D 94 -31.70 8.79 14.03
N THR D 95 -30.82 9.56 13.39
CA THR D 95 -29.73 8.95 12.63
C THR D 95 -28.53 9.87 12.45
N GLY D 96 -27.38 9.25 12.25
CA GLY D 96 -26.16 9.95 11.92
C GLY D 96 -25.83 9.76 10.45
N ALA D 97 -25.92 10.84 9.69
CA ALA D 97 -25.53 10.84 8.29
C ALA D 97 -24.01 10.78 8.12
N ILE D 98 -23.58 10.13 7.04
CA ILE D 98 -22.17 9.98 6.70
C ILE D 98 -21.86 10.55 5.31
N GLN D 99 -22.79 11.33 4.75
CA GLN D 99 -22.56 12.00 3.48
C GLN D 99 -22.50 13.50 3.74
N PRO D 100 -21.53 14.20 3.17
CA PRO D 100 -21.34 15.64 3.44
C PRO D 100 -22.45 16.56 2.91
N HIS D 101 -23.22 16.14 1.91
CA HIS D 101 -24.33 16.94 1.37
C HIS D 101 -25.65 16.80 2.14
N ILE D 102 -25.74 15.81 3.02
CA ILE D 102 -26.92 15.61 3.86
C ILE D 102 -26.74 16.42 5.13
N ASN D 103 -27.73 17.24 5.46
CA ASN D 103 -27.66 18.17 6.58
C ASN D 103 -28.51 17.77 7.77
N VAL D 104 -28.11 18.24 8.94
CA VAL D 104 -28.93 18.11 10.14
C VAL D 104 -30.30 18.72 9.83
N GLY D 105 -31.36 18.04 10.26
CA GLY D 105 -32.72 18.43 9.89
C GLY D 105 -33.29 17.70 8.67
N ASP D 106 -32.41 17.14 7.84
CA ASP D 106 -32.87 16.45 6.63
C ASP D 106 -33.56 15.17 7.04
N VAL D 107 -34.41 14.68 6.14
CA VAL D 107 -35.17 13.48 6.39
C VAL D 107 -34.69 12.42 5.41
N LEU D 108 -34.49 11.22 5.92
CA LEU D 108 -33.93 10.13 5.13
C LEU D 108 -34.93 9.00 5.10
N VAL D 109 -35.34 8.60 3.91
CA VAL D 109 -36.17 7.41 3.73
C VAL D 109 -35.30 6.28 3.20
N THR D 110 -35.42 5.11 3.83
CA THR D 110 -34.52 4.00 3.59
C THR D 110 -35.18 3.01 2.64
N THR D 111 -34.52 2.75 1.52
CA THR D 111 -35.02 1.80 0.53
C THR D 111 -34.62 0.40 0.91
N ALA D 112 -33.40 0.27 1.44
CA ALA D 112 -32.88 -1.01 1.94
C ALA D 112 -31.67 -0.76 2.83
N SER D 113 -31.28 -1.76 3.61
CA SER D 113 -30.26 -1.57 4.63
C SER D 113 -29.08 -2.54 4.52
N VAL D 114 -27.89 -2.03 4.81
CA VAL D 114 -26.71 -2.86 4.93
C VAL D 114 -26.81 -3.59 6.25
N ARG D 115 -26.79 -4.91 6.19
CA ARG D 115 -27.04 -5.76 7.34
C ARG D 115 -25.79 -5.95 8.21
N LEU D 116 -25.53 -5.00 9.11
CA LEU D 116 -24.44 -5.12 10.07
C LEU D 116 -24.99 -5.48 11.44
N ASP D 117 -26.00 -6.35 11.44
CA ASP D 117 -26.71 -6.77 12.64
C ASP D 117 -26.70 -8.29 12.72
N GLY D 118 -27.12 -8.83 13.86
CA GLY D 118 -27.17 -10.26 14.06
C GLY D 118 -28.56 -10.84 13.86
N ALA D 119 -29.59 -10.11 14.26
CA ALA D 119 -30.95 -10.62 14.33
C ALA D 119 -31.57 -10.91 12.98
N SER D 120 -31.27 -10.08 11.98
CA SER D 120 -31.77 -10.31 10.63
C SER D 120 -31.43 -11.71 10.15
N LEU D 121 -30.25 -12.20 10.50
CA LEU D 121 -29.80 -13.56 10.13
C LEU D 121 -30.67 -14.68 10.72
N HIS D 122 -31.42 -14.36 11.77
CA HIS D 122 -32.34 -15.32 12.39
C HIS D 122 -33.64 -15.49 11.59
N PHE D 123 -33.79 -14.71 10.52
CA PHE D 123 -34.96 -14.72 9.65
C PHE D 123 -34.65 -15.05 8.21
N ALA D 124 -33.50 -14.60 7.71
CA ALA D 124 -33.06 -14.87 6.34
C ALA D 124 -31.55 -14.84 6.29
N PRO D 125 -30.93 -15.65 5.44
CA PRO D 125 -29.47 -15.62 5.32
C PRO D 125 -29.01 -14.25 4.77
N LEU D 126 -27.72 -13.97 4.91
CA LEU D 126 -27.16 -12.63 4.60
C LEU D 126 -27.52 -12.13 3.20
N GLU D 127 -27.58 -13.06 2.25
CA GLU D 127 -27.80 -12.75 0.83
C GLU D 127 -29.18 -12.13 0.54
N PHE D 128 -30.15 -12.37 1.42
CA PHE D 128 -31.48 -11.80 1.33
C PHE D 128 -31.46 -10.29 1.60
N PRO D 129 -32.09 -9.50 0.75
CA PRO D 129 -32.03 -8.04 0.87
C PRO D 129 -32.90 -7.49 1.99
N ALA D 130 -32.32 -6.68 2.86
CA ALA D 130 -33.07 -5.96 3.90
C ALA D 130 -33.81 -4.79 3.27
N VAL D 131 -34.82 -5.12 2.46
CA VAL D 131 -35.48 -4.15 1.58
C VAL D 131 -36.82 -3.73 2.16
N ALA D 132 -37.13 -2.45 2.03
CA ALA D 132 -38.42 -1.92 2.46
C ALA D 132 -39.50 -2.30 1.46
N ASP D 133 -40.71 -2.45 1.97
CA ASP D 133 -41.91 -2.62 1.15
C ASP D 133 -42.10 -1.40 0.25
N PHE D 134 -42.48 -1.64 -1.00
CA PHE D 134 -42.54 -0.58 -2.00
C PHE D 134 -43.63 0.45 -1.70
N GLU D 135 -44.78 -0.01 -1.23
CA GLU D 135 -45.87 0.90 -0.90
C GLU D 135 -45.51 1.81 0.27
N CYS D 136 -44.84 1.25 1.28
CA CYS D 136 -44.49 2.00 2.48
C CYS D 136 -43.50 3.10 2.14
N THR D 137 -42.48 2.75 1.37
CA THR D 137 -41.47 3.70 0.91
C THR D 137 -42.13 4.81 0.12
N THR D 138 -42.96 4.43 -0.85
CA THR D 138 -43.73 5.39 -1.64
C THR D 138 -44.48 6.38 -0.73
N ALA D 139 -45.22 5.87 0.25
CA ALA D 139 -46.02 6.73 1.13
C ALA D 139 -45.14 7.67 1.99
N LEU D 140 -43.96 7.20 2.39
CA LEU D 140 -43.03 8.01 3.17
C LEU D 140 -42.36 9.09 2.32
N VAL D 141 -41.97 8.73 1.10
CA VAL D 141 -41.39 9.70 0.17
C VAL D 141 -42.41 10.80 -0.16
N GLU D 142 -43.66 10.41 -0.42
CA GLU D 142 -44.71 11.37 -0.80
C GLU D 142 -45.16 12.22 0.37
N ALA D 143 -45.12 11.67 1.58
CA ALA D 143 -45.42 12.43 2.78
C ALA D 143 -44.38 13.53 2.95
N ALA D 144 -43.12 13.16 2.81
CA ALA D 144 -42.01 14.10 2.96
C ALA D 144 -42.15 15.26 1.98
N LYS D 145 -42.43 14.94 0.72
CA LYS D 145 -42.62 15.94 -0.32
C LYS D 145 -43.81 16.88 -0.02
N SER D 146 -44.85 16.33 0.62
CA SER D 146 -46.07 17.09 0.91
C SER D 146 -45.93 18.10 2.06
N ILE D 147 -44.96 17.91 2.96
CA ILE D 147 -44.66 18.92 3.98
C ILE D 147 -43.37 19.68 3.67
N GLY D 148 -42.81 19.44 2.48
CA GLY D 148 -41.70 20.22 1.97
C GLY D 148 -40.33 19.96 2.56
N ALA D 149 -40.16 18.83 3.25
CA ALA D 149 -38.88 18.49 3.90
C ALA D 149 -37.83 18.20 2.86
N THR D 150 -36.58 18.51 3.16
CA THR D 150 -35.49 18.17 2.24
C THR D 150 -35.09 16.70 2.48
N THR D 151 -35.39 15.87 1.48
CA THR D 151 -35.41 14.43 1.62
C THR D 151 -34.35 13.75 0.75
N HIS D 152 -33.75 12.70 1.29
CA HIS D 152 -32.82 11.85 0.56
C HIS D 152 -33.33 10.43 0.67
N VAL D 153 -33.21 9.69 -0.42
CA VAL D 153 -33.77 8.35 -0.52
C VAL D 153 -32.68 7.40 -0.98
N GLY D 154 -32.33 6.44 -0.12
CA GLY D 154 -31.32 5.46 -0.47
C GLY D 154 -31.04 4.40 0.58
N VAL D 155 -29.79 3.93 0.56
CA VAL D 155 -29.36 2.84 1.41
C VAL D 155 -28.88 3.38 2.77
N THR D 156 -29.13 2.58 3.80
CA THR D 156 -28.74 2.89 5.18
C THR D 156 -27.88 1.76 5.72
N ALA D 157 -26.91 2.06 6.58
CA ALA D 157 -26.13 1.02 7.25
C ALA D 157 -26.67 0.81 8.66
N SER D 158 -26.99 -0.44 8.99
CA SER D 158 -27.73 -0.77 10.19
C SER D 158 -26.86 -1.66 11.10
N SER D 159 -26.45 -1.09 12.22
CA SER D 159 -25.39 -1.62 13.05
C SER D 159 -25.88 -2.04 14.45
N ASP D 160 -25.40 -3.19 14.89
CA ASP D 160 -25.68 -3.70 16.22
C ASP D 160 -24.96 -2.92 17.31
N THR D 161 -24.03 -2.04 16.94
CA THR D 161 -23.40 -1.18 17.91
C THR D 161 -23.52 0.28 17.52
N PHE D 162 -23.54 1.13 18.53
CA PHE D 162 -23.44 2.57 18.34
C PHE D 162 -22.00 2.97 18.03
N TYR D 163 -21.04 2.30 18.68
CA TYR D 163 -19.68 2.79 18.67
C TYR D 163 -18.79 2.14 17.60
N PRO D 164 -18.22 0.94 17.83
CA PRO D 164 -17.24 0.40 16.87
C PRO D 164 -17.81 0.12 15.48
N GLY D 165 -19.06 -0.32 15.41
CA GLY D 165 -19.69 -0.69 14.15
C GLY D 165 -20.01 0.52 13.29
N GLN D 166 -20.14 1.67 13.93
CA GLN D 166 -20.28 2.93 13.22
C GLN D 166 -18.93 3.64 13.14
N GLU D 167 -17.84 2.87 13.32
CA GLU D 167 -16.45 3.37 13.35
C GLU D 167 -16.20 4.66 14.14
N ARG D 168 -16.74 4.71 15.34
CA ARG D 168 -16.38 5.76 16.30
C ARG D 168 -15.12 5.33 17.05
N TYR D 169 -14.18 6.27 17.17
CA TYR D 169 -12.93 6.04 17.90
C TYR D 169 -12.87 6.70 19.26
N ASP D 170 -13.79 7.63 19.55
CA ASP D 170 -13.76 8.37 20.81
C ASP D 170 -14.43 7.52 21.91
N THR D 171 -13.72 6.47 22.33
CA THR D 171 -14.30 5.42 23.15
C THR D 171 -13.33 5.07 24.26
N TYR D 172 -13.79 4.22 25.19
CA TYR D 172 -12.95 3.67 26.24
C TYR D 172 -11.63 3.08 25.70
N SER D 173 -11.72 2.21 24.69
CA SER D 173 -10.56 1.48 24.17
C SER D 173 -9.82 2.28 23.10
N GLY D 174 -10.53 3.17 22.42
CA GLY D 174 -9.96 3.99 21.38
C GLY D 174 -9.75 3.25 20.06
N ARG D 175 -10.16 1.99 20.01
CA ARG D 175 -9.90 1.18 18.82
C ARG D 175 -11.14 0.47 18.25
N VAL D 176 -10.95 -0.07 17.06
CA VAL D 176 -12.01 -0.66 16.26
C VAL D 176 -11.45 -1.92 15.64
N VAL D 177 -12.26 -2.99 15.73
CA VAL D 177 -11.89 -4.32 15.25
C VAL D 177 -11.61 -4.28 13.75
N ARG D 178 -10.62 -5.04 13.30
CA ARG D 178 -10.20 -5.10 11.90
C ARG D 178 -11.37 -5.02 10.90
N HIS D 179 -12.40 -5.81 11.16
CA HIS D 179 -13.55 -5.89 10.26
C HIS D 179 -14.19 -4.52 10.00
N PHE D 180 -14.23 -3.66 11.02
CA PHE D 180 -14.85 -2.34 10.88
C PHE D 180 -13.88 -1.16 10.69
N LYS D 181 -12.58 -1.38 10.81
CA LYS D 181 -11.59 -0.36 10.50
C LYS D 181 -11.73 -0.01 9.03
N GLY D 182 -11.76 1.28 8.68
CA GLY D 182 -11.98 1.71 7.30
C GLY D 182 -13.39 1.55 6.73
N SER D 183 -14.33 1.08 7.55
CA SER D 183 -15.66 0.72 7.03
C SER D 183 -16.51 1.94 6.67
N MET D 184 -16.50 2.98 7.50
CA MET D 184 -17.29 4.19 7.21
C MET D 184 -16.98 4.74 5.82
N GLU D 185 -15.70 4.79 5.46
CA GLU D 185 -15.25 5.31 4.18
C GLU D 185 -15.70 4.42 3.01
N GLU D 186 -15.76 3.11 3.23
CA GLU D 186 -16.26 2.19 2.21
C GLU D 186 -17.75 2.45 1.94
N TRP D 187 -18.54 2.49 3.01
CA TRP D 187 -19.98 2.71 2.89
C TRP D 187 -20.23 4.05 2.22
N GLN D 188 -19.46 5.06 2.63
CA GLN D 188 -19.51 6.40 2.05
C GLN D 188 -19.31 6.41 0.55
N ALA D 189 -18.29 5.71 0.09
CA ALA D 189 -17.96 5.65 -1.31
C ALA D 189 -19.02 4.84 -2.08
N MET D 190 -19.73 3.96 -1.37
CA MET D 190 -20.82 3.18 -1.95
C MET D 190 -22.17 3.93 -1.91
N GLY D 191 -22.18 5.18 -1.40
CA GLY D 191 -23.38 6.00 -1.42
C GLY D 191 -24.35 5.78 -0.27
N VAL D 192 -23.92 5.06 0.77
CA VAL D 192 -24.75 4.85 1.95
C VAL D 192 -24.95 6.20 2.64
N MET D 193 -26.20 6.48 3.02
CA MET D 193 -26.58 7.79 3.54
C MET D 193 -26.26 7.95 5.01
N ASN D 194 -26.42 6.89 5.80
CA ASN D 194 -26.43 7.06 7.24
C ASN D 194 -26.20 5.78 8.03
N TYR D 195 -25.95 5.94 9.32
CA TYR D 195 -25.93 4.82 10.26
C TYR D 195 -27.16 4.91 11.14
N GLU D 196 -27.79 3.77 11.39
CA GLU D 196 -28.71 3.61 12.50
C GLU D 196 -28.62 2.15 12.97
N MET D 197 -29.55 1.69 13.80
CA MET D 197 -29.34 0.45 14.55
C MET D 197 -30.44 -0.61 14.50
N GLU D 198 -31.60 -0.31 13.90
CA GLU D 198 -32.73 -1.26 13.93
C GLU D 198 -33.29 -1.70 12.57
N SER D 199 -33.02 -0.95 11.51
CA SER D 199 -33.71 -1.13 10.24
C SER D 199 -33.39 -2.44 9.54
N ALA D 200 -32.16 -2.94 9.66
CA ALA D 200 -31.81 -4.20 8.98
C ALA D 200 -32.63 -5.35 9.51
N THR D 201 -32.88 -5.34 10.80
CA THR D 201 -33.68 -6.38 11.45
C THR D 201 -35.15 -6.23 11.06
N LEU D 202 -35.70 -5.04 11.28
CA LEU D 202 -37.10 -4.78 10.93
C LEU D 202 -37.40 -5.15 9.48
N LEU D 203 -36.63 -4.56 8.56
CA LEU D 203 -36.93 -4.71 7.16
C LEU D 203 -36.78 -6.17 6.73
N THR D 204 -35.73 -6.83 7.20
CA THR D 204 -35.48 -8.23 6.85
C THR D 204 -36.55 -9.17 7.39
N MET D 205 -36.95 -8.97 8.64
CA MET D 205 -37.89 -9.91 9.26
C MET D 205 -39.27 -9.70 8.66
N CYS D 206 -39.52 -8.51 8.12
CA CYS D 206 -40.83 -8.18 7.54
C CYS D 206 -40.92 -8.69 6.11
N ALA D 207 -39.90 -8.38 5.31
CA ALA D 207 -39.83 -8.76 3.91
C ALA D 207 -39.75 -10.27 3.71
N SER D 208 -39.33 -10.99 4.75
CA SER D 208 -39.22 -12.44 4.71
C SER D 208 -40.43 -13.15 5.32
N GLN D 209 -41.40 -12.40 5.85
CA GLN D 209 -42.59 -12.98 6.47
C GLN D 209 -43.91 -12.42 6.00
N GLY D 210 -43.93 -11.73 4.85
CA GLY D 210 -45.17 -11.20 4.29
C GLY D 210 -45.66 -9.90 4.91
N LEU D 211 -44.89 -9.30 5.80
CA LEU D 211 -45.27 -8.04 6.44
C LEU D 211 -44.65 -6.83 5.74
N ARG D 212 -45.37 -5.71 5.74
CA ARG D 212 -44.92 -4.48 5.09
C ARG D 212 -44.16 -3.62 6.08
N ALA D 213 -43.02 -3.09 5.67
CA ALA D 213 -42.26 -2.20 6.51
C ALA D 213 -41.59 -1.07 5.72
N GLY D 214 -41.50 0.10 6.35
CA GLY D 214 -40.83 1.25 5.79
C GLY D 214 -40.08 2.00 6.88
N MET D 215 -39.07 2.77 6.49
CA MET D 215 -38.18 3.44 7.43
C MET D 215 -37.95 4.88 7.05
N VAL D 216 -38.11 5.77 8.02
CA VAL D 216 -37.82 7.18 7.84
C VAL D 216 -37.09 7.66 9.09
N ALA D 217 -36.25 8.66 8.93
CA ALA D 217 -35.48 9.19 10.07
C ALA D 217 -35.02 10.63 9.88
N GLY D 218 -34.92 11.36 10.99
CA GLY D 218 -34.38 12.71 10.97
C GLY D 218 -32.91 12.70 11.33
N VAL D 219 -32.13 13.51 10.60
CA VAL D 219 -30.67 13.55 10.74
C VAL D 219 -30.30 14.50 11.88
N ILE D 220 -29.74 13.98 12.97
CA ILE D 220 -29.39 14.83 14.14
C ILE D 220 -27.89 15.18 14.20
N VAL D 221 -27.08 14.44 13.45
CA VAL D 221 -25.65 14.74 13.34
C VAL D 221 -25.11 14.36 11.96
N ASN D 222 -23.97 14.93 11.59
CA ASN D 222 -23.26 14.56 10.39
C ASN D 222 -21.82 14.15 10.73
N ARG D 223 -21.55 12.85 10.57
CA ARG D 223 -20.26 12.23 10.92
C ARG D 223 -19.03 12.70 10.11
N THR D 224 -19.23 13.59 9.12
CA THR D 224 -18.10 14.20 8.42
C THR D 224 -17.58 15.47 9.12
N GLN D 225 -18.07 15.73 10.33
CA GLN D 225 -17.50 16.77 11.22
C GLN D 225 -17.60 16.49 12.73
N GLN D 226 -18.34 15.46 13.11
CA GLN D 226 -18.62 15.18 14.53
C GLN D 226 -18.93 13.70 14.78
N GLU D 227 -18.60 13.20 15.97
CA GLU D 227 -19.02 11.87 16.42
C GLU D 227 -20.29 11.93 17.27
N ILE D 228 -20.24 12.65 18.40
CA ILE D 228 -21.40 12.77 19.29
C ILE D 228 -22.29 13.94 18.86
N PRO D 229 -23.57 13.67 18.53
CA PRO D 229 -24.52 14.71 18.10
C PRO D 229 -24.60 15.95 19.00
N ASN D 230 -24.88 17.10 18.38
CA ASN D 230 -25.16 18.33 19.12
C ASN D 230 -26.48 18.18 19.88
N ALA D 231 -26.56 18.80 21.06
CA ALA D 231 -27.73 18.66 21.93
C ALA D 231 -28.99 19.40 21.43
N GLU D 232 -28.81 20.55 20.78
CA GLU D 232 -29.94 21.47 20.52
C GLU D 232 -30.55 21.45 19.09
N THR D 233 -30.27 20.41 18.31
CA THR D 233 -30.97 20.17 17.04
C THR D 233 -31.68 18.81 17.03
N MET D 234 -32.02 18.30 18.22
CA MET D 234 -32.78 17.05 18.38
C MET D 234 -34.24 17.33 18.79
N LYS D 235 -34.80 18.44 18.30
CA LYS D 235 -36.17 18.83 18.63
C LYS D 235 -36.95 19.23 17.36
N GLN D 236 -36.42 20.18 16.59
CA GLN D 236 -37.04 20.59 15.31
C GLN D 236 -36.91 19.46 14.28
N THR D 237 -35.89 18.61 14.45
CA THR D 237 -35.65 17.48 13.56
C THR D 237 -36.55 16.30 13.90
N GLU D 238 -36.57 15.93 15.18
CA GLU D 238 -37.38 14.80 15.67
C GLU D 238 -38.86 14.97 15.30
N SER D 239 -39.37 16.20 15.38
CA SER D 239 -40.77 16.49 15.10
C SER D 239 -41.08 16.57 13.60
N HIS D 240 -40.10 16.98 12.79
CA HIS D 240 -40.28 17.00 11.34
C HIS D 240 -40.50 15.58 10.79
N ALA D 241 -39.73 14.65 11.32
CA ALA D 241 -39.78 13.27 10.86
C ALA D 241 -41.03 12.55 11.38
N VAL D 242 -41.47 12.92 12.58
CA VAL D 242 -42.68 12.34 13.19
C VAL D 242 -43.91 12.70 12.35
N LYS D 243 -43.96 13.91 11.83
CA LYS D 243 -45.09 14.36 11.02
C LYS D 243 -45.15 13.57 9.71
N ILE D 244 -43.98 13.30 9.14
CA ILE D 244 -43.90 12.53 7.90
C ILE D 244 -44.44 11.11 8.08
N VAL D 245 -44.05 10.44 9.16
CA VAL D 245 -44.47 9.06 9.40
C VAL D 245 -45.95 8.94 9.78
N VAL D 246 -46.52 10.00 10.37
CA VAL D 246 -47.94 10.01 10.69
C VAL D 246 -48.77 10.24 9.43
N GLU D 247 -48.25 11.07 8.53
CA GLU D 247 -48.91 11.35 7.25
C GLU D 247 -48.79 10.15 6.30
N ALA D 248 -47.66 9.44 6.34
CA ALA D 248 -47.51 8.21 5.56
C ALA D 248 -48.44 7.13 6.08
N ALA D 249 -48.53 7.03 7.41
CA ALA D 249 -49.49 6.11 8.03
C ALA D 249 -50.90 6.34 7.50
N ARG D 250 -51.27 7.60 7.28
CA ARG D 250 -52.60 7.94 6.75
C ARG D 250 -52.79 7.36 5.36
N ARG D 251 -51.77 7.52 4.52
CA ARG D 251 -51.83 7.07 3.13
C ARG D 251 -51.75 5.55 3.00
N LEU D 252 -51.46 4.87 4.10
CA LEU D 252 -51.30 3.41 4.08
C LEU D 252 -52.47 2.63 4.68
N LEU D 253 -53.35 3.30 5.42
CA LEU D 253 -54.50 2.64 6.04
C LEU D 253 -55.47 2.09 5.00
N SER E 4 -12.96 2.46 -30.97
CA SER E 4 -13.72 2.01 -29.76
C SER E 4 -13.04 2.47 -28.47
N ASP E 5 -13.81 3.10 -27.58
CA ASP E 5 -13.30 3.60 -26.31
C ASP E 5 -13.35 2.54 -25.19
N VAL E 6 -13.98 1.40 -25.45
CA VAL E 6 -14.12 0.34 -24.45
C VAL E 6 -13.74 -1.00 -25.04
N PHE E 7 -13.24 -1.90 -24.20
CA PHE E 7 -12.57 -3.12 -24.67
C PHE E 7 -13.50 -4.17 -25.30
N HIS E 8 -14.68 -4.36 -24.70
CA HIS E 8 -15.57 -5.47 -25.07
C HIS E 8 -16.73 -5.09 -26.01
N LEU E 9 -17.35 -3.95 -25.77
CA LEU E 9 -18.61 -3.58 -26.43
C LEU E 9 -18.45 -3.00 -27.82
N GLY E 10 -17.24 -2.54 -28.14
CA GLY E 10 -16.94 -1.99 -29.46
C GLY E 10 -17.67 -0.69 -29.77
N LEU E 11 -17.75 0.20 -28.79
CA LEU E 11 -18.47 1.47 -28.92
C LEU E 11 -17.59 2.68 -28.57
N THR E 12 -17.90 3.83 -29.17
CA THR E 12 -17.34 5.13 -28.82
C THR E 12 -18.39 5.99 -28.13
N LYS E 13 -17.97 7.05 -27.45
CA LYS E 13 -18.91 8.00 -26.84
C LYS E 13 -19.84 8.61 -27.91
N ASN E 14 -19.30 8.87 -29.10
CA ASN E 14 -20.10 9.53 -30.12
C ASN E 14 -21.21 8.64 -30.69
N ASP E 15 -21.03 7.32 -30.62
CA ASP E 15 -22.09 6.41 -31.03
C ASP E 15 -23.36 6.63 -30.19
N LEU E 16 -23.17 6.96 -28.91
CA LEU E 16 -24.28 7.17 -27.97
C LEU E 16 -25.04 8.48 -28.16
N GLN E 17 -24.38 9.50 -28.70
CA GLN E 17 -24.99 10.81 -28.94
C GLN E 17 -25.61 11.44 -27.70
N GLY E 18 -24.94 11.34 -26.57
CA GLY E 18 -25.41 11.96 -25.34
C GLY E 18 -26.35 11.11 -24.50
N ALA E 19 -26.61 9.87 -24.93
CA ALA E 19 -27.56 8.99 -24.23
C ALA E 19 -27.04 8.68 -22.85
N THR E 20 -27.95 8.78 -21.86
CA THR E 20 -27.64 8.49 -20.46
C THR E 20 -28.48 7.34 -19.90
N LEU E 21 -29.32 6.74 -20.73
CA LEU E 21 -30.14 5.62 -20.32
C LEU E 21 -29.95 4.45 -21.27
N ALA E 22 -29.83 3.25 -20.70
CA ALA E 22 -29.75 2.00 -21.45
C ALA E 22 -30.77 1.00 -20.93
N ILE E 23 -31.48 0.35 -21.85
CA ILE E 23 -32.25 -0.82 -21.54
C ILE E 23 -31.40 -2.04 -21.85
N VAL E 24 -31.34 -2.98 -20.90
CA VAL E 24 -30.34 -4.05 -20.95
C VAL E 24 -31.00 -5.43 -20.87
N PRO E 25 -31.44 -5.95 -22.02
CA PRO E 25 -31.93 -7.35 -22.08
C PRO E 25 -30.78 -8.33 -21.98
N GLY E 26 -31.06 -9.58 -21.65
CA GLY E 26 -30.03 -10.60 -21.63
C GLY E 26 -29.69 -11.15 -23.00
N ASP E 27 -30.69 -11.22 -23.87
CA ASP E 27 -30.56 -11.91 -25.14
C ASP E 27 -30.22 -10.94 -26.28
N PRO E 28 -29.08 -11.13 -26.95
CA PRO E 28 -28.72 -10.26 -28.06
C PRO E 28 -29.80 -10.17 -29.13
N ASP E 29 -30.46 -11.28 -29.44
CA ASP E 29 -31.52 -11.32 -30.46
C ASP E 29 -32.75 -10.47 -30.08
N ARG E 30 -32.91 -10.17 -28.79
CA ARG E 30 -34.02 -9.33 -28.32
C ARG E 30 -33.76 -7.82 -28.43
N VAL E 31 -32.51 -7.42 -28.71
CA VAL E 31 -32.17 -6.00 -28.75
C VAL E 31 -32.86 -5.22 -29.90
N GLU E 32 -32.92 -5.85 -31.08
CA GLU E 32 -33.53 -5.23 -32.25
C GLU E 32 -35.02 -5.10 -32.02
N LYS E 33 -35.62 -6.16 -31.46
CA LYS E 33 -37.03 -6.17 -31.04
C LYS E 33 -37.37 -4.92 -30.24
N ILE E 34 -36.56 -4.63 -29.22
CA ILE E 34 -36.83 -3.55 -28.27
C ILE E 34 -36.61 -2.17 -28.90
N ALA E 35 -35.54 -2.02 -29.66
CA ALA E 35 -35.24 -0.78 -30.35
C ALA E 35 -36.34 -0.42 -31.35
N ALA E 36 -36.97 -1.43 -31.95
CA ALA E 36 -37.96 -1.22 -32.99
C ALA E 36 -39.28 -0.62 -32.46
N LEU E 37 -39.51 -0.71 -31.15
CA LEU E 37 -40.63 -0.03 -30.50
C LEU E 37 -40.42 1.47 -30.38
N MET E 38 -39.19 1.92 -30.63
CA MET E 38 -38.80 3.31 -30.51
C MET E 38 -38.52 3.88 -31.89
N ASP E 39 -38.13 5.15 -31.93
CA ASP E 39 -37.89 5.85 -33.18
C ASP E 39 -36.43 5.78 -33.60
N LYS E 40 -36.21 5.72 -34.91
CA LYS E 40 -34.88 5.78 -35.50
C LYS E 40 -33.91 4.71 -34.98
N PRO E 41 -34.36 3.46 -34.89
CA PRO E 41 -33.47 2.38 -34.44
C PRO E 41 -32.32 2.12 -35.42
N VAL E 42 -31.11 2.01 -34.90
CA VAL E 42 -29.93 1.65 -35.69
C VAL E 42 -28.99 0.74 -34.90
N LYS E 43 -28.54 -0.33 -35.53
CA LYS E 43 -27.46 -1.15 -34.99
C LYS E 43 -26.21 -0.28 -34.86
N LEU E 44 -25.54 -0.39 -33.73
CA LEU E 44 -24.25 0.25 -33.52
C LEU E 44 -23.13 -0.78 -33.62
N ALA E 45 -23.30 -1.92 -32.95
CA ALA E 45 -22.26 -2.93 -32.86
C ALA E 45 -22.75 -4.31 -32.37
N SER E 46 -21.89 -5.30 -32.58
CA SER E 46 -22.13 -6.66 -32.15
C SER E 46 -20.78 -7.33 -31.91
N HIS E 47 -20.47 -7.59 -30.65
CA HIS E 47 -19.26 -8.32 -30.28
C HIS E 47 -19.62 -9.27 -29.15
N ARG E 48 -19.22 -10.53 -29.31
CA ARG E 48 -19.54 -11.59 -28.38
C ARG E 48 -21.04 -11.54 -28.11
N GLU E 49 -21.46 -11.56 -26.85
CA GLU E 49 -22.88 -11.55 -26.50
C GLU E 49 -23.45 -10.13 -26.33
N PHE E 50 -22.66 -9.13 -26.70
CA PHE E 50 -23.01 -7.73 -26.52
C PHE E 50 -23.44 -7.07 -27.84
N THR E 51 -24.75 -7.02 -28.07
CA THR E 51 -25.29 -6.40 -29.26
C THR E 51 -25.90 -5.06 -28.85
N THR E 52 -25.49 -3.98 -29.50
CA THR E 52 -25.92 -2.64 -29.13
C THR E 52 -26.66 -1.96 -30.26
N TRP E 53 -27.87 -1.47 -29.96
CA TRP E 53 -28.62 -0.60 -30.85
C TRP E 53 -28.88 0.74 -30.17
N ARG E 54 -29.09 1.78 -30.97
CA ARG E 54 -29.46 3.10 -30.49
C ARG E 54 -30.78 3.47 -31.11
N ALA E 55 -31.65 4.11 -30.33
CA ALA E 55 -32.91 4.62 -30.84
C ALA E 55 -33.25 5.94 -30.16
N GLU E 56 -34.47 6.41 -30.37
CA GLU E 56 -34.89 7.72 -29.87
C GLU E 56 -36.27 7.60 -29.24
N LEU E 57 -36.44 8.24 -28.09
CA LEU E 57 -37.66 8.16 -27.31
C LEU E 57 -38.02 9.59 -26.91
N ASP E 58 -39.16 10.10 -27.40
CA ASP E 58 -39.53 11.51 -27.22
C ASP E 58 -38.35 12.45 -27.46
N GLY E 59 -37.69 12.31 -28.61
CA GLY E 59 -36.59 13.18 -28.99
C GLY E 59 -35.22 12.94 -28.38
N LYS E 60 -35.10 12.04 -27.41
CA LYS E 60 -33.83 11.78 -26.73
C LYS E 60 -33.23 10.44 -27.15
N PRO E 61 -31.91 10.38 -27.30
CA PRO E 61 -31.25 9.13 -27.67
C PRO E 61 -31.24 8.12 -26.51
N VAL E 62 -31.42 6.83 -26.84
CA VAL E 62 -31.45 5.77 -25.86
C VAL E 62 -30.67 4.58 -26.37
N ILE E 63 -30.04 3.84 -25.48
CA ILE E 63 -29.28 2.65 -25.83
C ILE E 63 -30.02 1.38 -25.44
N VAL E 64 -29.92 0.37 -26.30
CA VAL E 64 -30.39 -0.98 -25.99
C VAL E 64 -29.18 -1.89 -26.17
N CYS E 65 -28.81 -2.61 -25.13
CA CYS E 65 -27.58 -3.38 -25.15
C CYS E 65 -27.70 -4.68 -24.36
N SER E 66 -27.43 -5.82 -25.02
CA SER E 66 -27.54 -7.11 -24.35
C SER E 66 -26.37 -7.39 -23.40
N THR E 67 -26.68 -8.07 -22.31
CA THR E 67 -25.72 -8.38 -21.25
C THR E 67 -25.15 -9.75 -21.39
N GLY E 68 -25.79 -10.58 -22.20
CA GLY E 68 -25.61 -12.02 -22.11
C GLY E 68 -26.27 -12.58 -20.86
N ILE E 69 -26.10 -13.88 -20.64
CA ILE E 69 -26.55 -14.53 -19.41
C ILE E 69 -25.47 -14.43 -18.34
N GLY E 70 -25.80 -13.81 -17.23
CA GLY E 70 -25.04 -13.94 -16.00
C GLY E 70 -24.45 -12.63 -15.53
N GLY E 71 -24.18 -12.58 -14.24
CA GLY E 71 -23.54 -11.45 -13.61
C GLY E 71 -22.27 -10.98 -14.28
N PRO E 72 -21.35 -11.90 -14.59
CA PRO E 72 -20.07 -11.52 -15.18
C PRO E 72 -20.14 -10.69 -16.46
N SER E 73 -20.87 -11.16 -17.47
CA SER E 73 -21.00 -10.38 -18.70
C SER E 73 -21.83 -9.14 -18.43
N THR E 74 -22.84 -9.27 -17.58
CA THR E 74 -23.61 -8.12 -17.12
C THR E 74 -22.71 -7.05 -16.55
N SER E 75 -21.73 -7.45 -15.74
CA SER E 75 -20.82 -6.50 -15.11
C SER E 75 -19.95 -5.77 -16.13
N ILE E 76 -19.62 -6.45 -17.23
CA ILE E 76 -18.82 -5.84 -18.28
C ILE E 76 -19.64 -4.79 -19.03
N ALA E 77 -20.83 -5.16 -19.49
CA ALA E 77 -21.71 -4.25 -20.22
C ALA E 77 -22.09 -2.99 -19.42
N VAL E 78 -22.35 -3.14 -18.13
CA VAL E 78 -22.70 -1.99 -17.30
C VAL E 78 -21.48 -1.10 -17.07
N GLU E 79 -20.33 -1.68 -16.78
CA GLU E 79 -19.10 -0.90 -16.55
C GLU E 79 -18.79 -0.09 -17.78
N GLU E 80 -18.76 -0.73 -18.95
CA GLU E 80 -18.30 -0.08 -20.17
C GLU E 80 -19.32 0.92 -20.70
N LEU E 81 -20.61 0.67 -20.45
CA LEU E 81 -21.65 1.64 -20.79
C LEU E 81 -21.55 2.85 -19.87
N ALA E 82 -21.34 2.60 -18.58
CA ALA E 82 -21.11 3.68 -17.62
C ALA E 82 -19.90 4.55 -18.00
N GLN E 83 -18.83 3.94 -18.51
CA GLN E 83 -17.67 4.72 -18.96
C GLN E 83 -18.13 5.66 -20.08
N LEU E 84 -19.02 5.15 -20.94
CA LEU E 84 -19.55 5.90 -22.09
C LEU E 84 -20.65 6.93 -21.75
N GLY E 85 -21.10 6.99 -20.51
CA GLY E 85 -22.02 8.03 -20.07
C GLY E 85 -23.41 7.58 -19.60
N ILE E 86 -23.65 6.28 -19.60
CA ILE E 86 -24.93 5.75 -19.13
C ILE E 86 -25.02 5.82 -17.60
N ARG E 87 -26.11 6.41 -17.12
CA ARG E 87 -26.37 6.57 -15.69
C ARG E 87 -27.63 5.83 -15.23
N THR E 88 -28.47 5.42 -16.16
CA THR E 88 -29.69 4.66 -15.83
C THR E 88 -29.77 3.37 -16.63
N PHE E 89 -29.98 2.26 -15.93
CA PHE E 89 -30.01 0.93 -16.52
C PHE E 89 -31.32 0.23 -16.17
N LEU E 90 -32.09 -0.17 -17.18
CA LEU E 90 -33.31 -0.93 -16.96
C LEU E 90 -33.15 -2.31 -17.57
N ARG E 91 -33.05 -3.32 -16.73
CA ARG E 91 -33.01 -4.69 -17.23
C ARG E 91 -34.41 -5.20 -17.50
N ILE E 92 -34.56 -5.83 -18.67
CA ILE E 92 -35.76 -6.57 -18.99
C ILE E 92 -35.36 -8.02 -19.28
N GLY E 93 -35.98 -8.96 -18.57
CA GLY E 93 -35.63 -10.36 -18.66
C GLY E 93 -36.83 -11.30 -18.66
N THR E 94 -36.54 -12.60 -18.72
CA THR E 94 -37.52 -13.67 -18.53
C THR E 94 -37.23 -14.31 -17.17
N THR E 95 -38.22 -15.02 -16.61
CA THR E 95 -38.10 -15.50 -15.24
C THR E 95 -39.04 -16.65 -14.89
N GLY E 96 -38.60 -17.51 -13.98
CA GLY E 96 -39.44 -18.56 -13.45
C GLY E 96 -40.02 -18.10 -12.14
N ALA E 97 -41.36 -18.07 -12.06
CA ALA E 97 -42.07 -17.76 -10.84
C ALA E 97 -42.09 -18.96 -9.91
N ILE E 98 -41.88 -18.73 -8.62
CA ILE E 98 -41.90 -19.80 -7.62
C ILE E 98 -43.10 -19.75 -6.66
N GLN E 99 -43.99 -18.76 -6.82
CA GLN E 99 -45.24 -18.73 -6.06
C GLN E 99 -46.40 -19.25 -6.92
N PRO E 100 -47.36 -19.94 -6.30
CA PRO E 100 -48.46 -20.55 -7.07
C PRO E 100 -49.41 -19.54 -7.71
N HIS E 101 -49.61 -18.37 -7.10
CA HIS E 101 -50.54 -17.35 -7.60
C HIS E 101 -50.01 -16.51 -8.78
N ILE E 102 -48.71 -16.62 -9.06
CA ILE E 102 -48.08 -15.87 -10.16
C ILE E 102 -48.08 -16.74 -11.41
N ASN E 103 -48.73 -16.27 -12.47
CA ASN E 103 -48.90 -17.07 -13.70
C ASN E 103 -47.91 -16.74 -14.81
N VAL E 104 -47.79 -17.67 -15.75
CA VAL E 104 -47.08 -17.44 -17.00
C VAL E 104 -47.77 -16.27 -17.70
N GLY E 105 -47.00 -15.28 -18.16
CA GLY E 105 -47.56 -14.09 -18.75
C GLY E 105 -47.52 -12.88 -17.83
N ASP E 106 -47.39 -13.10 -16.52
CA ASP E 106 -47.31 -12.00 -15.55
C ASP E 106 -46.02 -11.20 -15.65
N VAL E 107 -46.09 -9.94 -15.21
CA VAL E 107 -44.92 -9.08 -15.13
C VAL E 107 -44.50 -8.91 -13.65
N LEU E 108 -43.20 -9.00 -13.40
CA LEU E 108 -42.65 -8.91 -12.05
C LEU E 108 -41.65 -7.75 -12.01
N VAL E 109 -41.85 -6.84 -11.07
CA VAL E 109 -40.90 -5.76 -10.80
C VAL E 109 -40.18 -6.08 -9.50
N THR E 110 -38.84 -6.08 -9.57
CA THR E 110 -37.96 -6.47 -8.49
C THR E 110 -37.56 -5.24 -7.68
N THR E 111 -37.85 -5.25 -6.39
CA THR E 111 -37.44 -4.18 -5.49
C THR E 111 -36.02 -4.41 -5.02
N ALA E 112 -35.68 -5.69 -4.82
CA ALA E 112 -34.34 -6.11 -4.43
C ALA E 112 -34.15 -7.59 -4.68
N SER E 113 -32.91 -8.05 -4.67
CA SER E 113 -32.64 -9.43 -5.06
C SER E 113 -31.85 -10.18 -3.99
N VAL E 114 -32.12 -11.48 -3.87
CA VAL E 114 -31.29 -12.37 -3.07
C VAL E 114 -30.03 -12.62 -3.87
N ARG E 115 -28.88 -12.43 -3.25
CA ARG E 115 -27.59 -12.49 -3.92
C ARG E 115 -27.03 -13.91 -3.91
N LEU E 116 -27.45 -14.70 -4.89
CA LEU E 116 -26.92 -16.04 -5.11
C LEU E 116 -25.95 -16.03 -6.31
N ASP E 117 -25.23 -14.92 -6.44
CA ASP E 117 -24.26 -14.71 -7.51
C ASP E 117 -22.88 -14.47 -6.92
N GLY E 118 -21.88 -14.38 -7.79
CA GLY E 118 -20.53 -14.08 -7.36
C GLY E 118 -20.12 -12.65 -7.65
N ALA E 119 -20.59 -12.10 -8.76
CA ALA E 119 -20.15 -10.78 -9.24
C ALA E 119 -20.51 -9.62 -8.30
N SER E 120 -21.62 -9.73 -7.57
CA SER E 120 -22.04 -8.63 -6.71
C SER E 120 -21.03 -8.40 -5.59
N LEU E 121 -20.39 -9.48 -5.15
CA LEU E 121 -19.36 -9.45 -4.12
C LEU E 121 -18.09 -8.70 -4.54
N HIS E 122 -17.88 -8.62 -5.84
CA HIS E 122 -16.77 -7.86 -6.42
C HIS E 122 -17.04 -6.33 -6.39
N PHE E 123 -18.25 -5.92 -6.00
CA PHE E 123 -18.63 -4.50 -5.86
C PHE E 123 -19.00 -4.09 -4.42
N ALA E 124 -19.55 -5.03 -3.65
CA ALA E 124 -19.94 -4.77 -2.27
C ALA E 124 -20.06 -6.09 -1.52
N PRO E 125 -19.73 -6.09 -0.23
CA PRO E 125 -19.85 -7.31 0.58
C PRO E 125 -21.32 -7.74 0.73
N LEU E 126 -21.52 -8.99 1.12
CA LEU E 126 -22.84 -9.61 1.00
C LEU E 126 -23.95 -8.88 1.75
N GLU E 127 -23.58 -8.21 2.84
CA GLU E 127 -24.52 -7.50 3.71
C GLU E 127 -25.22 -6.32 3.01
N PHE E 128 -24.56 -5.80 1.97
CA PHE E 128 -25.09 -4.72 1.15
C PHE E 128 -26.30 -5.21 0.35
N PRO E 129 -27.39 -4.47 0.39
CA PRO E 129 -28.62 -4.90 -0.28
C PRO E 129 -28.53 -4.71 -1.79
N ALA E 130 -28.88 -5.71 -2.58
CA ALA E 130 -29.01 -5.56 -4.02
C ALA E 130 -30.38 -4.91 -4.30
N VAL E 131 -30.49 -3.63 -3.94
CA VAL E 131 -31.73 -2.89 -4.03
C VAL E 131 -31.81 -2.09 -5.34
N ALA E 132 -33.00 -2.12 -5.97
CA ALA E 132 -33.25 -1.32 -7.15
C ALA E 132 -33.40 0.15 -6.75
N ASP E 133 -33.17 1.04 -7.70
CA ASP E 133 -33.37 2.47 -7.52
C ASP E 133 -34.85 2.77 -7.40
N PHE E 134 -35.20 3.71 -6.53
CA PHE E 134 -36.59 3.99 -6.20
C PHE E 134 -37.35 4.59 -7.38
N GLU E 135 -36.67 5.46 -8.12
CA GLU E 135 -37.25 6.09 -9.30
C GLU E 135 -37.50 5.09 -10.44
N CYS E 136 -36.55 4.21 -10.69
CA CYS E 136 -36.70 3.21 -11.76
C CYS E 136 -37.81 2.22 -11.43
N THR E 137 -37.87 1.79 -10.17
CA THR E 137 -38.90 0.88 -9.70
C THR E 137 -40.27 1.55 -9.82
N THR E 138 -40.41 2.77 -9.30
CA THR E 138 -41.67 3.51 -9.39
C THR E 138 -42.15 3.59 -10.84
N ALA E 139 -41.24 3.87 -11.75
CA ALA E 139 -41.56 4.08 -13.15
C ALA E 139 -41.99 2.79 -13.84
N LEU E 140 -41.36 1.69 -13.45
CA LEU E 140 -41.70 0.37 -13.98
C LEU E 140 -43.08 -0.08 -13.49
N VAL E 141 -43.41 0.20 -12.23
CA VAL E 141 -44.68 -0.23 -11.65
C VAL E 141 -45.84 0.60 -12.22
N GLU E 142 -45.67 1.92 -12.26
CA GLU E 142 -46.64 2.82 -12.88
C GLU E 142 -46.79 2.54 -14.38
N ALA E 143 -45.69 2.18 -15.06
CA ALA E 143 -45.75 1.81 -16.47
C ALA E 143 -46.59 0.55 -16.66
N ALA E 144 -46.40 -0.42 -15.76
CA ALA E 144 -47.19 -1.65 -15.75
C ALA E 144 -48.68 -1.38 -15.51
N LYS E 145 -48.97 -0.43 -14.61
CA LYS E 145 -50.34 -0.05 -14.28
C LYS E 145 -51.02 0.62 -15.47
N SER E 146 -50.27 1.44 -16.21
CA SER E 146 -50.85 2.24 -17.30
C SER E 146 -51.24 1.37 -18.52
N ILE E 147 -50.56 0.23 -18.71
CA ILE E 147 -50.91 -0.68 -19.81
C ILE E 147 -51.76 -1.89 -19.39
N GLY E 148 -52.18 -1.96 -18.13
CA GLY E 148 -53.10 -2.98 -17.66
C GLY E 148 -52.53 -4.35 -17.27
N ALA E 149 -51.22 -4.55 -17.42
CA ALA E 149 -50.58 -5.84 -17.10
C ALA E 149 -50.84 -6.29 -15.66
N THR E 150 -51.01 -7.59 -15.43
CA THR E 150 -51.16 -8.07 -14.06
C THR E 150 -49.76 -8.21 -13.46
N THR E 151 -49.53 -7.45 -12.40
CA THR E 151 -48.18 -7.14 -11.92
C THR E 151 -47.96 -7.54 -10.46
N HIS E 152 -46.76 -8.01 -10.15
CA HIS E 152 -46.35 -8.29 -8.77
C HIS E 152 -45.05 -7.58 -8.49
N VAL E 153 -44.93 -7.04 -7.28
CA VAL E 153 -43.74 -6.28 -6.88
C VAL E 153 -43.17 -6.90 -5.61
N GLY E 154 -41.88 -7.18 -5.61
CA GLY E 154 -41.27 -7.93 -4.53
C GLY E 154 -39.82 -8.34 -4.75
N VAL E 155 -39.38 -9.31 -3.95
CA VAL E 155 -38.00 -9.77 -3.96
C VAL E 155 -37.81 -10.88 -5.01
N THR E 156 -36.61 -10.92 -5.60
CA THR E 156 -36.27 -11.87 -6.65
C THR E 156 -35.03 -12.61 -6.21
N ALA E 157 -34.97 -13.92 -6.43
CA ALA E 157 -33.73 -14.67 -6.17
C ALA E 157 -32.90 -14.69 -7.45
N SER E 158 -31.65 -14.24 -7.35
CA SER E 158 -30.80 -14.05 -8.54
C SER E 158 -29.57 -14.96 -8.45
N SER E 159 -29.55 -15.97 -9.32
CA SER E 159 -28.66 -17.12 -9.22
C SER E 159 -27.61 -17.13 -10.31
N ASP E 160 -26.39 -17.55 -9.96
CA ASP E 160 -25.32 -17.73 -10.94
C ASP E 160 -25.49 -19.00 -11.81
N THR E 161 -26.48 -19.85 -11.49
CA THR E 161 -26.82 -20.97 -12.36
C THR E 161 -28.31 -21.04 -12.63
N PHE E 162 -28.63 -21.60 -13.80
CA PHE E 162 -29.98 -21.93 -14.21
C PHE E 162 -30.46 -23.20 -13.55
N TYR E 163 -29.53 -24.13 -13.30
CA TYR E 163 -29.93 -25.48 -12.88
C TYR E 163 -29.81 -25.68 -11.35
N PRO E 164 -28.66 -26.05 -10.79
CA PRO E 164 -28.62 -26.40 -9.35
C PRO E 164 -28.99 -25.22 -8.42
N GLY E 165 -28.71 -23.99 -8.86
CA GLY E 165 -28.96 -22.82 -8.04
C GLY E 165 -30.41 -22.41 -7.97
N GLN E 166 -31.19 -22.84 -8.95
CA GLN E 166 -32.64 -22.66 -8.93
C GLN E 166 -33.33 -23.98 -8.61
N GLU E 167 -32.55 -24.91 -8.01
CA GLU E 167 -33.00 -26.23 -7.57
C GLU E 167 -33.75 -27.08 -8.61
N ARG E 168 -33.17 -27.18 -9.79
CA ARG E 168 -33.64 -28.12 -10.81
C ARG E 168 -32.95 -29.47 -10.63
N TYR E 169 -33.73 -30.54 -10.68
CA TYR E 169 -33.24 -31.91 -10.57
C TYR E 169 -33.24 -32.67 -11.89
N ASP E 170 -33.95 -32.17 -12.91
CA ASP E 170 -34.02 -32.84 -14.23
C ASP E 170 -32.77 -32.47 -15.05
N THR E 171 -31.65 -33.06 -14.64
CA THR E 171 -30.31 -32.73 -15.13
C THR E 171 -29.46 -33.98 -15.32
N TYR E 172 -28.29 -33.80 -15.92
CA TYR E 172 -27.37 -34.87 -16.17
C TYR E 172 -27.01 -35.67 -14.90
N SER E 173 -26.70 -34.97 -13.80
CA SER E 173 -26.34 -35.62 -12.55
C SER E 173 -27.55 -36.00 -11.70
N GLY E 174 -28.58 -35.18 -11.76
CA GLY E 174 -29.79 -35.39 -11.01
C GLY E 174 -29.69 -35.01 -9.54
N ARG E 175 -28.56 -34.43 -9.11
CA ARG E 175 -28.45 -33.91 -7.74
C ARG E 175 -28.19 -32.41 -7.66
N VAL E 176 -28.57 -31.86 -6.52
CA VAL E 176 -28.31 -30.48 -6.17
C VAL E 176 -27.40 -30.48 -4.94
N VAL E 177 -26.41 -29.59 -4.94
CA VAL E 177 -25.44 -29.54 -3.86
C VAL E 177 -26.13 -29.17 -2.54
N ARG E 178 -25.58 -29.70 -1.44
CA ARG E 178 -26.12 -29.52 -0.10
C ARG E 178 -26.67 -28.11 0.15
N HIS E 179 -25.85 -27.11 -0.13
CA HIS E 179 -26.19 -25.73 0.14
C HIS E 179 -27.56 -25.31 -0.44
N PHE E 180 -27.87 -25.80 -1.64
CA PHE E 180 -29.10 -25.42 -2.34
C PHE E 180 -30.27 -26.42 -2.24
N LYS E 181 -30.08 -27.55 -1.56
CA LYS E 181 -31.14 -28.53 -1.37
C LYS E 181 -32.20 -27.99 -0.44
N GLY E 182 -33.45 -27.97 -0.89
CA GLY E 182 -34.55 -27.40 -0.14
C GLY E 182 -34.64 -25.88 -0.19
N SER E 183 -33.75 -25.24 -0.93
CA SER E 183 -33.65 -23.78 -0.95
C SER E 183 -34.84 -23.11 -1.63
N MET E 184 -35.36 -23.72 -2.69
CA MET E 184 -36.50 -23.13 -3.39
C MET E 184 -37.70 -22.99 -2.46
N GLU E 185 -37.96 -24.03 -1.68
CA GLU E 185 -39.08 -24.04 -0.74
C GLU E 185 -38.91 -22.96 0.32
N GLU E 186 -37.67 -22.70 0.72
CA GLU E 186 -37.39 -21.64 1.67
C GLU E 186 -37.52 -20.23 1.10
N TRP E 187 -37.14 -20.01 -0.16
CA TRP E 187 -37.30 -18.68 -0.76
C TRP E 187 -38.79 -18.42 -0.92
N GLN E 188 -39.51 -19.48 -1.26
CA GLN E 188 -40.94 -19.42 -1.46
C GLN E 188 -41.66 -19.09 -0.15
N ALA E 189 -41.17 -19.65 0.95
CA ALA E 189 -41.77 -19.40 2.27
C ALA E 189 -41.47 -17.97 2.72
N MET E 190 -40.33 -17.43 2.27
CA MET E 190 -39.92 -16.06 2.56
C MET E 190 -40.56 -14.98 1.64
N GLY E 191 -41.46 -15.39 0.73
CA GLY E 191 -42.19 -14.47 -0.14
C GLY E 191 -41.50 -14.14 -1.46
N VAL E 192 -40.33 -14.72 -1.69
CA VAL E 192 -39.62 -14.53 -2.95
C VAL E 192 -40.51 -14.95 -4.11
N MET E 193 -40.55 -14.11 -5.14
CA MET E 193 -41.49 -14.27 -6.25
C MET E 193 -40.97 -15.23 -7.30
N ASN E 194 -39.65 -15.15 -7.57
CA ASN E 194 -39.08 -15.68 -8.80
C ASN E 194 -37.56 -15.86 -8.81
N TYR E 195 -37.08 -16.59 -9.82
CA TYR E 195 -35.65 -16.79 -10.07
C TYR E 195 -35.27 -16.15 -11.39
N GLU E 196 -34.16 -15.44 -11.41
CA GLU E 196 -33.50 -15.07 -12.65
C GLU E 196 -32.00 -15.01 -12.35
N MET E 197 -31.18 -14.45 -13.23
CA MET E 197 -29.74 -14.67 -13.10
C MET E 197 -28.82 -13.43 -13.15
N GLU E 198 -29.36 -12.22 -13.34
CA GLU E 198 -28.52 -11.05 -13.53
C GLU E 198 -28.75 -9.89 -12.56
N SER E 199 -29.89 -9.83 -11.89
CA SER E 199 -30.31 -8.66 -11.14
C SER E 199 -29.51 -8.44 -9.85
N ALA E 200 -29.03 -9.50 -9.23
CA ALA E 200 -28.21 -9.31 -8.03
C ALA E 200 -26.97 -8.49 -8.38
N THR E 201 -26.32 -8.86 -9.48
CA THR E 201 -25.13 -8.16 -9.94
C THR E 201 -25.43 -6.74 -10.41
N LEU E 202 -26.43 -6.59 -11.26
CA LEU E 202 -26.82 -5.29 -11.81
C LEU E 202 -27.15 -4.30 -10.72
N LEU E 203 -28.04 -4.70 -9.83
CA LEU E 203 -28.56 -3.82 -8.82
C LEU E 203 -27.49 -3.51 -7.79
N THR E 204 -26.72 -4.51 -7.40
CA THR E 204 -25.64 -4.30 -6.44
C THR E 204 -24.59 -3.34 -7.00
N MET E 205 -24.17 -3.58 -8.23
CA MET E 205 -23.09 -2.78 -8.79
C MET E 205 -23.51 -1.34 -9.06
N CYS E 206 -24.80 -1.13 -9.30
CA CYS E 206 -25.31 0.20 -9.64
C CYS E 206 -25.56 1.01 -8.36
N ALA E 207 -26.17 0.38 -7.36
CA ALA E 207 -26.49 1.04 -6.11
C ALA E 207 -25.25 1.39 -5.28
N SER E 208 -24.12 0.74 -5.57
CA SER E 208 -22.86 1.00 -4.87
C SER E 208 -21.91 1.93 -5.67
N GLN E 209 -22.36 2.40 -6.83
CA GLN E 209 -21.57 3.31 -7.67
C GLN E 209 -22.36 4.55 -8.14
N GLY E 210 -23.52 4.83 -7.56
CA GLY E 210 -24.30 6.00 -7.91
C GLY E 210 -25.07 5.95 -9.23
N LEU E 211 -25.17 4.76 -9.83
CA LEU E 211 -25.98 4.54 -11.03
C LEU E 211 -27.42 4.07 -10.66
N ARG E 212 -28.42 4.55 -11.40
CA ARG E 212 -29.80 4.10 -11.20
C ARG E 212 -30.10 2.83 -11.99
N ALA E 213 -30.68 1.82 -11.33
CA ALA E 213 -31.05 0.57 -12.01
C ALA E 213 -32.46 0.10 -11.62
N GLY E 214 -33.19 -0.36 -12.63
CA GLY E 214 -34.47 -1.00 -12.44
C GLY E 214 -34.46 -2.37 -13.08
N MET E 215 -35.40 -3.22 -12.65
CA MET E 215 -35.46 -4.61 -13.08
C MET E 215 -36.92 -5.01 -13.27
N VAL E 216 -37.22 -5.56 -14.43
CA VAL E 216 -38.56 -6.07 -14.75
C VAL E 216 -38.42 -7.30 -15.62
N ALA E 217 -39.41 -8.19 -15.56
CA ALA E 217 -39.34 -9.48 -16.27
C ALA E 217 -40.70 -10.11 -16.49
N GLY E 218 -40.84 -10.84 -17.61
CA GLY E 218 -42.04 -11.61 -17.90
C GLY E 218 -41.89 -13.05 -17.43
N VAL E 219 -42.94 -13.60 -16.82
CA VAL E 219 -42.92 -14.97 -16.28
C VAL E 219 -43.16 -16.00 -17.41
N ILE E 220 -42.14 -16.78 -17.77
CA ILE E 220 -42.26 -17.79 -18.85
C ILE E 220 -42.47 -19.22 -18.34
N VAL E 221 -42.37 -19.43 -17.04
CA VAL E 221 -42.66 -20.73 -16.43
C VAL E 221 -42.98 -20.54 -14.95
N ASN E 222 -43.82 -21.43 -14.40
CA ASN E 222 -44.09 -21.48 -12.96
C ASN E 222 -43.50 -22.76 -12.38
N ARG E 223 -42.60 -22.61 -11.42
CA ARG E 223 -41.82 -23.72 -10.88
C ARG E 223 -42.58 -24.71 -9.98
N THR E 224 -43.74 -24.32 -9.45
CA THR E 224 -44.60 -25.28 -8.71
C THR E 224 -45.25 -26.32 -9.64
N GLN E 225 -45.06 -26.17 -10.95
CA GLN E 225 -45.67 -27.07 -11.95
C GLN E 225 -44.66 -27.80 -12.83
N GLN E 226 -43.44 -27.29 -12.95
CA GLN E 226 -42.64 -27.56 -14.13
C GLN E 226 -41.25 -26.92 -14.02
N GLU E 227 -40.23 -27.59 -14.54
CA GLU E 227 -38.88 -27.05 -14.53
C GLU E 227 -38.57 -26.27 -15.79
N ILE E 228 -38.80 -26.85 -16.95
CA ILE E 228 -38.42 -26.21 -18.21
C ILE E 228 -39.60 -25.39 -18.76
N PRO E 229 -39.35 -24.13 -19.11
CA PRO E 229 -40.39 -23.32 -19.75
C PRO E 229 -40.84 -23.90 -21.10
N ASN E 230 -42.14 -23.77 -21.36
CA ASN E 230 -42.75 -24.27 -22.58
C ASN E 230 -42.70 -23.17 -23.63
N ALA E 231 -42.06 -23.46 -24.76
CA ALA E 231 -41.84 -22.48 -25.83
C ALA E 231 -43.13 -21.93 -26.44
N GLU E 232 -44.21 -22.70 -26.37
CA GLU E 232 -45.48 -22.29 -26.95
C GLU E 232 -46.32 -21.37 -26.06
N THR E 233 -45.66 -20.54 -25.27
CA THR E 233 -46.34 -19.44 -24.59
C THR E 233 -45.40 -18.26 -24.24
N MET E 234 -44.21 -18.27 -24.83
CA MET E 234 -43.09 -17.39 -24.47
C MET E 234 -43.05 -16.03 -25.20
N LYS E 235 -43.38 -16.05 -26.50
CA LYS E 235 -43.37 -14.84 -27.33
C LYS E 235 -44.59 -13.92 -27.07
N GLN E 236 -45.66 -14.50 -26.53
CA GLN E 236 -46.81 -13.74 -26.02
C GLN E 236 -46.43 -12.88 -24.81
N THR E 237 -45.67 -13.49 -23.89
CA THR E 237 -45.23 -12.85 -22.64
C THR E 237 -44.01 -11.92 -22.78
N GLU E 238 -43.13 -12.20 -23.75
CA GLU E 238 -41.93 -11.39 -23.94
C GLU E 238 -42.29 -9.96 -24.38
N SER E 239 -43.17 -9.86 -25.39
CA SER E 239 -43.59 -8.55 -25.92
C SER E 239 -44.42 -7.69 -24.95
N HIS E 240 -44.97 -8.29 -23.89
CA HIS E 240 -45.68 -7.54 -22.85
C HIS E 240 -44.72 -6.75 -21.95
N ALA E 241 -43.67 -7.42 -21.49
CA ALA E 241 -42.67 -6.83 -20.61
C ALA E 241 -41.81 -5.80 -21.33
N VAL E 242 -41.51 -6.08 -22.59
CA VAL E 242 -40.77 -5.16 -23.45
C VAL E 242 -41.52 -3.83 -23.56
N LYS E 243 -42.84 -3.90 -23.69
CA LYS E 243 -43.68 -2.71 -23.78
C LYS E 243 -43.51 -1.87 -22.51
N ILE E 244 -43.56 -2.53 -21.37
CA ILE E 244 -43.48 -1.86 -20.07
C ILE E 244 -42.12 -1.18 -19.81
N VAL E 245 -41.03 -1.84 -20.16
CA VAL E 245 -39.72 -1.25 -19.94
C VAL E 245 -39.50 -0.01 -20.83
N VAL E 246 -40.02 -0.03 -22.06
CA VAL E 246 -39.88 1.11 -22.95
C VAL E 246 -40.68 2.31 -22.43
N GLU E 247 -41.85 2.02 -21.87
CA GLU E 247 -42.73 3.04 -21.32
C GLU E 247 -42.15 3.58 -20.00
N ALA E 248 -41.46 2.73 -19.26
CA ALA E 248 -40.79 3.17 -18.04
C ALA E 248 -39.60 4.08 -18.40
N ALA E 249 -38.89 3.74 -19.46
CA ALA E 249 -37.74 4.53 -19.92
C ALA E 249 -38.18 5.93 -20.30
N ARG E 250 -39.36 6.06 -20.91
CA ARG E 250 -39.93 7.36 -21.29
C ARG E 250 -40.06 8.25 -20.06
N ARG E 251 -40.55 7.67 -18.97
CA ARG E 251 -40.76 8.39 -17.71
C ARG E 251 -39.49 8.71 -16.94
N LEU E 252 -38.35 8.14 -17.35
CA LEU E 252 -37.07 8.36 -16.67
C LEU E 252 -36.12 9.25 -17.47
N LEU E 253 -36.48 9.63 -18.68
CA LEU E 253 -35.61 10.48 -19.50
C LEU E 253 -35.47 11.86 -18.87
N SER F 4 -36.26 -29.70 -30.19
CA SER F 4 -34.95 -29.38 -29.53
C SER F 4 -34.86 -29.92 -28.09
N ASP F 5 -33.77 -30.61 -27.77
CA ASP F 5 -33.66 -31.39 -26.52
C ASP F 5 -33.15 -30.63 -25.29
N VAL F 6 -32.56 -29.46 -25.49
CA VAL F 6 -32.08 -28.62 -24.39
C VAL F 6 -32.59 -27.19 -24.56
N PHE F 7 -32.79 -26.50 -23.45
CA PHE F 7 -33.52 -25.24 -23.49
C PHE F 7 -32.74 -24.07 -24.09
N HIS F 8 -31.43 -24.02 -23.92
CA HIS F 8 -30.66 -22.85 -24.32
C HIS F 8 -29.89 -22.99 -25.64
N LEU F 9 -29.28 -24.14 -25.88
CA LEU F 9 -28.38 -24.32 -27.04
C LEU F 9 -29.09 -24.60 -28.37
N GLY F 10 -30.34 -25.05 -28.31
CA GLY F 10 -31.12 -25.35 -29.50
C GLY F 10 -30.58 -26.55 -30.27
N LEU F 11 -30.25 -27.62 -29.54
CA LEU F 11 -29.63 -28.81 -30.12
C LEU F 11 -30.38 -30.08 -29.72
N THR F 12 -30.29 -31.08 -30.60
CA THR F 12 -30.73 -32.43 -30.30
C THR F 12 -29.51 -33.33 -30.26
N LYS F 13 -29.61 -34.43 -29.52
CA LYS F 13 -28.57 -35.46 -29.48
C LYS F 13 -28.11 -35.82 -30.87
N ASN F 14 -29.06 -35.85 -31.82
CA ASN F 14 -28.76 -36.31 -33.16
C ASN F 14 -27.80 -35.38 -33.92
N ASP F 15 -27.97 -34.07 -33.72
CA ASP F 15 -27.03 -33.06 -34.21
C ASP F 15 -25.57 -33.38 -33.84
N LEU F 16 -25.36 -33.93 -32.65
CA LEU F 16 -24.00 -34.26 -32.18
C LEU F 16 -23.37 -35.45 -32.92
N GLN F 17 -24.21 -36.40 -33.35
CA GLN F 17 -23.77 -37.57 -34.13
C GLN F 17 -22.79 -38.45 -33.36
N GLY F 18 -23.06 -38.67 -32.08
CA GLY F 18 -22.22 -39.48 -31.20
C GLY F 18 -21.03 -38.75 -30.57
N ALA F 19 -20.92 -37.45 -30.80
CA ALA F 19 -19.79 -36.68 -30.24
C ALA F 19 -19.78 -36.78 -28.73
N THR F 20 -18.61 -37.00 -28.16
CA THR F 20 -18.41 -37.02 -26.71
C THR F 20 -17.42 -35.97 -26.22
N LEU F 21 -16.84 -35.19 -27.13
CA LEU F 21 -15.86 -34.16 -26.78
C LEU F 21 -16.28 -32.84 -27.39
N ALA F 22 -16.31 -31.78 -26.59
CA ALA F 22 -16.51 -30.42 -27.09
C ALA F 22 -15.34 -29.51 -26.74
N ILE F 23 -14.93 -28.69 -27.71
CA ILE F 23 -14.05 -27.56 -27.44
C ILE F 23 -14.94 -26.37 -27.18
N VAL F 24 -14.70 -25.68 -26.07
CA VAL F 24 -15.60 -24.63 -25.61
C VAL F 24 -14.88 -23.28 -25.44
N PRO F 25 -14.81 -22.48 -26.50
CA PRO F 25 -14.27 -21.13 -26.39
C PRO F 25 -15.30 -20.21 -25.77
N GLY F 26 -14.88 -19.04 -25.31
CA GLY F 26 -15.78 -18.06 -24.72
C GLY F 26 -16.61 -17.33 -25.75
N ASP F 27 -15.95 -16.90 -26.82
CA ASP F 27 -16.52 -16.02 -27.83
C ASP F 27 -17.23 -16.79 -28.94
N PRO F 28 -18.51 -16.49 -29.21
CA PRO F 28 -19.24 -17.12 -30.31
C PRO F 28 -18.65 -16.93 -31.69
N ASP F 29 -17.98 -15.81 -31.97
CA ASP F 29 -17.39 -15.56 -33.29
C ASP F 29 -16.16 -16.44 -33.57
N ARG F 30 -15.58 -17.01 -32.51
CA ARG F 30 -14.38 -17.85 -32.62
C ARG F 30 -14.67 -19.30 -33.00
N VAL F 31 -15.93 -19.73 -32.85
CA VAL F 31 -16.34 -21.13 -33.00
C VAL F 31 -16.10 -21.65 -34.42
N GLU F 32 -16.51 -20.88 -35.42
CA GLU F 32 -16.27 -21.23 -36.82
C GLU F 32 -14.78 -21.36 -37.09
N LYS F 33 -13.99 -20.47 -36.50
CA LYS F 33 -12.54 -20.48 -36.64
C LYS F 33 -11.95 -21.82 -36.17
N ILE F 34 -12.43 -22.31 -35.02
CA ILE F 34 -11.93 -23.56 -34.44
C ILE F 34 -12.40 -24.77 -35.28
N ALA F 35 -13.65 -24.75 -35.69
CA ALA F 35 -14.24 -25.83 -36.50
C ALA F 35 -13.53 -26.01 -37.84
N ALA F 36 -13.05 -24.90 -38.39
CA ALA F 36 -12.45 -24.91 -39.72
C ALA F 36 -11.08 -25.59 -39.77
N LEU F 37 -10.40 -25.66 -38.63
CA LEU F 37 -9.14 -26.41 -38.53
C LEU F 37 -9.35 -27.92 -38.61
N MET F 38 -10.59 -28.38 -38.50
CA MET F 38 -10.93 -29.80 -38.52
C MET F 38 -11.69 -30.12 -39.82
N ASP F 39 -12.10 -31.37 -39.98
CA ASP F 39 -12.78 -31.81 -41.20
C ASP F 39 -14.30 -31.67 -41.10
N LYS F 40 -14.95 -31.65 -42.26
CA LYS F 40 -16.41 -31.57 -42.39
C LYS F 40 -17.10 -30.60 -41.43
N PRO F 41 -16.68 -29.34 -41.40
CA PRO F 41 -17.28 -28.37 -40.46
C PRO F 41 -18.68 -27.96 -40.89
N VAL F 42 -19.63 -28.11 -39.97
CA VAL F 42 -21.03 -27.76 -40.21
C VAL F 42 -21.59 -27.01 -39.01
N LYS F 43 -22.27 -25.90 -39.26
CA LYS F 43 -22.93 -25.12 -38.20
C LYS F 43 -24.18 -25.85 -37.72
N LEU F 44 -24.32 -26.00 -36.41
CA LEU F 44 -25.47 -26.67 -35.83
C LEU F 44 -26.53 -25.68 -35.35
N ALA F 45 -26.11 -24.59 -34.70
CA ALA F 45 -27.05 -23.65 -34.09
C ALA F 45 -26.40 -22.37 -33.58
N SER F 46 -27.26 -21.42 -33.26
CA SER F 46 -26.86 -20.15 -32.65
C SER F 46 -28.04 -19.51 -31.95
N HIS F 47 -28.00 -19.52 -30.63
CA HIS F 47 -28.97 -18.81 -29.80
C HIS F 47 -28.18 -18.10 -28.73
N ARG F 48 -28.55 -16.86 -28.45
CA ARG F 48 -27.87 -16.07 -27.44
C ARG F 48 -26.37 -16.10 -27.72
N GLU F 49 -25.58 -16.38 -26.68
CA GLU F 49 -24.12 -16.43 -26.78
C GLU F 49 -23.60 -17.82 -27.15
N PHE F 50 -24.51 -18.79 -27.31
CA PHE F 50 -24.14 -20.17 -27.62
C PHE F 50 -24.23 -20.48 -29.12
N THR F 51 -23.07 -20.48 -29.77
CA THR F 51 -22.94 -20.88 -31.15
C THR F 51 -22.27 -22.24 -31.18
N THR F 52 -22.88 -23.20 -31.88
CA THR F 52 -22.41 -24.58 -31.91
C THR F 52 -22.12 -25.04 -33.32
N TRP F 53 -20.91 -25.56 -33.55
CA TRP F 53 -20.53 -26.19 -34.79
C TRP F 53 -20.16 -27.64 -34.50
N ARG F 54 -20.43 -28.52 -35.45
CA ARG F 54 -19.87 -29.88 -35.46
C ARG F 54 -18.78 -29.99 -36.52
N ALA F 55 -17.80 -30.84 -36.24
CA ALA F 55 -16.70 -31.13 -37.15
C ALA F 55 -16.23 -32.54 -36.89
N GLU F 56 -15.24 -32.99 -37.65
CA GLU F 56 -14.67 -34.33 -37.50
C GLU F 56 -13.19 -34.23 -37.21
N LEU F 57 -12.68 -35.13 -36.39
CA LEU F 57 -11.28 -35.12 -36.00
C LEU F 57 -10.77 -36.55 -36.05
N ASP F 58 -9.83 -36.81 -36.97
CA ASP F 58 -9.34 -38.18 -37.21
C ASP F 58 -10.51 -39.14 -37.34
N GLY F 59 -11.54 -38.73 -38.10
CA GLY F 59 -12.70 -39.58 -38.37
C GLY F 59 -13.81 -39.61 -37.31
N LYS F 60 -13.69 -38.81 -36.25
CA LYS F 60 -14.63 -38.83 -35.12
C LYS F 60 -15.33 -37.47 -34.92
N PRO F 61 -16.64 -37.48 -34.69
CA PRO F 61 -17.39 -36.23 -34.54
C PRO F 61 -17.00 -35.48 -33.25
N VAL F 62 -16.91 -34.16 -33.36
CA VAL F 62 -16.42 -33.29 -32.30
C VAL F 62 -17.20 -31.97 -32.32
N ILE F 63 -17.60 -31.50 -31.15
CA ILE F 63 -18.40 -30.28 -31.03
C ILE F 63 -17.50 -29.09 -30.69
N VAL F 64 -17.81 -27.93 -31.28
CA VAL F 64 -17.25 -26.65 -30.84
C VAL F 64 -18.41 -25.75 -30.46
N CYS F 65 -18.43 -25.27 -29.21
CA CYS F 65 -19.56 -24.54 -28.66
C CYS F 65 -19.14 -23.41 -27.75
N SER F 66 -19.60 -22.19 -28.02
CA SER F 66 -19.24 -21.03 -27.21
C SER F 66 -19.99 -20.97 -25.87
N THR F 67 -19.33 -20.46 -24.84
CA THR F 67 -19.92 -20.36 -23.49
C THR F 67 -20.44 -18.98 -23.14
N GLY F 68 -19.99 -17.99 -23.89
CA GLY F 68 -20.06 -16.61 -23.47
C GLY F 68 -19.08 -16.34 -22.33
N ILE F 69 -19.02 -15.07 -21.90
CA ILE F 69 -18.23 -14.70 -20.74
C ILE F 69 -18.98 -15.07 -19.47
N GLY F 70 -18.28 -15.73 -18.54
CA GLY F 70 -18.78 -15.94 -17.21
C GLY F 70 -19.13 -17.38 -16.92
N GLY F 71 -18.96 -17.76 -15.66
CA GLY F 71 -19.40 -19.03 -15.11
C GLY F 71 -20.87 -19.37 -15.32
N PRO F 72 -21.78 -18.41 -15.15
CA PRO F 72 -23.21 -18.70 -15.32
C PRO F 72 -23.60 -19.31 -16.67
N SER F 73 -23.19 -18.67 -17.76
CA SER F 73 -23.54 -19.17 -19.08
C SER F 73 -22.67 -20.35 -19.48
N THR F 74 -21.47 -20.42 -18.93
CA THR F 74 -20.61 -21.57 -19.09
C THR F 74 -21.30 -22.78 -18.48
N SER F 75 -21.90 -22.61 -17.31
CA SER F 75 -22.56 -23.71 -16.63
C SER F 75 -23.78 -24.21 -17.40
N ILE F 76 -24.40 -23.33 -18.20
CA ILE F 76 -25.56 -23.73 -19.00
C ILE F 76 -25.12 -24.59 -20.18
N ALA F 77 -24.06 -24.18 -20.87
CA ALA F 77 -23.58 -24.88 -22.05
C ALA F 77 -23.01 -26.24 -21.68
N VAL F 78 -22.27 -26.30 -20.59
CA VAL F 78 -21.67 -27.54 -20.14
C VAL F 78 -22.75 -28.52 -19.67
N GLU F 79 -23.70 -28.05 -18.87
CA GLU F 79 -24.79 -28.90 -18.39
C GLU F 79 -25.57 -29.45 -19.58
N GLU F 80 -25.88 -28.59 -20.54
CA GLU F 80 -26.76 -29.01 -21.64
C GLU F 80 -26.01 -29.88 -22.66
N LEU F 81 -24.71 -29.64 -22.83
CA LEU F 81 -23.89 -30.50 -23.68
C LEU F 81 -23.69 -31.87 -23.02
N ALA F 82 -23.68 -31.90 -21.69
CA ALA F 82 -23.55 -33.15 -20.92
C ALA F 82 -24.81 -34.00 -21.05
N GLN F 83 -25.97 -33.35 -21.08
CA GLN F 83 -27.24 -34.05 -21.29
C GLN F 83 -27.24 -34.67 -22.69
N LEU F 84 -26.55 -34.03 -23.62
CA LEU F 84 -26.48 -34.47 -25.02
C LEU F 84 -25.39 -35.51 -25.26
N GLY F 85 -24.62 -35.84 -24.21
CA GLY F 85 -23.63 -36.91 -24.26
C GLY F 85 -22.17 -36.49 -24.32
N ILE F 86 -21.87 -35.22 -24.06
CA ILE F 86 -20.48 -34.75 -24.00
C ILE F 86 -19.89 -35.11 -22.64
N ARG F 87 -18.70 -35.70 -22.67
CA ARG F 87 -18.01 -36.15 -21.48
C ARG F 87 -16.65 -35.49 -21.26
N THR F 88 -16.11 -34.84 -22.29
CA THR F 88 -14.82 -34.17 -22.22
C THR F 88 -14.98 -32.74 -22.74
N PHE F 89 -14.63 -31.76 -21.92
CA PHE F 89 -14.71 -30.36 -22.30
C PHE F 89 -13.30 -29.76 -22.26
N LEU F 90 -12.92 -29.04 -23.30
CA LEU F 90 -11.65 -28.35 -23.34
C LEU F 90 -11.93 -26.89 -23.57
N ARG F 91 -11.74 -26.07 -22.54
CA ARG F 91 -11.86 -24.62 -22.70
C ARG F 91 -10.59 -24.08 -23.30
N ILE F 92 -10.75 -23.27 -24.33
CA ILE F 92 -9.68 -22.45 -24.87
C ILE F 92 -10.10 -20.99 -24.74
N GLY F 93 -9.27 -20.18 -24.08
CA GLY F 93 -9.64 -18.80 -23.79
C GLY F 93 -8.53 -17.81 -24.05
N THR F 94 -8.83 -16.55 -23.74
CA THR F 94 -7.82 -15.50 -23.64
C THR F 94 -7.66 -15.11 -22.18
N THR F 95 -6.54 -14.48 -21.85
CA THR F 95 -6.17 -14.34 -20.44
C THR F 95 -5.14 -13.23 -20.22
N GLY F 96 -5.08 -12.76 -18.99
CA GLY F 96 -4.14 -11.74 -18.58
C GLY F 96 -3.13 -12.30 -17.62
N ALA F 97 -1.86 -12.31 -18.02
CA ALA F 97 -0.79 -12.79 -17.17
C ALA F 97 -0.53 -11.81 -16.03
N ILE F 98 -0.23 -12.33 -14.84
CA ILE F 98 0.15 -11.48 -13.72
C ILE F 98 1.59 -11.73 -13.25
N GLN F 99 2.36 -12.48 -14.02
CA GLN F 99 3.76 -12.75 -13.71
C GLN F 99 4.67 -12.15 -14.78
N PRO F 100 5.77 -11.53 -14.37
CA PRO F 100 6.66 -10.82 -15.29
C PRO F 100 7.39 -11.70 -16.32
N HIS F 101 7.52 -13.01 -16.06
CA HIS F 101 8.19 -13.90 -17.01
C HIS F 101 7.25 -14.41 -18.11
N ILE F 102 5.96 -14.18 -17.95
CA ILE F 102 5.00 -14.65 -18.95
C ILE F 102 4.79 -13.57 -20.02
N ASN F 103 4.81 -13.99 -21.28
CA ASN F 103 4.72 -13.08 -22.42
C ASN F 103 3.36 -13.09 -23.09
N VAL F 104 3.03 -11.99 -23.76
CA VAL F 104 1.89 -11.98 -24.66
C VAL F 104 2.23 -12.94 -25.79
N GLY F 105 1.27 -13.78 -26.16
CA GLY F 105 1.49 -14.82 -27.14
C GLY F 105 1.72 -16.18 -26.51
N ASP F 106 2.06 -16.22 -25.23
CA ASP F 106 2.32 -17.47 -24.53
C ASP F 106 1.04 -18.26 -24.26
N VAL F 107 1.23 -19.55 -24.03
CA VAL F 107 0.15 -20.48 -23.81
C VAL F 107 0.20 -20.94 -22.36
N LEU F 108 -0.91 -20.77 -21.64
CA LEU F 108 -0.97 -21.11 -20.22
C LEU F 108 -1.96 -22.22 -20.00
N VAL F 109 -1.47 -23.34 -19.45
CA VAL F 109 -2.31 -24.48 -19.12
C VAL F 109 -2.57 -24.50 -17.63
N THR F 110 -3.85 -24.53 -17.27
CA THR F 110 -4.29 -24.45 -15.90
C THR F 110 -4.41 -25.82 -15.27
N THR F 111 -3.67 -26.06 -14.17
CA THR F 111 -3.83 -27.26 -13.37
C THR F 111 -5.03 -27.18 -12.43
N ALA F 112 -5.31 -25.96 -11.96
CA ALA F 112 -6.43 -25.71 -11.04
C ALA F 112 -6.61 -24.20 -10.88
N SER F 113 -7.80 -23.79 -10.45
CA SER F 113 -8.15 -22.37 -10.40
C SER F 113 -8.50 -21.92 -9.00
N VAL F 114 -8.21 -20.66 -8.74
CA VAL F 114 -8.62 -19.98 -7.53
C VAL F 114 -10.06 -19.58 -7.82
N ARG F 115 -11.01 -20.01 -7.00
CA ARG F 115 -12.42 -19.83 -7.30
C ARG F 115 -12.91 -18.47 -6.84
N LEU F 116 -12.75 -17.47 -7.70
CA LEU F 116 -13.24 -16.12 -7.43
C LEU F 116 -14.59 -15.91 -8.13
N ASP F 117 -15.35 -17.00 -8.20
CA ASP F 117 -16.63 -17.01 -8.91
C ASP F 117 -17.77 -17.45 -8.00
N GLY F 118 -19.00 -17.36 -8.52
CA GLY F 118 -20.18 -17.80 -7.80
C GLY F 118 -20.69 -19.17 -8.26
N ALA F 119 -20.63 -19.44 -9.57
CA ALA F 119 -21.25 -20.64 -10.14
C ALA F 119 -20.65 -21.95 -9.64
N SER F 120 -19.33 -21.97 -9.41
CA SER F 120 -18.67 -23.16 -8.86
C SER F 120 -19.28 -23.61 -7.53
N LEU F 121 -19.65 -22.66 -6.68
CA LEU F 121 -20.31 -22.96 -5.40
C LEU F 121 -21.64 -23.69 -5.55
N HIS F 122 -22.31 -23.50 -6.68
CA HIS F 122 -23.57 -24.18 -6.95
C HIS F 122 -23.37 -25.68 -7.28
N PHE F 123 -22.11 -26.12 -7.36
CA PHE F 123 -21.74 -27.53 -7.63
C PHE F 123 -20.93 -28.18 -6.51
N ALA F 124 -20.18 -27.39 -5.77
CA ALA F 124 -19.37 -27.91 -4.66
C ALA F 124 -18.99 -26.77 -3.73
N PRO F 125 -18.86 -27.04 -2.44
CA PRO F 125 -18.50 -25.99 -1.50
C PRO F 125 -17.09 -25.55 -1.81
N LEU F 126 -16.72 -24.37 -1.33
CA LEU F 126 -15.49 -23.69 -1.73
C LEU F 126 -14.24 -24.53 -1.49
N GLU F 127 -14.28 -25.35 -0.45
CA GLU F 127 -13.14 -26.20 -0.10
C GLU F 127 -12.77 -27.24 -1.16
N PHE F 128 -13.67 -27.50 -2.12
CA PHE F 128 -13.40 -28.43 -3.23
C PHE F 128 -12.49 -27.79 -4.27
N PRO F 129 -11.45 -28.49 -4.69
CA PRO F 129 -10.49 -27.91 -5.63
C PRO F 129 -11.04 -27.84 -7.04
N ALA F 130 -10.99 -26.65 -7.66
CA ALA F 130 -11.31 -26.49 -9.07
C ALA F 130 -10.15 -27.02 -9.90
N VAL F 131 -10.01 -28.33 -9.92
CA VAL F 131 -8.84 -28.97 -10.51
C VAL F 131 -9.19 -29.57 -11.88
N ALA F 132 -8.24 -29.45 -12.80
CA ALA F 132 -8.39 -29.96 -14.15
C ALA F 132 -8.24 -31.47 -14.10
N ASP F 133 -8.82 -32.15 -15.08
CA ASP F 133 -8.64 -33.58 -15.26
C ASP F 133 -7.22 -33.84 -15.71
N PHE F 134 -6.58 -34.85 -15.13
CA PHE F 134 -5.17 -35.13 -15.36
C PHE F 134 -4.88 -35.53 -16.80
N GLU F 135 -5.75 -36.33 -17.39
CA GLU F 135 -5.59 -36.69 -18.80
C GLU F 135 -5.72 -35.47 -19.72
N CYS F 136 -6.72 -34.62 -19.48
CA CYS F 136 -6.90 -33.45 -20.35
C CYS F 136 -5.68 -32.52 -20.26
N THR F 137 -5.17 -32.31 -19.04
CA THR F 137 -4.04 -31.43 -18.81
C THR F 137 -2.79 -31.97 -19.48
N THR F 138 -2.58 -33.28 -19.35
CA THR F 138 -1.47 -34.00 -19.97
C THR F 138 -1.49 -33.84 -21.47
N ALA F 139 -2.66 -33.97 -22.06
CA ALA F 139 -2.81 -33.83 -23.51
C ALA F 139 -2.52 -32.41 -23.97
N LEU F 140 -2.87 -31.42 -23.14
CA LEU F 140 -2.64 -30.01 -23.47
C LEU F 140 -1.15 -29.68 -23.46
N VAL F 141 -0.47 -30.14 -22.42
CA VAL F 141 0.97 -29.92 -22.26
C VAL F 141 1.74 -30.56 -23.43
N GLU F 142 1.44 -31.83 -23.72
CA GLU F 142 2.13 -32.55 -24.78
C GLU F 142 1.83 -31.98 -26.17
N ALA F 143 0.61 -31.51 -26.38
CA ALA F 143 0.23 -30.87 -27.64
C ALA F 143 1.04 -29.61 -27.83
N ALA F 144 1.18 -28.82 -26.77
CA ALA F 144 1.94 -27.58 -26.81
C ALA F 144 3.42 -27.85 -27.09
N LYS F 145 3.98 -28.87 -26.44
CA LYS F 145 5.36 -29.31 -26.67
C LYS F 145 5.56 -29.78 -28.13
N SER F 146 4.54 -30.39 -28.74
CA SER F 146 4.69 -30.93 -30.08
C SER F 146 4.78 -29.85 -31.16
N ILE F 147 4.05 -28.74 -31.00
CA ILE F 147 4.20 -27.60 -31.91
C ILE F 147 5.24 -26.56 -31.46
N GLY F 148 5.89 -26.82 -30.33
CA GLY F 148 6.98 -25.97 -29.84
C GLY F 148 6.57 -24.60 -29.33
N ALA F 149 5.35 -24.47 -28.84
CA ALA F 149 4.86 -23.22 -28.26
C ALA F 149 5.43 -22.99 -26.87
N THR F 150 5.79 -21.74 -26.56
CA THR F 150 6.30 -21.44 -25.22
C THR F 150 5.12 -21.44 -24.22
N THR F 151 5.23 -22.32 -23.23
CA THR F 151 4.10 -22.75 -22.42
C THR F 151 4.44 -22.67 -20.94
N HIS F 152 3.44 -22.34 -20.12
CA HIS F 152 3.58 -22.39 -18.68
C HIS F 152 2.40 -23.16 -18.12
N VAL F 153 2.65 -23.90 -17.05
CA VAL F 153 1.67 -24.76 -16.42
C VAL F 153 1.53 -24.36 -14.95
N GLY F 154 0.31 -24.02 -14.54
CA GLY F 154 0.08 -23.67 -13.15
C GLY F 154 -1.32 -23.23 -12.81
N VAL F 155 -1.41 -22.47 -11.71
CA VAL F 155 -2.68 -22.09 -11.11
C VAL F 155 -3.18 -20.79 -11.72
N THR F 156 -4.49 -20.69 -11.88
CA THR F 156 -5.15 -19.56 -12.53
C THR F 156 -6.21 -18.96 -11.62
N ALA F 157 -6.26 -17.64 -11.48
CA ALA F 157 -7.35 -16.98 -10.77
C ALA F 157 -8.55 -16.72 -11.69
N SER F 158 -9.70 -17.26 -11.31
CA SER F 158 -10.89 -17.23 -12.16
C SER F 158 -11.95 -16.33 -11.54
N SER F 159 -12.15 -15.16 -12.12
CA SER F 159 -12.94 -14.09 -11.52
C SER F 159 -14.28 -13.86 -12.20
N ASP F 160 -15.31 -13.63 -11.41
CA ASP F 160 -16.64 -13.32 -11.92
C ASP F 160 -16.72 -11.93 -12.54
N THR F 161 -15.67 -11.11 -12.39
CA THR F 161 -15.57 -9.86 -13.14
C THR F 161 -14.27 -9.73 -13.89
N PHE F 162 -14.30 -8.88 -14.91
CA PHE F 162 -13.13 -8.46 -15.64
C PHE F 162 -12.42 -7.35 -14.90
N TYR F 163 -13.18 -6.48 -14.22
CA TYR F 163 -12.63 -5.26 -13.68
C TYR F 163 -12.17 -5.38 -12.20
N PRO F 164 -13.05 -5.19 -11.21
CA PRO F 164 -12.58 -5.14 -9.82
C PRO F 164 -12.01 -6.46 -9.29
N GLY F 165 -12.54 -7.60 -9.72
CA GLY F 165 -12.07 -8.90 -9.28
C GLY F 165 -10.68 -9.20 -9.80
N GLN F 166 -10.31 -8.51 -10.87
CA GLN F 166 -8.96 -8.59 -11.41
C GLN F 166 -8.18 -7.33 -11.07
N GLU F 167 -8.64 -6.63 -10.04
CA GLU F 167 -8.03 -5.40 -9.53
C GLU F 167 -7.59 -4.40 -10.59
N ARG F 168 -8.55 -4.00 -11.42
CA ARG F 168 -8.42 -2.92 -12.38
C ARG F 168 -9.02 -1.66 -11.76
N TYR F 169 -8.25 -0.59 -11.83
CA TYR F 169 -8.60 0.71 -11.26
C TYR F 169 -8.96 1.73 -12.30
N ASP F 170 -8.59 1.50 -13.55
CA ASP F 170 -8.96 2.39 -14.65
C ASP F 170 -10.40 2.12 -15.07
N THR F 171 -11.33 2.63 -14.27
CA THR F 171 -12.75 2.32 -14.43
C THR F 171 -13.60 3.54 -14.18
N TYR F 172 -14.90 3.42 -14.43
CA TYR F 172 -15.87 4.47 -14.14
C TYR F 172 -15.70 5.01 -12.71
N SER F 173 -15.68 4.12 -11.72
CA SER F 173 -15.52 4.48 -10.31
C SER F 173 -14.07 4.65 -9.85
N GLY F 174 -13.16 3.90 -10.46
CA GLY F 174 -11.76 3.96 -10.09
C GLY F 174 -11.42 3.34 -8.74
N ARG F 175 -12.33 2.56 -8.18
CA ARG F 175 -12.06 1.89 -6.91
C ARG F 175 -12.40 0.41 -6.92
N VAL F 176 -11.86 -0.30 -5.93
CA VAL F 176 -12.07 -1.72 -5.75
C VAL F 176 -12.48 -2.01 -4.31
N VAL F 177 -13.56 -2.77 -4.16
CA VAL F 177 -14.08 -3.20 -2.86
C VAL F 177 -12.93 -3.80 -2.02
N ARG F 178 -12.99 -3.64 -0.71
CA ARG F 178 -11.86 -4.01 0.15
C ARG F 178 -11.40 -5.47 0.01
N HIS F 179 -12.35 -6.38 -0.15
CA HIS F 179 -12.01 -7.79 -0.38
C HIS F 179 -10.94 -7.98 -1.50
N PHE F 180 -11.02 -7.19 -2.57
CA PHE F 180 -10.12 -7.34 -3.72
C PHE F 180 -8.98 -6.31 -3.81
N LYS F 181 -8.96 -5.32 -2.92
CA LYS F 181 -7.83 -4.40 -2.78
C LYS F 181 -6.56 -5.15 -2.37
N GLY F 182 -5.49 -4.98 -3.13
CA GLY F 182 -4.25 -5.71 -2.91
C GLY F 182 -4.28 -7.21 -3.26
N SER F 183 -5.32 -7.66 -3.95
CA SER F 183 -5.49 -9.10 -4.18
C SER F 183 -4.59 -9.60 -5.30
N MET F 184 -4.40 -8.84 -6.36
CA MET F 184 -3.49 -9.25 -7.42
C MET F 184 -2.10 -9.55 -6.85
N GLU F 185 -1.64 -8.71 -5.94
CA GLU F 185 -0.33 -8.87 -5.32
C GLU F 185 -0.20 -10.18 -4.56
N GLU F 186 -1.25 -10.56 -3.83
CA GLU F 186 -1.25 -11.82 -3.09
C GLU F 186 -1.24 -13.02 -4.03
N TRP F 187 -1.97 -12.97 -5.13
CA TRP F 187 -1.99 -14.08 -6.07
C TRP F 187 -0.62 -14.18 -6.78
N GLN F 188 -0.01 -13.03 -7.08
CA GLN F 188 1.31 -12.98 -7.69
C GLN F 188 2.35 -13.69 -6.82
N ALA F 189 2.33 -13.37 -5.52
CA ALA F 189 3.27 -13.92 -4.55
C ALA F 189 3.04 -15.42 -4.38
N MET F 190 1.81 -15.86 -4.58
CA MET F 190 1.43 -17.26 -4.48
C MET F 190 1.69 -18.07 -5.77
N GLY F 191 2.27 -17.43 -6.79
CA GLY F 191 2.68 -18.11 -8.02
C GLY F 191 1.57 -18.32 -9.02
N VAL F 192 0.45 -17.62 -8.82
CA VAL F 192 -0.64 -17.65 -9.76
C VAL F 192 -0.19 -16.99 -11.06
N MET F 193 -0.40 -17.69 -12.17
CA MET F 193 0.05 -17.26 -13.48
C MET F 193 -0.80 -16.14 -14.09
N ASN F 194 -2.11 -16.18 -13.87
CA ASN F 194 -3.05 -15.41 -14.68
C ASN F 194 -4.46 -15.25 -14.13
N TYR F 195 -5.19 -14.32 -14.75
CA TYR F 195 -6.62 -14.13 -14.54
C TYR F 195 -7.38 -14.54 -15.80
N GLU F 196 -8.54 -15.19 -15.60
CA GLU F 196 -9.59 -15.22 -16.61
C GLU F 196 -10.92 -15.40 -15.87
N MET F 197 -11.98 -15.84 -16.54
CA MET F 197 -13.33 -15.74 -15.97
C MET F 197 -14.19 -17.01 -15.94
N GLU F 198 -13.78 -18.10 -16.57
CA GLU F 198 -14.67 -19.27 -16.68
C GLU F 198 -14.18 -20.59 -16.07
N SER F 199 -12.87 -20.68 -15.81
CA SER F 199 -12.23 -21.95 -15.47
C SER F 199 -12.65 -22.51 -14.11
N ALA F 200 -12.84 -21.66 -13.12
CA ALA F 200 -13.25 -22.15 -11.81
C ALA F 200 -14.59 -22.87 -11.93
N THR F 201 -15.54 -22.24 -12.60
CA THR F 201 -16.86 -22.84 -12.85
C THR F 201 -16.72 -24.15 -13.64
N LEU F 202 -16.05 -24.11 -14.78
CA LEU F 202 -15.91 -25.31 -15.64
C LEU F 202 -15.23 -26.46 -14.91
N LEU F 203 -14.11 -26.19 -14.28
CA LEU F 203 -13.32 -27.24 -13.65
C LEU F 203 -14.00 -27.83 -12.42
N THR F 204 -14.74 -27.02 -11.68
CA THR F 204 -15.43 -27.50 -10.48
C THR F 204 -16.64 -28.34 -10.84
N MET F 205 -17.47 -27.83 -11.73
CA MET F 205 -18.68 -28.57 -12.09
C MET F 205 -18.31 -29.89 -12.78
N CYS F 206 -17.25 -29.88 -13.58
CA CYS F 206 -16.84 -31.09 -14.29
C CYS F 206 -16.24 -32.15 -13.34
N ALA F 207 -15.32 -31.74 -12.49
CA ALA F 207 -14.71 -32.63 -11.51
C ALA F 207 -15.70 -33.14 -10.46
N SER F 208 -16.75 -32.37 -10.18
CA SER F 208 -17.73 -32.76 -9.17
C SER F 208 -18.78 -33.70 -9.75
N GLN F 209 -18.79 -33.89 -11.07
CA GLN F 209 -19.79 -34.70 -11.76
C GLN F 209 -19.21 -35.81 -12.66
N GLY F 210 -17.92 -36.11 -12.53
CA GLY F 210 -17.32 -37.19 -13.31
C GLY F 210 -17.06 -36.87 -14.79
N LEU F 211 -17.11 -35.59 -15.14
CA LEU F 211 -16.78 -35.12 -16.49
C LEU F 211 -15.34 -34.64 -16.53
N ARG F 212 -14.64 -34.97 -17.62
CA ARG F 212 -13.24 -34.57 -17.82
C ARG F 212 -13.13 -33.15 -18.40
N ALA F 213 -12.26 -32.31 -17.81
CA ALA F 213 -12.11 -30.95 -18.29
C ALA F 213 -10.65 -30.50 -18.32
N GLY F 214 -10.33 -29.65 -19.29
CA GLY F 214 -9.02 -29.07 -19.44
C GLY F 214 -9.17 -27.61 -19.78
N MET F 215 -8.13 -26.83 -19.50
CA MET F 215 -8.16 -25.39 -19.65
C MET F 215 -6.81 -24.89 -20.19
N VAL F 216 -6.85 -24.30 -21.37
CA VAL F 216 -5.69 -23.63 -21.98
C VAL F 216 -6.13 -22.23 -22.38
N ALA F 217 -5.19 -21.28 -22.44
CA ALA F 217 -5.53 -19.93 -22.84
C ALA F 217 -4.33 -19.13 -23.36
N GLY F 218 -4.57 -18.27 -24.33
CA GLY F 218 -3.54 -17.40 -24.85
C GLY F 218 -3.51 -16.07 -24.13
N VAL F 219 -2.30 -15.58 -23.87
CA VAL F 219 -2.08 -14.36 -23.12
C VAL F 219 -2.13 -13.17 -24.08
N ILE F 220 -2.99 -12.20 -23.78
CA ILE F 220 -3.15 -11.01 -24.61
C ILE F 220 -2.71 -9.73 -23.92
N VAL F 221 -2.41 -9.81 -22.62
CA VAL F 221 -1.89 -8.69 -21.85
C VAL F 221 -1.14 -9.20 -20.64
N ASN F 222 -0.12 -8.46 -20.21
CA ASN F 222 0.58 -8.70 -18.96
C ASN F 222 0.27 -7.59 -17.97
N ARG F 223 -0.38 -7.97 -16.88
CA ARG F 223 -0.84 -7.06 -15.83
C ARG F 223 0.23 -6.46 -14.96
N THR F 224 1.45 -6.98 -15.01
CA THR F 224 2.56 -6.31 -14.32
C THR F 224 2.96 -4.99 -15.00
N GLN F 225 2.51 -4.74 -16.23
CA GLN F 225 2.75 -3.47 -16.91
C GLN F 225 1.50 -2.65 -17.27
N GLN F 226 0.40 -3.30 -17.67
CA GLN F 226 -0.81 -2.56 -18.08
C GLN F 226 -2.13 -3.31 -17.84
N GLU F 227 -3.20 -2.54 -17.72
CA GLU F 227 -4.54 -3.11 -17.50
C GLU F 227 -5.21 -3.63 -18.77
N ILE F 228 -5.12 -2.87 -19.86
CA ILE F 228 -5.92 -3.15 -21.05
C ILE F 228 -5.06 -3.75 -22.16
N PRO F 229 -5.49 -4.87 -22.74
CA PRO F 229 -4.81 -5.46 -23.89
C PRO F 229 -4.80 -4.52 -25.10
N ASN F 230 -3.74 -4.61 -25.92
CA ASN F 230 -3.66 -3.87 -27.19
C ASN F 230 -4.48 -4.57 -28.28
N ALA F 231 -4.75 -3.86 -29.37
CA ALA F 231 -5.58 -4.39 -30.46
C ALA F 231 -4.85 -5.37 -31.39
N GLU F 232 -3.76 -4.89 -32.02
CA GLU F 232 -3.17 -5.53 -33.21
C GLU F 232 -2.57 -6.94 -33.07
N THR F 233 -2.26 -7.37 -31.84
CA THR F 233 -1.59 -8.65 -31.63
C THR F 233 -2.49 -9.77 -31.06
N MET F 234 -3.78 -9.49 -30.88
CA MET F 234 -4.73 -10.47 -30.33
C MET F 234 -5.06 -11.59 -31.32
N LYS F 235 -5.01 -11.28 -32.61
CA LYS F 235 -5.41 -12.22 -33.68
C LYS F 235 -4.49 -13.45 -33.80
N GLN F 236 -3.18 -13.26 -33.53
CA GLN F 236 -2.16 -14.33 -33.69
C GLN F 236 -1.94 -15.15 -32.41
N THR F 237 -2.16 -14.54 -31.25
CA THR F 237 -2.20 -15.23 -29.96
C THR F 237 -3.31 -16.28 -29.93
N GLU F 238 -4.46 -15.90 -30.50
CA GLU F 238 -5.62 -16.77 -30.69
C GLU F 238 -5.26 -18.04 -31.48
N SER F 239 -4.51 -17.86 -32.57
CA SER F 239 -4.12 -18.97 -33.45
C SER F 239 -3.12 -19.98 -32.81
N HIS F 240 -2.40 -19.55 -31.77
CA HIS F 240 -1.41 -20.40 -31.10
C HIS F 240 -2.04 -21.41 -30.12
N ALA F 241 -2.98 -20.95 -29.30
CA ALA F 241 -3.68 -21.82 -28.34
C ALA F 241 -4.80 -22.63 -28.99
N VAL F 242 -5.25 -22.19 -30.16
CA VAL F 242 -6.30 -22.89 -30.91
C VAL F 242 -5.71 -24.13 -31.60
N LYS F 243 -4.50 -24.00 -32.13
CA LYS F 243 -3.77 -25.15 -32.64
C LYS F 243 -3.58 -26.19 -31.54
N ILE F 244 -3.23 -25.72 -30.36
CA ILE F 244 -2.94 -26.60 -29.24
C ILE F 244 -4.20 -27.31 -28.70
N VAL F 245 -5.32 -26.61 -28.65
CA VAL F 245 -6.52 -27.19 -28.08
C VAL F 245 -7.13 -28.24 -29.02
N VAL F 246 -6.94 -28.06 -30.32
CA VAL F 246 -7.40 -29.02 -31.32
C VAL F 246 -6.54 -30.29 -31.28
N GLU F 247 -5.22 -30.11 -31.18
CA GLU F 247 -4.28 -31.23 -31.11
C GLU F 247 -4.47 -32.07 -29.84
N ALA F 248 -4.71 -31.40 -28.71
CA ALA F 248 -5.01 -32.07 -27.45
C ALA F 248 -6.30 -32.89 -27.57
N ALA F 249 -7.28 -32.34 -28.28
CA ALA F 249 -8.52 -33.04 -28.56
C ALA F 249 -8.25 -34.39 -29.25
N ARG F 250 -7.29 -34.41 -30.17
CA ARG F 250 -6.90 -35.64 -30.88
C ARG F 250 -6.41 -36.74 -29.94
N ARG F 251 -5.67 -36.34 -28.91
CA ARG F 251 -5.11 -37.28 -27.97
C ARG F 251 -6.13 -37.81 -26.95
N LEU F 252 -7.30 -37.18 -26.87
CA LEU F 252 -8.32 -37.55 -25.88
C LEU F 252 -9.54 -38.27 -26.50
N LEU F 253 -9.52 -38.47 -27.81
CA LEU F 253 -10.58 -39.20 -28.48
C LEU F 253 -10.49 -40.69 -28.15
N SER G 4 13.07 57.14 -20.07
CA SER G 4 12.77 55.86 -19.36
C SER G 4 14.01 55.23 -18.71
N ASP G 5 14.05 55.24 -17.37
CA ASP G 5 15.19 54.71 -16.61
C ASP G 5 15.26 53.18 -16.59
N VAL G 6 14.14 52.52 -16.87
CA VAL G 6 14.05 51.05 -16.78
C VAL G 6 13.59 50.42 -18.10
N PHE G 7 13.83 49.11 -18.25
CA PHE G 7 13.66 48.42 -19.53
C PHE G 7 12.20 48.14 -19.90
N HIS G 8 11.36 47.82 -18.92
CA HIS G 8 10.00 47.38 -19.20
C HIS G 8 8.90 48.35 -18.75
N LEU G 9 9.03 48.94 -17.57
CA LEU G 9 7.92 49.65 -16.94
C LEU G 9 7.57 50.95 -17.61
N GLY G 10 8.54 51.57 -18.27
CA GLY G 10 8.34 52.84 -18.93
C GLY G 10 8.20 53.97 -17.93
N LEU G 11 9.14 54.05 -17.00
CA LEU G 11 9.09 55.02 -15.91
C LEU G 11 10.46 55.61 -15.63
N THR G 12 10.48 56.86 -15.16
CA THR G 12 11.67 57.50 -14.61
C THR G 12 11.53 57.57 -13.10
N LYS G 13 12.63 57.84 -12.41
CA LYS G 13 12.61 58.04 -10.97
C LYS G 13 11.75 59.28 -10.65
N ASN G 14 11.85 60.29 -11.50
CA ASN G 14 11.02 61.49 -11.43
C ASN G 14 9.51 61.21 -11.36
N ASP G 15 9.05 60.25 -12.18
CA ASP G 15 7.64 59.86 -12.25
C ASP G 15 7.04 59.52 -10.88
N LEU G 16 7.87 58.96 -9.99
CA LEU G 16 7.42 58.48 -8.67
C LEU G 16 7.29 59.56 -7.62
N GLN G 17 7.99 60.68 -7.79
CA GLN G 17 7.96 61.80 -6.84
C GLN G 17 8.32 61.37 -5.40
N GLY G 18 9.31 60.47 -5.31
CA GLY G 18 9.86 60.00 -4.05
C GLY G 18 9.05 58.93 -3.34
N ALA G 19 8.13 58.28 -4.07
CA ALA G 19 7.31 57.22 -3.52
C ALA G 19 8.22 56.05 -3.15
N THR G 20 7.94 55.39 -2.03
CA THR G 20 8.72 54.23 -1.61
C THR G 20 7.88 52.97 -1.39
N LEU G 21 6.56 53.13 -1.40
CA LEU G 21 5.63 52.00 -1.26
C LEU G 21 4.88 51.80 -2.56
N ALA G 22 4.70 50.54 -2.95
CA ALA G 22 3.88 50.19 -4.10
C ALA G 22 2.87 49.11 -3.73
N ILE G 23 1.65 49.24 -4.25
CA ILE G 23 0.68 48.18 -4.17
C ILE G 23 0.77 47.47 -5.50
N VAL G 24 0.81 46.14 -5.47
CA VAL G 24 1.08 45.40 -6.70
C VAL G 24 0.06 44.27 -6.90
N PRO G 25 -1.02 44.57 -7.61
CA PRO G 25 -1.98 43.54 -8.02
C PRO G 25 -1.49 42.82 -9.26
N GLY G 26 -2.21 41.79 -9.71
CA GLY G 26 -1.86 41.08 -10.94
C GLY G 26 -2.34 41.80 -12.19
N ASP G 27 -3.54 42.36 -12.11
CA ASP G 27 -4.31 42.84 -13.26
C ASP G 27 -4.26 44.36 -13.42
N PRO G 28 -4.07 44.85 -14.64
CA PRO G 28 -4.23 46.30 -14.93
C PRO G 28 -5.58 46.91 -14.55
N ASP G 29 -6.67 46.15 -14.60
CA ASP G 29 -7.99 46.70 -14.25
C ASP G 29 -8.10 46.94 -12.75
N ARG G 30 -7.45 46.12 -11.94
CA ARG G 30 -7.39 46.37 -10.50
C ARG G 30 -6.56 47.60 -10.13
N VAL G 31 -5.60 47.98 -10.99
CA VAL G 31 -4.73 49.12 -10.72
C VAL G 31 -5.54 50.41 -10.64
N GLU G 32 -6.50 50.58 -11.55
CA GLU G 32 -7.42 51.71 -11.54
C GLU G 32 -8.22 51.75 -10.26
N LYS G 33 -8.85 50.62 -9.95
CA LYS G 33 -9.75 50.47 -8.80
C LYS G 33 -9.08 50.92 -7.51
N ILE G 34 -7.85 50.43 -7.31
CA ILE G 34 -7.05 50.70 -6.13
C ILE G 34 -6.61 52.16 -6.07
N ALA G 35 -6.22 52.70 -7.22
CA ALA G 35 -5.77 54.07 -7.32
C ALA G 35 -6.94 55.05 -7.08
N ALA G 36 -8.15 54.63 -7.39
CA ALA G 36 -9.34 55.45 -7.19
C ALA G 36 -9.73 55.63 -5.71
N LEU G 37 -9.23 54.76 -4.82
CA LEU G 37 -9.46 54.89 -3.38
C LEU G 37 -8.54 55.95 -2.74
N MET G 38 -7.53 56.40 -3.50
CA MET G 38 -6.57 57.38 -3.04
C MET G 38 -6.74 58.70 -3.79
N ASP G 39 -6.07 59.74 -3.31
CA ASP G 39 -6.18 61.08 -3.89
C ASP G 39 -5.25 61.28 -5.08
N LYS G 40 -5.55 62.31 -5.86
CA LYS G 40 -4.77 62.67 -7.05
C LYS G 40 -4.29 61.47 -7.88
N PRO G 41 -5.18 60.51 -8.16
CA PRO G 41 -4.78 59.32 -8.91
C PRO G 41 -4.54 59.69 -10.37
N VAL G 42 -3.54 59.06 -10.98
CA VAL G 42 -3.00 59.51 -12.27
C VAL G 42 -2.26 58.35 -12.96
N LYS G 43 -2.56 58.10 -14.24
CA LYS G 43 -1.83 57.09 -14.99
C LYS G 43 -0.45 57.58 -15.44
N LEU G 44 0.57 56.80 -15.11
CA LEU G 44 1.96 57.08 -15.53
C LEU G 44 2.36 56.31 -16.80
N ALA G 45 2.03 55.02 -16.87
CA ALA G 45 2.47 54.18 -17.99
C ALA G 45 1.70 52.87 -18.18
N SER G 46 1.84 52.32 -19.39
CA SER G 46 1.27 51.02 -19.73
C SER G 46 2.10 50.37 -20.82
N HIS G 47 2.86 49.35 -20.43
CA HIS G 47 3.64 48.58 -21.37
C HIS G 47 3.51 47.12 -20.99
N ARG G 48 2.89 46.33 -21.87
CA ARG G 48 2.71 44.90 -21.62
C ARG G 48 1.82 44.67 -20.39
N GLU G 49 2.09 43.65 -19.57
CA GLU G 49 1.31 43.41 -18.36
C GLU G 49 1.54 44.41 -17.23
N PHE G 50 2.35 45.44 -17.48
CA PHE G 50 2.73 46.40 -16.46
C PHE G 50 2.06 47.77 -16.64
N THR G 51 0.94 47.95 -15.96
CA THR G 51 0.28 49.24 -15.87
C THR G 51 0.63 49.87 -14.54
N THR G 52 1.19 51.08 -14.59
CA THR G 52 1.55 51.83 -13.39
C THR G 52 0.75 53.13 -13.24
N TRP G 53 0.24 53.38 -12.03
CA TRP G 53 -0.42 54.62 -11.65
C TRP G 53 0.28 55.19 -10.40
N ARG G 54 0.17 56.50 -10.20
CA ARG G 54 0.60 57.16 -8.96
C ARG G 54 -0.61 57.80 -8.29
N ALA G 55 -0.66 57.74 -6.96
CA ALA G 55 -1.68 58.41 -6.19
C ALA G 55 -1.08 58.92 -4.89
N GLU G 56 -1.88 59.64 -4.12
CA GLU G 56 -1.42 60.25 -2.88
C GLU G 56 -2.22 59.63 -1.74
N LEU G 57 -1.54 59.33 -0.65
CA LEU G 57 -2.14 58.64 0.47
C LEU G 57 -1.64 59.31 1.75
N ASP G 58 -2.54 60.00 2.45
CA ASP G 58 -2.17 60.87 3.57
C ASP G 58 -1.02 61.81 3.20
N GLY G 59 -1.13 62.45 2.05
CA GLY G 59 -0.16 63.43 1.58
C GLY G 59 1.12 62.88 0.95
N LYS G 60 1.33 61.57 1.02
CA LYS G 60 2.55 60.95 0.49
C LYS G 60 2.24 60.16 -0.79
N PRO G 61 3.13 60.23 -1.78
CA PRO G 61 2.91 59.53 -3.04
C PRO G 61 3.08 58.00 -2.93
N VAL G 62 2.21 57.28 -3.63
CA VAL G 62 2.18 55.82 -3.61
C VAL G 62 1.92 55.29 -5.02
N ILE G 63 2.55 54.16 -5.34
CA ILE G 63 2.51 53.57 -6.67
C ILE G 63 1.56 52.38 -6.66
N VAL G 64 0.80 52.22 -7.74
CA VAL G 64 0.05 51.01 -7.97
C VAL G 64 0.50 50.45 -9.31
N CYS G 65 1.00 49.21 -9.29
CA CYS G 65 1.63 48.62 -10.45
C CYS G 65 1.27 47.14 -10.59
N SER G 66 0.84 46.75 -11.79
CA SER G 66 0.46 45.36 -12.07
C SER G 66 1.66 44.50 -12.48
N THR G 67 1.64 43.25 -12.03
CA THR G 67 2.75 42.31 -12.18
C THR G 67 2.57 41.36 -13.34
N GLY G 68 1.33 41.10 -13.70
CA GLY G 68 1.01 40.04 -14.64
C GLY G 68 0.81 38.73 -13.94
N ILE G 69 0.70 37.66 -14.71
CA ILE G 69 0.58 36.31 -14.19
C ILE G 69 1.97 35.69 -14.00
N GLY G 70 2.19 35.10 -12.83
CA GLY G 70 3.38 34.31 -12.59
C GLY G 70 4.59 35.07 -12.09
N GLY G 71 5.56 34.32 -11.58
CA GLY G 71 6.80 34.85 -11.04
C GLY G 71 7.68 35.59 -12.04
N PRO G 72 7.82 35.11 -13.27
CA PRO G 72 8.61 35.80 -14.29
C PRO G 72 8.26 37.27 -14.48
N SER G 73 7.02 37.58 -14.85
CA SER G 73 6.62 38.98 -15.02
C SER G 73 6.60 39.72 -13.69
N THR G 74 6.35 39.00 -12.60
CA THR G 74 6.39 39.61 -11.28
C THR G 74 7.81 40.09 -10.94
N SER G 75 8.81 39.29 -11.32
CA SER G 75 10.19 39.60 -11.01
C SER G 75 10.72 40.77 -11.83
N ILE G 76 10.17 40.98 -13.02
CA ILE G 76 10.57 42.12 -13.82
C ILE G 76 10.04 43.38 -13.13
N ALA G 77 8.77 43.36 -12.73
CA ALA G 77 8.13 44.52 -12.17
C ALA G 77 8.73 44.92 -10.84
N VAL G 78 9.03 43.94 -9.99
CA VAL G 78 9.55 44.21 -8.66
C VAL G 78 10.99 44.75 -8.73
N GLU G 79 11.84 44.07 -9.48
CA GLU G 79 13.19 44.54 -9.72
C GLU G 79 13.17 46.00 -10.17
N GLU G 80 12.34 46.29 -11.17
CA GLU G 80 12.40 47.58 -11.84
C GLU G 80 11.82 48.70 -10.98
N LEU G 81 10.76 48.39 -10.24
CA LEU G 81 10.20 49.33 -9.28
C LEU G 81 11.21 49.63 -8.18
N ALA G 82 12.02 48.64 -7.81
CA ALA G 82 13.03 48.79 -6.77
C ALA G 82 14.20 49.64 -7.24
N GLN G 83 14.58 49.50 -8.50
CA GLN G 83 15.56 50.42 -9.11
C GLN G 83 15.05 51.86 -9.00
N LEU G 84 13.73 52.03 -9.14
CA LEU G 84 13.11 53.36 -9.10
C LEU G 84 12.88 53.88 -7.69
N GLY G 85 13.10 53.05 -6.68
CA GLY G 85 13.07 53.49 -5.30
C GLY G 85 12.02 52.87 -4.38
N ILE G 86 11.26 51.90 -4.87
CA ILE G 86 10.27 51.22 -4.02
C ILE G 86 10.98 50.24 -3.07
N ARG G 87 10.66 50.33 -1.79
CA ARG G 87 11.20 49.46 -0.76
C ARG G 87 10.14 48.62 -0.03
N THR G 88 8.86 48.88 -0.32
CA THR G 88 7.74 48.22 0.36
C THR G 88 6.73 47.80 -0.70
N PHE G 89 6.36 46.53 -0.71
CA PHE G 89 5.50 45.95 -1.74
C PHE G 89 4.31 45.24 -1.13
N LEU G 90 3.10 45.73 -1.41
CA LEU G 90 1.88 45.10 -0.94
C LEU G 90 1.09 44.48 -2.07
N ARG G 91 1.13 43.15 -2.12
CA ARG G 91 0.41 42.33 -3.07
C ARG G 91 -1.04 42.16 -2.66
N ILE G 92 -1.95 42.43 -3.58
CA ILE G 92 -3.39 42.28 -3.35
C ILE G 92 -3.95 41.38 -4.45
N GLY G 93 -4.68 40.34 -4.04
CA GLY G 93 -5.23 39.36 -4.96
C GLY G 93 -6.68 38.98 -4.66
N THR G 94 -7.23 38.16 -5.56
CA THR G 94 -8.38 37.31 -5.24
C THR G 94 -7.93 35.89 -5.51
N THR G 95 -8.55 34.95 -4.81
CA THR G 95 -8.03 33.59 -4.78
C THR G 95 -9.11 32.58 -4.41
N GLY G 96 -8.87 31.35 -4.83
CA GLY G 96 -9.62 30.21 -4.33
C GLY G 96 -9.02 29.80 -3.00
N ALA G 97 -9.61 28.78 -2.38
CA ALA G 97 -9.07 28.21 -1.17
C ALA G 97 -9.10 26.69 -1.26
N ILE G 98 -8.24 26.03 -0.48
CA ILE G 98 -8.22 24.57 -0.39
C ILE G 98 -8.61 24.04 0.99
N GLN G 99 -9.09 24.92 1.86
CA GLN G 99 -9.53 24.49 3.19
C GLN G 99 -11.04 24.65 3.27
N PRO G 100 -11.74 23.59 3.69
CA PRO G 100 -13.21 23.66 3.77
C PRO G 100 -13.74 24.70 4.78
N HIS G 101 -12.95 25.01 5.82
CA HIS G 101 -13.38 25.95 6.85
C HIS G 101 -13.26 27.42 6.43
N ILE G 102 -12.56 27.68 5.32
CA ILE G 102 -12.41 29.04 4.79
C ILE G 102 -13.54 29.30 3.80
N ASN G 103 -14.34 30.34 4.06
CA ASN G 103 -15.51 30.65 3.25
C ASN G 103 -15.24 31.74 2.23
N VAL G 104 -16.08 31.81 1.22
CA VAL G 104 -16.06 32.92 0.26
C VAL G 104 -16.38 34.21 1.05
N GLY G 105 -15.69 35.30 0.74
CA GLY G 105 -15.87 36.57 1.43
C GLY G 105 -14.83 36.79 2.53
N ASP G 106 -14.21 35.70 2.98
CA ASP G 106 -13.13 35.78 3.94
C ASP G 106 -11.88 36.36 3.29
N VAL G 107 -10.95 36.82 4.12
CA VAL G 107 -9.69 37.42 3.66
C VAL G 107 -8.52 36.56 4.15
N LEU G 108 -7.48 36.45 3.32
CA LEU G 108 -6.28 35.67 3.62
C LEU G 108 -5.03 36.55 3.67
N VAL G 109 -4.31 36.52 4.79
CA VAL G 109 -3.01 37.18 4.85
C VAL G 109 -1.93 36.10 4.91
N THR G 110 -0.98 36.19 3.98
CA THR G 110 0.04 35.15 3.82
C THR G 110 1.32 35.50 4.61
N THR G 111 1.64 34.66 5.59
CA THR G 111 2.87 34.78 6.37
C THR G 111 4.08 34.29 5.59
N ALA G 112 3.88 33.22 4.83
CA ALA G 112 4.90 32.69 3.95
C ALA G 112 4.27 31.77 2.92
N SER G 113 5.07 31.38 1.92
CA SER G 113 4.56 30.63 0.79
C SER G 113 5.35 29.34 0.52
N VAL G 114 4.61 28.28 0.17
CA VAL G 114 5.23 27.09 -0.39
C VAL G 114 5.73 27.47 -1.79
N ARG G 115 7.02 27.19 -2.05
CA ARG G 115 7.67 27.61 -3.29
C ARG G 115 7.54 26.59 -4.42
N LEU G 116 6.39 26.58 -5.09
CA LEU G 116 6.17 25.71 -6.25
C LEU G 116 6.37 26.49 -7.54
N ASP G 117 7.34 27.39 -7.53
CA ASP G 117 7.68 28.25 -8.66
C ASP G 117 9.14 28.03 -9.04
N GLY G 118 9.56 28.69 -10.12
CA GLY G 118 10.93 28.61 -10.60
C GLY G 118 11.72 29.89 -10.32
N ALA G 119 11.07 31.05 -10.39
CA ALA G 119 11.76 32.34 -10.31
C ALA G 119 12.40 32.64 -8.95
N SER G 120 11.73 32.24 -7.87
CA SER G 120 12.30 32.42 -6.53
C SER G 120 13.69 31.82 -6.43
N LEU G 121 13.89 30.68 -7.08
CA LEU G 121 15.21 30.02 -7.13
C LEU G 121 16.30 30.87 -7.81
N HIS G 122 15.90 31.83 -8.64
CA HIS G 122 16.85 32.76 -9.25
C HIS G 122 17.31 33.83 -8.27
N PHE G 123 16.69 33.88 -7.08
CA PHE G 123 17.06 34.85 -6.03
C PHE G 123 17.61 34.24 -4.72
N ALA G 124 17.18 33.02 -4.40
CA ALA G 124 17.63 32.32 -3.21
C ALA G 124 17.41 30.83 -3.41
N PRO G 125 18.25 29.99 -2.82
CA PRO G 125 18.06 28.54 -2.95
C PRO G 125 16.79 28.13 -2.20
N LEU G 126 16.29 26.94 -2.48
CA LEU G 126 14.95 26.53 -2.01
C LEU G 126 14.78 26.57 -0.48
N GLU G 127 15.88 26.35 0.24
CA GLU G 127 15.90 26.34 1.71
C GLU G 127 15.55 27.68 2.36
N PHE G 128 15.81 28.78 1.65
CA PHE G 128 15.42 30.12 2.09
C PHE G 128 13.90 30.25 2.07
N PRO G 129 13.30 30.81 3.14
CA PRO G 129 11.83 30.85 3.26
C PRO G 129 11.21 31.99 2.46
N ALA G 130 10.11 31.72 1.78
CA ALA G 130 9.38 32.76 1.07
C ALA G 130 8.50 33.48 2.06
N VAL G 131 9.13 34.27 2.93
CA VAL G 131 8.49 34.82 4.11
C VAL G 131 8.13 36.29 3.89
N ALA G 132 6.96 36.67 4.38
CA ALA G 132 6.51 38.04 4.35
C ALA G 132 7.18 38.83 5.46
N ASP G 133 7.52 40.08 5.17
CA ASP G 133 7.94 41.03 6.18
C ASP G 133 6.92 41.13 7.34
N PHE G 134 7.42 41.22 8.57
CA PHE G 134 6.56 41.21 9.76
C PHE G 134 5.76 42.51 9.90
N GLU G 135 6.34 43.64 9.53
CA GLU G 135 5.60 44.92 9.62
C GLU G 135 4.45 45.02 8.61
N CYS G 136 4.66 44.50 7.40
CA CYS G 136 3.62 44.47 6.37
C CYS G 136 2.51 43.52 6.76
N THR G 137 2.89 42.37 7.30
CA THR G 137 1.92 41.36 7.69
C THR G 137 1.08 41.87 8.87
N THR G 138 1.75 42.45 9.86
CA THR G 138 1.10 43.08 11.00
C THR G 138 0.08 44.13 10.54
N ALA G 139 0.50 44.99 9.62
CA ALA G 139 -0.32 46.09 9.12
C ALA G 139 -1.55 45.60 8.34
N LEU G 140 -1.40 44.51 7.60
CA LEU G 140 -2.50 43.93 6.83
C LEU G 140 -3.52 43.26 7.74
N VAL G 141 -3.04 42.61 8.80
CA VAL G 141 -3.94 41.96 9.74
C VAL G 141 -4.69 43.03 10.50
N GLU G 142 -3.99 44.11 10.83
CA GLU G 142 -4.57 45.21 11.60
C GLU G 142 -5.63 45.91 10.76
N ALA G 143 -5.35 46.07 9.47
CA ALA G 143 -6.28 46.73 8.57
C ALA G 143 -7.54 45.90 8.41
N ALA G 144 -7.37 44.59 8.33
CA ALA G 144 -8.49 43.67 8.19
C ALA G 144 -9.38 43.71 9.43
N LYS G 145 -8.77 43.79 10.61
CA LYS G 145 -9.53 43.81 11.86
C LYS G 145 -10.29 45.13 12.04
N SER G 146 -9.76 46.21 11.45
CA SER G 146 -10.37 47.54 11.54
C SER G 146 -11.59 47.71 10.62
N ILE G 147 -11.65 46.98 9.49
CA ILE G 147 -12.85 47.01 8.63
C ILE G 147 -13.77 45.79 8.86
N GLY G 148 -13.41 44.93 9.82
CA GLY G 148 -14.27 43.84 10.23
C GLY G 148 -14.38 42.69 9.25
N ALA G 149 -13.25 42.11 8.86
CA ALA G 149 -13.20 40.95 7.98
C ALA G 149 -13.00 39.72 8.83
N THR G 150 -13.53 38.58 8.40
CA THR G 150 -13.16 37.31 9.03
C THR G 150 -11.89 36.82 8.33
N THR G 151 -10.77 36.97 9.04
CA THR G 151 -9.44 36.81 8.49
C THR G 151 -8.83 35.44 8.77
N HIS G 152 -7.91 35.01 7.91
CA HIS G 152 -7.14 33.79 8.08
C HIS G 152 -5.68 34.14 7.81
N VAL G 153 -4.81 33.81 8.76
CA VAL G 153 -3.39 34.12 8.68
C VAL G 153 -2.61 32.82 8.64
N GLY G 154 -1.82 32.63 7.59
CA GLY G 154 -1.14 31.36 7.36
C GLY G 154 -0.37 31.26 6.07
N VAL G 155 -0.13 30.01 5.66
CA VAL G 155 0.73 29.67 4.53
C VAL G 155 -0.08 29.51 3.24
N THR G 156 0.51 29.97 2.13
CA THR G 156 -0.08 29.85 0.81
C THR G 156 0.86 29.03 -0.08
N ALA G 157 0.28 28.19 -0.94
CA ALA G 157 1.02 27.46 -1.97
C ALA G 157 1.05 28.29 -3.24
N SER G 158 2.23 28.53 -3.79
CA SER G 158 2.43 29.44 -4.91
C SER G 158 3.04 28.69 -6.11
N SER G 159 2.22 28.54 -7.16
CA SER G 159 2.46 27.62 -8.27
C SER G 159 2.76 28.35 -9.59
N ASP G 160 3.68 27.81 -10.37
CA ASP G 160 4.00 28.35 -11.67
C ASP G 160 2.92 28.01 -12.70
N THR G 161 2.01 27.11 -12.35
CA THR G 161 0.88 26.82 -13.20
C THR G 161 -0.46 26.94 -12.49
N PHE G 162 -1.48 27.18 -13.30
CA PHE G 162 -2.87 27.24 -12.86
C PHE G 162 -3.44 25.84 -12.79
N TYR G 163 -2.99 24.95 -13.67
CA TYR G 163 -3.56 23.61 -13.82
C TYR G 163 -2.80 22.46 -13.08
N PRO G 164 -1.75 21.86 -13.65
CA PRO G 164 -1.17 20.66 -13.01
C PRO G 164 -0.57 20.92 -11.62
N GLY G 165 0.01 22.09 -11.41
CA GLY G 165 0.60 22.46 -10.13
C GLY G 165 -0.42 22.74 -9.02
N GLN G 166 -1.66 22.98 -9.44
CA GLN G 166 -2.78 23.09 -8.51
C GLN G 166 -3.64 21.83 -8.55
N GLU G 167 -3.05 20.77 -9.09
CA GLU G 167 -3.66 19.45 -9.23
C GLU G 167 -5.09 19.51 -9.78
N ARG G 168 -5.23 20.23 -10.90
CA ARG G 168 -6.46 20.25 -11.69
C ARG G 168 -6.33 19.15 -12.74
N TYR G 169 -7.36 18.30 -12.80
CA TYR G 169 -7.42 17.19 -13.75
C TYR G 169 -8.34 17.48 -14.93
N ASP G 170 -9.08 18.60 -14.85
CA ASP G 170 -10.08 18.98 -15.87
C ASP G 170 -9.37 19.67 -17.03
N THR G 171 -8.57 18.88 -17.76
CA THR G 171 -7.60 19.41 -18.74
C THR G 171 -7.49 18.50 -19.98
N TYR G 172 -6.72 18.98 -20.97
CA TYR G 172 -6.53 18.27 -22.23
C TYR G 172 -5.98 16.87 -22.02
N SER G 173 -4.93 16.76 -21.21
CA SER G 173 -4.28 15.48 -20.94
C SER G 173 -5.03 14.69 -19.87
N GLY G 174 -5.68 15.41 -18.97
CA GLY G 174 -6.38 14.81 -17.84
C GLY G 174 -5.43 14.15 -16.86
N ARG G 175 -4.14 14.46 -16.95
CA ARG G 175 -3.12 13.82 -16.11
C ARG G 175 -2.28 14.86 -15.35
N VAL G 176 -1.67 14.41 -14.26
CA VAL G 176 -0.80 15.23 -13.45
C VAL G 176 0.49 14.46 -13.17
N VAL G 177 1.60 15.15 -13.41
CA VAL G 177 2.93 14.59 -13.29
C VAL G 177 3.11 14.04 -11.87
N ARG G 178 3.89 12.96 -11.74
CA ARG G 178 4.05 12.25 -10.47
C ARG G 178 4.29 13.18 -9.27
N HIS G 179 5.23 14.13 -9.43
CA HIS G 179 5.61 15.06 -8.37
C HIS G 179 4.41 15.77 -7.75
N PHE G 180 3.41 16.12 -8.56
CA PHE G 180 2.21 16.84 -8.10
C PHE G 180 0.95 16.00 -7.87
N LYS G 181 1.01 14.71 -8.18
CA LYS G 181 -0.09 13.78 -7.89
C LYS G 181 -0.21 13.58 -6.38
N GLY G 182 -1.39 13.83 -5.83
CA GLY G 182 -1.60 13.78 -4.40
C GLY G 182 -1.11 14.99 -3.62
N SER G 183 -0.48 15.95 -4.30
CA SER G 183 0.11 17.11 -3.63
C SER G 183 -0.90 18.02 -2.91
N MET G 184 -2.04 18.29 -3.53
CA MET G 184 -3.05 19.16 -2.94
C MET G 184 -3.48 18.67 -1.56
N GLU G 185 -3.67 17.36 -1.45
CA GLU G 185 -4.07 16.71 -0.20
C GLU G 185 -3.00 16.92 0.88
N GLU G 186 -1.73 16.81 0.50
CA GLU G 186 -0.63 17.01 1.44
C GLU G 186 -0.58 18.45 1.98
N TRP G 187 -0.71 19.43 1.09
CA TRP G 187 -0.73 20.84 1.51
C TRP G 187 -1.90 21.12 2.45
N GLN G 188 -3.03 20.44 2.21
CA GLN G 188 -4.24 20.63 3.03
C GLN G 188 -4.00 20.15 4.47
N ALA G 189 -3.36 18.99 4.63
CA ALA G 189 -3.06 18.45 5.95
C ALA G 189 -1.99 19.29 6.66
N MET G 190 -1.15 19.96 5.86
CA MET G 190 -0.09 20.82 6.36
C MET G 190 -0.58 22.26 6.66
N GLY G 191 -1.88 22.49 6.49
CA GLY G 191 -2.50 23.75 6.88
C GLY G 191 -2.41 24.88 5.86
N VAL G 192 -2.03 24.56 4.64
CA VAL G 192 -1.98 25.55 3.57
C VAL G 192 -3.41 26.00 3.24
N MET G 193 -3.61 27.30 3.09
CA MET G 193 -4.94 27.90 2.99
C MET G 193 -5.45 27.88 1.55
N ASN G 194 -4.54 28.07 0.60
CA ASN G 194 -4.90 28.39 -0.77
C ASN G 194 -3.74 28.24 -1.77
N TYR G 195 -4.10 28.28 -3.06
CA TYR G 195 -3.16 28.35 -4.17
C TYR G 195 -3.28 29.73 -4.83
N GLU G 196 -2.13 30.30 -5.18
CA GLU G 196 -2.08 31.41 -6.14
C GLU G 196 -0.76 31.24 -6.89
N MET G 197 -0.30 32.25 -7.64
CA MET G 197 0.77 32.03 -8.63
C MET G 197 1.96 33.00 -8.66
N GLU G 198 2.05 33.96 -7.73
CA GLU G 198 3.12 34.98 -7.75
C GLU G 198 3.85 35.20 -6.42
N SER G 199 3.27 34.77 -5.30
CA SER G 199 3.76 35.17 -3.99
C SER G 199 5.13 34.58 -3.65
N ALA G 200 5.37 33.33 -4.02
CA ALA G 200 6.68 32.73 -3.76
C ALA G 200 7.81 33.56 -4.37
N THR G 201 7.63 33.98 -5.63
CA THR G 201 8.61 34.84 -6.30
C THR G 201 8.76 36.18 -5.59
N LEU G 202 7.64 36.84 -5.30
CA LEU G 202 7.64 38.18 -4.71
C LEU G 202 8.23 38.21 -3.29
N LEU G 203 7.76 37.30 -2.44
CA LEU G 203 8.17 37.25 -1.06
C LEU G 203 9.63 36.88 -0.95
N THR G 204 10.08 35.93 -1.77
CA THR G 204 11.47 35.48 -1.77
C THR G 204 12.41 36.57 -2.27
N MET G 205 12.06 37.19 -3.38
CA MET G 205 12.95 38.17 -3.98
C MET G 205 13.05 39.43 -3.12
N CYS G 206 12.02 39.73 -2.33
CA CYS G 206 12.05 40.86 -1.42
C CYS G 206 12.76 40.52 -0.10
N ALA G 207 12.39 39.41 0.50
CA ALA G 207 12.96 38.99 1.79
C ALA G 207 14.48 38.73 1.71
N SER G 208 14.99 38.50 0.50
CA SER G 208 16.40 38.23 0.28
C SER G 208 17.15 39.42 -0.33
N GLN G 209 16.50 40.58 -0.43
CA GLN G 209 17.13 41.79 -0.95
C GLN G 209 16.85 43.04 -0.10
N GLY G 210 16.29 42.85 1.11
CA GLY G 210 16.12 43.94 2.06
C GLY G 210 14.94 44.83 1.72
N LEU G 211 14.03 44.31 0.90
CA LEU G 211 12.76 44.97 0.60
C LEU G 211 11.64 44.33 1.44
N ARG G 212 10.73 45.16 1.94
CA ARG G 212 9.58 44.67 2.70
C ARG G 212 8.44 44.30 1.76
N ALA G 213 7.84 43.12 1.99
CA ALA G 213 6.69 42.67 1.21
C ALA G 213 5.64 41.99 2.07
N GLY G 214 4.38 42.10 1.63
CA GLY G 214 3.27 41.46 2.30
C GLY G 214 2.24 41.06 1.27
N MET G 215 1.29 40.23 1.68
CA MET G 215 0.22 39.82 0.79
C MET G 215 -1.10 39.62 1.51
N VAL G 216 -2.16 40.05 0.83
CA VAL G 216 -3.54 39.82 1.23
C VAL G 216 -4.38 39.46 0.00
N ALA G 217 -5.41 38.65 0.21
CA ALA G 217 -6.31 38.22 -0.85
C ALA G 217 -7.72 38.00 -0.33
N GLY G 218 -8.71 38.22 -1.19
CA GLY G 218 -10.08 37.89 -0.90
C GLY G 218 -10.47 36.56 -1.52
N VAL G 219 -11.17 35.72 -0.76
CA VAL G 219 -11.62 34.42 -1.25
C VAL G 219 -12.88 34.57 -2.09
N ILE G 220 -12.79 34.26 -3.39
CA ILE G 220 -13.93 34.36 -4.30
C ILE G 220 -14.56 32.99 -4.61
N VAL G 221 -13.80 31.92 -4.38
CA VAL G 221 -14.27 30.55 -4.62
C VAL G 221 -13.56 29.55 -3.68
N ASN G 222 -14.16 28.38 -3.50
CA ASN G 222 -13.56 27.31 -2.70
C ASN G 222 -13.89 25.94 -3.30
N ARG G 223 -12.87 25.31 -3.89
CA ARG G 223 -13.03 24.04 -4.60
C ARG G 223 -13.36 22.83 -3.70
N THR G 224 -13.11 22.94 -2.40
CA THR G 224 -13.53 21.92 -1.44
C THR G 224 -15.01 21.98 -1.08
N GLN G 225 -15.67 23.10 -1.43
CA GLN G 225 -17.12 23.25 -1.29
C GLN G 225 -17.76 23.15 -2.68
N ALA G 231 -22.57 34.84 -6.05
CA ALA G 231 -22.49 35.32 -7.43
C ALA G 231 -22.01 36.77 -7.47
N GLU G 232 -22.78 37.66 -6.85
CA GLU G 232 -22.48 39.10 -6.79
C GLU G 232 -21.50 39.43 -5.65
N THR G 233 -21.28 38.46 -4.77
CA THR G 233 -20.34 38.58 -3.66
C THR G 233 -18.87 38.52 -4.15
N MET G 234 -18.66 38.27 -5.44
CA MET G 234 -17.33 38.36 -6.04
C MET G 234 -16.81 39.80 -6.03
N LYS G 235 -17.66 40.74 -6.46
CA LYS G 235 -17.29 42.15 -6.50
C LYS G 235 -17.17 42.77 -5.10
N GLN G 236 -18.03 42.32 -4.18
CA GLN G 236 -18.03 42.81 -2.80
C GLN G 236 -16.75 42.42 -2.06
N THR G 237 -16.28 41.20 -2.33
CA THR G 237 -15.05 40.67 -1.71
C THR G 237 -13.79 41.32 -2.26
N GLU G 238 -13.78 41.63 -3.56
CA GLU G 238 -12.65 42.32 -4.19
C GLU G 238 -12.52 43.73 -3.64
N SER G 239 -13.65 44.37 -3.34
CA SER G 239 -13.67 45.67 -2.71
C SER G 239 -13.14 45.63 -1.28
N HIS G 240 -13.43 44.53 -0.57
CA HIS G 240 -13.01 44.35 0.82
C HIS G 240 -11.50 44.26 0.92
N ALA G 241 -10.91 43.43 0.05
CA ALA G 241 -9.47 43.23 0.03
C ALA G 241 -8.74 44.50 -0.39
N VAL G 242 -9.33 45.25 -1.32
CA VAL G 242 -8.73 46.47 -1.83
C VAL G 242 -8.74 47.56 -0.75
N LYS G 243 -9.82 47.60 0.03
CA LYS G 243 -9.96 48.51 1.17
C LYS G 243 -8.86 48.23 2.20
N ILE G 244 -8.57 46.96 2.39
CA ILE G 244 -7.62 46.52 3.41
C ILE G 244 -6.18 46.83 3.04
N VAL G 245 -5.82 46.59 1.79
CA VAL G 245 -4.45 46.83 1.33
C VAL G 245 -4.12 48.33 1.30
N VAL G 246 -5.11 49.17 1.00
CA VAL G 246 -4.94 50.62 1.01
C VAL G 246 -4.78 51.14 2.44
N GLU G 247 -5.60 50.64 3.36
CA GLU G 247 -5.49 50.97 4.78
C GLU G 247 -4.16 50.49 5.36
N ALA G 248 -3.66 49.36 4.86
CA ALA G 248 -2.42 48.77 5.35
C ALA G 248 -1.26 49.64 4.91
N ALA G 249 -1.32 50.09 3.67
CA ALA G 249 -0.35 51.05 3.14
C ALA G 249 -0.27 52.33 3.99
N ARG G 250 -1.40 52.80 4.51
CA ARG G 250 -1.42 54.02 5.35
C ARG G 250 -0.56 53.87 6.61
N ARG G 251 -0.57 52.67 7.19
CA ARG G 251 0.20 52.37 8.41
C ARG G 251 1.69 52.18 8.14
N LEU G 252 2.04 51.92 6.89
CA LEU G 252 3.42 51.65 6.51
C LEU G 252 4.14 52.82 5.85
N LEU G 253 3.50 54.00 5.80
CA LEU G 253 4.02 55.11 5.00
C LEU G 253 5.21 55.83 5.64
N SER H 4 -17.94 31.65 -23.06
CA SER H 4 -16.54 31.10 -23.19
C SER H 4 -16.41 29.65 -22.67
N ASP H 5 -15.78 28.81 -23.49
CA ASP H 5 -15.45 27.41 -23.13
C ASP H 5 -14.16 27.27 -22.29
N VAL H 6 -13.39 28.36 -22.14
CA VAL H 6 -12.14 28.32 -21.36
C VAL H 6 -12.03 29.49 -20.38
N PHE H 7 -11.25 29.29 -19.31
CA PHE H 7 -11.29 30.21 -18.17
C PHE H 7 -10.63 31.56 -18.41
N HIS H 8 -9.66 31.62 -19.31
CA HIS H 8 -8.84 32.82 -19.49
C HIS H 8 -8.92 33.48 -20.87
N LEU H 9 -8.89 32.67 -21.94
CA LEU H 9 -8.72 33.21 -23.31
C LEU H 9 -9.99 33.88 -23.87
N GLY H 10 -11.15 33.55 -23.33
CA GLY H 10 -12.42 34.14 -23.77
C GLY H 10 -12.83 33.67 -25.14
N LEU H 11 -12.63 32.39 -25.39
CA LEU H 11 -12.88 31.77 -26.69
C LEU H 11 -13.79 30.57 -26.54
N THR H 12 -14.49 30.22 -27.62
CA THR H 12 -15.20 28.94 -27.72
C THR H 12 -14.59 28.12 -28.85
N LYS H 13 -14.84 26.82 -28.85
CA LYS H 13 -14.39 25.96 -29.94
C LYS H 13 -14.89 26.45 -31.30
N ASN H 14 -16.11 26.99 -31.32
CA ASN H 14 -16.72 27.52 -32.54
C ASN H 14 -16.00 28.74 -33.12
N ASP H 15 -15.46 29.59 -32.24
CA ASP H 15 -14.66 30.73 -32.66
C ASP H 15 -13.52 30.29 -33.59
N LEU H 16 -12.85 29.17 -33.28
CA LEU H 16 -11.70 28.70 -34.06
C LEU H 16 -12.03 28.15 -35.47
N GLN H 17 -13.25 27.70 -35.69
CA GLN H 17 -13.70 27.13 -36.98
C GLN H 17 -12.84 25.97 -37.49
N GLY H 18 -12.50 25.05 -36.59
CA GLY H 18 -11.72 23.88 -36.93
C GLY H 18 -10.21 24.06 -36.97
N ALA H 19 -9.72 25.26 -36.63
CA ALA H 19 -8.27 25.53 -36.63
C ALA H 19 -7.53 24.58 -35.67
N THR H 20 -6.41 24.04 -36.13
CA THR H 20 -5.56 23.18 -35.28
C THR H 20 -4.12 23.70 -35.09
N LEU H 21 -3.79 24.83 -35.71
CA LEU H 21 -2.44 25.40 -35.63
C LEU H 21 -2.51 26.81 -35.09
N ALA H 22 -1.64 27.13 -34.14
CA ALA H 22 -1.55 28.49 -33.60
C ALA H 22 -0.10 29.00 -33.68
N ILE H 23 0.04 30.18 -34.26
CA ILE H 23 1.22 31.02 -34.12
C ILE H 23 1.09 31.77 -32.80
N VAL H 24 2.09 31.66 -31.92
CA VAL H 24 1.97 32.22 -30.58
C VAL H 24 3.10 33.20 -30.27
N PRO H 25 2.88 34.49 -30.53
CA PRO H 25 3.82 35.53 -30.12
C PRO H 25 3.63 35.89 -28.64
N GLY H 26 4.57 36.67 -28.10
CA GLY H 26 4.53 37.02 -26.69
C GLY H 26 3.61 38.18 -26.40
N ASP H 27 3.70 39.21 -27.22
CA ASP H 27 3.00 40.46 -27.01
C ASP H 27 1.64 40.51 -27.73
N PRO H 28 0.56 40.80 -27.02
CA PRO H 28 -0.75 41.01 -27.68
C PRO H 28 -0.76 42.06 -28.80
N ASP H 29 -0.01 43.15 -28.66
CA ASP H 29 0.13 44.18 -29.73
C ASP H 29 0.64 43.60 -31.05
N ARG H 30 1.40 42.52 -30.97
CA ARG H 30 1.97 41.86 -32.12
C ARG H 30 0.96 41.01 -32.93
N VAL H 31 -0.15 40.62 -32.32
CA VAL H 31 -0.99 39.58 -32.91
C VAL H 31 -1.66 40.02 -34.22
N GLU H 32 -2.30 41.19 -34.19
CA GLU H 32 -2.97 41.73 -35.38
C GLU H 32 -2.03 41.84 -36.59
N LYS H 33 -0.80 42.28 -36.34
CA LYS H 33 0.22 42.43 -37.39
C LYS H 33 0.56 41.12 -38.11
N ILE H 34 0.64 40.03 -37.35
CA ILE H 34 0.92 38.70 -37.90
C ILE H 34 -0.31 38.17 -38.65
N ALA H 35 -1.48 38.38 -38.07
CA ALA H 35 -2.73 37.93 -38.64
C ALA H 35 -3.02 38.62 -39.97
N ALA H 36 -2.64 39.88 -40.09
CA ALA H 36 -2.96 40.69 -41.28
C ALA H 36 -2.13 40.29 -42.51
N LEU H 37 -1.06 39.54 -42.27
CA LEU H 37 -0.25 38.97 -43.35
C LEU H 37 -0.96 37.80 -44.05
N MET H 38 -1.99 37.25 -43.41
CA MET H 38 -2.75 36.12 -43.94
C MET H 38 -4.12 36.61 -44.41
N ASP H 39 -4.95 35.70 -44.93
CA ASP H 39 -6.29 36.04 -45.42
C ASP H 39 -7.37 36.05 -44.34
N LYS H 40 -8.42 36.84 -44.59
CA LYS H 40 -9.59 36.95 -43.70
C LYS H 40 -9.26 37.03 -42.21
N PRO H 41 -8.45 38.02 -41.83
CA PRO H 41 -8.17 38.27 -40.40
C PRO H 41 -9.44 38.68 -39.67
N VAL H 42 -9.63 38.13 -38.47
CA VAL H 42 -10.74 38.48 -37.61
C VAL H 42 -10.24 38.51 -36.19
N LYS H 43 -10.44 39.63 -35.49
CA LYS H 43 -10.19 39.66 -34.06
C LYS H 43 -11.25 38.80 -33.36
N LEU H 44 -10.82 37.95 -32.44
CA LEU H 44 -11.75 37.08 -31.72
C LEU H 44 -11.93 37.49 -30.27
N ALA H 45 -10.86 37.91 -29.62
CA ALA H 45 -10.90 38.22 -28.20
C ALA H 45 -9.64 38.91 -27.70
N SER H 46 -9.77 39.56 -26.54
CA SER H 46 -8.65 40.15 -25.86
C SER H 46 -8.96 40.20 -24.36
N HIS H 47 -8.15 39.48 -23.58
CA HIS H 47 -8.34 39.38 -22.14
C HIS H 47 -6.97 39.29 -21.49
N ARG H 48 -6.69 40.20 -20.56
CA ARG H 48 -5.35 40.32 -19.97
C ARG H 48 -4.35 40.45 -21.13
N GLU H 49 -3.26 39.68 -21.11
CA GLU H 49 -2.27 39.70 -22.20
C GLU H 49 -2.51 38.63 -23.27
N PHE H 50 -3.70 38.03 -23.26
CA PHE H 50 -4.07 37.03 -24.25
C PHE H 50 -4.98 37.63 -25.30
N THR H 51 -4.39 38.08 -26.41
CA THR H 51 -5.14 38.54 -27.58
C THR H 51 -5.12 37.45 -28.63
N THR H 52 -6.31 37.13 -29.18
CA THR H 52 -6.46 36.08 -30.17
C THR H 52 -7.14 36.60 -31.43
N TRP H 53 -6.49 36.42 -32.58
CA TRP H 53 -7.12 36.60 -33.89
C TRP H 53 -7.17 35.23 -34.61
N ARG H 54 -8.16 35.09 -35.48
CA ARG H 54 -8.22 34.00 -36.43
C ARG H 54 -7.88 34.56 -37.81
N ALA H 55 -7.27 33.75 -38.65
CA ALA H 55 -7.00 34.11 -40.03
C ALA H 55 -7.11 32.85 -40.89
N GLU H 56 -6.66 32.96 -42.14
CA GLU H 56 -6.77 31.87 -43.10
C GLU H 56 -5.52 31.79 -43.97
N LEU H 57 -4.98 30.58 -44.10
CA LEU H 57 -3.75 30.34 -44.83
C LEU H 57 -4.01 29.21 -45.82
N ASP H 58 -3.80 29.48 -47.11
CA ASP H 58 -4.14 28.54 -48.19
C ASP H 58 -5.50 27.87 -47.96
N GLY H 59 -6.51 28.66 -47.60
CA GLY H 59 -7.87 28.16 -47.42
C GLY H 59 -8.21 27.52 -46.08
N LYS H 60 -7.28 27.47 -45.12
CA LYS H 60 -7.49 26.73 -43.87
C LYS H 60 -7.41 27.68 -42.66
N PRO H 61 -8.31 27.49 -41.69
CA PRO H 61 -8.33 28.36 -40.51
C PRO H 61 -7.09 28.16 -39.65
N VAL H 62 -6.64 29.25 -39.06
CA VAL H 62 -5.39 29.30 -38.32
C VAL H 62 -5.56 30.33 -37.20
N ILE H 63 -4.88 30.12 -36.08
CA ILE H 63 -5.01 31.01 -34.92
C ILE H 63 -3.68 31.73 -34.66
N VAL H 64 -3.76 32.99 -34.25
CA VAL H 64 -2.64 33.71 -33.66
C VAL H 64 -3.08 34.15 -32.26
N CYS H 65 -2.31 33.77 -31.25
CA CYS H 65 -2.68 34.02 -29.87
C CYS H 65 -1.45 34.31 -29.01
N SER H 66 -1.47 35.43 -28.28
CA SER H 66 -0.32 35.87 -27.47
C SER H 66 -0.28 35.15 -26.13
N THR H 67 0.92 35.03 -25.56
CA THR H 67 1.14 34.28 -24.32
C THR H 67 1.35 35.18 -23.11
N GLY H 68 1.70 36.44 -23.37
CA GLY H 68 2.23 37.30 -22.33
C GLY H 68 3.64 36.87 -21.96
N ILE H 69 4.16 37.47 -20.90
CA ILE H 69 5.52 37.17 -20.45
C ILE H 69 5.56 35.99 -19.48
N GLY H 70 6.49 35.07 -19.76
CA GLY H 70 6.84 34.01 -18.84
C GLY H 70 6.09 32.71 -19.04
N GLY H 71 6.65 31.65 -18.45
CA GLY H 71 6.13 30.30 -18.53
C GLY H 71 4.75 30.10 -17.96
N PRO H 72 4.48 30.60 -16.76
CA PRO H 72 3.14 30.49 -16.16
C PRO H 72 2.05 30.99 -17.08
N SER H 73 2.19 32.21 -17.57
CA SER H 73 1.22 32.79 -18.51
C SER H 73 1.14 31.96 -19.82
N THR H 74 2.27 31.50 -20.30
CA THR H 74 2.36 30.65 -21.48
C THR H 74 1.62 29.34 -21.29
N SER H 75 1.71 28.76 -20.10
CA SER H 75 1.14 27.46 -19.82
C SER H 75 -0.39 27.55 -19.79
N ILE H 76 -0.92 28.69 -19.37
CA ILE H 76 -2.35 28.91 -19.36
C ILE H 76 -2.87 28.94 -20.80
N ALA H 77 -2.14 29.62 -21.68
CA ALA H 77 -2.58 29.83 -23.06
C ALA H 77 -2.48 28.55 -23.91
N VAL H 78 -1.43 27.78 -23.70
CA VAL H 78 -1.21 26.57 -24.47
C VAL H 78 -2.22 25.54 -24.02
N GLU H 79 -2.49 25.49 -22.72
CA GLU H 79 -3.44 24.53 -22.18
C GLU H 79 -4.82 24.78 -22.76
N GLU H 80 -5.23 26.04 -22.76
CA GLU H 80 -6.61 26.34 -23.11
C GLU H 80 -6.82 26.29 -24.62
N LEU H 81 -5.81 26.71 -25.38
CA LEU H 81 -5.83 26.52 -26.82
C LEU H 81 -5.92 25.03 -27.21
N ALA H 82 -5.24 24.16 -26.46
CA ALA H 82 -5.28 22.73 -26.76
C ALA H 82 -6.68 22.18 -26.46
N GLN H 83 -7.31 22.68 -25.40
CA GLN H 83 -8.70 22.31 -25.11
C GLN H 83 -9.65 22.68 -26.26
N LEU H 84 -9.30 23.71 -27.02
CA LEU H 84 -10.10 24.19 -28.15
C LEU H 84 -9.77 23.55 -29.51
N GLY H 85 -8.77 22.67 -29.56
CA GLY H 85 -8.45 21.94 -30.77
C GLY H 85 -7.10 22.22 -31.43
N ILE H 86 -6.27 23.08 -30.82
CA ILE H 86 -4.94 23.37 -31.33
C ILE H 86 -3.98 22.24 -31.03
N ARG H 87 -3.35 21.70 -32.07
CA ARG H 87 -2.36 20.64 -31.96
C ARG H 87 -0.95 21.06 -32.33
N THR H 88 -0.80 22.24 -32.93
CA THR H 88 0.50 22.72 -33.42
C THR H 88 0.73 24.14 -32.92
N PHE H 89 1.91 24.39 -32.36
CA PHE H 89 2.24 25.68 -31.79
C PHE H 89 3.57 26.19 -32.33
N LEU H 90 3.53 27.29 -33.09
CA LEU H 90 4.73 27.93 -33.57
C LEU H 90 4.99 29.22 -32.79
N ARG H 91 6.01 29.19 -31.92
CA ARG H 91 6.40 30.36 -31.13
C ARG H 91 7.19 31.28 -32.04
N ILE H 92 6.85 32.56 -32.02
CA ILE H 92 7.57 33.59 -32.76
C ILE H 92 7.96 34.70 -31.80
N GLY H 93 9.21 35.18 -31.91
CA GLY H 93 9.66 36.30 -31.10
C GLY H 93 10.91 36.98 -31.58
N THR H 94 11.41 37.88 -30.72
CA THR H 94 12.72 38.48 -30.86
C THR H 94 13.51 38.16 -29.59
N THR H 95 14.83 38.19 -29.71
CA THR H 95 15.71 37.79 -28.63
C THR H 95 17.05 38.52 -28.73
N GLY H 96 17.78 38.53 -27.64
CA GLY H 96 19.20 38.82 -27.68
C GLY H 96 19.89 37.54 -28.12
N ALA H 97 21.21 37.57 -28.25
CA ALA H 97 22.00 36.35 -28.39
C ALA H 97 23.15 36.42 -27.40
N ILE H 98 23.78 35.27 -27.13
CA ILE H 98 24.93 35.19 -26.24
C ILE H 98 26.18 34.59 -26.92
N GLN H 99 26.16 34.49 -28.25
CA GLN H 99 27.33 34.08 -29.02
C GLN H 99 27.78 35.24 -29.89
N PRO H 100 29.09 35.49 -29.96
CA PRO H 100 29.64 36.55 -30.83
C PRO H 100 29.52 36.34 -32.35
N HIS H 101 29.36 35.11 -32.85
CA HIS H 101 29.21 34.91 -34.30
C HIS H 101 27.78 35.22 -34.77
N ILE H 102 26.84 35.30 -33.83
CA ILE H 102 25.44 35.60 -34.13
C ILE H 102 25.19 37.12 -34.12
N ASN H 103 24.81 37.64 -35.28
CA ASN H 103 24.58 39.07 -35.46
C ASN H 103 23.11 39.48 -35.39
N VAL H 104 22.90 40.74 -35.04
CA VAL H 104 21.58 41.36 -35.17
C VAL H 104 21.14 41.21 -36.64
N GLY H 105 19.91 40.76 -36.85
CA GLY H 105 19.40 40.47 -38.18
C GLY H 105 19.32 38.98 -38.48
N ASP H 106 20.09 38.19 -37.72
CA ASP H 106 20.04 36.75 -37.86
C ASP H 106 18.75 36.17 -37.29
N VAL H 107 18.52 34.91 -37.64
CA VAL H 107 17.32 34.18 -37.24
C VAL H 107 17.77 32.95 -36.46
N LEU H 108 17.10 32.67 -35.34
CA LEU H 108 17.36 31.50 -34.55
C LEU H 108 16.17 30.55 -34.61
N VAL H 109 16.45 29.32 -35.00
CA VAL H 109 15.47 28.24 -34.91
C VAL H 109 15.94 27.32 -33.79
N THR H 110 15.04 27.02 -32.86
CA THR H 110 15.41 26.31 -31.64
C THR H 110 15.06 24.82 -31.72
N THR H 111 16.06 23.96 -31.59
CA THR H 111 15.86 22.51 -31.54
C THR H 111 15.50 22.02 -30.15
N ALA H 112 15.97 22.72 -29.12
CA ALA H 112 15.64 22.39 -27.73
C ALA H 112 16.16 23.45 -26.77
N SER H 113 15.63 23.45 -25.55
CA SER H 113 15.93 24.51 -24.60
C SER H 113 16.52 23.98 -23.28
N VAL H 114 17.49 24.69 -22.75
CA VAL H 114 17.90 24.51 -21.37
C VAL H 114 16.71 24.99 -20.51
N ARG H 115 16.29 24.15 -19.57
CA ARG H 115 15.11 24.41 -18.74
C ARG H 115 15.49 25.11 -17.45
N LEU H 116 15.57 26.43 -17.50
CA LEU H 116 15.81 27.26 -16.32
C LEU H 116 14.50 27.91 -15.87
N ASP H 117 13.42 27.15 -15.96
CA ASP H 117 12.10 27.59 -15.55
C ASP H 117 11.46 26.62 -14.53
N GLY H 118 10.31 27.01 -14.05
CA GLY H 118 9.57 26.21 -13.09
C GLY H 118 8.39 25.49 -13.70
N ALA H 119 7.71 26.11 -14.65
CA ALA H 119 6.46 25.58 -15.19
C ALA H 119 6.67 24.26 -15.92
N SER H 120 7.82 24.08 -16.57
CA SER H 120 8.07 22.81 -17.28
C SER H 120 8.06 21.61 -16.32
N LEU H 121 8.54 21.82 -15.10
CA LEU H 121 8.57 20.75 -14.09
C LEU H 121 7.20 20.24 -13.71
N HIS H 122 6.17 21.07 -13.93
CA HIS H 122 4.79 20.69 -13.68
C HIS H 122 4.21 19.77 -14.76
N PHE H 123 4.94 19.55 -15.86
CA PHE H 123 4.51 18.64 -16.95
C PHE H 123 5.39 17.39 -17.10
N ALA H 124 6.68 17.56 -16.84
CA ALA H 124 7.64 16.48 -16.95
C ALA H 124 8.81 16.76 -16.00
N PRO H 125 9.43 15.71 -15.45
CA PRO H 125 10.64 15.89 -14.64
C PRO H 125 11.81 16.46 -15.46
N LEU H 126 12.83 16.99 -14.77
CA LEU H 126 13.94 17.72 -15.42
C LEU H 126 14.70 16.94 -16.49
N GLU H 127 14.82 15.64 -16.28
CA GLU H 127 15.50 14.76 -17.24
C GLU H 127 14.84 14.72 -18.64
N PHE H 128 13.54 15.01 -18.71
CA PHE H 128 12.82 15.03 -19.99
C PHE H 128 13.32 16.22 -20.84
N PRO H 129 13.54 16.03 -22.13
CA PRO H 129 14.10 17.10 -22.96
C PRO H 129 13.05 18.07 -23.47
N ALA H 130 13.33 19.37 -23.33
CA ALA H 130 12.49 20.44 -23.85
C ALA H 130 12.79 20.60 -25.33
N VAL H 131 12.34 19.62 -26.09
CA VAL H 131 12.74 19.47 -27.48
C VAL H 131 11.57 19.91 -28.39
N ALA H 132 11.94 20.57 -29.48
CA ALA H 132 10.99 20.98 -30.49
C ALA H 132 10.60 19.76 -31.31
N ASP H 133 9.42 19.85 -31.92
CA ASP H 133 8.93 18.84 -32.83
C ASP H 133 9.72 18.91 -34.14
N PHE H 134 10.09 17.75 -34.66
CA PHE H 134 10.99 17.66 -35.79
C PHE H 134 10.39 18.25 -37.07
N GLU H 135 9.11 18.00 -37.30
CA GLU H 135 8.42 18.54 -38.48
C GLU H 135 8.31 20.08 -38.42
N CYS H 136 8.04 20.60 -37.24
CA CYS H 136 7.98 22.05 -37.01
C CYS H 136 9.34 22.69 -37.24
N THR H 137 10.37 22.14 -36.61
CA THR H 137 11.73 22.63 -36.79
C THR H 137 12.14 22.58 -38.27
N THR H 138 11.78 21.51 -38.94
CA THR H 138 12.05 21.36 -40.38
C THR H 138 11.38 22.49 -41.17
N ALA H 139 10.11 22.76 -40.92
CA ALA H 139 9.37 23.76 -41.69
C ALA H 139 9.93 25.17 -41.49
N LEU H 140 10.43 25.45 -40.29
CA LEU H 140 10.99 26.76 -39.95
C LEU H 140 12.35 26.95 -40.58
N VAL H 141 13.14 25.88 -40.64
CA VAL H 141 14.48 25.93 -41.21
C VAL H 141 14.38 26.09 -42.73
N GLU H 142 13.47 25.33 -43.33
CA GLU H 142 13.24 25.39 -44.76
C GLU H 142 12.52 26.69 -45.16
N ALA H 143 11.71 27.23 -44.25
CA ALA H 143 11.06 28.52 -44.45
C ALA H 143 12.11 29.62 -44.40
N ALA H 144 13.06 29.50 -43.47
CA ALA H 144 14.12 30.49 -43.33
C ALA H 144 15.01 30.47 -44.56
N LYS H 145 15.18 29.30 -45.14
CA LYS H 145 16.01 29.12 -46.33
C LYS H 145 15.30 29.66 -47.59
N SER H 146 13.98 29.63 -47.60
CA SER H 146 13.22 30.10 -48.75
C SER H 146 13.27 31.63 -48.90
N ILE H 147 13.12 32.35 -47.80
CA ILE H 147 13.16 33.82 -47.86
C ILE H 147 14.59 34.34 -47.85
N GLY H 148 15.54 33.51 -47.42
CA GLY H 148 16.97 33.81 -47.58
C GLY H 148 17.74 34.29 -46.35
N ALA H 149 17.11 34.25 -45.18
CA ALA H 149 17.74 34.69 -43.91
C ALA H 149 19.00 33.90 -43.54
N THR H 150 19.85 34.49 -42.71
CA THR H 150 21.01 33.76 -42.20
C THR H 150 20.63 33.17 -40.83
N THR H 151 20.60 31.85 -40.80
CA THR H 151 19.91 31.09 -39.77
C THR H 151 20.88 30.31 -38.90
N HIS H 152 20.58 30.24 -37.61
CA HIS H 152 21.32 29.40 -36.67
C HIS H 152 20.33 28.44 -36.01
N VAL H 153 20.71 27.18 -35.91
CA VAL H 153 19.85 26.12 -35.45
C VAL H 153 20.50 25.52 -34.24
N GLY H 154 19.86 25.62 -33.08
CA GLY H 154 20.46 25.12 -31.86
C GLY H 154 19.67 25.28 -30.57
N VAL H 155 20.40 25.19 -29.46
CA VAL H 155 19.85 25.15 -28.12
C VAL H 155 19.63 26.57 -27.63
N THR H 156 18.49 26.82 -27.01
CA THR H 156 18.21 28.09 -26.35
C THR H 156 18.17 27.86 -24.84
N ALA H 157 18.64 28.84 -24.07
CA ALA H 157 18.52 28.79 -22.62
C ALA H 157 17.30 29.59 -22.22
N SER H 158 16.39 28.95 -21.48
CA SER H 158 15.05 29.51 -21.22
C SER H 158 14.85 29.74 -19.74
N SER H 159 14.79 31.03 -19.35
CA SER H 159 14.87 31.46 -17.95
C SER H 159 13.57 32.05 -17.41
N ASP H 160 13.23 31.71 -16.18
CA ASP H 160 12.10 32.34 -15.49
C ASP H 160 12.37 33.80 -15.09
N THR H 161 13.61 34.28 -15.23
CA THR H 161 13.88 35.72 -15.02
C THR H 161 14.62 36.35 -16.18
N PHE H 162 14.40 37.66 -16.33
CA PHE H 162 15.10 38.51 -17.28
C PHE H 162 16.46 38.89 -16.71
N TYR H 163 16.51 39.12 -15.40
CA TYR H 163 17.71 39.65 -14.76
C TYR H 163 18.69 38.57 -14.23
N PRO H 164 18.50 38.02 -13.03
CA PRO H 164 19.53 37.12 -12.46
C PRO H 164 19.76 35.82 -13.22
N GLY H 165 18.70 35.24 -13.77
CA GLY H 165 18.78 33.98 -14.51
C GLY H 165 19.46 34.10 -15.87
N GLN H 166 19.62 35.34 -16.34
CA GLN H 166 20.42 35.65 -17.52
C GLN H 166 21.72 36.34 -17.11
N GLU H 167 22.10 36.14 -15.85
CA GLU H 167 23.31 36.71 -15.25
C GLU H 167 23.56 38.20 -15.54
N ARG H 168 22.54 39.01 -15.26
CA ARG H 168 22.64 40.46 -15.35
C ARG H 168 23.00 40.99 -13.97
N TYR H 169 23.98 41.88 -13.88
CA TYR H 169 24.43 42.45 -12.60
C TYR H 169 24.07 43.94 -12.49
N ASP H 170 23.36 44.44 -13.49
CA ASP H 170 23.02 45.86 -13.58
C ASP H 170 21.65 46.05 -12.92
N THR H 171 21.61 45.82 -11.61
CA THR H 171 20.35 45.65 -10.87
C THR H 171 20.37 46.28 -9.49
N TYR H 172 19.19 46.28 -8.85
CA TYR H 172 19.03 46.84 -7.51
C TYR H 172 20.04 46.24 -6.50
N SER H 173 20.13 44.91 -6.46
CA SER H 173 21.06 44.25 -5.55
C SER H 173 22.48 44.22 -6.13
N GLY H 174 22.58 44.09 -7.46
CA GLY H 174 23.86 43.98 -8.12
C GLY H 174 24.54 42.64 -7.87
N ARG H 175 23.75 41.62 -7.56
CA ARG H 175 24.28 40.30 -7.34
C ARG H 175 23.40 39.22 -7.93
N VAL H 176 24.00 38.04 -8.06
CA VAL H 176 23.34 36.86 -8.60
C VAL H 176 23.63 35.67 -7.69
N VAL H 177 22.57 34.95 -7.34
CA VAL H 177 22.61 33.78 -6.46
C VAL H 177 23.61 32.73 -6.98
N ARG H 178 24.24 31.99 -6.07
CA ARG H 178 25.34 31.09 -6.39
C ARG H 178 25.08 30.22 -7.62
N HIS H 179 23.88 29.65 -7.69
CA HIS H 179 23.50 28.73 -8.75
C HIS H 179 23.64 29.33 -10.16
N PHE H 180 23.38 30.62 -10.31
CA PHE H 180 23.46 31.27 -11.62
C PHE H 180 24.72 32.11 -11.81
N LYS H 181 25.58 32.12 -10.80
CA LYS H 181 26.88 32.78 -10.88
C LYS H 181 27.78 31.98 -11.80
N GLY H 182 28.37 32.63 -12.79
CA GLY H 182 29.15 31.93 -13.80
C GLY H 182 28.38 31.08 -14.79
N SER H 183 27.04 31.06 -14.70
CA SER H 183 26.22 30.21 -15.54
C SER H 183 26.19 30.61 -17.02
N MET H 184 26.19 31.91 -17.31
CA MET H 184 26.19 32.36 -18.70
C MET H 184 27.35 31.78 -19.49
N GLU H 185 28.54 31.80 -18.90
CA GLU H 185 29.76 31.31 -19.53
C GLU H 185 29.72 29.80 -19.78
N GLU H 186 29.09 29.03 -18.88
CA GLU H 186 28.84 27.60 -19.13
C GLU H 186 28.00 27.42 -20.39
N TRP H 187 26.87 28.12 -20.47
CA TRP H 187 25.97 28.00 -21.62
C TRP H 187 26.67 28.43 -22.91
N GLN H 188 27.45 29.51 -22.87
CA GLN H 188 28.21 29.96 -24.04
C GLN H 188 29.14 28.86 -24.55
N ALA H 189 29.85 28.22 -23.62
CA ALA H 189 30.83 27.18 -23.95
C ALA H 189 30.17 25.90 -24.50
N MET H 190 28.90 25.70 -24.15
CA MET H 190 28.12 24.55 -24.58
C MET H 190 27.39 24.79 -25.91
N GLY H 191 27.55 25.98 -26.47
CA GLY H 191 26.98 26.33 -27.75
C GLY H 191 25.59 26.93 -27.72
N VAL H 192 25.07 27.26 -26.53
CA VAL H 192 23.74 27.85 -26.42
C VAL H 192 23.70 29.21 -27.14
N MET H 193 22.69 29.43 -27.95
CA MET H 193 22.64 30.59 -28.84
C MET H 193 22.19 31.85 -28.12
N ASN H 194 21.23 31.70 -27.22
CA ASN H 194 20.53 32.85 -26.65
C ASN H 194 19.72 32.53 -25.40
N TYR H 195 19.26 33.58 -24.72
CA TYR H 195 18.28 33.48 -23.65
C TYR H 195 16.93 33.97 -24.18
N GLU H 196 15.87 33.33 -23.71
CA GLU H 196 14.54 33.93 -23.71
C GLU H 196 13.82 33.31 -22.49
N MET H 197 12.49 33.45 -22.39
CA MET H 197 11.82 33.18 -21.11
C MET H 197 10.55 32.33 -21.19
N GLU H 198 10.23 31.74 -22.34
CA GLU H 198 8.98 30.97 -22.51
C GLU H 198 9.14 29.56 -23.07
N SER H 199 10.22 29.32 -23.81
CA SER H 199 10.36 28.12 -24.63
C SER H 199 10.47 26.81 -23.86
N ALA H 200 11.07 26.83 -22.67
CA ALA H 200 11.20 25.60 -21.90
C ALA H 200 9.83 25.08 -21.50
N THR H 201 8.96 26.00 -21.07
CA THR H 201 7.58 25.65 -20.72
C THR H 201 6.81 25.14 -21.95
N LEU H 202 6.78 25.92 -23.02
CA LEU H 202 6.06 25.54 -24.24
C LEU H 202 6.51 24.20 -24.82
N LEU H 203 7.82 24.07 -25.05
CA LEU H 203 8.39 22.89 -25.70
C LEU H 203 8.20 21.65 -24.83
N THR H 204 8.42 21.78 -23.52
CA THR H 204 8.27 20.65 -22.60
C THR H 204 6.81 20.21 -22.49
N MET H 205 5.91 21.17 -22.41
CA MET H 205 4.49 20.85 -22.26
C MET H 205 3.88 20.30 -23.57
N CYS H 206 4.49 20.61 -24.70
CA CYS H 206 4.00 20.12 -25.99
C CYS H 206 4.57 18.72 -26.30
N ALA H 207 5.85 18.50 -26.04
CA ALA H 207 6.47 17.22 -26.33
C ALA H 207 6.06 16.12 -25.35
N SER H 208 5.52 16.50 -24.20
CA SER H 208 5.07 15.53 -23.20
C SER H 208 3.56 15.28 -23.23
N GLN H 209 2.85 15.92 -24.16
CA GLN H 209 1.39 15.77 -24.30
C GLN H 209 0.94 15.55 -25.75
N GLY H 210 1.84 15.09 -26.61
CA GLY H 210 1.49 14.75 -27.98
C GLY H 210 1.16 15.94 -28.88
N LEU H 211 1.65 17.12 -28.52
CA LEU H 211 1.43 18.36 -29.28
C LEU H 211 2.72 18.82 -29.97
N ARG H 212 2.59 19.33 -31.20
CA ARG H 212 3.75 19.78 -31.98
C ARG H 212 4.12 21.23 -31.65
N ALA H 213 5.42 21.49 -31.49
CA ALA H 213 5.90 22.85 -31.26
C ALA H 213 7.26 23.13 -31.91
N GLY H 214 7.38 24.32 -32.48
CA GLY H 214 8.66 24.83 -32.93
C GLY H 214 8.83 26.27 -32.48
N MET H 215 10.03 26.81 -32.65
CA MET H 215 10.29 28.19 -32.28
C MET H 215 11.31 28.83 -33.18
N VAL H 216 10.97 30.03 -33.67
CA VAL H 216 11.85 30.86 -34.46
C VAL H 216 11.88 32.25 -33.86
N ALA H 217 13.01 32.94 -34.00
CA ALA H 217 13.17 34.25 -33.41
C ALA H 217 14.22 35.09 -34.14
N GLY H 218 13.97 36.39 -34.27
CA GLY H 218 14.91 37.34 -34.80
C GLY H 218 15.79 37.94 -33.71
N VAL H 219 17.09 38.01 -33.97
CA VAL H 219 18.06 38.58 -33.03
C VAL H 219 18.12 40.08 -33.22
N ILE H 220 17.67 40.85 -32.23
CA ILE H 220 17.65 42.31 -32.30
C ILE H 220 18.77 42.97 -31.48
N VAL H 221 19.50 42.17 -30.71
CA VAL H 221 20.59 42.67 -29.89
C VAL H 221 21.54 41.52 -29.51
N ASN H 222 22.77 41.88 -29.14
CA ASN H 222 23.79 40.91 -28.74
C ASN H 222 24.68 41.51 -27.66
N ARG H 223 24.61 40.95 -26.46
CA ARG H 223 25.35 41.47 -25.33
C ARG H 223 26.85 41.18 -25.39
N THR H 224 27.24 40.11 -26.09
CA THR H 224 28.65 39.82 -26.36
C THR H 224 29.26 40.80 -27.38
N GLN H 225 28.43 41.52 -28.12
CA GLN H 225 28.87 42.67 -28.93
C GLN H 225 28.48 43.96 -28.22
N GLN H 236 12.08 45.16 -38.60
CA GLN H 236 12.65 44.68 -39.86
C GLN H 236 13.29 43.29 -39.70
N THR H 237 13.96 43.09 -38.57
CA THR H 237 14.36 41.76 -38.11
C THR H 237 13.11 41.04 -37.59
N GLU H 238 12.24 41.79 -36.92
CA GLU H 238 10.94 41.33 -36.48
C GLU H 238 10.08 40.83 -37.66
N SER H 239 10.06 41.62 -38.74
CA SER H 239 9.32 41.25 -39.96
C SER H 239 9.91 40.04 -40.69
N HIS H 240 11.23 39.87 -40.62
CA HIS H 240 11.92 38.74 -41.21
C HIS H 240 11.41 37.44 -40.59
N ALA H 241 11.48 37.38 -39.26
CA ALA H 241 11.10 36.20 -38.48
C ALA H 241 9.61 35.91 -38.59
N VAL H 242 8.80 36.96 -38.64
CA VAL H 242 7.36 36.80 -38.78
C VAL H 242 6.99 36.16 -40.12
N LYS H 243 7.69 36.55 -41.18
CA LYS H 243 7.46 35.96 -42.51
C LYS H 243 7.80 34.47 -42.50
N ILE H 244 8.84 34.11 -41.75
CA ILE H 244 9.30 32.73 -41.68
C ILE H 244 8.31 31.84 -40.96
N VAL H 245 7.81 32.30 -39.83
CA VAL H 245 6.85 31.51 -39.04
C VAL H 245 5.50 31.37 -39.77
N VAL H 246 5.13 32.35 -40.59
CA VAL H 246 3.92 32.26 -41.41
C VAL H 246 4.10 31.22 -42.52
N GLU H 247 5.30 31.21 -43.11
CA GLU H 247 5.63 30.30 -44.19
C GLU H 247 5.77 28.86 -43.66
N ALA H 248 6.26 28.73 -42.43
CA ALA H 248 6.40 27.43 -41.78
C ALA H 248 5.01 26.87 -41.46
N ALA H 249 4.12 27.75 -41.00
CA ALA H 249 2.73 27.40 -40.72
C ALA H 249 2.05 26.88 -41.98
N ARG H 250 2.37 27.50 -43.11
CA ARG H 250 1.88 27.10 -44.43
C ARG H 250 2.20 25.64 -44.70
N ARG H 251 3.44 25.25 -44.41
CA ARG H 251 3.93 23.90 -44.68
C ARG H 251 3.43 22.87 -43.68
N LEU H 252 2.86 23.31 -42.55
CA LEU H 252 2.40 22.40 -41.51
C LEU H 252 0.88 22.17 -41.52
N LEU H 253 0.18 22.71 -42.52
CA LEU H 253 -1.27 22.53 -42.62
C LEU H 253 -1.66 21.11 -42.99
N SER I 4 50.02 3.97 -30.45
CA SER I 4 48.62 4.44 -30.22
C SER I 4 48.58 5.86 -29.63
N ASP I 5 47.63 6.67 -30.10
CA ASP I 5 47.49 8.08 -29.72
C ASP I 5 46.52 8.31 -28.58
N VAL I 6 45.65 7.33 -28.33
CA VAL I 6 44.63 7.44 -27.29
C VAL I 6 44.70 6.23 -26.36
N PHE I 7 44.27 6.40 -25.12
CA PHE I 7 44.53 5.41 -24.10
C PHE I 7 43.80 4.07 -24.27
N HIS I 8 42.52 4.09 -24.67
CA HIS I 8 41.71 2.88 -24.78
C HIS I 8 41.56 2.29 -26.20
N LEU I 9 41.36 3.14 -27.21
CA LEU I 9 40.94 2.66 -28.52
C LEU I 9 42.04 1.95 -29.31
N GLY I 10 43.29 2.35 -29.07
CA GLY I 10 44.43 1.78 -29.77
C GLY I 10 44.49 2.23 -31.21
N LEU I 11 44.31 3.52 -31.45
CA LEU I 11 44.31 4.07 -32.82
C LEU I 11 45.23 5.27 -32.92
N THR I 12 45.68 5.56 -34.14
CA THR I 12 46.40 6.80 -34.40
C THR I 12 45.56 7.70 -35.31
N LYS I 13 45.98 8.95 -35.42
CA LYS I 13 45.38 9.88 -36.38
C LYS I 13 45.46 9.28 -37.78
N ASN I 14 46.61 8.69 -38.09
CA ASN I 14 46.89 8.15 -39.41
C ASN I 14 45.94 7.02 -39.80
N ASP I 15 45.66 6.12 -38.85
CA ASP I 15 44.67 5.05 -39.06
C ASP I 15 43.41 5.60 -39.68
N LEU I 16 42.88 6.68 -39.10
CA LEU I 16 41.64 7.29 -39.56
C LEU I 16 41.69 7.78 -41.01
N GLN I 17 42.88 8.20 -41.46
CA GLN I 17 43.11 8.57 -42.86
C GLN I 17 42.24 9.77 -43.30
N GLY I 18 42.06 10.74 -42.40
CA GLY I 18 41.28 11.94 -42.67
C GLY I 18 39.81 11.90 -42.22
N ALA I 19 39.34 10.74 -41.76
CA ALA I 19 37.90 10.55 -41.49
C ALA I 19 37.41 11.51 -40.43
N THR I 20 36.23 12.08 -40.65
CA THR I 20 35.56 12.90 -39.65
C THR I 20 34.16 12.39 -39.28
N LEU I 21 33.79 11.22 -39.79
CA LEU I 21 32.49 10.63 -39.45
C LEU I 21 32.69 9.22 -38.92
N ALA I 22 32.00 8.89 -37.83
CA ALA I 22 32.03 7.57 -37.22
C ALA I 22 30.62 7.05 -36.97
N ILE I 23 30.36 5.83 -37.44
CA ILE I 23 29.19 5.09 -37.02
C ILE I 23 29.58 4.31 -35.75
N VAL I 24 28.74 4.37 -34.72
CA VAL I 24 29.08 3.80 -33.43
C VAL I 24 27.98 2.87 -32.90
N PRO I 25 28.05 1.58 -33.23
CA PRO I 25 27.17 0.59 -32.61
C PRO I 25 27.62 0.25 -31.19
N GLY I 26 26.77 -0.47 -30.45
CA GLY I 26 27.10 -0.91 -29.11
C GLY I 26 27.92 -2.18 -29.14
N ASP I 27 27.54 -3.10 -30.03
CA ASP I 27 28.12 -4.43 -30.08
C ASP I 27 29.39 -4.46 -30.93
N PRO I 28 30.53 -4.85 -30.35
CA PRO I 28 31.75 -5.02 -31.15
C PRO I 28 31.61 -5.96 -32.36
N ASP I 29 30.68 -6.92 -32.29
CA ASP I 29 30.49 -7.90 -33.36
C ASP I 29 29.70 -7.37 -34.56
N ARG I 30 28.98 -6.27 -34.35
CA ARG I 30 28.27 -5.62 -35.43
C ARG I 30 29.22 -4.77 -36.30
N VAL I 31 30.38 -4.39 -35.75
CA VAL I 31 31.27 -3.41 -36.40
C VAL I 31 31.71 -3.87 -37.78
N GLU I 32 32.08 -5.14 -37.89
CA GLU I 32 32.44 -5.76 -39.16
C GLU I 32 31.27 -5.83 -40.14
N LYS I 33 30.08 -6.17 -39.63
CA LYS I 33 28.86 -6.21 -40.42
C LYS I 33 28.53 -4.87 -41.11
N ILE I 34 28.76 -3.76 -40.40
CA ILE I 34 28.43 -2.43 -40.89
C ILE I 34 29.44 -1.98 -41.92
N ALA I 35 30.72 -2.15 -41.59
CA ALA I 35 31.82 -1.83 -42.50
C ALA I 35 31.70 -2.58 -43.83
N ALA I 36 31.07 -3.76 -43.80
CA ALA I 36 30.95 -4.59 -45.00
C ALA I 36 29.96 -4.03 -46.04
N LEU I 37 29.01 -3.21 -45.61
CA LEU I 37 28.13 -2.48 -46.52
C LEU I 37 28.87 -1.37 -47.26
N MET I 38 30.10 -1.07 -46.83
CA MET I 38 30.90 -0.04 -47.45
C MET I 38 32.07 -0.66 -48.23
N ASP I 39 32.89 0.19 -48.85
CA ASP I 39 33.98 -0.26 -49.70
C ASP I 39 35.31 -0.30 -48.94
N LYS I 40 36.22 -1.16 -49.41
CA LYS I 40 37.56 -1.28 -48.86
C LYS I 40 37.60 -1.37 -47.32
N PRO I 41 36.81 -2.30 -46.77
CA PRO I 41 36.70 -2.44 -45.32
C PRO I 41 37.96 -3.08 -44.70
N VAL I 42 38.57 -2.41 -43.75
CA VAL I 42 39.79 -2.87 -43.06
C VAL I 42 39.58 -2.85 -41.54
N LYS I 43 40.13 -3.82 -40.85
CA LYS I 43 40.15 -3.80 -39.38
C LYS I 43 41.29 -2.90 -38.93
N LEU I 44 41.02 -2.03 -37.95
CA LEU I 44 42.00 -1.12 -37.36
C LEU I 44 42.53 -1.66 -36.04
N ALA I 45 41.62 -1.95 -35.12
CA ALA I 45 42.00 -2.39 -33.78
C ALA I 45 40.86 -3.02 -33.00
N SER I 46 41.21 -3.83 -32.01
CA SER I 46 40.25 -4.40 -31.08
C SER I 46 40.85 -4.44 -29.68
N HIS I 47 40.28 -3.64 -28.78
CA HIS I 47 40.71 -3.54 -27.38
C HIS I 47 39.49 -3.37 -26.50
N ARG I 48 39.37 -4.22 -25.48
CA ARG I 48 38.18 -4.26 -24.63
C ARG I 48 36.94 -4.33 -25.54
N GLU I 49 35.93 -3.48 -25.28
CA GLU I 49 34.68 -3.49 -26.07
C GLU I 49 34.71 -2.54 -27.29
N PHE I 50 35.87 -1.95 -27.57
CA PHE I 50 36.05 -1.04 -28.71
C PHE I 50 36.74 -1.73 -29.88
N THR I 51 35.94 -2.18 -30.84
CA THR I 51 36.43 -2.77 -32.09
C THR I 51 36.25 -1.73 -33.19
N THR I 52 37.33 -1.41 -33.90
CA THR I 52 37.32 -0.34 -34.87
C THR I 52 37.69 -0.85 -36.26
N TRP I 53 36.83 -0.58 -37.24
CA TRP I 53 37.14 -0.79 -38.64
C TRP I 53 37.08 0.56 -39.37
N ARG I 54 37.74 0.65 -40.52
CA ARG I 54 37.62 1.78 -41.41
C ARG I 54 37.07 1.26 -42.74
N ALA I 55 36.28 2.06 -43.43
CA ALA I 55 35.82 1.74 -44.77
C ALA I 55 35.71 3.03 -45.60
N GLU I 56 35.03 2.95 -46.73
CA GLU I 56 34.97 4.06 -47.66
C GLU I 56 33.58 4.16 -48.23
N LEU I 57 33.02 5.37 -48.16
CA LEU I 57 31.68 5.64 -48.64
C LEU I 57 31.77 6.79 -49.65
N ASP I 58 31.51 6.49 -50.92
CA ASP I 58 31.67 7.48 -52.00
C ASP I 58 33.06 8.15 -51.97
N GLY I 59 34.10 7.34 -51.79
CA GLY I 59 35.47 7.82 -51.82
C GLY I 59 35.99 8.43 -50.53
N LYS I 60 35.14 8.64 -49.53
CA LYS I 60 35.57 9.29 -48.30
C LYS I 60 35.67 8.28 -47.15
N PRO I 61 36.73 8.37 -46.36
CA PRO I 61 36.95 7.40 -45.29
C PRO I 61 35.96 7.57 -44.14
N VAL I 62 35.39 6.45 -43.70
CA VAL I 62 34.40 6.40 -42.62
C VAL I 62 34.91 5.43 -41.55
N ILE I 63 34.72 5.78 -40.29
CA ILE I 63 35.08 4.89 -39.19
C ILE I 63 33.85 4.14 -38.69
N VAL I 64 34.02 2.87 -38.36
CA VAL I 64 33.02 2.16 -37.56
C VAL I 64 33.68 1.70 -36.26
N CYS I 65 33.03 1.92 -35.13
CA CYS I 65 33.64 1.75 -33.81
C CYS I 65 32.60 1.44 -32.74
N SER I 66 32.70 0.28 -32.11
CA SER I 66 31.77 -0.09 -31.04
C SER I 66 32.02 0.67 -29.74
N THR I 67 30.94 0.91 -29.00
CA THR I 67 30.98 1.67 -27.77
C THR I 67 30.92 0.79 -26.55
N GLY I 68 30.48 -0.45 -26.72
CA GLY I 68 29.98 -1.25 -25.62
C GLY I 68 28.64 -0.76 -25.13
N ILE I 69 28.11 -1.42 -24.11
CA ILE I 69 26.87 -1.02 -23.46
C ILE I 69 27.17 0.03 -22.37
N GLY I 70 26.43 1.14 -22.42
CA GLY I 70 26.48 2.12 -21.38
C GLY I 70 27.10 3.43 -21.82
N GLY I 71 26.56 4.51 -21.25
CA GLY I 71 27.11 5.84 -21.38
C GLY I 71 28.58 5.93 -21.07
N PRO I 72 29.05 5.28 -20.00
CA PRO I 72 30.47 5.33 -19.63
C PRO I 72 31.46 4.89 -20.72
N SER I 73 31.30 3.70 -21.29
CA SER I 73 32.21 3.31 -22.35
C SER I 73 31.91 4.09 -23.64
N THR I 74 30.63 4.46 -23.82
CA THR I 74 30.27 5.39 -24.89
C THR I 74 31.10 6.67 -24.81
N SER I 75 31.22 7.27 -23.62
CA SER I 75 31.87 8.57 -23.46
C SER I 75 33.35 8.49 -23.76
N ILE I 76 33.94 7.36 -23.40
CA ILE I 76 35.34 7.10 -23.69
C ILE I 76 35.57 7.05 -25.20
N ALA I 77 34.73 6.34 -25.92
CA ALA I 77 34.93 6.10 -27.34
C ALA I 77 34.73 7.35 -28.15
N VAL I 78 33.72 8.14 -27.78
CA VAL I 78 33.37 9.35 -28.49
C VAL I 78 34.45 10.39 -28.26
N GLU I 79 34.94 10.46 -27.02
CA GLU I 79 35.98 11.40 -26.66
C GLU I 79 37.28 11.07 -27.39
N GLU I 80 37.65 9.80 -27.41
CA GLU I 80 38.92 9.41 -28.00
C GLU I 80 38.85 9.50 -29.54
N LEU I 81 37.68 9.26 -30.11
CA LEU I 81 37.47 9.48 -31.54
C LEU I 81 37.52 10.97 -31.85
N ALA I 82 37.02 11.80 -30.94
CA ALA I 82 37.05 13.24 -31.12
C ALA I 82 38.49 13.79 -31.12
N GLN I 83 39.37 13.21 -30.30
CA GLN I 83 40.77 13.60 -30.29
C GLN I 83 41.42 13.27 -31.64
N LEU I 84 40.98 12.17 -32.24
CA LEU I 84 41.48 11.71 -33.54
C LEU I 84 40.84 12.42 -34.73
N GLY I 85 39.86 13.28 -34.50
CA GLY I 85 39.31 14.14 -35.54
C GLY I 85 37.88 13.88 -36.03
N ILE I 86 37.18 12.97 -35.37
CA ILE I 86 35.78 12.71 -35.71
C ILE I 86 34.95 13.86 -35.18
N ARG I 87 34.09 14.43 -36.04
CA ARG I 87 33.16 15.49 -35.65
C ARG I 87 31.67 15.08 -35.73
N THR I 88 31.37 13.99 -36.44
CA THR I 88 30.00 13.49 -36.56
C THR I 88 29.95 12.06 -36.04
N PHE I 89 28.97 11.77 -35.20
CA PHE I 89 28.75 10.45 -34.63
C PHE I 89 27.32 9.99 -34.88
N LEU I 90 27.17 8.83 -35.50
CA LEU I 90 25.85 8.26 -35.76
C LEU I 90 25.76 6.94 -35.01
N ARG I 91 24.95 6.88 -33.95
CA ARG I 91 24.76 5.62 -33.24
C ARG I 91 23.71 4.79 -33.96
N ILE I 92 23.97 3.49 -34.07
CA ILE I 92 22.97 2.54 -34.49
C ILE I 92 22.87 1.48 -33.39
N GLY I 93 21.67 1.33 -32.81
CA GLY I 93 21.45 0.40 -31.72
C GLY I 93 20.21 -0.46 -31.85
N THR I 94 20.00 -1.31 -30.84
CA THR I 94 18.75 -2.06 -30.67
C THR I 94 17.97 -1.38 -29.56
N THR I 95 16.67 -1.65 -29.49
CA THR I 95 15.80 -0.93 -28.58
C THR I 95 14.48 -1.65 -28.35
N GLY I 96 13.89 -1.40 -27.17
CA GLY I 96 12.57 -1.89 -26.85
C GLY I 96 11.58 -0.75 -26.94
N ALA I 97 10.51 -0.92 -27.72
CA ALA I 97 9.47 0.10 -27.83
C ALA I 97 8.51 0.01 -26.64
N ILE I 98 7.98 1.14 -26.20
CA ILE I 98 6.98 1.15 -25.12
C ILE I 98 5.63 1.65 -25.59
N GLN I 99 5.52 2.06 -26.84
CA GLN I 99 4.24 2.46 -27.39
C GLN I 99 3.61 1.29 -28.14
N PRO I 100 2.29 1.13 -28.03
CA PRO I 100 1.62 -0.04 -28.59
C PRO I 100 1.66 -0.10 -30.12
N HIS I 101 1.65 1.04 -30.79
CA HIS I 101 1.60 1.08 -32.25
C HIS I 101 2.93 0.80 -32.94
N ILE I 102 4.03 0.80 -32.17
CA ILE I 102 5.38 0.55 -32.70
C ILE I 102 5.73 -0.96 -32.66
N ASN I 103 6.01 -1.51 -33.85
CA ASN I 103 6.22 -2.94 -34.01
C ASN I 103 7.68 -3.33 -34.06
N VAL I 104 7.94 -4.57 -33.69
CA VAL I 104 9.24 -5.20 -33.91
C VAL I 104 9.55 -5.08 -35.39
N GLY I 105 10.76 -4.66 -35.72
CA GLY I 105 11.17 -4.42 -37.10
C GLY I 105 11.14 -2.96 -37.52
N ASP I 106 10.36 -2.13 -36.82
CA ASP I 106 10.31 -0.69 -37.11
C ASP I 106 11.63 0.02 -36.73
N VAL I 107 11.85 1.19 -37.31
CA VAL I 107 13.02 2.00 -37.05
C VAL I 107 12.63 3.28 -36.30
N LEU I 108 13.40 3.62 -35.27
CA LEU I 108 13.18 4.82 -34.46
C LEU I 108 14.36 5.76 -34.53
N VAL I 109 14.11 6.99 -34.97
CA VAL I 109 15.09 8.07 -34.91
C VAL I 109 14.81 8.96 -33.69
N THR I 110 15.82 9.21 -32.88
CA THR I 110 15.69 9.97 -31.62
C THR I 110 15.96 11.45 -31.83
N THR I 111 14.98 12.30 -31.54
CA THR I 111 15.17 13.75 -31.59
C THR I 111 15.86 14.25 -30.35
N ALA I 112 15.51 13.67 -29.20
CA ALA I 112 16.16 13.95 -27.94
C ALA I 112 15.84 12.84 -26.94
N SER I 113 16.59 12.77 -25.85
CA SER I 113 16.51 11.66 -24.90
C SER I 113 16.20 12.12 -23.47
N VAL I 114 15.32 11.40 -22.78
CA VAL I 114 15.14 11.54 -21.33
C VAL I 114 16.42 11.00 -20.69
N ARG I 115 17.11 11.82 -19.91
CA ARG I 115 18.41 11.46 -19.34
C ARG I 115 18.26 10.65 -18.05
N LEU I 116 18.19 9.34 -18.22
CA LEU I 116 18.14 8.39 -17.10
C LEU I 116 19.52 7.75 -16.91
N ASP I 117 20.55 8.51 -17.27
CA ASP I 117 21.93 8.09 -17.15
C ASP I 117 22.71 9.00 -16.19
N GLY I 118 23.94 8.63 -15.91
CA GLY I 118 24.81 9.42 -15.06
C GLY I 118 25.85 10.22 -15.82
N ALA I 119 26.34 9.67 -16.94
CA ALA I 119 27.48 10.27 -17.64
C ALA I 119 27.16 11.59 -18.33
N SER I 120 25.92 11.76 -18.79
CA SER I 120 25.50 13.01 -19.45
C SER I 120 25.70 14.21 -18.52
N LEU I 121 25.54 13.98 -17.22
CA LEU I 121 25.72 15.03 -16.19
C LEU I 121 27.17 15.48 -16.01
N HIS I 122 28.10 14.66 -16.51
CA HIS I 122 29.52 14.99 -16.50
C HIS I 122 29.93 15.95 -17.63
N PHE I 123 28.97 16.27 -18.52
CA PHE I 123 29.17 17.22 -19.61
C PHE I 123 28.24 18.46 -19.53
N ALA I 124 27.09 18.32 -18.89
CA ALA I 124 26.10 19.40 -18.75
C ALA I 124 25.11 19.06 -17.65
N PRO I 125 24.60 20.07 -16.95
CA PRO I 125 23.65 19.82 -15.87
C PRO I 125 22.34 19.28 -16.44
N LEU I 126 21.47 18.75 -15.60
CA LEU I 126 20.30 17.99 -16.06
C LEU I 126 19.36 18.79 -16.96
N GLU I 127 19.28 20.08 -16.73
CA GLU I 127 18.34 20.96 -17.42
C GLU I 127 18.67 21.13 -18.91
N PHE I 128 19.92 20.85 -19.28
CA PHE I 128 20.37 20.90 -20.66
C PHE I 128 19.75 19.74 -21.45
N PRO I 129 19.19 20.00 -22.64
CA PRO I 129 18.51 18.96 -23.41
C PRO I 129 19.47 18.00 -24.10
N ALA I 130 19.22 16.71 -23.95
CA ALA I 130 19.95 15.69 -24.65
C ALA I 130 19.40 15.59 -26.06
N VAL I 131 19.68 16.62 -26.85
CA VAL I 131 19.09 16.80 -28.17
C VAL I 131 20.06 16.39 -29.29
N ALA I 132 19.51 15.76 -30.33
CA ALA I 132 20.30 15.34 -31.48
C ALA I 132 20.54 16.51 -32.43
N ASP I 133 21.62 16.42 -33.18
CA ASP I 133 21.95 17.40 -34.20
C ASP I 133 20.89 17.34 -35.29
N PHE I 134 20.44 18.51 -35.74
CA PHE I 134 19.35 18.62 -36.69
C PHE I 134 19.73 18.05 -38.06
N GLU I 135 20.98 18.22 -38.47
CA GLU I 135 21.44 17.65 -39.73
C GLU I 135 21.50 16.12 -39.67
N CYS I 136 21.99 15.57 -38.56
CA CYS I 136 22.07 14.12 -38.44
C CYS I 136 20.68 13.47 -38.44
N THR I 137 19.75 14.08 -37.71
CA THR I 137 18.39 13.57 -37.60
C THR I 137 17.68 13.63 -38.96
N THR I 138 17.92 14.69 -39.72
CA THR I 138 17.35 14.82 -41.05
C THR I 138 17.82 13.67 -41.93
N ALA I 139 19.14 13.48 -42.00
CA ALA I 139 19.76 12.44 -42.83
C ALA I 139 19.23 11.05 -42.48
N LEU I 140 19.05 10.78 -41.18
CA LEU I 140 18.53 9.50 -40.73
C LEU I 140 17.06 9.28 -41.12
N VAL I 141 16.25 10.32 -40.97
CA VAL I 141 14.82 10.23 -41.29
C VAL I 141 14.63 10.07 -42.80
N GLU I 142 15.36 10.87 -43.56
CA GLU I 142 15.33 10.78 -45.01
C GLU I 142 15.96 9.49 -45.56
N ALA I 143 16.88 8.89 -44.82
CA ALA I 143 17.46 7.61 -45.23
C ALA I 143 16.46 6.47 -45.03
N ALA I 144 15.68 6.55 -43.96
CA ALA I 144 14.59 5.61 -43.72
C ALA I 144 13.48 5.78 -44.76
N LYS I 145 13.21 7.03 -45.14
CA LYS I 145 12.25 7.31 -46.22
C LYS I 145 12.65 6.54 -47.49
N SER I 146 13.92 6.67 -47.88
CA SER I 146 14.36 6.17 -49.18
C SER I 146 14.46 4.62 -49.28
N ILE I 147 14.54 3.94 -48.14
CA ILE I 147 14.53 2.47 -48.12
C ILE I 147 13.17 1.87 -47.68
N GLY I 148 12.19 2.74 -47.41
CA GLY I 148 10.81 2.31 -47.14
C GLY I 148 10.53 1.70 -45.78
N ALA I 149 11.43 1.90 -44.82
CA ALA I 149 11.23 1.42 -43.44
C ALA I 149 10.09 2.15 -42.77
N THR I 150 9.29 1.44 -41.98
CA THR I 150 8.26 2.12 -41.21
C THR I 150 8.99 2.74 -39.99
N THR I 151 8.97 4.07 -39.94
CA THR I 151 9.82 4.86 -39.07
C THR I 151 9.01 5.72 -38.09
N HIS I 152 9.53 5.90 -36.88
CA HIS I 152 8.95 6.81 -35.89
C HIS I 152 10.01 7.72 -35.35
N VAL I 153 9.64 8.99 -35.18
CA VAL I 153 10.57 10.03 -34.79
C VAL I 153 10.09 10.73 -33.53
N GLY I 154 10.95 10.82 -32.52
CA GLY I 154 10.50 11.27 -31.21
C GLY I 154 11.50 11.03 -30.10
N VAL I 155 11.03 11.15 -28.87
CA VAL I 155 11.86 11.07 -27.66
C VAL I 155 12.11 9.62 -27.24
N THR I 156 13.27 9.40 -26.64
CA THR I 156 13.71 8.08 -26.17
C THR I 156 14.08 8.18 -24.70
N ALA I 157 13.67 7.22 -23.88
CA ALA I 157 14.20 7.13 -22.52
C ALA I 157 15.52 6.34 -22.52
N SER I 158 16.59 6.95 -22.03
CA SER I 158 17.93 6.38 -22.14
C SER I 158 18.47 6.11 -20.75
N SER I 159 18.59 4.82 -20.44
CA SER I 159 18.74 4.32 -19.08
C SER I 159 20.11 3.69 -18.83
N ASP I 160 20.69 3.97 -17.67
CA ASP I 160 21.96 3.36 -17.26
C ASP I 160 21.83 1.86 -16.91
N THR I 161 20.60 1.36 -16.68
CA THR I 161 20.36 -0.08 -16.56
C THR I 161 19.42 -0.63 -17.63
N PHE I 162 19.59 -1.92 -17.89
CA PHE I 162 18.71 -2.68 -18.75
C PHE I 162 17.51 -3.15 -17.93
N TYR I 163 17.74 -3.47 -16.67
CA TYR I 163 16.71 -4.09 -15.87
C TYR I 163 15.81 -3.08 -15.09
N PRO I 164 16.17 -2.64 -13.87
CA PRO I 164 15.26 -1.76 -13.10
C PRO I 164 14.89 -0.43 -13.77
N GLY I 165 15.83 0.19 -14.50
CA GLY I 165 15.61 1.51 -15.06
C GLY I 165 14.64 1.51 -16.23
N GLN I 166 14.41 0.32 -16.79
CA GLN I 166 13.43 0.11 -17.85
C GLN I 166 12.24 -0.69 -17.29
N GLU I 167 12.07 -0.63 -15.98
CA GLU I 167 10.97 -1.31 -15.30
C GLU I 167 10.77 -2.76 -15.75
N ARG I 168 11.84 -3.53 -15.66
CA ARG I 168 11.78 -4.99 -15.84
C ARG I 168 11.69 -5.59 -14.45
N TYR I 169 10.76 -6.53 -14.29
CA TYR I 169 10.48 -7.19 -13.01
C TYR I 169 10.91 -8.66 -12.97
N ASP I 170 11.26 -9.22 -14.12
CA ASP I 170 11.67 -10.62 -14.22
C ASP I 170 13.17 -10.68 -14.00
N THR I 171 13.52 -10.50 -12.73
CA THR I 171 14.90 -10.29 -12.29
C THR I 171 15.14 -11.08 -11.00
N TYR I 172 16.39 -11.07 -10.56
CA TYR I 172 16.79 -11.72 -9.30
C TYR I 172 15.92 -11.27 -8.13
N SER I 173 15.77 -9.96 -7.95
CA SER I 173 15.01 -9.41 -6.82
C SER I 173 13.52 -9.30 -7.11
N GLY I 174 13.17 -9.10 -8.38
CA GLY I 174 11.79 -8.92 -8.77
C GLY I 174 11.16 -7.62 -8.29
N ARG I 175 11.99 -6.64 -7.94
CA ARG I 175 11.58 -5.33 -7.44
C ARG I 175 12.21 -4.23 -8.29
N VAL I 176 11.52 -3.09 -8.33
CA VAL I 176 12.10 -1.87 -8.86
C VAL I 176 12.05 -0.77 -7.81
N VAL I 177 13.16 -0.05 -7.67
CA VAL I 177 13.31 1.05 -6.72
C VAL I 177 12.22 2.08 -6.97
N ARG I 178 11.76 2.71 -5.89
CA ARG I 178 10.60 3.60 -5.91
C ARG I 178 10.57 4.64 -7.05
N HIS I 179 11.70 5.32 -7.26
CA HIS I 179 11.87 6.28 -8.37
C HIS I 179 11.34 5.75 -9.71
N PHE I 180 11.70 4.51 -10.04
CA PHE I 180 11.40 3.93 -11.36
C PHE I 180 10.13 3.07 -11.40
N LYS I 181 9.54 2.80 -10.24
CA LYS I 181 8.27 2.08 -10.17
C LYS I 181 7.16 2.97 -10.71
N GLY I 182 6.38 2.47 -11.65
CA GLY I 182 5.39 3.27 -12.36
C GLY I 182 5.95 4.15 -13.48
N SER I 183 7.28 4.09 -13.72
CA SER I 183 7.93 5.05 -14.60
C SER I 183 7.63 4.80 -16.09
N MET I 184 7.72 3.55 -16.54
CA MET I 184 7.40 3.26 -17.94
C MET I 184 6.05 3.82 -18.36
N GLU I 185 5.06 3.69 -17.48
CA GLU I 185 3.72 4.21 -17.72
C GLU I 185 3.71 5.75 -17.88
N GLU I 186 4.44 6.48 -17.03
CA GLU I 186 4.58 7.93 -17.19
C GLU I 186 5.24 8.30 -18.53
N TRP I 187 6.34 7.64 -18.87
CA TRP I 187 6.98 7.88 -20.17
C TRP I 187 6.05 7.59 -21.35
N GLN I 188 5.24 6.53 -21.27
CA GLN I 188 4.32 6.17 -22.36
C GLN I 188 3.31 7.29 -22.59
N ALA I 189 2.73 7.77 -21.50
CA ALA I 189 1.75 8.84 -21.54
C ALA I 189 2.36 10.12 -22.11
N MET I 190 3.65 10.33 -21.86
CA MET I 190 4.34 11.53 -22.36
C MET I 190 4.83 11.33 -23.78
N GLY I 191 4.42 10.24 -24.42
CA GLY I 191 4.72 10.00 -25.83
C GLY I 191 6.14 9.54 -26.13
N VAL I 192 6.87 9.12 -25.10
CA VAL I 192 8.19 8.53 -25.31
C VAL I 192 8.01 7.20 -26.06
N MET I 193 8.86 6.97 -27.04
CA MET I 193 8.73 5.86 -27.98
C MET I 193 9.36 4.56 -27.47
N ASN I 194 10.46 4.68 -26.74
CA ASN I 194 11.33 3.54 -26.53
C ASN I 194 12.35 3.74 -25.41
N TYR I 195 12.98 2.62 -25.03
CA TYR I 195 14.11 2.59 -24.10
C TYR I 195 15.35 2.10 -24.86
N GLU I 196 16.48 2.72 -24.60
CA GLU I 196 17.79 2.13 -24.89
C GLU I 196 18.76 2.71 -23.84
N MET I 197 20.09 2.62 -24.07
CA MET I 197 21.05 2.84 -22.98
C MET I 197 22.23 3.79 -23.21
N GLU I 198 22.39 4.34 -24.41
CA GLU I 198 23.54 5.21 -24.71
C GLU I 198 23.24 6.59 -25.29
N SER I 199 22.01 6.86 -25.72
CA SER I 199 21.71 8.12 -26.42
C SER I 199 21.73 9.35 -25.50
N ALA I 200 21.47 9.19 -24.21
CA ALA I 200 21.48 10.36 -23.34
C ALA I 200 22.91 10.87 -23.24
N THR I 201 23.86 9.96 -23.05
CA THR I 201 25.26 10.34 -22.93
C THR I 201 25.81 10.91 -24.24
N LEU I 202 25.60 10.18 -25.34
CA LEU I 202 26.07 10.57 -26.66
C LEU I 202 25.59 11.94 -27.07
N LEU I 203 24.28 12.13 -27.09
CA LEU I 203 23.68 13.36 -27.56
C LEU I 203 23.99 14.56 -26.67
N THR I 204 24.08 14.36 -25.36
CA THR I 204 24.37 15.46 -24.44
C THR I 204 25.83 15.87 -24.54
N MET I 205 26.72 14.89 -24.57
CA MET I 205 28.13 15.18 -24.63
C MET I 205 28.51 15.83 -25.96
N CYS I 206 27.83 15.45 -27.03
CA CYS I 206 28.11 16.00 -28.36
C CYS I 206 27.50 17.41 -28.50
N ALA I 207 26.28 17.59 -28.01
CA ALA I 207 25.59 18.87 -28.15
C ALA I 207 26.23 19.95 -27.31
N SER I 208 26.95 19.54 -26.27
CA SER I 208 27.58 20.48 -25.36
C SER I 208 29.01 20.83 -25.76
N GLN I 209 29.54 20.12 -26.77
CA GLN I 209 30.94 20.27 -27.21
C GLN I 209 31.13 20.62 -28.69
N GLY I 210 30.06 20.97 -29.40
CA GLY I 210 30.17 21.35 -30.80
C GLY I 210 30.31 20.17 -31.77
N LEU I 211 30.03 18.96 -31.27
CA LEU I 211 30.01 17.75 -32.10
C LEU I 211 28.58 17.41 -32.55
N ARG I 212 28.46 16.94 -33.79
CA ARG I 212 27.19 16.49 -34.37
C ARG I 212 26.91 15.02 -34.04
N ALA I 213 25.73 14.72 -33.54
CA ALA I 213 25.35 13.33 -33.24
C ALA I 213 23.92 13.01 -33.67
N GLY I 214 23.73 11.83 -34.25
CA GLY I 214 22.42 11.28 -34.54
C GLY I 214 22.26 9.90 -33.93
N MET I 215 21.02 9.44 -33.85
CA MET I 215 20.69 8.24 -33.09
C MET I 215 19.56 7.52 -33.80
N VAL I 216 19.83 6.28 -34.21
CA VAL I 216 18.82 5.42 -34.83
C VAL I 216 18.88 4.04 -34.19
N ALA I 217 17.73 3.38 -34.06
CA ALA I 217 17.67 2.02 -33.52
C ALA I 217 16.57 1.19 -34.17
N GLY I 218 16.81 -0.12 -34.23
CA GLY I 218 15.81 -1.06 -34.69
C GLY I 218 15.10 -1.69 -33.50
N VAL I 219 13.79 -1.80 -33.59
CA VAL I 219 12.95 -2.35 -32.53
C VAL I 219 13.04 -3.88 -32.50
N ILE I 220 13.63 -4.44 -31.44
CA ILE I 220 13.66 -5.91 -31.28
C ILE I 220 12.68 -6.47 -30.23
N VAL I 221 12.01 -5.59 -29.48
CA VAL I 221 10.97 -5.99 -28.54
C VAL I 221 10.00 -4.83 -28.27
N ASN I 222 8.75 -5.19 -27.93
CA ASN I 222 7.75 -4.24 -27.49
C ASN I 222 7.34 -4.60 -26.08
N ARG I 223 7.46 -3.63 -25.16
CA ARG I 223 7.34 -3.85 -23.73
C ARG I 223 5.88 -3.90 -23.24
N THR I 224 4.94 -3.57 -24.13
CA THR I 224 3.54 -3.87 -23.89
C THR I 224 3.20 -5.33 -24.18
N GLN I 225 4.19 -6.10 -24.64
CA GLN I 225 4.01 -7.53 -24.88
C GLN I 225 4.92 -8.40 -24.04
N GLN I 226 6.18 -8.02 -23.90
CA GLN I 226 7.16 -8.86 -23.17
C GLN I 226 8.38 -8.06 -22.72
N GLU I 227 9.10 -8.60 -21.73
CA GLU I 227 10.32 -7.97 -21.21
C GLU I 227 11.55 -8.31 -22.05
N ILE I 228 11.68 -9.56 -22.48
CA ILE I 228 12.90 -10.02 -23.13
C ILE I 228 12.66 -10.28 -24.61
N PRO I 229 13.47 -9.68 -25.48
CA PRO I 229 13.39 -9.94 -26.93
C PRO I 229 13.46 -11.42 -27.29
N ASN I 230 12.66 -11.80 -28.27
CA ASN I 230 12.74 -13.11 -28.90
C ASN I 230 13.99 -13.14 -29.77
N ALA I 231 14.71 -14.25 -29.73
CA ALA I 231 15.93 -14.44 -30.53
C ALA I 231 15.67 -14.50 -32.05
N GLU I 232 14.43 -14.78 -32.44
CA GLU I 232 14.11 -15.16 -33.83
C GLU I 232 14.15 -14.04 -34.88
N THR I 233 13.82 -12.82 -34.48
CA THR I 233 13.70 -11.74 -35.46
C THR I 233 14.69 -10.57 -35.19
N MET I 234 15.75 -10.88 -34.44
CA MET I 234 16.78 -9.91 -34.08
C MET I 234 17.70 -9.56 -35.25
N LYS I 235 18.17 -10.60 -35.95
CA LYS I 235 19.09 -10.45 -37.09
C LYS I 235 18.51 -9.56 -38.19
N GLN I 236 17.22 -9.74 -38.50
CA GLN I 236 16.55 -8.99 -39.56
C GLN I 236 16.41 -7.51 -39.24
N THR I 237 16.05 -7.21 -37.99
CA THR I 237 15.91 -5.84 -37.48
C THR I 237 17.25 -5.08 -37.48
N GLU I 238 18.29 -5.75 -36.98
CA GLU I 238 19.66 -5.21 -36.96
C GLU I 238 20.08 -4.73 -38.35
N SER I 239 19.90 -5.59 -39.37
CA SER I 239 20.24 -5.30 -40.77
C SER I 239 19.53 -4.08 -41.37
N HIS I 240 18.26 -3.90 -40.99
CA HIS I 240 17.41 -2.83 -41.52
C HIS I 240 17.93 -1.46 -41.10
N ALA I 241 18.21 -1.34 -39.80
CA ALA I 241 18.70 -0.09 -39.23
C ALA I 241 20.11 0.21 -39.70
N VAL I 242 20.92 -0.83 -39.86
CA VAL I 242 22.28 -0.71 -40.34
C VAL I 242 22.32 -0.14 -41.76
N LYS I 243 21.37 -0.55 -42.60
CA LYS I 243 21.29 -0.03 -43.97
C LYS I 243 21.00 1.46 -43.93
N ILE I 244 20.16 1.86 -42.97
CA ILE I 244 19.75 3.25 -42.86
C ILE I 244 20.86 4.14 -42.34
N VAL I 245 21.62 3.65 -41.38
CA VAL I 245 22.66 4.47 -40.74
C VAL I 245 23.81 4.73 -41.72
N VAL I 246 24.09 3.75 -42.57
CA VAL I 246 25.09 3.86 -43.62
C VAL I 246 24.60 4.84 -44.67
N GLU I 247 23.36 4.70 -45.10
CA GLU I 247 22.74 5.61 -46.06
C GLU I 247 22.69 7.05 -45.55
N ALA I 248 22.46 7.21 -44.24
CA ALA I 248 22.49 8.51 -43.59
C ALA I 248 23.91 9.10 -43.60
N ALA I 249 24.91 8.26 -43.28
CA ALA I 249 26.31 8.68 -43.31
C ALA I 249 26.72 9.21 -44.69
N ARG I 250 26.24 8.53 -45.73
CA ARG I 250 26.40 8.93 -47.13
C ARG I 250 25.98 10.38 -47.32
N ARG I 251 24.81 10.72 -46.79
CA ARG I 251 24.23 12.06 -46.91
C ARG I 251 24.93 13.13 -46.07
N LEU I 252 25.86 12.74 -45.21
CA LEU I 252 26.52 13.66 -44.27
C LEU I 252 28.00 13.87 -44.53
N LEU I 253 28.55 13.26 -45.57
CA LEU I 253 29.99 13.34 -45.81
C LEU I 253 30.41 14.72 -46.31
N SER J 4 20.54 -20.85 -23.96
CA SER J 4 21.11 -19.98 -22.89
C SER J 4 20.01 -19.30 -22.03
N ASP J 5 20.25 -19.23 -20.72
CA ASP J 5 19.23 -18.82 -19.73
C ASP J 5 19.10 -17.31 -19.51
N VAL J 6 20.11 -16.54 -19.96
CA VAL J 6 20.12 -15.08 -19.78
C VAL J 6 20.38 -14.37 -21.11
N PHE J 7 19.93 -13.12 -21.19
CA PHE J 7 19.84 -12.41 -22.46
C PHE J 7 21.18 -11.92 -23.02
N HIS J 8 22.14 -11.60 -22.14
CA HIS J 8 23.39 -10.96 -22.58
C HIS J 8 24.63 -11.83 -22.52
N LEU J 9 24.78 -12.67 -21.49
CA LEU J 9 26.05 -13.40 -21.28
C LEU J 9 26.22 -14.73 -22.02
N GLY J 10 25.14 -15.27 -22.57
CA GLY J 10 25.19 -16.56 -23.25
C GLY J 10 25.59 -17.70 -22.33
N LEU J 11 24.89 -17.82 -21.20
CA LEU J 11 25.20 -18.79 -20.15
C LEU J 11 23.94 -19.44 -19.59
N THR J 12 24.02 -20.73 -19.27
CA THR J 12 22.99 -21.44 -18.52
C THR J 12 23.48 -21.67 -17.10
N LYS J 13 22.54 -22.04 -16.22
CA LYS J 13 22.87 -22.39 -14.84
C LYS J 13 23.85 -23.55 -14.78
N ASN J 14 23.70 -24.54 -15.66
CA ASN J 14 24.57 -25.72 -15.68
C ASN J 14 26.02 -25.40 -16.05
N ASP J 15 26.25 -24.32 -16.80
CA ASP J 15 27.59 -23.91 -17.18
C ASP J 15 28.45 -23.53 -15.99
N LEU J 16 27.80 -23.08 -14.92
CA LEU J 16 28.49 -22.57 -13.74
C LEU J 16 28.85 -23.68 -12.76
N GLN J 17 28.28 -24.87 -12.96
CA GLN J 17 28.62 -26.09 -12.20
C GLN J 17 28.48 -25.91 -10.69
N GLY J 18 27.45 -25.18 -10.27
CA GLY J 18 27.16 -24.94 -8.87
C GLY J 18 27.90 -23.79 -8.21
N ALA J 19 28.59 -22.98 -9.01
CA ALA J 19 29.38 -21.85 -8.51
C ALA J 19 28.50 -20.78 -7.87
N THR J 20 29.01 -20.18 -6.81
CA THR J 20 28.34 -19.08 -6.12
C THR J 20 29.20 -17.82 -6.01
N LEU J 21 30.40 -17.87 -6.56
CA LEU J 21 31.30 -16.74 -6.46
C LEU J 21 31.91 -16.42 -7.82
N ALA J 22 31.92 -15.14 -8.17
CA ALA J 22 32.50 -14.66 -9.41
C ALA J 22 33.55 -13.59 -9.15
N ILE J 23 34.66 -13.66 -9.88
CA ILE J 23 35.59 -12.55 -10.01
C ILE J 23 35.20 -11.78 -11.27
N VAL J 24 35.00 -10.47 -11.13
CA VAL J 24 34.51 -9.66 -12.23
C VAL J 24 35.49 -8.54 -12.59
N PRO J 25 36.43 -8.83 -13.49
CA PRO J 25 37.28 -7.76 -14.03
C PRO J 25 36.50 -6.94 -15.07
N GLY J 26 37.00 -5.77 -15.47
CA GLY J 26 36.35 -4.95 -16.47
C GLY J 26 36.76 -5.35 -17.88
N ASP J 27 38.03 -5.74 -18.00
CA ASP J 27 38.63 -6.06 -19.28
C ASP J 27 38.42 -7.53 -19.66
N PRO J 28 37.70 -7.82 -20.74
CA PRO J 28 37.50 -9.22 -21.17
C PRO J 28 38.81 -10.02 -21.38
N ASP J 29 39.89 -9.34 -21.76
CA ASP J 29 41.16 -10.02 -21.98
C ASP J 29 41.83 -10.42 -20.66
N ARG J 30 41.38 -9.84 -19.56
CA ARG J 30 41.90 -10.21 -18.25
C ARG J 30 41.31 -11.53 -17.72
N VAL J 31 40.21 -11.98 -18.30
CA VAL J 31 39.46 -13.11 -17.73
C VAL J 31 40.30 -14.39 -17.77
N GLU J 32 40.93 -14.63 -18.91
CA GLU J 32 41.83 -15.77 -19.08
C GLU J 32 43.01 -15.72 -18.10
N LYS J 33 43.62 -14.53 -17.96
CA LYS J 33 44.73 -14.30 -17.01
C LYS J 33 44.37 -14.76 -15.61
N ILE J 34 43.24 -14.27 -15.11
CA ILE J 34 42.74 -14.60 -13.78
C ILE J 34 42.45 -16.09 -13.63
N ALA J 35 41.81 -16.68 -14.65
CA ALA J 35 41.45 -18.09 -14.61
C ALA J 35 42.66 -19.02 -14.64
N ALA J 36 43.78 -18.55 -15.21
CA ALA J 36 44.99 -19.37 -15.37
C ALA J 36 45.75 -19.57 -14.05
N LEU J 37 45.46 -18.74 -13.06
CA LEU J 37 46.00 -18.93 -11.71
C LEU J 37 45.27 -20.03 -10.92
N MET J 38 44.07 -20.41 -11.37
CA MET J 38 43.23 -21.41 -10.71
C MET J 38 43.41 -22.79 -11.33
N ASP J 39 42.69 -23.79 -10.82
CA ASP J 39 42.79 -25.16 -11.30
C ASP J 39 41.79 -25.47 -12.42
N LYS J 40 42.25 -26.21 -13.43
CA LYS J 40 41.41 -26.71 -14.52
C LYS J 40 40.48 -25.67 -15.12
N PRO J 41 41.04 -24.58 -15.63
CA PRO J 41 40.23 -23.53 -16.25
C PRO J 41 39.66 -23.97 -17.61
N VAL J 42 38.49 -23.44 -17.94
CA VAL J 42 37.72 -23.80 -19.14
C VAL J 42 36.93 -22.54 -19.58
N LYS J 43 37.07 -22.15 -20.83
CA LYS J 43 36.33 -21.00 -21.36
C LYS J 43 34.88 -21.39 -21.54
N LEU J 44 33.98 -20.51 -21.12
CA LEU J 44 32.54 -20.78 -21.21
C LEU J 44 31.86 -20.03 -22.35
N ALA J 45 32.06 -18.73 -22.42
CA ALA J 45 31.38 -17.94 -23.44
C ALA J 45 32.05 -16.58 -23.65
N SER J 46 31.73 -15.97 -24.78
CA SER J 46 32.14 -14.60 -25.10
C SER J 46 31.07 -13.96 -25.97
N HIS J 47 30.48 -12.87 -25.49
CA HIS J 47 29.41 -12.15 -26.17
C HIS J 47 29.50 -10.70 -25.72
N ARG J 48 29.65 -9.80 -26.69
CA ARG J 48 29.91 -8.38 -26.44
C ARG J 48 31.12 -8.30 -25.50
N GLU J 49 31.06 -7.42 -24.50
CA GLU J 49 32.13 -7.25 -23.52
C GLU J 49 32.13 -8.30 -22.40
N PHE J 50 31.23 -9.29 -22.47
CA PHE J 50 31.10 -10.30 -21.42
C PHE J 50 31.79 -11.60 -21.81
N THR J 51 33.00 -11.78 -21.31
CA THR J 51 33.76 -13.01 -21.49
C THR J 51 33.77 -13.77 -20.14
N THR J 52 33.53 -15.07 -20.20
CA THR J 52 33.32 -15.88 -18.99
C THR J 52 34.12 -17.17 -19.02
N TRP J 53 34.95 -17.37 -18.00
CA TRP J 53 35.62 -18.64 -17.78
C TRP J 53 35.14 -19.25 -16.46
N ARG J 54 35.45 -20.52 -16.33
CA ARG J 54 35.20 -21.27 -15.14
C ARG J 54 36.53 -21.87 -14.72
N ALA J 55 36.67 -22.14 -13.43
CA ALA J 55 37.85 -22.83 -12.91
C ALA J 55 37.58 -23.39 -11.51
N GLU J 56 38.62 -23.89 -10.86
CA GLU J 56 38.48 -24.52 -9.55
C GLU J 56 39.50 -23.96 -8.56
N LEU J 57 39.05 -23.78 -7.33
CA LEU J 57 39.89 -23.35 -6.22
C LEU J 57 39.54 -24.28 -5.07
N ASP J 58 40.52 -25.01 -4.55
CA ASP J 58 40.32 -25.94 -3.44
C ASP J 58 39.16 -26.89 -3.69
N GLY J 59 39.00 -27.30 -4.95
CA GLY J 59 38.00 -28.28 -5.32
C GLY J 59 36.61 -27.73 -5.62
N LYS J 60 36.43 -26.42 -5.48
CA LYS J 60 35.12 -25.77 -5.71
C LYS J 60 35.14 -24.90 -6.95
N PRO J 61 34.03 -24.84 -7.67
CA PRO J 61 33.95 -24.06 -8.91
C PRO J 61 33.86 -22.55 -8.68
N VAL J 62 34.59 -21.79 -9.52
CA VAL J 62 34.64 -20.34 -9.46
C VAL J 62 34.46 -19.79 -10.87
N ILE J 63 33.80 -18.64 -10.99
CA ILE J 63 33.53 -17.99 -12.26
C ILE J 63 34.39 -16.73 -12.40
N VAL J 64 34.92 -16.49 -13.59
CA VAL J 64 35.49 -15.20 -13.93
C VAL J 64 34.71 -14.68 -15.13
N CYS J 65 34.14 -13.49 -14.99
CA CYS J 65 33.34 -12.86 -16.03
C CYS J 65 33.57 -11.36 -16.08
N SER J 66 33.81 -10.82 -17.27
CA SER J 66 34.13 -9.41 -17.40
C SER J 66 32.86 -8.55 -17.50
N THR J 67 32.97 -7.32 -17.00
CA THR J 67 31.82 -6.42 -16.92
C THR J 67 31.78 -5.41 -18.06
N GLY J 68 32.88 -5.30 -18.81
CA GLY J 68 33.11 -4.15 -19.66
C GLY J 68 33.36 -2.93 -18.80
N ILE J 69 33.52 -1.76 -19.43
CA ILE J 69 33.67 -0.51 -18.70
C ILE J 69 32.31 0.10 -18.40
N GLY J 70 32.14 0.53 -17.14
CA GLY J 70 30.96 1.28 -16.72
C GLY J 70 29.95 0.52 -15.90
N GLY J 71 29.18 1.25 -15.09
CA GLY J 71 28.14 0.70 -14.26
C GLY J 71 27.02 0.01 -15.03
N PRO J 72 26.60 0.57 -16.15
CA PRO J 72 25.56 -0.05 -16.98
C PRO J 72 25.82 -1.49 -17.42
N SER J 73 26.98 -1.76 -18.01
CA SER J 73 27.28 -3.13 -18.39
C SER J 73 27.62 -3.96 -17.18
N THR J 74 28.14 -3.34 -16.14
CA THR J 74 28.39 -4.07 -14.91
C THR J 74 27.06 -4.57 -14.34
N SER J 75 26.04 -3.70 -14.29
CA SER J 75 24.73 -4.06 -13.75
C SER J 75 24.07 -5.23 -14.51
N ILE J 76 24.33 -5.31 -15.81
CA ILE J 76 23.84 -6.42 -16.62
C ILE J 76 24.51 -7.72 -16.20
N ALA J 77 25.84 -7.71 -16.14
CA ALA J 77 26.63 -8.87 -15.74
C ALA J 77 26.25 -9.42 -14.36
N VAL J 78 26.16 -8.53 -13.38
CA VAL J 78 25.90 -8.92 -12.01
C VAL J 78 24.50 -9.51 -11.90
N GLU J 79 23.53 -8.84 -12.50
CA GLU J 79 22.15 -9.32 -12.50
C GLU J 79 22.01 -10.71 -13.14
N GLU J 80 22.66 -10.93 -14.28
CA GLU J 80 22.48 -12.17 -14.99
C GLU J 80 23.22 -13.31 -14.31
N LEU J 81 24.37 -12.99 -13.71
CA LEU J 81 25.14 -13.96 -12.94
C LEU J 81 24.39 -14.36 -11.66
N ALA J 82 23.72 -13.37 -11.06
CA ALA J 82 22.90 -13.59 -9.87
C ALA J 82 21.72 -14.49 -10.18
N GLN J 83 21.10 -14.29 -11.34
CA GLN J 83 20.01 -15.18 -11.79
C GLN J 83 20.50 -16.61 -11.83
N LEU J 84 21.77 -16.77 -12.20
CA LEU J 84 22.39 -18.06 -12.42
C LEU J 84 23.01 -18.63 -11.13
N GLY J 85 22.90 -17.91 -10.01
CA GLY J 85 23.25 -18.45 -8.72
C GLY J 85 24.46 -17.84 -8.02
N ILE J 86 25.09 -16.85 -8.63
CA ILE J 86 26.22 -16.17 -8.01
C ILE J 86 25.68 -15.28 -6.90
N ARG J 87 26.29 -15.39 -5.71
CA ARG J 87 25.94 -14.61 -4.53
C ARG J 87 27.08 -13.71 -4.04
N THR J 88 28.31 -13.98 -4.51
CA THR J 88 29.51 -13.24 -4.12
C THR J 88 30.23 -12.69 -5.35
N PHE J 89 30.51 -11.38 -5.38
CA PHE J 89 31.20 -10.76 -6.52
C PHE J 89 32.44 -10.02 -6.05
N LEU J 90 33.59 -10.33 -6.64
CA LEU J 90 34.83 -9.61 -6.38
C LEU J 90 35.29 -8.90 -7.65
N ARG J 91 35.31 -7.57 -7.64
CA ARG J 91 35.85 -6.85 -8.77
C ARG J 91 37.35 -6.66 -8.59
N ILE J 92 38.09 -6.93 -9.64
CA ILE J 92 39.49 -6.58 -9.69
C ILE J 92 39.67 -5.60 -10.83
N GLY J 93 40.39 -4.50 -10.60
CA GLY J 93 40.46 -3.43 -11.58
C GLY J 93 41.77 -2.69 -11.66
N THR J 94 41.81 -1.69 -12.54
CA THR J 94 42.91 -0.72 -12.63
C THR J 94 42.39 0.65 -12.22
N THR J 95 43.27 1.49 -11.68
CA THR J 95 42.79 2.71 -11.05
C THR J 95 43.83 3.83 -10.97
N GLY J 96 43.34 5.06 -10.93
CA GLY J 96 44.21 6.20 -10.72
C GLY J 96 44.13 6.68 -9.29
N ALA J 97 45.29 6.75 -8.62
CA ALA J 97 45.35 7.31 -7.28
C ALA J 97 45.27 8.83 -7.32
N ILE J 98 44.66 9.44 -6.31
CA ILE J 98 44.64 10.89 -6.23
C ILE J 98 45.32 11.40 -4.97
N GLN J 99 45.90 10.49 -4.20
CA GLN J 99 46.73 10.89 -3.08
C GLN J 99 48.19 10.90 -3.51
N PRO J 100 48.99 11.82 -2.98
CA PRO J 100 50.42 11.90 -3.33
C PRO J 100 51.25 10.71 -2.81
N HIS J 101 50.86 10.13 -1.67
CA HIS J 101 51.64 9.05 -1.04
C HIS J 101 51.35 7.63 -1.60
N ILE J 102 50.27 7.49 -2.38
CA ILE J 102 49.91 6.21 -2.99
C ILE J 102 50.60 6.11 -4.34
N ASN J 103 51.41 5.08 -4.52
CA ASN J 103 52.26 4.95 -5.69
C ASN J 103 51.71 3.98 -6.72
N VAL J 104 52.19 4.12 -7.95
CA VAL J 104 51.96 3.17 -9.02
C VAL J 104 52.49 1.81 -8.58
N GLY J 105 51.73 0.75 -8.83
CA GLY J 105 52.01 -0.58 -8.31
C GLY J 105 51.34 -0.90 -6.98
N ASP J 106 50.81 0.11 -6.29
CA ASP J 106 50.13 -0.12 -5.02
C ASP J 106 48.78 -0.79 -5.26
N VAL J 107 48.27 -1.49 -4.26
CA VAL J 107 46.99 -2.16 -4.37
C VAL J 107 45.99 -1.46 -3.47
N LEU J 108 44.81 -1.17 -3.98
CA LEU J 108 43.77 -0.46 -3.21
C LEU J 108 42.52 -1.29 -2.97
N VAL J 109 42.20 -1.51 -1.69
CA VAL J 109 40.96 -2.17 -1.30
C VAL J 109 39.97 -1.10 -0.86
N THR J 110 38.76 -1.19 -1.44
CA THR J 110 37.72 -0.19 -1.27
C THR J 110 36.72 -0.65 -0.23
N THR J 111 36.61 0.10 0.87
CA THR J 111 35.55 -0.11 1.85
C THR J 111 34.20 0.38 1.32
N ALA J 112 34.21 1.48 0.58
CA ALA J 112 33.00 2.05 -0.01
C ALA J 112 33.31 3.12 -1.06
N SER J 113 32.29 3.51 -1.82
CA SER J 113 32.52 4.36 -2.97
C SER J 113 31.70 5.65 -2.96
N VAL J 114 32.28 6.69 -3.50
CA VAL J 114 31.56 7.93 -3.78
C VAL J 114 30.76 7.63 -5.06
N ARG J 115 29.45 7.80 -5.00
CA ARG J 115 28.58 7.44 -6.12
C ARG J 115 28.52 8.55 -7.16
N LEU J 116 29.47 8.54 -8.09
CA LEU J 116 29.49 9.49 -9.21
C LEU J 116 28.98 8.82 -10.50
N ASP J 117 28.06 7.88 -10.32
CA ASP J 117 27.51 7.06 -11.40
C ASP J 117 25.99 7.23 -11.46
N GLY J 118 25.37 6.69 -12.51
CA GLY J 118 23.93 6.73 -12.64
C GLY J 118 23.25 5.44 -12.23
N ALA J 119 23.92 4.31 -12.47
CA ALA J 119 23.30 3.01 -12.37
C ALA J 119 22.97 2.62 -10.93
N SER J 120 23.77 3.11 -9.98
CA SER J 120 23.50 2.85 -8.57
C SER J 120 22.13 3.36 -8.15
N LEU J 121 21.74 4.53 -8.66
CA LEU J 121 20.44 5.14 -8.38
C LEU J 121 19.22 4.33 -8.85
N HIS J 122 19.45 3.39 -9.75
CA HIS J 122 18.41 2.47 -10.21
C HIS J 122 18.15 1.34 -9.23
N PHE J 123 19.05 1.14 -8.26
CA PHE J 123 18.91 0.11 -7.22
C PHE J 123 18.62 0.66 -5.82
N ALA J 124 19.12 1.85 -5.51
CA ALA J 124 18.91 2.51 -4.22
C ALA J 124 19.10 4.01 -4.37
N PRO J 125 18.39 4.81 -3.58
CA PRO J 125 18.54 6.27 -3.65
C PRO J 125 19.91 6.71 -3.16
N LEU J 126 20.38 7.90 -3.54
CA LEU J 126 21.75 8.35 -3.28
C LEU J 126 22.20 8.21 -1.81
N GLU J 127 21.28 8.43 -0.87
CA GLU J 127 21.60 8.31 0.57
C GLU J 127 22.10 6.95 1.02
N PHE J 128 21.80 5.90 0.27
CA PHE J 128 22.29 4.54 0.54
C PHE J 128 23.80 4.43 0.29
N PRO J 129 24.56 3.77 1.17
CA PRO J 129 26.01 3.66 0.99
C PRO J 129 26.42 2.60 -0.03
N ALA J 130 27.32 2.95 -0.94
CA ALA J 130 27.90 1.96 -1.84
C ALA J 130 29.01 1.24 -1.07
N VAL J 131 28.61 0.44 -0.10
CA VAL J 131 29.55 -0.21 0.82
C VAL J 131 29.85 -1.64 0.38
N ALA J 132 31.14 -1.98 0.43
CA ALA J 132 31.57 -3.35 0.31
C ALA J 132 31.10 -4.22 1.48
N ASP J 133 30.79 -5.47 1.17
CA ASP J 133 30.56 -6.51 2.16
C ASP J 133 31.80 -6.69 3.04
N PHE J 134 31.58 -6.94 4.32
CA PHE J 134 32.65 -6.89 5.31
C PHE J 134 33.58 -8.11 5.26
N GLU J 135 33.01 -9.27 4.97
CA GLU J 135 33.79 -10.51 4.79
C GLU J 135 34.64 -10.44 3.53
N CYS J 136 34.09 -9.86 2.46
CA CYS J 136 34.84 -9.70 1.20
C CYS J 136 36.03 -8.73 1.36
N THR J 137 35.80 -7.63 2.06
CA THR J 137 36.83 -6.62 2.31
C THR J 137 37.95 -7.18 3.21
N THR J 138 37.56 -7.95 4.23
CA THR J 138 38.49 -8.61 5.12
C THR J 138 39.37 -9.58 4.35
N ALA J 139 38.77 -10.36 3.46
CA ALA J 139 39.51 -11.29 2.63
C ALA J 139 40.46 -10.61 1.65
N LEU J 140 40.05 -9.46 1.11
CA LEU J 140 40.87 -8.79 0.12
C LEU J 140 42.04 -8.12 0.79
N VAL J 141 41.80 -7.55 1.97
CA VAL J 141 42.86 -6.94 2.76
C VAL J 141 43.83 -8.02 3.24
N GLU J 142 43.30 -9.13 3.74
CA GLU J 142 44.14 -10.22 4.23
C GLU J 142 44.94 -10.87 3.10
N ALA J 143 44.35 -10.95 1.90
CA ALA J 143 45.05 -11.50 0.76
C ALA J 143 46.15 -10.53 0.26
N ALA J 144 45.88 -9.22 0.30
CA ALA J 144 46.89 -8.23 -0.11
C ALA J 144 48.09 -8.24 0.82
N LYS J 145 47.85 -8.38 2.12
CA LYS J 145 48.93 -8.45 3.10
C LYS J 145 49.67 -9.78 3.00
N SER J 146 48.94 -10.84 2.68
CA SER J 146 49.50 -12.17 2.59
C SER J 146 50.52 -12.30 1.46
N ILE J 147 50.18 -11.86 0.25
CA ILE J 147 51.13 -11.98 -0.86
C ILE J 147 52.19 -10.84 -0.85
N GLY J 148 51.95 -9.79 -0.07
CA GLY J 148 52.98 -8.80 0.25
C GLY J 148 52.89 -7.39 -0.34
N ALA J 149 51.80 -7.07 -1.05
CA ALA J 149 51.66 -5.77 -1.70
C ALA J 149 51.62 -4.61 -0.74
N THR J 150 52.09 -3.45 -1.15
CA THR J 150 51.90 -2.26 -0.32
C THR J 150 50.48 -1.77 -0.60
N THR J 151 49.68 -1.76 0.46
CA THR J 151 48.22 -1.71 0.36
C THR J 151 47.65 -0.46 1.01
N HIS J 152 46.53 0.03 0.50
CA HIS J 152 45.77 1.08 1.15
C HIS J 152 44.28 0.69 1.16
N VAL J 153 43.59 1.00 2.27
CA VAL J 153 42.21 0.61 2.48
C VAL J 153 41.41 1.90 2.71
N GLY J 154 40.31 2.09 1.99
CA GLY J 154 39.50 3.28 2.14
C GLY J 154 38.48 3.53 1.06
N VAL J 155 38.08 4.79 0.95
CA VAL J 155 37.04 5.22 0.02
C VAL J 155 37.58 5.48 -1.38
N THR J 156 36.78 5.14 -2.37
CA THR J 156 37.13 5.27 -3.78
C THR J 156 36.06 6.15 -4.42
N ALA J 157 36.45 6.97 -5.37
CA ALA J 157 35.50 7.76 -6.13
C ALA J 157 35.19 7.01 -7.41
N SER J 158 33.91 6.77 -7.67
CA SER J 158 33.49 5.89 -8.78
C SER J 158 32.62 6.66 -9.78
N SER J 159 33.20 6.92 -10.95
CA SER J 159 32.68 7.90 -11.91
C SER J 159 32.17 7.26 -13.21
N ASP J 160 31.08 7.83 -13.74
CA ASP J 160 30.51 7.35 -15.00
C ASP J 160 31.32 7.78 -16.21
N THR J 161 32.32 8.65 -16.03
CA THR J 161 33.26 8.98 -17.10
C THR J 161 34.72 8.79 -16.71
N PHE J 162 35.55 8.57 -17.72
CA PHE J 162 36.99 8.46 -17.55
C PHE J 162 37.63 9.84 -17.54
N TYR J 163 37.02 10.78 -18.24
CA TYR J 163 37.64 12.08 -18.49
C TYR J 163 37.10 13.19 -17.56
N PRO J 164 35.97 13.83 -17.86
CA PRO J 164 35.54 14.97 -17.05
C PRO J 164 35.21 14.64 -15.59
N GLY J 165 34.62 13.47 -15.35
CA GLY J 165 34.24 13.06 -14.01
C GLY J 165 35.42 12.74 -13.11
N GLN J 166 36.56 12.48 -13.72
CA GLN J 166 37.83 12.33 -13.02
C GLN J 166 38.72 13.57 -13.22
N GLU J 167 38.10 14.69 -13.57
CA GLU J 167 38.78 15.97 -13.79
C GLU J 167 40.07 15.90 -14.62
N ARG J 168 39.98 15.23 -15.76
CA ARG J 168 41.03 15.25 -16.77
C ARG J 168 40.74 16.39 -17.74
N TYR J 169 41.79 17.15 -18.07
CA TYR J 169 41.71 18.34 -18.93
C TYR J 169 42.32 18.15 -20.32
N ASP J 170 43.18 17.14 -20.50
CA ASP J 170 43.76 16.84 -21.81
C ASP J 170 42.77 16.10 -22.70
N THR J 171 41.78 16.86 -23.17
CA THR J 171 40.65 16.32 -23.93
C THR J 171 40.34 17.21 -25.13
N TYR J 172 39.43 16.73 -25.98
CA TYR J 172 39.01 17.47 -27.17
C TYR J 172 38.56 18.89 -26.82
N SER J 173 37.66 19.03 -25.85
CA SER J 173 37.17 20.34 -25.41
C SER J 173 38.11 21.03 -24.41
N GLY J 174 38.86 20.22 -23.67
CA GLY J 174 39.74 20.74 -22.64
C GLY J 174 39.04 21.39 -21.45
N ARG J 175 37.74 21.20 -21.30
CA ARG J 175 37.03 21.77 -20.16
C ARG J 175 36.27 20.72 -19.36
N VAL J 176 35.91 21.11 -18.16
CA VAL J 176 35.12 20.25 -17.28
C VAL J 176 33.90 21.03 -16.81
N VAL J 177 32.73 20.37 -16.88
CA VAL J 177 31.48 20.98 -16.45
C VAL J 177 31.63 21.50 -15.01
N ARG J 178 30.90 22.55 -14.70
CA ARG J 178 30.99 23.21 -13.40
C ARG J 178 30.96 22.25 -12.19
N HIS J 179 30.02 21.32 -12.20
CA HIS J 179 29.87 20.38 -11.09
C HIS J 179 31.17 19.64 -10.72
N PHE J 180 31.97 19.29 -11.71
CA PHE J 180 33.19 18.51 -11.47
C PHE J 180 34.49 19.32 -11.45
N LYS J 181 34.38 20.63 -11.68
CA LYS J 181 35.52 21.54 -11.56
C LYS J 181 35.92 21.69 -10.09
N GLY J 182 37.21 21.50 -9.83
CA GLY J 182 37.72 21.51 -8.48
C GLY J 182 37.36 20.27 -7.67
N SER J 183 36.74 19.27 -8.29
CA SER J 183 36.22 18.10 -7.54
C SER J 183 37.31 17.14 -7.10
N MET J 184 38.34 16.92 -7.93
CA MET J 184 39.45 16.04 -7.56
C MET J 184 40.08 16.50 -6.26
N GLU J 185 40.34 17.80 -6.15
CA GLU J 185 40.95 18.38 -4.95
C GLU J 185 40.04 18.23 -3.72
N GLU J 186 38.73 18.39 -3.88
CA GLU J 186 37.80 18.15 -2.77
C GLU J 186 37.84 16.68 -2.29
N TRP J 187 37.79 15.72 -3.22
CA TRP J 187 37.87 14.31 -2.82
C TRP J 187 39.22 14.02 -2.17
N GLN J 188 40.26 14.67 -2.66
CA GLN J 188 41.61 14.56 -2.09
C GLN J 188 41.62 14.94 -0.63
N ALA J 189 41.03 16.10 -0.33
CA ALA J 189 40.94 16.61 1.04
C ALA J 189 40.08 15.69 1.92
N MET J 190 39.12 15.00 1.32
CA MET J 190 38.24 14.08 2.05
C MET J 190 38.86 12.68 2.31
N GLY J 191 40.10 12.46 1.87
CA GLY J 191 40.78 11.19 2.09
C GLY J 191 40.51 10.12 1.05
N VAL J 192 39.79 10.47 -0.01
CA VAL J 192 39.48 9.54 -1.07
C VAL J 192 40.78 9.09 -1.76
N MET J 193 40.95 7.78 -1.90
CA MET J 193 42.22 7.23 -2.36
C MET J 193 42.42 7.34 -3.87
N ASN J 194 41.33 7.21 -4.63
CA ASN J 194 41.44 6.87 -6.06
C ASN J 194 40.18 7.04 -6.88
N TYR J 195 40.32 7.08 -8.20
CA TYR J 195 39.21 7.03 -9.16
C TYR J 195 39.15 5.69 -9.91
N GLU J 196 37.95 5.14 -10.02
CA GLU J 196 37.64 4.14 -11.05
C GLU J 196 36.16 4.25 -11.41
N MET J 197 35.60 3.30 -12.16
CA MET J 197 34.33 3.53 -12.83
C MET J 197 33.14 2.59 -12.48
N GLU J 198 33.40 1.45 -11.86
CA GLU J 198 32.36 0.41 -11.67
C GLU J 198 31.95 0.11 -10.22
N SER J 199 32.78 0.48 -9.24
CA SER J 199 32.52 0.09 -7.86
C SER J 199 31.23 0.67 -7.24
N ALA J 200 30.84 1.89 -7.56
CA ALA J 200 29.61 2.47 -7.02
C ALA J 200 28.41 1.64 -7.43
N THR J 201 28.37 1.26 -8.71
CA THR J 201 27.29 0.43 -9.22
C THR J 201 27.28 -0.96 -8.60
N LEU J 202 28.43 -1.61 -8.53
CA LEU J 202 28.54 -2.98 -8.02
C LEU J 202 28.22 -3.06 -6.53
N LEU J 203 28.85 -2.18 -5.76
CA LEU J 203 28.73 -2.25 -4.32
C LEU J 203 27.30 -1.90 -3.90
N THR J 204 26.70 -0.91 -4.57
CA THR J 204 25.33 -0.51 -4.27
C THR J 204 24.34 -1.59 -4.66
N MET J 205 24.44 -2.09 -5.88
CA MET J 205 23.47 -3.07 -6.34
C MET J 205 23.54 -4.38 -5.54
N CYS J 206 24.73 -4.77 -5.12
CA CYS J 206 24.91 -5.96 -4.27
C CYS J 206 24.46 -5.73 -2.81
N ALA J 207 24.88 -4.61 -2.22
CA ALA J 207 24.51 -4.32 -0.82
C ALA J 207 23.00 -4.14 -0.63
N SER J 208 22.31 -3.67 -1.65
CA SER J 208 20.86 -3.50 -1.60
C SER J 208 20.07 -4.74 -2.06
N GLN J 209 20.74 -5.85 -2.40
CA GLN J 209 20.06 -7.10 -2.80
C GLN J 209 20.56 -8.36 -2.08
N GLY J 210 21.28 -8.18 -0.99
CA GLY J 210 21.72 -9.31 -0.19
C GLY J 210 22.83 -10.11 -0.84
N LEU J 211 23.52 -9.52 -1.81
CA LEU J 211 24.69 -10.16 -2.43
C LEU J 211 25.96 -9.54 -1.82
N ARG J 212 26.98 -10.37 -1.64
CA ARG J 212 28.24 -9.92 -1.08
C ARG J 212 29.18 -9.40 -2.18
N ALA J 213 29.73 -8.20 -1.99
CA ALA J 213 30.66 -7.61 -2.98
C ALA J 213 31.94 -7.05 -2.38
N GLY J 214 33.06 -7.31 -3.05
CA GLY J 214 34.37 -6.79 -2.68
C GLY J 214 35.02 -6.11 -3.86
N MET J 215 35.99 -5.25 -3.58
CA MET J 215 36.59 -4.38 -4.59
C MET J 215 38.10 -4.15 -4.31
N VAL J 216 38.93 -4.47 -5.31
CA VAL J 216 40.37 -4.27 -5.25
C VAL J 216 40.88 -3.76 -6.61
N ALA J 217 41.90 -2.90 -6.60
CA ALA J 217 42.47 -2.42 -7.87
C ALA J 217 43.94 -2.11 -7.77
N GLY J 218 44.65 -2.29 -8.88
CA GLY J 218 46.05 -1.94 -9.01
C GLY J 218 46.20 -0.55 -9.57
N VAL J 219 47.00 0.27 -8.89
CA VAL J 219 47.21 1.66 -9.27
C VAL J 219 48.15 1.71 -10.49
N ILE J 220 47.68 2.29 -11.59
CA ILE J 220 48.52 2.40 -12.79
C ILE J 220 48.91 3.83 -13.14
N VAL J 221 48.26 4.81 -12.51
CA VAL J 221 48.68 6.21 -12.60
C VAL J 221 48.46 6.96 -11.28
N ASN J 222 49.29 7.96 -11.02
CA ASN J 222 49.04 8.89 -9.91
C ASN J 222 48.69 10.26 -10.50
N ARG J 223 47.52 10.77 -10.09
CA ARG J 223 46.90 11.93 -10.73
C ARG J 223 47.45 13.27 -10.26
N THR J 224 48.26 13.27 -9.20
CA THR J 224 49.01 14.46 -8.83
C THR J 224 50.21 14.65 -9.77
N GLN J 225 50.54 13.63 -10.54
CA GLN J 225 51.66 13.64 -11.47
C GLN J 225 51.22 13.76 -12.95
N GLN J 226 50.32 12.86 -13.38
CA GLN J 226 49.88 12.73 -14.78
C GLN J 226 48.38 12.44 -14.90
N GLU J 227 47.85 12.63 -16.10
CA GLU J 227 46.50 12.18 -16.40
C GLU J 227 46.49 10.75 -16.98
N ILE J 228 47.42 10.43 -17.88
CA ILE J 228 47.40 9.13 -18.54
C ILE J 228 48.52 8.23 -18.00
N PRO J 229 48.19 6.96 -17.71
CA PRO J 229 49.18 5.97 -17.26
C PRO J 229 50.30 5.71 -18.24
N ASN J 230 51.49 5.44 -17.72
CA ASN J 230 52.61 4.92 -18.51
C ASN J 230 52.31 3.47 -18.84
N ALA J 231 52.65 3.05 -20.06
CA ALA J 231 52.35 1.69 -20.54
C ALA J 231 53.21 0.61 -19.87
N GLU J 232 54.48 0.93 -19.66
CA GLU J 232 55.50 -0.02 -19.20
C GLU J 232 55.33 -0.49 -17.75
N THR J 233 54.39 0.13 -17.05
CA THR J 233 54.20 -0.08 -15.62
C THR J 233 52.92 -0.91 -15.32
N MET J 234 52.06 -1.05 -16.33
CA MET J 234 50.71 -1.59 -16.14
C MET J 234 50.62 -3.11 -16.04
N LYS J 235 51.49 -3.83 -16.73
CA LYS J 235 51.42 -5.30 -16.79
C LYS J 235 51.71 -5.99 -15.45
N GLN J 236 52.77 -5.54 -14.75
CA GLN J 236 53.11 -6.08 -13.44
C GLN J 236 52.17 -5.63 -12.30
N THR J 237 51.52 -4.47 -12.46
CA THR J 237 50.54 -3.99 -11.48
C THR J 237 49.25 -4.80 -11.57
N GLU J 238 48.85 -5.10 -12.80
CA GLU J 238 47.65 -5.90 -13.05
C GLU J 238 47.86 -7.33 -12.55
N SER J 239 49.10 -7.83 -12.60
CA SER J 239 49.44 -9.17 -12.12
C SER J 239 49.42 -9.28 -10.59
N HIS J 240 49.92 -8.24 -9.92
CA HIS J 240 49.87 -8.12 -8.46
C HIS J 240 48.43 -8.26 -7.95
N ALA J 241 47.54 -7.48 -8.56
CA ALA J 241 46.14 -7.41 -8.16
C ALA J 241 45.39 -8.71 -8.42
N VAL J 242 45.66 -9.33 -9.56
CA VAL J 242 45.05 -10.60 -9.97
C VAL J 242 45.40 -11.70 -8.96
N LYS J 243 46.63 -11.71 -8.49
CA LYS J 243 47.10 -12.71 -7.53
C LYS J 243 46.34 -12.53 -6.21
N ILE J 244 46.10 -11.27 -5.87
CA ILE J 244 45.41 -10.93 -4.63
C ILE J 244 43.93 -11.29 -4.67
N VAL J 245 43.25 -11.03 -5.78
CA VAL J 245 41.82 -11.32 -5.87
C VAL J 245 41.55 -12.85 -5.90
N VAL J 246 42.44 -13.60 -6.53
CA VAL J 246 42.33 -15.05 -6.54
C VAL J 246 42.52 -15.58 -5.12
N GLU J 247 43.49 -15.04 -4.39
CA GLU J 247 43.72 -15.47 -3.01
C GLU J 247 42.53 -15.11 -2.09
N ALA J 248 41.88 -13.97 -2.35
CA ALA J 248 40.74 -13.55 -1.55
C ALA J 248 39.55 -14.46 -1.80
N ALA J 249 39.38 -14.83 -3.06
CA ALA J 249 38.33 -15.75 -3.47
C ALA J 249 38.48 -17.09 -2.76
N ARG J 250 39.72 -17.53 -2.63
CA ARG J 250 40.09 -18.72 -1.88
C ARG J 250 39.56 -18.68 -0.45
N ARG J 251 39.73 -17.53 0.21
CA ARG J 251 39.28 -17.34 1.59
C ARG J 251 37.76 -17.19 1.76
N LEU J 252 37.02 -16.99 0.66
CA LEU J 252 35.57 -16.75 0.71
C LEU J 252 34.69 -17.95 0.31
N LEU J 253 35.30 -19.02 -0.15
CA LEU J 253 34.58 -20.23 -0.54
C LEU J 253 34.12 -21.03 0.67
N SER K 4 38.88 27.49 28.74
CA SER K 4 39.08 26.12 28.19
C SER K 4 39.40 26.13 26.67
N ASP K 5 39.90 25.01 26.16
CA ASP K 5 40.26 24.91 24.73
C ASP K 5 39.05 24.75 23.81
N VAL K 6 37.93 24.20 24.33
CA VAL K 6 36.73 23.99 23.49
C VAL K 6 35.42 24.51 24.13
N PHE K 7 34.56 25.06 23.28
CA PHE K 7 33.43 25.88 23.71
C PHE K 7 32.30 25.11 24.40
N HIS K 8 31.96 23.94 23.89
CA HIS K 8 30.79 23.17 24.36
C HIS K 8 31.11 22.13 25.41
N LEU K 9 32.16 21.33 25.18
CA LEU K 9 32.51 20.21 26.06
C LEU K 9 33.19 20.65 27.36
N GLY K 10 33.75 21.86 27.37
CA GLY K 10 34.38 22.41 28.57
C GLY K 10 35.64 21.68 28.99
N LEU K 11 36.46 21.28 28.01
CA LEU K 11 37.68 20.52 28.24
C LEU K 11 38.91 21.25 27.72
N THR K 12 40.07 20.92 28.30
CA THR K 12 41.38 21.29 27.75
C THR K 12 42.09 20.03 27.27
N LYS K 13 43.15 20.22 26.50
CA LYS K 13 43.95 19.11 25.96
C LYS K 13 44.50 18.23 27.09
N ASN K 14 44.88 18.86 28.20
CA ASN K 14 45.49 18.16 29.32
C ASN K 14 44.51 17.26 30.09
N ASP K 15 43.23 17.60 30.09
CA ASP K 15 42.21 16.71 30.65
C ASP K 15 42.23 15.32 30.01
N LEU K 16 42.55 15.26 28.72
CA LEU K 16 42.60 13.99 28.00
C LEU K 16 43.83 13.14 28.33
N GLN K 17 44.89 13.78 28.83
CA GLN K 17 46.12 13.10 29.25
C GLN K 17 46.70 12.22 28.13
N GLY K 18 46.63 12.71 26.90
CA GLY K 18 47.22 12.05 25.75
C GLY K 18 46.36 11.01 25.06
N ALA K 19 45.12 10.85 25.54
CA ALA K 19 44.17 9.87 24.98
C ALA K 19 43.86 10.19 23.51
N THR K 20 43.76 9.15 22.68
CA THR K 20 43.38 9.32 21.27
C THR K 20 42.13 8.54 20.85
N LEU K 21 41.53 7.81 21.77
CA LEU K 21 40.31 7.08 21.48
C LEU K 21 39.22 7.55 22.43
N ALA K 22 38.03 7.74 21.88
CA ALA K 22 36.84 8.07 22.67
C ALA K 22 35.67 7.17 22.32
N ILE K 23 34.99 6.68 23.36
CA ILE K 23 33.74 5.95 23.22
C ILE K 23 32.62 6.95 23.43
N VAL K 24 31.71 7.02 22.47
CA VAL K 24 30.73 8.07 22.45
C VAL K 24 29.31 7.51 22.50
N PRO K 25 28.79 7.31 23.70
CA PRO K 25 27.37 6.98 23.88
C PRO K 25 26.46 8.18 23.56
N GLY K 26 25.17 7.94 23.45
CA GLY K 26 24.20 9.01 23.23
C GLY K 26 23.75 9.66 24.54
N ASP K 27 23.55 8.81 25.54
CA ASP K 27 22.92 9.19 26.79
C ASP K 27 23.98 9.66 27.77
N PRO K 28 23.91 10.91 28.23
CA PRO K 28 24.87 11.41 29.23
C PRO K 28 24.96 10.54 30.49
N ASP K 29 23.85 9.93 30.88
CA ASP K 29 23.81 9.09 32.08
C ASP K 29 24.49 7.73 31.89
N ARG K 30 24.73 7.32 30.66
CA ARG K 30 25.43 6.06 30.37
C ARG K 30 26.96 6.20 30.40
N VAL K 31 27.46 7.43 30.54
CA VAL K 31 28.90 7.69 30.42
C VAL K 31 29.68 7.13 31.61
N GLU K 32 29.22 7.43 32.82
CA GLU K 32 29.80 6.90 34.04
C GLU K 32 29.81 5.38 34.04
N LYS K 33 28.72 4.79 33.56
CA LYS K 33 28.56 3.33 33.52
C LYS K 33 29.63 2.64 32.69
N ILE K 34 29.96 3.23 31.55
CA ILE K 34 30.95 2.68 30.62
C ILE K 34 32.35 2.87 31.18
N ALA K 35 32.58 4.02 31.82
CA ALA K 35 33.86 4.36 32.46
C ALA K 35 34.20 3.40 33.59
N ALA K 36 33.17 2.94 34.29
CA ALA K 36 33.32 2.09 35.47
C ALA K 36 33.73 0.65 35.11
N LEU K 37 33.56 0.27 33.84
CA LEU K 37 34.10 -0.97 33.32
C LEU K 37 35.61 -0.90 33.10
N MET K 38 36.17 0.29 33.13
CA MET K 38 37.59 0.50 32.90
C MET K 38 38.26 0.86 34.24
N ASP K 39 39.54 1.23 34.23
CA ASP K 39 40.28 1.55 35.46
C ASP K 39 40.42 3.05 35.71
N LYS K 40 40.55 3.42 36.98
CA LYS K 40 40.77 4.81 37.39
C LYS K 40 39.83 5.79 36.70
N PRO K 41 38.52 5.56 36.80
CA PRO K 41 37.54 6.45 36.16
C PRO K 41 37.36 7.76 36.92
N VAL K 42 37.47 8.87 36.23
CA VAL K 42 37.32 10.20 36.81
C VAL K 42 36.36 11.02 35.96
N LYS K 43 35.42 11.72 36.58
CA LYS K 43 34.56 12.68 35.86
C LYS K 43 35.34 13.94 35.47
N LEU K 44 35.32 14.29 34.19
CA LEU K 44 36.00 15.48 33.68
C LEU K 44 35.10 16.71 33.60
N ALA K 45 33.96 16.60 32.92
CA ALA K 45 33.04 17.75 32.79
C ALA K 45 31.61 17.34 32.42
N SER K 46 30.69 18.27 32.66
CA SER K 46 29.27 18.10 32.33
C SER K 46 28.64 19.43 31.93
N HIS K 47 28.45 19.61 30.63
CA HIS K 47 27.78 20.77 30.06
C HIS K 47 26.77 20.31 29.02
N ARG K 48 25.56 20.85 29.09
CA ARG K 48 24.46 20.46 28.21
C ARG K 48 24.36 18.92 28.17
N GLU K 49 24.28 18.34 26.98
CA GLU K 49 24.15 16.87 26.84
C GLU K 49 25.51 16.18 26.76
N PHE K 50 26.57 16.94 26.96
CA PHE K 50 27.94 16.45 26.85
C PHE K 50 28.57 16.18 28.23
N THR K 51 28.57 14.91 28.63
CA THR K 51 29.22 14.44 29.85
C THR K 51 30.48 13.64 29.49
N THR K 52 31.63 14.07 29.98
CA THR K 52 32.90 13.43 29.64
C THR K 52 33.56 12.81 30.87
N TRP K 53 33.95 11.54 30.76
CA TRP K 53 34.81 10.90 31.74
C TRP K 53 36.08 10.47 31.06
N ARG K 54 37.11 10.24 31.86
CA ARG K 54 38.34 9.62 31.39
C ARG K 54 38.53 8.37 32.21
N ALA K 55 38.95 7.29 31.56
CA ALA K 55 39.37 6.11 32.26
C ALA K 55 40.65 5.59 31.66
N GLU K 56 41.02 4.38 32.07
CA GLU K 56 42.23 3.73 31.60
C GLU K 56 41.91 2.31 31.18
N LEU K 57 42.60 1.86 30.16
CA LEU K 57 42.40 0.55 29.59
C LEU K 57 43.78 0.04 29.25
N ASP K 58 44.19 -1.04 29.89
CA ASP K 58 45.55 -1.56 29.72
C ASP K 58 46.59 -0.47 29.94
N GLY K 59 46.39 0.35 30.97
CA GLY K 59 47.33 1.40 31.33
C GLY K 59 47.36 2.61 30.41
N LYS K 60 46.42 2.68 29.46
CA LYS K 60 46.37 3.75 28.47
C LYS K 60 45.12 4.59 28.72
N PRO K 61 45.22 5.90 28.54
CA PRO K 61 44.08 6.80 28.75
C PRO K 61 43.03 6.74 27.63
N VAL K 62 41.77 6.72 28.03
CA VAL K 62 40.61 6.69 27.13
C VAL K 62 39.53 7.69 27.60
N ILE K 63 38.77 8.23 26.65
CA ILE K 63 37.70 9.17 26.95
C ILE K 63 36.35 8.50 26.76
N VAL K 64 35.37 8.86 27.57
CA VAL K 64 33.98 8.49 27.30
C VAL K 64 33.21 9.80 27.31
N CYS K 65 32.51 10.10 26.21
CA CYS K 65 31.87 11.40 26.03
C CYS K 65 30.53 11.26 25.33
N SER K 66 29.47 11.77 25.96
CA SER K 66 28.13 11.67 25.37
C SER K 66 27.92 12.69 24.25
N THR K 67 27.12 12.28 23.26
CA THR K 67 26.82 13.09 22.08
C THR K 67 25.43 13.73 22.13
N GLY K 68 24.60 13.27 23.04
CA GLY K 68 23.18 13.53 22.97
C GLY K 68 22.56 12.83 21.78
N ILE K 69 21.27 13.05 21.59
CA ILE K 69 20.57 12.54 20.40
C ILE K 69 20.75 13.47 19.20
N GLY K 70 21.18 12.91 18.07
CA GLY K 70 21.13 13.60 16.81
C GLY K 70 22.50 13.93 16.25
N GLY K 71 22.58 13.97 14.93
CA GLY K 71 23.79 14.34 14.22
C GLY K 71 24.35 15.70 14.59
N PRO K 72 23.51 16.70 14.82
CA PRO K 72 24.01 18.03 15.22
C PRO K 72 24.87 18.07 16.47
N SER K 73 24.36 17.61 17.60
CA SER K 73 25.16 17.61 18.81
C SER K 73 26.32 16.60 18.71
N THR K 74 26.10 15.48 18.00
CA THR K 74 27.19 14.53 17.72
C THR K 74 28.33 15.22 16.98
N SER K 75 28.01 16.04 16.00
CA SER K 75 29.01 16.79 15.26
C SER K 75 29.82 17.72 16.18
N ILE K 76 29.18 18.28 17.20
CA ILE K 76 29.89 19.14 18.14
C ILE K 76 30.88 18.31 18.97
N ALA K 77 30.40 17.23 19.58
CA ALA K 77 31.25 16.37 20.40
C ALA K 77 32.48 15.88 19.65
N VAL K 78 32.28 15.33 18.47
CA VAL K 78 33.36 14.73 17.70
C VAL K 78 34.38 15.81 17.27
N GLU K 79 33.91 16.92 16.74
CA GLU K 79 34.79 18.04 16.37
C GLU K 79 35.65 18.53 17.53
N GLU K 80 35.06 18.69 18.70
CA GLU K 80 35.80 19.29 19.80
C GLU K 80 36.75 18.28 20.43
N LEU K 81 36.33 17.02 20.50
CA LEU K 81 37.24 15.96 20.91
C LEU K 81 38.42 15.88 19.94
N ALA K 82 38.15 16.06 18.66
CA ALA K 82 39.18 16.01 17.63
C ALA K 82 40.21 17.13 17.77
N GLN K 83 39.74 18.31 18.14
CA GLN K 83 40.64 19.44 18.41
C GLN K 83 41.58 19.10 19.55
N LEU K 84 41.04 18.44 20.58
CA LEU K 84 41.79 18.05 21.75
C LEU K 84 42.66 16.80 21.55
N GLY K 85 42.53 16.12 20.42
CA GLY K 85 43.47 15.06 20.05
C GLY K 85 42.92 13.67 19.80
N ILE K 86 41.61 13.47 19.93
CA ILE K 86 40.99 12.17 19.66
C ILE K 86 40.96 11.92 18.14
N ARG K 87 41.40 10.72 17.75
CA ARG K 87 41.48 10.31 16.35
C ARG K 87 40.64 9.07 16.07
N THR K 88 40.12 8.46 17.13
CA THR K 88 39.33 7.25 17.01
C THR K 88 38.07 7.38 17.84
N PHE K 89 36.92 7.15 17.23
CA PHE K 89 35.64 7.23 17.89
C PHE K 89 34.85 5.93 17.71
N LEU K 90 34.30 5.40 18.81
CA LEU K 90 33.43 4.24 18.79
C LEU K 90 32.10 4.61 19.40
N ARG K 91 31.07 4.71 18.56
CA ARG K 91 29.74 5.01 19.05
C ARG K 91 29.10 3.74 19.56
N ILE K 92 28.51 3.82 20.75
CA ILE K 92 27.68 2.76 21.30
C ILE K 92 26.28 3.30 21.50
N GLY K 93 25.29 2.64 20.90
CA GLY K 93 23.92 3.10 20.90
C GLY K 93 22.86 2.05 21.16
N THR K 94 21.61 2.50 21.10
CA THR K 94 20.45 1.60 21.02
C THR K 94 19.79 1.78 19.66
N THR K 95 18.98 0.79 19.29
CA THR K 95 18.46 0.75 17.95
C THR K 95 17.24 -0.14 17.85
N GLY K 96 16.42 0.14 16.85
CA GLY K 96 15.28 -0.69 16.52
C GLY K 96 15.63 -1.49 15.29
N ALA K 97 15.47 -2.81 15.35
CA ALA K 97 15.72 -3.69 14.20
C ALA K 97 14.52 -3.65 13.27
N ILE K 98 14.76 -3.73 11.95
CA ILE K 98 13.69 -3.81 10.97
C ILE K 98 13.67 -5.14 10.19
N GLN K 99 14.46 -6.11 10.64
CA GLN K 99 14.47 -7.46 10.07
C GLN K 99 13.97 -8.48 11.11
N PRO K 100 13.19 -9.46 10.67
CA PRO K 100 12.55 -10.42 11.59
C PRO K 100 13.48 -11.45 12.22
N HIS K 101 14.64 -11.70 11.62
CA HIS K 101 15.62 -12.63 12.19
C HIS K 101 16.48 -11.96 13.30
N ILE K 102 16.33 -10.65 13.47
CA ILE K 102 17.04 -9.94 14.53
C ILE K 102 16.18 -9.87 15.81
N ASN K 103 16.80 -10.21 16.93
CA ASN K 103 16.13 -10.28 18.22
C ASN K 103 16.51 -9.10 19.11
N VAL K 104 15.64 -8.81 20.07
CA VAL K 104 15.96 -7.84 21.11
C VAL K 104 17.12 -8.43 21.91
N GLY K 105 18.10 -7.58 22.23
CA GLY K 105 19.30 -8.00 22.93
C GLY K 105 20.48 -8.29 22.02
N ASP K 106 20.22 -8.53 20.72
CA ASP K 106 21.29 -8.74 19.72
C ASP K 106 22.14 -7.49 19.55
N VAL K 107 23.32 -7.67 18.97
CA VAL K 107 24.27 -6.57 18.77
C VAL K 107 24.44 -6.35 17.29
N LEU K 108 24.39 -5.09 16.87
CA LEU K 108 24.50 -4.73 15.46
C LEU K 108 25.72 -3.84 15.26
N VAL K 109 26.63 -4.29 14.40
CA VAL K 109 27.77 -3.49 13.94
C VAL K 109 27.45 -2.97 12.55
N THR K 110 27.56 -1.67 12.38
CA THR K 110 27.25 -0.98 11.15
C THR K 110 28.51 -0.81 10.31
N THR K 111 28.46 -1.27 9.06
CA THR K 111 29.53 -1.09 8.09
C THR K 111 29.39 0.25 7.36
N ALA K 112 28.15 0.64 7.10
CA ALA K 112 27.88 1.97 6.59
C ALA K 112 26.41 2.35 6.83
N SER K 113 26.06 3.61 6.59
CA SER K 113 24.74 4.09 6.93
C SER K 113 24.01 4.78 5.78
N VAL K 114 22.72 4.51 5.70
CA VAL K 114 21.84 5.27 4.82
C VAL K 114 21.70 6.62 5.46
N ARG K 115 22.04 7.66 4.71
CA ARG K 115 22.11 9.01 5.27
C ARG K 115 20.75 9.71 5.20
N LEU K 116 19.91 9.46 6.22
CA LEU K 116 18.64 10.19 6.39
C LEU K 116 18.80 11.35 7.37
N ASP K 117 19.98 11.97 7.34
CA ASP K 117 20.32 13.09 8.22
C ASP K 117 20.68 14.33 7.41
N GLY K 118 20.87 15.44 8.13
CA GLY K 118 21.25 16.71 7.53
C GLY K 118 22.71 17.02 7.74
N ALA K 119 23.25 16.68 8.91
CA ALA K 119 24.59 17.06 9.30
C ALA K 119 25.69 16.47 8.45
N SER K 120 25.52 15.23 7.98
CA SER K 120 26.58 14.59 7.20
C SER K 120 26.85 15.41 5.92
N LEU K 121 25.80 16.04 5.39
CA LEU K 121 25.87 16.93 4.22
C LEU K 121 26.77 18.15 4.41
N HIS K 122 26.96 18.57 5.65
CA HIS K 122 27.84 19.68 5.97
C HIS K 122 29.33 19.26 5.94
N PHE K 123 29.60 17.96 5.79
CA PHE K 123 30.97 17.42 5.68
C PHE K 123 31.28 16.86 4.31
N ALA K 124 30.27 16.26 3.67
CA ALA K 124 30.47 15.69 2.33
C ALA K 124 29.13 15.56 1.62
N PRO K 125 29.13 15.77 0.31
CA PRO K 125 27.89 15.65 -0.46
C PRO K 125 27.34 14.22 -0.38
N LEU K 126 26.03 14.09 -0.56
CA LEU K 126 25.27 12.86 -0.33
C LEU K 126 25.88 11.61 -0.96
N GLU K 127 26.51 11.77 -2.11
CA GLU K 127 27.10 10.66 -2.85
C GLU K 127 28.24 9.98 -2.09
N PHE K 128 28.85 10.70 -1.15
CA PHE K 128 29.94 10.17 -0.32
C PHE K 128 29.37 9.18 0.71
N PRO K 129 30.01 8.01 0.86
CA PRO K 129 29.46 6.96 1.73
C PRO K 129 29.68 7.20 3.20
N ALA K 130 28.65 7.00 4.01
CA ALA K 130 28.79 7.07 5.47
C ALA K 130 29.32 5.72 5.95
N VAL K 131 30.58 5.47 5.60
CA VAL K 131 31.24 4.19 5.80
C VAL K 131 32.08 4.24 7.08
N ALA K 132 32.04 3.15 7.84
CA ALA K 132 32.81 3.01 9.07
C ALA K 132 34.24 2.60 8.74
N ASP K 133 35.17 2.97 9.62
CA ASP K 133 36.58 2.60 9.46
C ASP K 133 36.74 1.08 9.54
N PHE K 134 37.63 0.53 8.74
CA PHE K 134 37.78 -0.93 8.62
C PHE K 134 38.36 -1.58 9.88
N GLU K 135 39.36 -0.95 10.49
CA GLU K 135 39.96 -1.49 11.70
C GLU K 135 38.99 -1.45 12.87
N CYS K 136 38.20 -0.39 12.94
CA CYS K 136 37.21 -0.20 13.99
C CYS K 136 36.09 -1.24 13.88
N THR K 137 35.60 -1.45 12.66
CA THR K 137 34.55 -2.43 12.39
C THR K 137 35.11 -3.81 12.71
N THR K 138 36.36 -4.05 12.30
CA THR K 138 37.02 -5.32 12.59
C THR K 138 37.10 -5.60 14.10
N ALA K 139 37.48 -4.60 14.87
CA ALA K 139 37.66 -4.76 16.32
C ALA K 139 36.32 -5.02 17.02
N LEU K 140 35.25 -4.42 16.53
CA LEU K 140 33.92 -4.58 17.14
C LEU K 140 33.38 -5.98 16.90
N VAL K 141 33.64 -6.50 15.70
CA VAL K 141 33.15 -7.81 15.28
C VAL K 141 33.92 -8.89 16.02
N GLU K 142 35.24 -8.70 16.13
CA GLU K 142 36.11 -9.61 16.90
C GLU K 142 35.79 -9.60 18.37
N ALA K 143 35.47 -8.44 18.90
CA ALA K 143 35.17 -8.30 20.32
C ALA K 143 33.85 -8.99 20.61
N ALA K 144 32.91 -8.86 19.69
CA ALA K 144 31.61 -9.50 19.82
C ALA K 144 31.75 -11.03 19.74
N LYS K 145 32.62 -11.50 18.86
CA LYS K 145 32.93 -12.93 18.73
C LYS K 145 33.45 -13.51 20.02
N SER K 146 34.32 -12.75 20.70
CA SER K 146 35.09 -13.26 21.83
C SER K 146 34.26 -13.41 23.11
N ILE K 147 33.24 -12.57 23.28
CA ILE K 147 32.30 -12.73 24.40
C ILE K 147 31.07 -13.58 24.01
N GLY K 148 31.00 -13.99 22.75
CA GLY K 148 29.96 -14.90 22.28
C GLY K 148 28.58 -14.27 22.12
N ALA K 149 28.50 -12.97 21.79
CA ALA K 149 27.22 -12.31 21.53
C ALA K 149 26.68 -12.57 20.13
N THR K 150 25.40 -12.89 20.04
CA THR K 150 24.76 -13.04 18.74
C THR K 150 24.73 -11.65 18.07
N THR K 151 25.39 -11.56 16.92
CA THR K 151 25.76 -10.29 16.30
C THR K 151 25.38 -10.27 14.82
N HIS K 152 24.91 -9.13 14.34
CA HIS K 152 24.69 -8.95 12.90
C HIS K 152 25.49 -7.75 12.40
N VAL K 153 26.01 -7.89 11.17
CA VAL K 153 26.93 -6.90 10.58
C VAL K 153 26.35 -6.42 9.26
N GLY K 154 26.27 -5.10 9.07
CA GLY K 154 25.68 -4.56 7.86
C GLY K 154 25.24 -3.11 7.87
N VAL K 155 24.35 -2.76 6.97
CA VAL K 155 23.92 -1.38 6.75
C VAL K 155 22.84 -0.94 7.75
N THR K 156 22.88 0.34 8.10
CA THR K 156 21.97 0.93 9.07
C THR K 156 21.35 2.20 8.51
N ALA K 157 20.06 2.41 8.72
CA ALA K 157 19.43 3.68 8.33
C ALA K 157 19.47 4.69 9.47
N SER K 158 20.14 5.83 9.23
CA SER K 158 20.39 6.84 10.25
C SER K 158 19.51 8.07 10.04
N SER K 159 18.46 8.19 10.85
CA SER K 159 17.44 9.22 10.68
C SER K 159 17.60 10.41 11.64
N ASP K 160 17.34 11.60 11.13
CA ASP K 160 17.28 12.81 11.93
C ASP K 160 16.05 12.86 12.83
N THR K 161 15.06 12.02 12.56
CA THR K 161 13.94 11.90 13.47
C THR K 161 13.79 10.48 13.98
N PHE K 162 13.20 10.39 15.17
CA PHE K 162 12.80 9.14 15.78
C PHE K 162 11.46 8.72 15.24
N TYR K 163 10.61 9.68 14.89
CA TYR K 163 9.25 9.33 14.47
C TYR K 163 9.06 9.22 12.94
N PRO K 164 8.77 10.29 12.21
CA PRO K 164 8.42 10.14 10.78
C PRO K 164 9.51 9.54 9.88
N GLY K 165 10.77 9.86 10.18
CA GLY K 165 11.92 9.33 9.45
C GLY K 165 12.13 7.84 9.64
N GLN K 166 11.56 7.28 10.70
CA GLN K 166 11.60 5.85 10.94
C GLN K 166 10.24 5.21 10.67
N GLU K 167 9.39 5.96 9.97
CA GLU K 167 8.02 5.57 9.62
C GLU K 167 7.19 5.07 10.80
N ARG K 168 7.22 5.84 11.89
CA ARG K 168 6.29 5.64 13.01
C ARG K 168 5.00 6.40 12.75
N TYR K 169 3.88 5.69 12.91
CA TYR K 169 2.57 6.26 12.69
C TYR K 169 1.75 6.55 13.96
N ASP K 170 2.07 5.98 15.12
CA ASP K 170 1.33 6.40 16.31
C ASP K 170 2.01 7.58 17.02
N THR K 171 1.65 8.75 16.49
CA THR K 171 2.21 10.06 16.80
C THR K 171 1.06 11.07 16.90
N TYR K 172 1.39 12.32 17.18
CA TYR K 172 0.37 13.35 17.34
C TYR K 172 -0.51 13.44 16.09
N SER K 173 0.12 13.56 14.93
CA SER K 173 -0.59 13.70 13.65
C SER K 173 -1.02 12.35 13.05
N GLY K 174 -0.33 11.27 13.38
CA GLY K 174 -0.59 9.99 12.73
C GLY K 174 -0.29 9.98 11.24
N ARG K 175 0.48 10.95 10.79
CA ARG K 175 0.83 11.14 9.39
C ARG K 175 2.33 10.95 9.23
N VAL K 176 2.75 10.66 8.01
CA VAL K 176 4.15 10.67 7.61
C VAL K 176 4.26 11.28 6.23
N VAL K 177 5.22 12.20 6.10
CA VAL K 177 5.44 12.96 4.87
C VAL K 177 5.69 12.02 3.70
N ARG K 178 5.21 12.38 2.51
CA ARG K 178 5.27 11.51 1.33
C ARG K 178 6.62 10.81 1.11
N HIS K 179 7.69 11.58 1.27
CA HIS K 179 9.06 11.08 1.07
C HIS K 179 9.32 9.79 1.87
N PHE K 180 8.90 9.76 3.13
CA PHE K 180 9.11 8.59 4.01
C PHE K 180 7.93 7.61 4.09
N LYS K 181 6.82 7.90 3.42
CA LYS K 181 5.72 6.95 3.31
C LYS K 181 6.17 5.73 2.51
N GLY K 182 6.07 4.55 3.10
CA GLY K 182 6.57 3.31 2.49
C GLY K 182 8.09 3.10 2.50
N SER K 183 8.84 3.95 3.19
CA SER K 183 10.31 3.87 3.24
C SER K 183 10.86 2.72 4.06
N MET K 184 10.26 2.42 5.23
CA MET K 184 10.76 1.31 6.05
C MET K 184 10.76 -0.02 5.29
N GLU K 185 9.66 -0.29 4.61
CA GLU K 185 9.54 -1.45 3.72
C GLU K 185 10.67 -1.48 2.66
N GLU K 186 11.00 -0.34 2.07
CA GLU K 186 12.08 -0.29 1.07
C GLU K 186 13.44 -0.62 1.69
N TRP K 187 13.76 -0.01 2.81
CA TRP K 187 14.97 -0.34 3.54
C TRP K 187 15.00 -1.84 3.90
N GLN K 188 13.87 -2.40 4.33
CA GLN K 188 13.79 -3.81 4.67
C GLN K 188 14.16 -4.72 3.50
N ALA K 189 13.59 -4.44 2.34
CA ALA K 189 13.87 -5.18 1.12
C ALA K 189 15.32 -5.04 0.68
N MET K 190 15.96 -3.92 1.03
CA MET K 190 17.35 -3.64 0.66
C MET K 190 18.33 -4.26 1.64
N GLY K 191 17.81 -4.85 2.70
CA GLY K 191 18.63 -5.57 3.67
C GLY K 191 19.16 -4.71 4.80
N VAL K 192 18.65 -3.48 4.93
CA VAL K 192 19.03 -2.62 6.04
C VAL K 192 18.55 -3.30 7.33
N MET K 193 19.40 -3.28 8.35
CA MET K 193 19.21 -4.04 9.58
C MET K 193 18.37 -3.28 10.60
N ASN K 194 18.57 -1.97 10.69
CA ASN K 194 18.08 -1.20 11.83
C ASN K 194 17.98 0.30 11.56
N TYR K 195 17.34 1.01 12.47
CA TYR K 195 17.26 2.48 12.47
C TYR K 195 17.94 2.99 13.73
N GLU K 196 18.78 3.99 13.61
CA GLU K 196 19.18 4.81 14.76
C GLU K 196 19.34 6.26 14.25
N MET K 197 20.03 7.13 14.99
CA MET K 197 19.94 8.56 14.68
C MET K 197 21.26 9.35 14.61
N GLU K 198 22.41 8.71 14.84
CA GLU K 198 23.68 9.42 14.80
C GLU K 198 24.74 8.88 13.84
N SER K 199 24.60 7.64 13.38
CA SER K 199 25.70 6.96 12.69
C SER K 199 26.05 7.64 11.37
N ALA K 200 25.07 8.15 10.64
CA ALA K 200 25.34 8.76 9.34
C ALA K 200 26.26 9.97 9.47
N THR K 201 26.00 10.78 10.51
CA THR K 201 26.77 11.98 10.74
C THR K 201 28.16 11.58 11.18
N LEU K 202 28.23 10.73 12.18
CA LEU K 202 29.49 10.30 12.77
C LEU K 202 30.41 9.71 11.74
N LEU K 203 29.91 8.74 10.98
CA LEU K 203 30.74 8.00 10.04
C LEU K 203 31.17 8.88 8.90
N THR K 204 30.27 9.76 8.45
CA THR K 204 30.58 10.64 7.33
C THR K 204 31.64 11.66 7.69
N MET K 205 31.48 12.31 8.83
CA MET K 205 32.40 13.35 9.24
C MET K 205 33.78 12.77 9.54
N CYS K 206 33.82 11.57 10.09
CA CYS K 206 35.09 10.92 10.43
C CYS K 206 35.80 10.46 9.17
N ALA K 207 35.11 9.68 8.33
CA ALA K 207 35.71 9.18 7.09
C ALA K 207 36.11 10.29 6.10
N SER K 208 35.49 11.48 6.19
CA SER K 208 35.87 12.62 5.34
C SER K 208 36.97 13.53 5.92
N GLN K 209 37.42 13.25 7.15
CA GLN K 209 38.45 14.07 7.81
C GLN K 209 39.60 13.27 8.42
N GLY K 210 39.85 12.08 7.89
CA GLY K 210 41.01 11.28 8.28
C GLY K 210 40.94 10.72 9.69
N LEU K 211 39.72 10.64 10.24
CA LEU K 211 39.47 10.10 11.58
C LEU K 211 38.81 8.73 11.47
N ARG K 212 39.11 7.85 12.43
CA ARG K 212 38.55 6.50 12.44
C ARG K 212 37.29 6.45 13.28
N ALA K 213 36.27 5.77 12.78
CA ALA K 213 35.03 5.58 13.51
C ALA K 213 34.42 4.22 13.29
N GLY K 214 33.87 3.67 14.37
CA GLY K 214 33.11 2.45 14.34
C GLY K 214 31.81 2.71 15.07
N MET K 215 30.87 1.80 14.90
CA MET K 215 29.49 1.99 15.32
C MET K 215 28.93 0.62 15.67
N VAL K 216 28.49 0.47 16.92
CA VAL K 216 27.83 -0.76 17.40
C VAL K 216 26.59 -0.39 18.24
N ALA K 217 25.55 -1.22 18.25
CA ALA K 217 24.34 -0.89 18.98
C ALA K 217 23.53 -2.10 19.45
N GLY K 218 22.87 -1.96 20.60
CA GLY K 218 21.99 -2.99 21.12
C GLY K 218 20.57 -2.80 20.66
N VAL K 219 19.92 -3.89 20.22
CA VAL K 219 18.55 -3.84 19.74
C VAL K 219 17.57 -3.84 20.92
N ILE K 220 16.73 -2.81 21.01
CA ILE K 220 15.74 -2.74 22.09
C ILE K 220 14.31 -2.82 21.58
N VAL K 221 14.14 -2.95 20.27
CA VAL K 221 12.82 -3.23 19.70
C VAL K 221 12.98 -3.85 18.32
N ASN K 222 11.96 -4.58 17.88
CA ASN K 222 11.90 -5.05 16.51
C ASN K 222 10.64 -4.51 15.86
N ARG K 223 10.85 -3.68 14.85
CA ARG K 223 9.80 -2.91 14.21
C ARG K 223 8.91 -3.72 13.28
N THR K 224 9.28 -4.97 12.97
CA THR K 224 8.36 -5.86 12.26
C THR K 224 7.16 -6.27 13.12
N GLN K 225 7.22 -6.06 14.43
CA GLN K 225 6.11 -6.38 15.31
C GLN K 225 5.57 -5.21 16.14
N GLN K 226 6.43 -4.26 16.54
CA GLN K 226 5.95 -3.07 17.25
C GLN K 226 6.79 -1.79 17.09
N GLU K 227 6.14 -0.66 17.35
CA GLU K 227 6.76 0.65 17.16
C GLU K 227 7.63 1.09 18.33
N ILE K 228 7.15 0.89 19.55
CA ILE K 228 7.79 1.48 20.73
C ILE K 228 8.40 0.41 21.63
N PRO K 229 9.65 0.60 22.07
CA PRO K 229 10.31 -0.33 23.01
C PRO K 229 9.54 -0.59 24.30
N ASN K 230 9.87 -1.69 24.97
CA ASN K 230 9.12 -2.15 26.13
C ASN K 230 9.43 -1.39 27.42
N ALA K 231 10.65 -1.60 27.93
CA ALA K 231 11.06 -1.33 29.33
C ALA K 231 11.61 -2.63 29.96
N SER K 239 23.25 -5.46 28.92
CA SER K 239 24.24 -4.44 28.55
C SER K 239 25.42 -5.08 27.79
N HIS K 240 25.09 -5.82 26.72
CA HIS K 240 26.10 -6.55 25.96
C HIS K 240 26.86 -5.69 24.94
N ALA K 241 26.24 -4.64 24.42
CA ALA K 241 26.89 -3.75 23.47
C ALA K 241 28.01 -2.96 24.15
N VAL K 242 27.78 -2.57 25.40
CA VAL K 242 28.74 -1.79 26.20
C VAL K 242 30.02 -2.58 26.46
N LYS K 243 29.86 -3.85 26.84
CA LYS K 243 30.98 -4.74 27.10
C LYS K 243 31.79 -4.91 25.82
N ILE K 244 31.07 -4.94 24.71
CA ILE K 244 31.67 -5.10 23.38
C ILE K 244 32.46 -3.86 22.95
N VAL K 245 31.94 -2.66 23.21
CA VAL K 245 32.58 -1.44 22.73
C VAL K 245 33.87 -1.20 23.51
N VAL K 246 33.87 -1.56 24.78
CA VAL K 246 35.04 -1.42 25.61
C VAL K 246 36.13 -2.39 25.15
N GLU K 247 35.74 -3.64 24.91
CA GLU K 247 36.67 -4.66 24.47
C GLU K 247 37.26 -4.31 23.09
N ALA K 248 36.45 -3.73 22.21
CA ALA K 248 36.93 -3.26 20.91
C ALA K 248 37.94 -2.12 21.08
N ALA K 249 37.66 -1.22 22.01
CA ALA K 249 38.57 -0.12 22.34
C ALA K 249 39.92 -0.67 22.76
N ARG K 250 39.90 -1.75 23.53
CA ARG K 250 41.10 -2.45 23.96
C ARG K 250 41.95 -2.90 22.76
N ARG K 251 41.28 -3.39 21.71
CA ARG K 251 41.93 -3.89 20.51
C ARG K 251 42.43 -2.81 19.55
N LEU K 252 42.03 -1.56 19.80
CA LEU K 252 42.37 -0.40 18.96
C LEU K 252 43.44 0.52 19.58
N LEU K 253 43.75 0.30 20.87
CA LEU K 253 44.74 1.13 21.54
C LEU K 253 46.13 0.93 20.92
N SER L 4 4.47 6.42 32.69
CA SER L 4 4.95 7.42 31.69
C SER L 4 4.34 7.16 30.30
N ASP L 5 3.69 8.18 29.75
CA ASP L 5 2.99 8.08 28.46
C ASP L 5 3.84 8.30 27.22
N VAL L 6 4.99 8.97 27.35
CA VAL L 6 5.88 9.20 26.22
C VAL L 6 7.24 8.53 26.46
N PHE L 7 7.90 8.13 25.40
CA PHE L 7 9.06 7.26 25.50
C PHE L 7 10.33 7.91 26.07
N HIS L 8 10.64 9.13 25.61
CA HIS L 8 11.89 9.83 25.96
C HIS L 8 11.79 10.79 27.16
N LEU L 9 10.73 11.60 27.21
CA LEU L 9 10.67 12.71 28.16
C LEU L 9 10.33 12.27 29.59
N GLY L 10 9.64 11.15 29.72
CA GLY L 10 9.28 10.59 31.01
C GLY L 10 8.16 11.32 31.73
N LEU L 11 7.09 11.62 30.99
CA LEU L 11 5.98 12.44 31.49
C LEU L 11 4.60 11.78 31.25
N THR L 12 3.62 12.16 32.07
CA THR L 12 2.22 11.79 31.84
C THR L 12 1.41 13.05 31.56
N LYS L 13 0.19 12.85 31.04
CA LYS L 13 -0.77 13.94 30.87
C LYS L 13 -0.97 14.68 32.19
N ASN L 14 -1.17 13.91 33.25
CA ASN L 14 -1.40 14.44 34.60
C ASN L 14 -0.30 15.40 35.05
N ASP L 15 0.95 15.03 34.76
CA ASP L 15 2.13 15.83 35.12
C ASP L 15 2.04 17.27 34.58
N LEU L 16 1.44 17.43 33.40
CA LEU L 16 1.23 18.75 32.79
C LEU L 16 0.10 19.60 33.43
N GLN L 17 -0.87 18.94 34.06
CA GLN L 17 -2.00 19.62 34.73
C GLN L 17 -2.83 20.53 33.82
N GLY L 18 -2.96 20.16 32.54
CA GLY L 18 -3.77 20.90 31.59
C GLY L 18 -3.01 21.93 30.77
N ALA L 19 -1.70 22.06 31.02
CA ALA L 19 -0.84 22.97 30.27
C ALA L 19 -0.90 22.70 28.78
N THR L 20 -0.96 23.79 27.98
CA THR L 20 -0.94 23.73 26.51
C THR L 20 0.16 24.57 25.89
N LEU L 21 1.01 25.15 26.73
CA LEU L 21 2.11 25.99 26.26
C LEU L 21 3.40 25.58 26.95
N ALA L 22 4.48 25.56 26.17
CA ALA L 22 5.78 25.15 26.64
C ALA L 22 6.84 26.12 26.15
N ILE L 23 7.71 26.55 27.05
CA ILE L 23 8.92 27.27 26.68
C ILE L 23 10.01 26.21 26.52
N VAL L 24 10.71 26.22 25.39
CA VAL L 24 11.65 25.15 25.07
C VAL L 24 13.07 25.66 24.81
N PRO L 25 13.89 25.74 25.86
CA PRO L 25 15.31 26.11 25.68
C PRO L 25 16.09 24.91 25.15
N GLY L 26 17.30 25.15 24.68
CA GLY L 26 18.19 24.08 24.29
C GLY L 26 18.89 23.44 25.49
N ASP L 27 19.43 24.28 26.38
CA ASP L 27 20.25 23.84 27.51
C ASP L 27 19.38 23.29 28.64
N PRO L 28 19.55 22.02 29.02
CA PRO L 28 18.83 21.50 30.18
C PRO L 28 19.07 22.30 31.48
N ASP L 29 20.28 22.83 31.69
CA ASP L 29 20.60 23.63 32.89
C ASP L 29 19.84 24.97 32.94
N ARG L 30 19.44 25.46 31.78
CA ARG L 30 18.65 26.69 31.66
C ARG L 30 17.19 26.54 32.09
N VAL L 31 16.68 25.30 32.15
CA VAL L 31 15.25 25.06 32.38
C VAL L 31 14.79 25.54 33.76
N GLU L 32 15.53 25.17 34.81
CA GLU L 32 15.24 25.60 36.17
C GLU L 32 15.20 27.13 36.24
N LYS L 33 16.21 27.77 35.64
CA LYS L 33 16.32 29.24 35.62
C LYS L 33 15.07 29.92 35.08
N ILE L 34 14.49 29.39 34.00
CA ILE L 34 13.31 29.98 33.36
C ILE L 34 12.06 29.77 34.20
N ALA L 35 11.89 28.55 34.71
CA ALA L 35 10.75 28.20 35.56
C ALA L 35 10.70 28.97 36.87
N ALA L 36 11.87 29.42 37.36
CA ALA L 36 11.97 30.15 38.61
C ALA L 36 11.52 31.61 38.49
N LEU L 37 11.41 32.10 37.26
CA LEU L 37 10.83 33.42 37.01
C LEU L 37 9.32 33.42 37.12
N MET L 38 8.72 32.24 37.09
CA MET L 38 7.27 32.06 37.22
C MET L 38 6.94 31.57 38.65
N ASP L 39 5.69 31.18 38.87
CA ASP L 39 5.22 30.75 40.19
C ASP L 39 5.15 29.24 40.34
N LYS L 40 5.25 28.76 41.58
CA LYS L 40 5.17 27.34 41.93
C LYS L 40 6.01 26.43 41.02
N PRO L 41 7.29 26.77 40.82
CA PRO L 41 8.14 25.95 39.96
C PRO L 41 8.33 24.56 40.55
N VAL L 42 8.25 23.54 39.71
CA VAL L 42 8.42 22.14 40.13
C VAL L 42 9.13 21.35 39.03
N LYS L 43 10.18 20.62 39.39
CA LYS L 43 10.85 19.69 38.48
C LYS L 43 9.93 18.48 38.27
N LEU L 44 9.82 18.03 37.02
CA LEU L 44 8.93 16.92 36.66
C LEU L 44 9.71 15.67 36.24
N ALA L 45 10.78 15.87 35.49
CA ALA L 45 11.63 14.78 35.04
C ALA L 45 12.94 15.28 34.40
N SER L 46 13.90 14.37 34.29
CA SER L 46 15.16 14.65 33.62
C SER L 46 15.76 13.38 33.03
N HIS L 47 15.59 13.24 31.72
CA HIS L 47 16.13 12.10 30.98
C HIS L 47 16.91 12.59 29.78
N ARG L 48 18.11 12.05 29.58
CA ARG L 48 19.02 12.51 28.53
C ARG L 48 19.13 14.04 28.59
N GLU L 49 18.91 14.73 27.47
CA GLU L 49 18.99 16.19 27.41
C GLU L 49 17.63 16.87 27.66
N PHE L 50 16.60 16.06 27.91
CA PHE L 50 15.25 16.55 28.15
C PHE L 50 14.96 16.69 29.63
N THR L 51 15.05 17.92 30.14
CA THR L 51 14.74 18.26 31.52
C THR L 51 13.44 19.06 31.53
N THR L 52 12.42 18.58 32.23
CA THR L 52 11.13 19.24 32.27
C THR L 52 10.82 19.82 33.64
N TRP L 53 10.35 21.07 33.65
CA TRP L 53 9.79 21.73 34.83
C TRP L 53 8.38 22.25 34.51
N ARG L 54 7.43 22.06 35.41
CA ARG L 54 6.16 22.78 35.38
C ARG L 54 6.26 24.05 36.22
N ALA L 55 5.51 25.08 35.83
CA ALA L 55 5.37 26.30 36.63
C ALA L 55 3.96 26.86 36.44
N GLU L 56 3.73 28.09 36.89
CA GLU L 56 2.43 28.74 36.79
C GLU L 56 2.59 30.22 36.43
N LEU L 57 1.88 30.67 35.41
CA LEU L 57 1.98 32.04 34.92
C LEU L 57 0.58 32.66 34.85
N ASP L 58 0.35 33.69 35.66
CA ASP L 58 -0.98 34.29 35.83
C ASP L 58 -2.08 33.26 36.16
N GLY L 59 -1.73 32.25 36.97
CA GLY L 59 -2.67 31.23 37.38
C GLY L 59 -2.88 30.06 36.43
N LYS L 60 -2.09 29.98 35.36
CA LYS L 60 -2.19 28.89 34.36
C LYS L 60 -0.93 28.03 34.37
N PRO L 61 -1.06 26.70 34.30
CA PRO L 61 0.12 25.84 34.22
C PRO L 61 0.86 26.01 32.90
N VAL L 62 2.17 25.96 32.98
CA VAL L 62 3.09 26.14 31.86
C VAL L 62 4.21 25.12 32.01
N ILE L 63 4.75 24.68 30.88
CA ILE L 63 5.88 23.75 30.86
C ILE L 63 7.13 24.44 30.34
N VAL L 64 8.26 24.15 30.97
CA VAL L 64 9.58 24.49 30.43
C VAL L 64 10.35 23.19 30.23
N CYS L 65 10.82 22.94 29.01
CA CYS L 65 11.41 21.66 28.65
C CYS L 65 12.55 21.83 27.65
N SER L 66 13.73 21.31 27.98
CA SER L 66 14.91 21.42 27.10
C SER L 66 14.85 20.46 25.94
N THR L 67 15.30 20.93 24.78
CA THR L 67 15.37 20.13 23.56
C THR L 67 16.75 19.52 23.31
N GLY L 68 17.77 20.03 23.98
CA GLY L 68 19.15 19.77 23.59
C GLY L 68 19.51 20.51 22.30
N ILE L 69 20.76 20.39 21.88
CA ILE L 69 21.21 20.91 20.59
C ILE L 69 20.73 20.06 19.41
N GLY L 70 20.17 20.71 18.39
CA GLY L 70 19.88 20.10 17.10
C GLY L 70 18.41 19.79 16.82
N GLY L 71 18.06 19.76 15.54
CA GLY L 71 16.73 19.40 15.09
C GLY L 71 16.23 18.05 15.57
N PRO L 72 17.07 17.01 15.54
CA PRO L 72 16.64 15.67 15.97
C PRO L 72 16.09 15.58 17.38
N SER L 73 16.84 15.99 18.40
CA SER L 73 16.30 15.91 19.76
C SER L 73 15.18 16.92 19.98
N THR L 74 15.23 18.03 19.26
CA THR L 74 14.15 19.00 19.28
C THR L 74 12.86 18.33 18.80
N SER L 75 12.96 17.52 17.75
CA SER L 75 11.80 16.90 17.12
C SER L 75 11.15 15.86 18.00
N ILE L 76 11.94 15.22 18.86
CA ILE L 76 11.45 14.28 19.87
C ILE L 76 10.68 15.01 20.95
N ALA L 77 11.22 16.13 21.43
CA ALA L 77 10.61 16.88 22.54
C ALA L 77 9.30 17.51 22.14
N VAL L 78 9.25 18.11 20.95
CA VAL L 78 8.03 18.71 20.44
C VAL L 78 6.96 17.65 20.16
N GLU L 79 7.34 16.56 19.52
CA GLU L 79 6.39 15.49 19.22
C GLU L 79 5.77 14.93 20.49
N GLU L 80 6.61 14.61 21.48
CA GLU L 80 6.12 13.98 22.71
C GLU L 80 5.37 14.97 23.62
N LEU L 81 5.72 16.26 23.56
CA LEU L 81 4.98 17.30 24.29
C LEU L 81 3.60 17.52 23.65
N ALA L 82 3.55 17.42 22.32
CA ALA L 82 2.29 17.54 21.60
C ALA L 82 1.36 16.37 21.93
N GLN L 83 1.95 15.18 22.09
CA GLN L 83 1.18 14.01 22.47
C GLN L 83 0.50 14.23 23.84
N LEU L 84 1.17 14.99 24.69
CA LEU L 84 0.73 15.29 26.05
C LEU L 84 -0.19 16.50 26.16
N GLY L 85 -0.39 17.21 25.06
CA GLY L 85 -1.36 18.29 24.98
C GLY L 85 -0.80 19.69 24.79
N ILE L 86 0.49 19.79 24.47
CA ILE L 86 1.11 21.10 24.23
C ILE L 86 0.83 21.53 22.79
N ARG L 87 0.25 22.72 22.66
CA ARG L 87 -0.08 23.30 21.37
C ARG L 87 0.72 24.54 21.03
N THR L 88 1.42 25.14 22.00
CA THR L 88 2.25 26.32 21.73
C THR L 88 3.66 26.11 22.26
N PHE L 89 4.63 26.52 21.45
CA PHE L 89 6.05 26.27 21.69
C PHE L 89 6.82 27.56 21.49
N LEU L 90 7.51 28.03 22.52
CA LEU L 90 8.34 29.22 22.40
C LEU L 90 9.78 28.81 22.62
N ARG L 91 10.58 28.83 21.56
CA ARG L 91 12.01 28.59 21.72
C ARG L 91 12.75 29.84 22.17
N ILE L 92 13.59 29.67 23.19
CA ILE L 92 14.55 30.68 23.61
C ILE L 92 15.93 30.05 23.43
N GLY L 93 16.80 30.74 22.69
CA GLY L 93 18.10 30.21 22.36
C GLY L 93 19.22 31.23 22.42
N THR L 94 20.43 30.77 22.17
CA THR L 94 21.58 31.64 21.96
C THR L 94 21.93 31.61 20.46
N THR L 95 22.68 32.60 19.99
CA THR L 95 22.89 32.70 18.54
C THR L 95 24.06 33.60 18.12
N GLY L 96 24.64 33.29 16.97
CA GLY L 96 25.68 34.09 16.38
C GLY L 96 25.15 34.98 15.28
N ALA L 97 25.15 36.29 15.49
CA ALA L 97 24.70 37.23 14.46
C ALA L 97 25.73 37.35 13.35
N ILE L 98 25.26 37.46 12.10
CA ILE L 98 26.14 37.60 10.93
C ILE L 98 26.03 38.97 10.26
N GLN L 99 25.28 39.87 10.88
CA GLN L 99 25.18 41.25 10.39
C GLN L 99 25.96 42.17 11.34
N PRO L 100 26.73 43.10 10.77
CA PRO L 100 27.57 44.00 11.57
C PRO L 100 26.80 44.94 12.51
N HIS L 101 25.58 45.32 12.13
CA HIS L 101 24.76 46.26 12.92
C HIS L 101 24.05 45.61 14.11
N ILE L 102 24.10 44.27 14.20
CA ILE L 102 23.55 43.53 15.33
C ILE L 102 24.67 43.25 16.35
N ASN L 103 24.46 43.69 17.58
CA ASN L 103 25.47 43.57 18.63
C ASN L 103 25.22 42.43 19.60
N VAL L 104 26.30 41.98 20.24
CA VAL L 104 26.25 41.03 21.35
C VAL L 104 25.38 41.65 22.43
N GLY L 105 24.34 40.93 22.87
CA GLY L 105 23.36 41.45 23.81
C GLY L 105 21.99 41.67 23.18
N ASP L 106 21.96 41.91 21.88
CA ASP L 106 20.70 42.11 21.18
C ASP L 106 19.83 40.87 21.18
N VAL L 107 18.54 41.08 20.98
CA VAL L 107 17.56 40.01 20.96
C VAL L 107 17.05 39.86 19.52
N LEU L 108 16.92 38.62 19.06
CA LEU L 108 16.48 38.35 17.70
C LEU L 108 15.23 37.49 17.72
N VAL L 109 14.18 38.02 17.09
CA VAL L 109 12.95 37.28 16.85
C VAL L 109 12.93 36.85 15.38
N THR L 110 12.77 35.55 15.18
CA THR L 110 12.81 34.91 13.88
C THR L 110 11.38 34.82 13.30
N THR L 111 11.19 35.36 12.10
CA THR L 111 9.93 35.21 11.37
C THR L 111 9.91 33.95 10.54
N ALA L 112 11.09 33.52 10.08
CA ALA L 112 11.24 32.25 9.37
C ALA L 112 12.71 31.89 9.24
N SER L 113 12.98 30.66 8.84
CA SER L 113 14.31 30.12 8.91
C SER L 113 14.75 29.51 7.59
N VAL L 114 15.99 29.81 7.20
CA VAL L 114 16.68 29.07 6.15
C VAL L 114 16.93 27.65 6.66
N ARG L 115 16.40 26.66 5.94
CA ARG L 115 16.46 25.27 6.36
C ARG L 115 17.77 24.58 5.99
N LEU L 116 18.79 24.80 6.81
CA LEU L 116 20.07 24.11 6.65
C LEU L 116 20.12 22.87 7.57
N ASP L 117 18.94 22.27 7.77
CA ASP L 117 18.77 21.16 8.69
C ASP L 117 18.26 19.94 7.94
N GLY L 118 18.24 18.80 8.62
CA GLY L 118 17.72 17.58 8.05
C GLY L 118 16.31 17.24 8.50
N ALA L 119 15.98 17.51 9.76
CA ALA L 119 14.75 16.99 10.35
C ALA L 119 13.50 17.65 9.80
N SER L 120 13.61 18.90 9.35
CA SER L 120 12.46 19.62 8.81
C SER L 120 11.94 18.91 7.58
N LEU L 121 12.83 18.24 6.84
CA LEU L 121 12.47 17.49 5.65
C LEU L 121 11.63 16.25 5.96
N HIS L 122 11.73 15.77 7.19
CA HIS L 122 10.93 14.65 7.66
C HIS L 122 9.48 15.06 7.98
N PHE L 123 9.20 16.36 7.95
CA PHE L 123 7.84 16.89 8.17
C PHE L 123 7.23 17.59 6.95
N ALA L 124 8.05 18.20 6.11
CA ALA L 124 7.58 18.91 4.93
C ALA L 124 8.74 19.06 3.95
N PRO L 125 8.46 19.01 2.65
CA PRO L 125 9.53 19.09 1.66
C PRO L 125 10.17 20.47 1.68
N LEU L 126 11.34 20.61 1.09
CA LEU L 126 12.15 21.82 1.25
C LEU L 126 11.41 23.11 0.90
N GLU L 127 10.54 23.04 -0.12
CA GLU L 127 9.76 24.19 -0.60
C GLU L 127 8.80 24.82 0.41
N PHE L 128 8.37 24.06 1.42
CA PHE L 128 7.50 24.55 2.51
C PHE L 128 8.26 25.51 3.42
N PRO L 129 7.66 26.66 3.70
CA PRO L 129 8.35 27.68 4.49
C PRO L 129 8.50 27.30 5.97
N ALA L 130 9.71 27.44 6.51
CA ALA L 130 9.97 27.24 7.92
C ALA L 130 9.58 28.49 8.70
N VAL L 131 8.28 28.76 8.76
CA VAL L 131 7.74 30.05 9.23
C VAL L 131 7.15 29.96 10.63
N ALA L 132 7.42 30.97 11.44
CA ALA L 132 6.87 31.06 12.78
C ALA L 132 5.41 31.50 12.75
N ASP L 133 4.70 31.17 13.81
CA ASP L 133 3.31 31.55 13.97
C ASP L 133 3.17 33.08 14.21
N PHE L 134 2.14 33.68 13.63
CA PHE L 134 2.02 35.13 13.67
C PHE L 134 1.73 35.69 15.07
N GLU L 135 0.86 35.02 15.84
CA GLU L 135 0.55 35.44 17.21
C GLU L 135 1.75 35.30 18.14
N CYS L 136 2.56 34.27 17.91
CA CYS L 136 3.75 33.99 18.71
C CYS L 136 4.82 35.04 18.43
N THR L 137 5.14 35.23 17.15
CA THR L 137 6.08 36.25 16.71
C THR L 137 5.70 37.64 17.21
N THR L 138 4.40 37.90 17.23
CA THR L 138 3.87 39.19 17.66
C THR L 138 4.05 39.37 19.15
N ALA L 139 3.82 38.31 19.92
CA ALA L 139 3.95 38.36 21.38
C ALA L 139 5.40 38.52 21.78
N LEU L 140 6.29 37.96 20.97
CA LEU L 140 7.73 38.06 21.23
C LEU L 140 8.22 39.47 20.92
N VAL L 141 7.66 40.09 19.90
CA VAL L 141 8.08 41.44 19.50
C VAL L 141 7.59 42.48 20.52
N GLU L 142 6.33 42.35 20.96
CA GLU L 142 5.73 43.30 21.90
C GLU L 142 6.32 43.14 23.30
N ALA L 143 6.70 41.92 23.65
CA ALA L 143 7.34 41.64 24.92
C ALA L 143 8.70 42.31 24.96
N ALA L 144 9.41 42.22 23.85
CA ALA L 144 10.73 42.85 23.72
C ALA L 144 10.62 44.36 23.78
N LYS L 145 9.55 44.91 23.20
CA LYS L 145 9.31 46.35 23.16
C LYS L 145 8.93 46.93 24.53
N SER L 146 8.20 46.15 25.32
CA SER L 146 7.70 46.62 26.62
C SER L 146 8.82 46.74 27.67
N ILE L 147 9.88 45.94 27.51
CA ILE L 147 11.05 46.04 28.39
C ILE L 147 12.28 46.66 27.71
N GLY L 148 12.08 47.23 26.52
CA GLY L 148 13.06 48.11 25.89
C GLY L 148 14.41 47.51 25.54
N ALA L 149 14.41 46.24 25.12
CA ALA L 149 15.61 45.58 24.61
C ALA L 149 15.76 45.93 23.15
N THR L 150 16.99 46.08 22.66
CA THR L 150 17.17 46.40 21.24
C THR L 150 17.01 45.11 20.42
N THR L 151 15.95 45.09 19.63
CA THR L 151 15.47 43.88 18.98
C THR L 151 15.60 43.96 17.46
N HIS L 152 15.80 42.80 16.84
CA HIS L 152 15.78 42.70 15.39
C HIS L 152 14.90 41.54 14.99
N VAL L 153 14.12 41.75 13.94
CA VAL L 153 13.15 40.78 13.45
C VAL L 153 13.51 40.44 12.01
N GLY L 154 13.57 39.15 11.70
CA GLY L 154 13.89 38.73 10.34
C GLY L 154 14.22 37.26 10.21
N VAL L 155 14.91 36.92 9.13
CA VAL L 155 15.22 35.54 8.78
C VAL L 155 16.48 35.05 9.49
N THR L 156 16.48 33.77 9.81
CA THR L 156 17.53 33.12 10.55
C THR L 156 18.00 31.88 9.78
N ALA L 157 19.31 31.72 9.64
CA ALA L 157 19.86 30.49 9.07
C ALA L 157 19.98 29.46 10.19
N SER L 158 19.38 28.29 9.97
CA SER L 158 19.29 27.27 10.99
C SER L 158 19.98 26.01 10.51
N SER L 159 21.14 25.74 11.08
CA SER L 159 22.07 24.73 10.58
C SER L 159 22.20 23.52 11.51
N ASP L 160 22.35 22.35 10.88
CA ASP L 160 22.59 21.10 11.57
C ASP L 160 24.00 20.96 12.16
N THR L 161 24.92 21.88 11.83
CA THR L 161 26.23 21.87 12.47
C THR L 161 26.55 23.23 13.04
N PHE L 162 27.33 23.22 14.12
CA PHE L 162 27.87 24.45 14.71
C PHE L 162 29.08 24.96 13.92
N TYR L 163 29.81 24.04 13.29
CA TYR L 163 31.09 24.37 12.68
C TYR L 163 30.99 24.58 11.14
N PRO L 164 31.06 23.54 10.30
CA PRO L 164 31.06 23.77 8.85
C PRO L 164 29.81 24.48 8.31
N GLY L 165 28.64 24.14 8.83
CA GLY L 165 27.39 24.69 8.34
C GLY L 165 27.21 26.17 8.62
N GLN L 166 27.94 26.67 9.60
CA GLN L 166 28.02 28.10 9.91
C GLN L 166 29.37 28.65 9.45
N GLU L 167 30.01 27.93 8.53
CA GLU L 167 31.30 28.31 7.97
C GLU L 167 32.36 28.79 8.98
N ARG L 168 32.58 28.01 10.03
CA ARG L 168 33.74 28.20 10.90
C ARG L 168 34.91 27.45 10.28
N TYR L 169 36.08 28.09 10.30
CA TYR L 169 37.32 27.56 9.74
C TYR L 169 38.38 27.23 10.80
N ASP L 170 38.17 27.66 12.04
CA ASP L 170 39.09 27.37 13.13
C ASP L 170 38.67 26.06 13.78
N THR L 171 38.93 24.98 13.05
CA THR L 171 38.48 23.65 13.39
C THR L 171 39.63 22.69 13.20
N TYR L 172 39.38 21.41 13.49
CA TYR L 172 40.38 20.37 13.31
C TYR L 172 40.91 20.29 11.88
N SER L 173 39.99 20.34 10.91
CA SER L 173 40.36 20.18 9.50
C SER L 173 40.65 21.52 8.83
N GLY L 174 40.11 22.60 9.38
CA GLY L 174 40.22 23.90 8.76
C GLY L 174 39.60 24.05 7.38
N ARG L 175 38.74 23.12 6.98
CA ARG L 175 38.12 23.18 5.65
C ARG L 175 36.60 23.19 5.76
N VAL L 176 35.95 23.75 4.75
CA VAL L 176 34.50 23.67 4.61
C VAL L 176 34.15 23.06 3.27
N VAL L 177 33.24 22.09 3.30
CA VAL L 177 32.76 21.45 2.09
C VAL L 177 32.25 22.51 1.10
N ARG L 178 32.42 22.26 -0.19
CA ARG L 178 32.00 23.17 -1.27
C ARG L 178 30.64 23.86 -1.07
N HIS L 179 29.62 23.09 -0.73
CA HIS L 179 28.26 23.60 -0.54
C HIS L 179 28.17 24.81 0.42
N PHE L 180 28.94 24.76 1.51
CA PHE L 180 28.90 25.82 2.53
C PHE L 180 30.05 26.82 2.46
N LYS L 181 30.95 26.58 1.52
CA LYS L 181 32.05 27.50 1.21
C LYS L 181 31.49 28.79 0.62
N GLY L 182 31.72 29.92 1.27
CA GLY L 182 31.18 31.19 0.86
C GLY L 182 29.71 31.42 1.20
N SER L 183 29.15 30.54 2.03
CA SER L 183 27.71 30.58 2.34
C SER L 183 27.35 31.67 3.33
N MET L 184 28.21 31.93 4.32
CA MET L 184 27.92 32.97 5.31
C MET L 184 27.77 34.33 4.64
N GLU L 185 28.67 34.64 3.69
CA GLU L 185 28.63 35.89 2.94
C GLU L 185 27.35 35.99 2.10
N GLU L 186 26.93 34.88 1.49
CA GLU L 186 25.69 34.80 0.73
C GLU L 186 24.47 35.10 1.61
N TRP L 187 24.38 34.42 2.76
CA TRP L 187 23.27 34.65 3.67
C TRP L 187 23.26 36.08 4.19
N GLN L 188 24.44 36.66 4.38
CA GLN L 188 24.49 38.01 4.95
C GLN L 188 24.13 39.06 3.89
N ALA L 189 24.41 38.78 2.62
CA ALA L 189 23.92 39.61 1.52
C ALA L 189 22.40 39.49 1.35
N MET L 190 21.84 38.37 1.80
CA MET L 190 20.41 38.16 1.69
C MET L 190 19.62 38.70 2.88
N GLY L 191 20.29 39.38 3.81
CA GLY L 191 19.66 39.95 5.00
C GLY L 191 19.39 38.99 6.15
N VAL L 192 19.99 37.81 6.12
CA VAL L 192 19.87 36.85 7.23
C VAL L 192 20.62 37.39 8.44
N MET L 193 19.98 37.30 9.60
CA MET L 193 20.44 37.98 10.82
C MET L 193 21.50 37.17 11.56
N ASN L 194 21.29 35.85 11.63
CA ASN L 194 21.98 35.01 12.58
C ASN L 194 21.96 33.53 12.23
N TYR L 195 22.85 32.78 12.86
CA TYR L 195 22.86 31.33 12.77
C TYR L 195 22.42 30.78 14.13
N GLU L 196 21.61 29.74 14.11
CA GLU L 196 21.41 28.88 15.27
C GLU L 196 21.09 27.47 14.76
N MET L 197 20.56 26.58 15.59
CA MET L 197 20.52 25.17 15.19
C MET L 197 19.19 24.43 15.29
N GLU L 198 18.13 25.00 15.87
CA GLU L 198 16.85 24.27 16.07
C GLU L 198 15.59 24.89 15.43
N SER L 199 15.68 26.10 14.90
CA SER L 199 14.46 26.81 14.49
C SER L 199 13.86 26.21 13.23
N ALA L 200 14.68 25.89 12.23
CA ALA L 200 14.15 25.26 11.01
C ALA L 200 13.29 24.02 11.34
N THR L 201 13.78 23.15 12.22
CA THR L 201 13.01 21.97 12.61
C THR L 201 11.74 22.34 13.39
N LEU L 202 11.92 23.17 14.40
CA LEU L 202 10.80 23.55 15.26
C LEU L 202 9.68 24.23 14.46
N LEU L 203 10.06 25.19 13.62
CA LEU L 203 9.10 26.00 12.90
C LEU L 203 8.40 25.15 11.84
N THR L 204 9.17 24.38 11.07
CA THR L 204 8.60 23.55 10.04
C THR L 204 7.64 22.51 10.60
N MET L 205 8.05 21.83 11.65
CA MET L 205 7.27 20.73 12.18
C MET L 205 5.98 21.20 12.83
N CYS L 206 6.01 22.42 13.38
CA CYS L 206 4.85 22.99 14.04
C CYS L 206 3.88 23.61 13.03
N ALA L 207 4.40 24.37 12.09
CA ALA L 207 3.58 25.00 11.06
C ALA L 207 2.86 23.96 10.19
N SER L 208 3.54 22.86 9.88
CA SER L 208 2.96 21.81 9.05
C SER L 208 2.01 20.86 9.80
N GLN L 209 1.78 21.09 11.09
CA GLN L 209 0.93 20.21 11.90
C GLN L 209 -0.13 20.91 12.75
N GLY L 210 -0.38 22.19 12.50
CA GLY L 210 -1.40 22.95 13.22
C GLY L 210 -0.96 23.50 14.59
N LEU L 211 0.33 23.38 14.90
CA LEU L 211 0.90 23.88 16.15
C LEU L 211 1.56 25.25 16.00
N ARG L 212 1.45 26.05 17.06
CA ARG L 212 2.00 27.39 17.09
C ARG L 212 3.42 27.40 17.63
N ALA L 213 4.32 28.08 16.93
CA ALA L 213 5.68 28.24 17.41
C ALA L 213 6.27 29.61 17.12
N GLY L 214 7.03 30.12 18.09
CA GLY L 214 7.84 31.32 17.92
C GLY L 214 9.26 31.02 18.36
N MET L 215 10.17 31.92 18.01
CA MET L 215 11.60 31.72 18.20
C MET L 215 12.25 33.04 18.57
N VAL L 216 12.97 33.04 19.69
CA VAL L 216 13.71 34.21 20.13
C VAL L 216 15.08 33.75 20.64
N ALA L 217 16.07 34.63 20.53
CA ALA L 217 17.44 34.26 20.86
C ALA L 217 18.29 35.48 21.14
N GLY L 218 19.16 35.36 22.14
CA GLY L 218 20.08 36.43 22.47
C GLY L 218 21.41 36.21 21.79
N VAL L 219 21.96 37.29 21.24
CA VAL L 219 23.21 37.24 20.49
C VAL L 219 24.39 37.25 21.45
N ILE L 220 25.19 36.19 21.38
CA ILE L 220 26.37 36.03 22.22
C ILE L 220 27.69 36.21 21.46
N VAL L 221 27.61 36.25 20.13
CA VAL L 221 28.79 36.47 19.30
C VAL L 221 28.39 37.15 17.98
N ASN L 222 29.31 37.92 17.41
CA ASN L 222 29.12 38.50 16.09
C ASN L 222 30.19 37.95 15.16
N ARG L 223 29.75 37.27 14.12
CA ARG L 223 30.63 36.52 13.24
C ARG L 223 31.44 37.40 12.28
N THR L 224 31.04 38.66 12.14
CA THR L 224 31.89 39.64 11.47
C THR L 224 33.16 39.96 12.28
N GLN L 225 33.16 39.63 13.58
CA GLN L 225 34.33 39.85 14.46
C GLN L 225 35.13 38.57 14.78
N GLN L 226 34.41 37.58 15.34
CA GLN L 226 34.96 36.37 15.95
C GLN L 226 34.15 35.14 15.60
N GLU L 227 34.81 33.98 15.63
CA GLU L 227 34.12 32.70 15.50
C GLU L 227 33.52 32.22 16.83
N ILE L 228 34.27 32.29 17.93
CA ILE L 228 33.84 31.74 19.22
C ILE L 228 33.39 32.83 20.22
N PRO L 229 32.23 32.66 20.86
CA PRO L 229 31.73 33.66 21.82
C PRO L 229 32.67 33.92 23.01
N ASN L 230 32.54 35.11 23.59
CA ASN L 230 33.32 35.52 24.75
C ASN L 230 32.59 35.05 26.01
N ALA L 231 33.35 34.55 26.99
CA ALA L 231 32.78 34.04 28.23
C ALA L 231 31.99 35.09 29.02
N GLU L 232 32.60 36.25 29.24
CA GLU L 232 32.09 37.26 30.19
C GLU L 232 30.68 37.81 29.94
N THR L 233 30.34 38.06 28.69
CA THR L 233 29.08 38.74 28.34
C THR L 233 27.88 37.81 28.05
N MET L 234 28.06 36.50 28.27
CA MET L 234 27.08 35.47 27.87
C MET L 234 25.93 35.24 28.87
N LYS L 235 26.18 35.40 30.16
CA LYS L 235 25.17 35.14 31.18
C LYS L 235 24.11 36.25 31.25
N GLN L 236 24.49 37.49 30.93
CA GLN L 236 23.56 38.62 30.89
C GLN L 236 22.64 38.59 29.65
N THR L 237 23.17 38.09 28.54
CA THR L 237 22.38 37.91 27.30
C THR L 237 21.28 36.85 27.49
N GLU L 238 21.63 35.75 28.13
CA GLU L 238 20.69 34.68 28.47
C GLU L 238 19.53 35.23 29.31
N SER L 239 19.86 35.95 30.38
CA SER L 239 18.88 36.57 31.29
C SER L 239 17.87 37.51 30.58
N HIS L 240 18.32 38.26 29.58
CA HIS L 240 17.48 39.27 28.89
C HIS L 240 16.44 38.59 27.99
N ALA L 241 16.91 37.67 27.15
CA ALA L 241 16.08 36.90 26.25
C ALA L 241 15.02 36.09 27.00
N VAL L 242 15.38 35.60 28.17
CA VAL L 242 14.48 34.79 29.00
C VAL L 242 13.32 35.62 29.51
N LYS L 243 13.60 36.83 29.97
CA LYS L 243 12.56 37.75 30.46
C LYS L 243 11.54 37.96 29.35
N ILE L 244 12.03 38.07 28.12
CA ILE L 244 11.17 38.30 26.97
C ILE L 244 10.30 37.09 26.66
N VAL L 245 10.89 35.90 26.64
CA VAL L 245 10.14 34.68 26.34
C VAL L 245 9.05 34.38 27.39
N VAL L 246 9.30 34.76 28.64
CA VAL L 246 8.34 34.54 29.71
C VAL L 246 7.20 35.55 29.58
N GLU L 247 7.54 36.78 29.18
CA GLU L 247 6.56 37.84 28.99
C GLU L 247 5.68 37.57 27.76
N ALA L 248 6.25 36.94 26.75
CA ALA L 248 5.52 36.62 25.52
C ALA L 248 4.57 35.47 25.78
N ALA L 249 5.07 34.48 26.52
CA ALA L 249 4.24 33.38 26.99
C ALA L 249 3.01 33.87 27.73
N ARG L 250 3.17 34.99 28.45
CA ARG L 250 2.08 35.60 29.23
C ARG L 250 0.91 36.05 28.35
N ARG L 251 1.23 36.65 27.21
CA ARG L 251 0.22 37.17 26.28
C ARG L 251 -0.40 36.10 25.37
N LEU L 252 0.06 34.86 25.49
CA LEU L 252 -0.39 33.76 24.66
C LEU L 252 -1.19 32.69 25.42
N LEU L 253 -1.47 32.93 26.68
CA LEU L 253 -2.10 31.92 27.54
C LEU L 253 -3.57 31.67 27.18
K K M . 0.95 -34.29 14.89
C5 R1P N . 5.23 -26.08 18.93
O5 R1P N . 6.57 -25.81 19.29
C4 R1P N . 4.42 -26.85 19.96
O4 R1P N . 4.54 -26.09 21.16
C1 R1P N . 3.47 -26.24 22.08
C2 R1P N . 2.49 -26.00 20.92
O2 R1P N . 1.12 -25.91 21.26
C3 R1P N . 2.92 -27.00 19.85
O3 R1P N . 2.65 -28.36 20.12
O1 R1P N . 3.32 -27.19 23.15
P R1P N . 4.05 -28.59 23.44
O1P R1P N . 4.02 -29.29 22.09
O2P R1P N . 3.15 -29.22 24.46
O3P R1P N . 5.43 -28.24 23.92
N1 URF O . 4.65 -23.18 20.98
C2 URF O . 3.98 -22.36 20.14
N3 URF O . 4.34 -21.08 19.96
C4 URF O . 5.38 -20.55 20.62
C5 URF O . 6.11 -21.44 21.55
C6 URF O . 5.71 -22.76 21.69
O2 URF O . 3.02 -22.82 19.50
O4 URF O . 5.71 -19.36 20.47
F5 URF O . 7.14 -20.97 22.21
C5 R1P P . -36.13 -12.23 27.34
O5 R1P P . -37.32 -12.59 28.04
C4 R1P P . -34.98 -11.62 28.12
O4 R1P P . -34.67 -12.51 29.20
C1 R1P P . -33.35 -12.41 29.74
C2 R1P P . -32.83 -12.49 28.31
O2 R1P P . -31.41 -12.48 28.22
C3 R1P P . -33.61 -11.46 27.49
O3 R1P P . -33.31 -10.08 27.71
O1 R1P P . -32.77 -11.59 30.79
P R1P P . -33.20 -10.25 31.61
O1P R1P P . -33.60 -9.25 30.53
O2P R1P P . -31.95 -9.85 32.35
O3P R1P P . -34.35 -10.69 32.49
K K Q . -33.02 -2.95 23.72
N1 URF R . -34.96 -15.34 28.21
C2 URF R . -34.67 -16.04 27.10
N3 URF R . -35.19 -17.26 26.87
C4 URF R . -36.05 -17.81 27.75
C5 URF R . -36.40 -17.05 28.97
C6 URF R . -35.81 -15.81 29.15
O2 URF R . -33.88 -15.55 26.26
O4 URF R . -36.54 -18.94 27.53
F5 URF R . -37.25 -17.57 29.87
C5 R1P S . -29.02 5.47 19.08
O5 R1P S . -28.97 6.76 19.67
C4 R1P S . -30.36 5.03 18.54
O4 R1P S . -30.73 5.98 17.52
C1 R1P S . -31.60 5.48 16.49
C2 R1P S . -30.72 4.24 16.37
O2 R1P S . -31.11 3.37 15.33
C3 R1P S . -30.53 3.72 17.79
O3 R1P S . -31.67 3.12 18.41
O1 R1P S . -33.04 5.46 16.41
P R1P S . -34.17 5.74 17.52
O1P R1P S . -33.91 4.71 18.60
O2P R1P S . -35.46 5.52 16.76
O3P R1P S . -33.88 7.16 17.95
N1 URF T . -28.36 7.00 16.02
C2 URF T . -27.34 6.23 15.55
N3 URF T . -26.19 6.78 15.12
C4 URF T . -26.01 8.10 15.16
C5 URF T . -27.10 8.96 15.68
C6 URF T . -28.28 8.33 16.10
O2 URF T . -27.44 4.98 15.49
O4 URF T . -24.95 8.60 14.76
F5 URF T . -26.96 10.29 15.72
C5 R1P U . -31.88 -17.93 -18.54
O5 R1P U . -32.77 -18.56 -19.44
C4 R1P U . -31.80 -16.42 -18.66
O4 R1P U . -33.13 -15.96 -18.40
C1 R1P U . -33.22 -14.62 -17.90
C2 R1P U . -32.19 -15.04 -16.85
O2 R1P U . -31.97 -14.07 -15.84
C3 R1P U . -31.01 -15.56 -17.68
O3 R1P U . -30.37 -14.62 -18.53
O1 R1P U . -33.24 -13.39 -18.61
P R1P U . -33.05 -13.00 -20.17
O1P R1P U . -31.69 -13.55 -20.53
O2P R1P U . -33.06 -11.49 -20.19
O3P R1P U . -34.20 -13.68 -20.87
K K V . -22.45 -14.65 -20.61
N1 URF W . -34.77 -17.66 -16.51
C2 URF W . -34.35 -18.16 -15.34
N3 URF W . -35.07 -19.05 -14.68
C4 URF W . -36.25 -19.49 -15.14
C5 URF W . -36.74 -18.96 -16.43
C6 URF W . -35.93 -18.03 -17.07
O2 URF W . -33.26 -17.80 -14.84
O4 URF W . -36.90 -20.32 -14.49
F5 URF W . -37.91 -19.37 -16.94
C5 R1P X . -12.99 -11.34 -21.13
O5 R1P X . -12.16 -10.50 -21.91
C4 R1P X . -13.06 -12.81 -21.50
O4 R1P X . -11.71 -13.24 -21.75
C1 R1P X . -11.49 -14.64 -21.60
C2 R1P X . -12.13 -14.52 -20.22
O2 R1P X . -12.11 -15.70 -19.45
C3 R1P X . -13.48 -13.86 -20.49
O3 R1P X . -14.42 -14.63 -21.20
O1 R1P X . -11.68 -15.73 -22.53
P R1P X . -12.45 -15.82 -23.94
O1P R1P X . -13.86 -15.42 -23.58
O2P R1P X . -12.32 -17.25 -24.39
O3P R1P X . -11.68 -14.87 -24.84
N1 URF Y . -9.43 -12.02 -20.02
C2 URF Y . -9.48 -11.78 -18.70
N3 URF Y . -8.56 -10.98 -18.12
C4 URF Y . -7.58 -10.42 -18.83
C5 URF Y . -7.51 -10.70 -20.27
C6 URF Y . -8.48 -11.52 -20.81
O2 URF Y . -10.40 -12.28 -18.01
O4 URF Y . -6.71 -9.69 -18.31
F5 URF Y . -6.55 -10.15 -21.00
C5 R1P Z . 20.97 -3.79 -24.42
O5 R1P Z . 20.87 -5.16 -24.75
C4 R1P Z . 21.76 -2.91 -25.37
O4 R1P Z . 20.95 -2.74 -26.52
C1 R1P Z . 21.07 -1.50 -27.25
C2 R1P Z . 21.06 -0.75 -25.90
O2 R1P Z . 21.14 0.65 -25.96
C3 R1P Z . 22.06 -1.48 -25.01
O3 R1P Z . 23.42 -1.32 -25.33
O1 R1P Z . 21.89 -1.19 -28.39
P R1P Z . 23.15 -1.98 -28.99
O1P R1P Z . 24.09 -1.96 -27.80
O2P R1P Z . 23.71 -1.17 -30.15
O3P R1P Z . 22.62 -3.33 -29.40
K K AA . 30.54 -1.12 -21.31
N1 URF BA . 17.97 -2.55 -25.77
C2 URF BA . 17.54 -1.92 -24.67
N3 URF BA . 16.31 -2.13 -24.19
C4 URF BA . 15.47 -2.98 -24.79
C5 URF BA . 15.96 -3.68 -26.01
C6 URF BA . 17.23 -3.42 -26.44
O2 URF BA . 18.30 -1.13 -24.07
O4 URF BA . 14.32 -3.14 -24.32
F5 URF BA . 15.20 -4.55 -26.69
P PO4 CA . 39.31 -2.22 -15.24
O1 PO4 CA . 38.35 -1.94 -16.37
O2 PO4 CA . 38.89 -3.48 -14.56
O3 PO4 CA . 40.71 -2.33 -15.84
O4 PO4 CA . 39.29 -1.13 -14.19
F5 5UD DA . 44.00 4.43 -14.35
C5 5UD DA . 42.64 4.40 -14.30
C4 5UD DA . 42.04 5.70 -13.94
O4 5UD DA . 42.73 6.73 -13.70
N3 5UD DA . 40.72 5.72 -13.87
C2 5UD DA . 39.95 4.65 -14.12
O2 5UD DA . 38.74 4.84 -14.02
C6 5UD DA . 41.81 3.28 -14.55
N1 5UD DA . 40.45 3.38 -14.49
C1' 5UD DA . 39.60 2.18 -14.73
C2' 5UD DA . 38.06 2.04 -14.80
O2' 5UD DA . 37.33 1.42 -13.73
C3' 5UD DA . 37.74 1.68 -16.24
O3' 5UD DA . 37.00 0.54 -16.65
C4' 5UD DA . 39.06 1.41 -16.94
O4' 5UD DA . 39.90 1.28 -15.80
C5' 5UD DA . 39.56 2.60 -17.74
O5' 5UD DA . 40.95 2.74 -17.98
C5 R1P EA . 16.57 7.43 20.31
O5 R1P EA . 15.80 6.74 21.27
C4 R1P EA . 18.08 7.36 20.44
O4 R1P EA . 18.44 5.99 20.43
C1 R1P EA . 19.76 5.70 19.96
C2 R1P EA . 19.47 6.59 18.76
O2 R1P EA . 20.49 6.61 17.78
C3 R1P EA . 18.98 7.90 19.35
O3 R1P EA . 19.93 8.67 20.06
O1 R1P EA . 21.02 5.66 20.66
P R1P EA . 21.48 6.07 22.15
O1P R1P EA . 20.90 7.46 22.30
O2P R1P EA . 23.00 6.06 22.13
O3P R1P EA . 20.88 5.03 23.07
K K FA . 20.92 16.72 21.03
N1 URF GA . 16.65 4.37 18.74
C2 URF GA . 16.14 4.67 17.53
N3 URF GA . 15.15 3.92 17.00
C4 URF GA . 14.64 2.89 17.66
C5 URF GA . 15.18 2.55 18.98
C6 URF GA . 16.21 3.34 19.47
O2 URF GA . 16.57 5.64 16.87
O4 URF GA . 13.72 2.20 17.18
F5 URF GA . 14.69 1.51 19.65
C5 R1P HA . 25.13 25.96 19.98
O5 R1P HA . 26.07 26.75 20.69
C4 R1P HA . 23.68 25.99 20.47
O4 R1P HA . 23.33 27.36 20.69
C1 R1P HA . 21.95 27.71 20.48
C2 R1P HA . 21.97 26.90 19.18
O2 R1P HA . 20.76 26.94 18.47
C3 R1P HA . 22.56 25.56 19.56
O3 R1P HA . 21.77 24.75 20.41
O1 R1P HA . 20.85 27.74 21.38
P R1P HA . 20.62 27.17 22.86
O1P R1P HA . 20.98 25.72 22.84
O2P R1P HA . 19.14 27.34 23.12
O3P R1P HA . 21.54 28.04 23.70
N1 URF IA . 24.70 29.22 18.55
C2 URF IA . 24.92 28.96 17.26
N3 URF IA . 25.82 29.65 16.56
C4 URF IA . 26.53 30.62 17.14
C5 URF IA . 26.31 30.91 18.56
C6 URF IA . 25.37 30.16 19.23
O2 URF IA . 24.27 28.05 16.69
O4 URF IA . 27.37 31.28 16.50
F5 URF IA . 27.00 31.88 19.19
#